data_7DXF
#
_entry.id   7DXF
#
loop_
_entity.id
_entity.type
_entity.pdbx_description
1 polymer 'Short transient receptor potential channel 6'
2 non-polymer 'ZINC ION'
3 non-polymer [2-(1,3-benzodioxol-5-ylamino)-1,3-thiazol-4-yl]-[(3R,5S)-3,5-dimethylpiperidin-1-yl]methanone
4 non-polymer 'CHOLESTEROL HEMISUCCINATE'
5 non-polymer 'CALCIUM ION'
6 non-polymer '(2S)-3-(hexadecanoyloxy)-2-[(9Z)-octadec-9-enoyloxy]propyl 2-(trimethylammonio)ethyl phosphate'
7 non-polymer '[(2S)-2-[(E)-octadec-10-enoyl]oxy-3-oxidanyl-propyl] octadec-10-enoate'
#
_entity_poly.entity_id   1
_entity_poly.type   'polypeptide(L)'
_entity_poly.pdbx_seq_one_letter_code
;MSQSPAFGPRRGSSPRGAAGAAARRNESQDYLLMDSELGEDGCPQAPLPCYGYYPCFRGSDNRLAHRRQTVLREKGRRLA
NRGPAYMFSDRSTSLSIEEERFLDAAEYGNIPVVRKMLEECHSLNVNCVDYMGQNALQLAVANEHLEITELLLKKENLSR
VGDALLLAISKGYVRIVEAILSHPAFAEGKRLATSPSQSELQQDDFYAYDEDGTRFSHDVTPIILAAHCQEYEIVHTLLR
KGARIERPHDYFCKCNDCNQKQKHDSFSHSRSRINAYKGLASPAYLSLSSEDPVMTALELSNELAVLANIEKEFKNDYKK
LSMQCKDFVVGLLDLCRNTEEVEAILNGDVETLQSGDHGRPNLSRLKLAIKYEVKKFVAHPNCQQQLLSIWYENLSGLRQ
QTMAVKFLVVLAVAIGLPFLALIYWFAPCSKMGKIMRGPFMKFVAHAASFTIFLGLLVMNAADRFEGTKLLPNETSTDNA
KQLFRMKTSCFSWMEMLIISWVIGMIWAECKEIWTQGPKEYLFELWNMLDFGMLAIFAASFIARFMAFWHASKAQSIIDA
NDTLKDLTKVTLGDNVKYYNLARIKWDPSDPQIISEGLYAIAVVLSFSRIAYILPANESFGPLQISLGRTVKDIFKFMVI
FIMVFVAFMIGMFNLYSYYIGAKQNEAFTTVEESFKTLFWAIFGLSEVKSVVINYNHKFIENIGYVLYGVYNVTMVIVLL
NMLIAMINSSFQEIEDDADVEWKFARAKLWFSYFEEGRTLPVPFNLVPSPKSLFYLLLKLKKWISELFQGHKKGFQEDAE
MNKINEEKKLGILGSHEDLSKLSLDKKQVGHNKQPSIRSSEDFHLNSFNNPPRQYQKIMKRLIKRYVLQAQIDKESDEVN
EGELKEIKQDISSLRYELLEEKSQNTEDLAELIRELGEKLSMEPNQEETNR
;
_entity_poly.pdbx_strand_id   A,B,C,D
#
loop_
_chem_comp.id
_chem_comp.type
_chem_comp.name
_chem_comp.formula
98R non-polymer '[(2S)-2-[(E)-octadec-10-enoyl]oxy-3-oxidanyl-propyl] octadec-10-enoate' 'C39 H72 O5'
CA non-polymer 'CALCIUM ION' 'Ca 2'
POV non-polymer '(2S)-3-(hexadecanoyloxy)-2-[(9Z)-octadec-9-enoyloxy]propyl 2-(trimethylammonio)ethyl phosphate' 'C42 H82 N O8 P'
W99 non-polymer [2-(1,3-benzodioxol-5-ylamino)-1,3-thiazol-4-yl]-[(3R,5S)-3,5-dimethylpiperidin-1-yl]methanone 'C18 H21 N3 O3 S'
Y01 non-polymer 'CHOLESTEROL HEMISUCCINATE' 'C31 H50 O4'
ZN non-polymer 'ZINC ION' 'Zn 2'
#
# COMPACT_ATOMS: atom_id res chain seq x y z
N LEU A 95 42.97 -22.60 29.25
CA LEU A 95 43.25 -22.61 27.82
C LEU A 95 44.74 -22.32 27.56
N SER A 96 45.60 -22.78 28.47
CA SER A 96 47.05 -22.59 28.36
C SER A 96 47.39 -21.11 28.21
N ILE A 97 47.18 -20.38 29.32
CA ILE A 97 47.04 -18.93 29.36
C ILE A 97 47.99 -18.21 28.41
N GLU A 98 49.18 -18.77 28.17
CA GLU A 98 50.03 -18.23 27.11
C GLU A 98 49.31 -18.24 25.77
N GLU A 99 48.66 -19.37 25.44
CA GLU A 99 47.92 -19.47 24.18
C GLU A 99 46.74 -18.50 24.15
N GLU A 100 46.04 -18.36 25.28
CA GLU A 100 44.91 -17.44 25.33
C GLU A 100 45.39 -16.00 25.12
N ARG A 101 46.50 -15.64 25.75
CA ARG A 101 47.07 -14.31 25.54
C ARG A 101 47.49 -14.10 24.10
N PHE A 102 48.08 -15.12 23.47
CA PHE A 102 48.48 -15.01 22.07
C PHE A 102 47.26 -14.80 21.17
N LEU A 103 46.20 -15.57 21.39
CA LEU A 103 44.98 -15.39 20.60
C LEU A 103 44.36 -14.03 20.83
N ASP A 104 44.34 -13.57 22.09
CA ASP A 104 43.80 -12.25 22.40
C ASP A 104 44.57 -11.15 21.69
N ALA A 105 45.90 -11.26 21.69
CA ALA A 105 46.72 -10.27 20.99
C ALA A 105 46.49 -10.33 19.49
N ALA A 106 46.38 -11.54 18.92
CA ALA A 106 46.19 -11.67 17.48
C ALA A 106 44.84 -11.09 17.05
N GLU A 107 43.79 -11.32 17.84
CA GLU A 107 42.46 -10.87 17.44
C GLU A 107 42.35 -9.35 17.40
N TYR A 108 42.97 -8.66 18.36
CA TYR A 108 42.83 -7.22 18.51
C TYR A 108 44.05 -6.45 18.03
N GLY A 109 44.80 -7.02 17.08
CA GLY A 109 45.86 -6.29 16.42
C GLY A 109 47.01 -5.84 17.31
N ASN A 110 47.37 -6.64 18.30
CA ASN A 110 48.53 -6.34 19.14
C ASN A 110 49.76 -6.91 18.45
N ILE A 111 50.22 -6.18 17.42
CA ILE A 111 51.32 -6.66 16.59
C ILE A 111 52.60 -6.90 17.40
N PRO A 112 53.04 -6.00 18.28
CA PRO A 112 54.30 -6.27 19.00
C PRO A 112 54.28 -7.54 19.82
N VAL A 113 53.16 -7.83 20.49
CA VAL A 113 53.09 -9.02 21.32
C VAL A 113 53.15 -10.29 20.47
N VAL A 114 52.40 -10.33 19.37
CA VAL A 114 52.41 -11.51 18.53
C VAL A 114 53.77 -11.70 17.86
N ARG A 115 54.42 -10.59 17.48
CA ARG A 115 55.76 -10.70 16.91
C ARG A 115 56.77 -11.23 17.92
N LYS A 116 56.73 -10.71 19.15
CA LYS A 116 57.65 -11.17 20.18
C LYS A 116 57.40 -12.63 20.53
N MET A 117 56.13 -13.05 20.55
CA MET A 117 55.84 -14.45 20.82
C MET A 117 56.32 -15.35 19.69
N LEU A 118 56.11 -14.94 18.43
CA LEU A 118 56.62 -15.72 17.31
C LEU A 118 58.13 -15.80 17.31
N GLU A 119 58.80 -14.80 17.87
CA GLU A 119 60.27 -14.80 17.89
C GLU A 119 60.84 -15.60 19.06
N GLU A 120 60.22 -15.51 20.24
CA GLU A 120 60.87 -15.94 21.47
C GLU A 120 60.18 -17.07 22.23
N CYS A 121 59.04 -17.57 21.76
CA CYS A 121 58.33 -18.60 22.52
C CYS A 121 58.97 -19.97 22.33
N HIS A 122 59.01 -20.45 21.08
CA HIS A 122 59.56 -21.74 20.67
C HIS A 122 58.76 -22.92 21.21
N SER A 123 57.72 -22.67 21.99
CA SER A 123 56.83 -23.73 22.48
C SER A 123 55.36 -23.38 22.32
N LEU A 124 55.02 -22.16 21.89
CA LEU A 124 53.64 -21.78 21.67
C LEU A 124 53.07 -22.56 20.48
N ASN A 125 51.84 -23.06 20.65
CA ASN A 125 51.13 -23.74 19.58
C ASN A 125 50.51 -22.68 18.68
N VAL A 126 51.02 -22.57 17.46
CA VAL A 126 50.54 -21.54 16.54
C VAL A 126 49.09 -21.82 16.12
N ASN A 127 48.75 -23.10 15.98
CA ASN A 127 47.43 -23.49 15.48
C ASN A 127 46.39 -23.62 16.57
N CYS A 128 46.65 -23.08 17.77
CA CYS A 128 45.64 -23.13 18.83
C CYS A 128 44.44 -22.28 18.44
N VAL A 129 43.25 -22.74 18.83
CA VAL A 129 42.00 -22.11 18.43
C VAL A 129 41.30 -21.56 19.67
N ASP A 130 40.42 -20.58 19.43
CA ASP A 130 39.65 -19.96 20.49
C ASP A 130 38.35 -20.75 20.72
N TYR A 131 37.41 -20.17 21.46
CA TYR A 131 36.17 -20.87 21.80
C TYR A 131 35.36 -21.23 20.56
N MET A 132 35.54 -20.53 19.45
CA MET A 132 34.82 -20.80 18.21
C MET A 132 35.65 -21.61 17.22
N GLY A 133 36.76 -22.18 17.65
CA GLY A 133 37.61 -22.96 16.75
C GLY A 133 38.28 -22.12 15.67
N GLN A 134 38.70 -20.91 16.01
CA GLN A 134 39.40 -20.02 15.09
C GLN A 134 40.82 -19.84 15.61
N ASN A 135 41.81 -20.13 14.77
CA ASN A 135 43.20 -19.96 15.15
C ASN A 135 43.59 -18.50 14.99
N ALA A 136 44.88 -18.19 15.18
CA ALA A 136 45.34 -16.81 15.08
C ALA A 136 45.11 -16.25 13.68
N LEU A 137 45.40 -17.05 12.65
CA LEU A 137 45.28 -16.57 11.28
C LEU A 137 43.83 -16.22 10.94
N GLN A 138 42.88 -17.06 11.34
CA GLN A 138 41.48 -16.79 11.05
C GLN A 138 41.00 -15.53 11.75
N LEU A 139 41.42 -15.34 13.01
CA LEU A 139 41.05 -14.12 13.74
C LEU A 139 41.65 -12.89 13.08
N ALA A 140 42.93 -12.96 12.72
CA ALA A 140 43.59 -11.80 12.11
C ALA A 140 42.94 -11.43 10.78
N VAL A 141 42.62 -12.44 9.97
CA VAL A 141 41.93 -12.18 8.71
C VAL A 141 40.54 -11.60 8.97
N ALA A 142 39.82 -12.15 9.95
CA ALA A 142 38.47 -11.69 10.24
C ALA A 142 38.43 -10.24 10.67
N ASN A 143 39.38 -9.83 11.52
CA ASN A 143 39.45 -8.47 12.02
C ASN A 143 40.26 -7.55 11.12
N GLU A 144 40.68 -8.02 9.98
CA GLU A 144 41.41 -7.23 8.99
C GLU A 144 42.67 -6.61 9.60
N HIS A 145 43.65 -7.48 10.00
CA HIS A 145 44.98 -7.09 10.46
C HIS A 145 45.99 -7.57 9.43
N LEU A 146 46.63 -6.64 8.75
CA LEU A 146 47.51 -7.01 7.64
C LEU A 146 48.90 -7.41 8.11
N GLU A 147 49.48 -6.66 9.04
CA GLU A 147 50.84 -6.98 9.51
C GLU A 147 50.86 -8.32 10.24
N ILE A 148 49.84 -8.57 11.06
CA ILE A 148 49.73 -9.87 11.73
C ILE A 148 49.56 -10.97 10.70
N THR A 149 48.77 -10.71 9.65
CA THR A 149 48.58 -11.70 8.58
C THR A 149 49.92 -12.05 7.93
N GLU A 150 50.71 -11.03 7.59
CA GLU A 150 52.01 -11.29 6.98
C GLU A 150 52.93 -12.04 7.93
N LEU A 151 52.94 -11.66 9.21
CA LEU A 151 53.79 -12.34 10.18
C LEU A 151 53.41 -13.81 10.30
N LEU A 152 52.12 -14.11 10.35
CA LEU A 152 51.68 -15.50 10.44
C LEU A 152 51.99 -16.26 9.15
N LEU A 153 51.84 -15.60 7.99
CA LEU A 153 52.13 -16.26 6.72
C LEU A 153 53.59 -16.64 6.61
N LYS A 154 54.49 -15.78 7.12
CA LYS A 154 55.90 -16.13 7.13
C LYS A 154 56.18 -17.37 7.98
N LYS A 155 55.36 -17.60 9.01
CA LYS A 155 55.49 -18.82 9.79
C LYS A 155 55.03 -20.02 8.96
N GLU A 156 55.85 -21.08 8.96
CA GLU A 156 55.50 -22.30 8.25
C GLU A 156 54.55 -23.15 9.11
N ASN A 157 54.21 -24.34 8.61
CA ASN A 157 53.30 -25.30 9.25
C ASN A 157 52.06 -24.62 9.80
N LEU A 158 51.59 -23.58 9.13
CA LEU A 158 50.41 -22.84 9.55
C LEU A 158 49.18 -23.41 8.82
N SER A 159 48.24 -23.95 9.59
CA SER A 159 47.04 -24.53 9.02
C SER A 159 45.99 -23.45 8.78
N ARG A 160 44.87 -23.84 8.16
CA ARG A 160 43.74 -22.95 7.90
C ARG A 160 44.17 -21.75 7.04
N VAL A 161 44.95 -22.02 6.00
CA VAL A 161 45.35 -20.97 5.07
C VAL A 161 44.35 -20.82 3.93
N GLY A 162 43.86 -21.94 3.38
CA GLY A 162 42.83 -21.86 2.36
C GLY A 162 41.55 -21.24 2.89
N ASP A 163 41.14 -21.64 4.09
CA ASP A 163 39.98 -21.00 4.71
C ASP A 163 40.25 -19.53 4.99
N ALA A 164 41.49 -19.19 5.36
CA ALA A 164 41.82 -17.78 5.57
C ALA A 164 41.63 -16.98 4.29
N LEU A 165 42.11 -17.53 3.15
CA LEU A 165 41.89 -16.86 1.88
C LEU A 165 40.40 -16.72 1.56
N LEU A 166 39.63 -17.80 1.80
CA LEU A 166 38.20 -17.75 1.52
C LEU A 166 37.50 -16.69 2.37
N LEU A 167 37.84 -16.63 3.65
CA LEU A 167 37.24 -15.63 4.54
C LEU A 167 37.64 -14.22 4.12
N ALA A 168 38.90 -14.02 3.74
CA ALA A 168 39.35 -12.71 3.29
C ALA A 168 38.58 -12.29 2.04
N ILE A 169 38.45 -13.20 1.07
CA ILE A 169 37.71 -12.91 -0.15
C ILE A 169 36.26 -12.55 0.17
N SER A 170 35.62 -13.33 1.04
CA SER A 170 34.22 -13.09 1.35
C SER A 170 33.99 -11.75 2.05
N LYS A 171 35.01 -11.20 2.70
CA LYS A 171 34.90 -9.91 3.38
C LYS A 171 35.58 -8.77 2.63
N GLY A 172 35.93 -8.98 1.36
CA GLY A 172 36.71 -7.98 0.64
C GLY A 172 38.18 -8.08 0.97
N TYR A 173 38.70 -7.10 1.72
CA TYR A 173 40.06 -7.11 2.24
C TYR A 173 41.08 -7.45 1.14
N VAL A 174 41.14 -6.57 0.15
CA VAL A 174 41.93 -6.83 -1.05
C VAL A 174 43.41 -7.02 -0.70
N ARG A 175 43.93 -6.16 0.19
CA ARG A 175 45.34 -6.27 0.56
C ARG A 175 45.62 -7.61 1.23
N ILE A 176 44.73 -8.05 2.12
CA ILE A 176 44.93 -9.33 2.79
C ILE A 176 44.82 -10.47 1.79
N VAL A 177 43.89 -10.37 0.84
CA VAL A 177 43.77 -11.42 -0.18
C VAL A 177 45.05 -11.53 -0.98
N GLU A 178 45.61 -10.38 -1.40
CA GLU A 178 46.86 -10.41 -2.14
C GLU A 178 48.00 -10.97 -1.31
N ALA A 179 48.04 -10.61 -0.02
CA ALA A 179 49.09 -11.14 0.85
C ALA A 179 49.00 -12.65 0.98
N ILE A 180 47.78 -13.18 1.12
CA ILE A 180 47.59 -14.62 1.25
C ILE A 180 47.95 -15.31 -0.06
N LEU A 181 47.58 -14.72 -1.20
CA LEU A 181 47.85 -15.36 -2.49
C LEU A 181 49.34 -15.56 -2.72
N SER A 182 50.19 -14.74 -2.11
CA SER A 182 51.63 -14.90 -2.24
C SER A 182 52.15 -16.09 -1.43
N HIS A 183 51.33 -16.72 -0.61
CA HIS A 183 51.74 -17.89 0.13
C HIS A 183 52.10 -19.02 -0.84
N PRO A 184 53.09 -19.85 -0.50
CA PRO A 184 53.51 -20.92 -1.43
C PRO A 184 52.40 -21.89 -1.79
N ALA A 185 51.39 -22.07 -0.94
CA ALA A 185 50.31 -22.99 -1.24
C ALA A 185 49.48 -22.56 -2.44
N PHE A 186 49.53 -21.28 -2.81
CA PHE A 186 48.76 -20.73 -3.93
C PHE A 186 49.66 -20.33 -5.09
N ALA A 187 50.69 -21.13 -5.36
CA ALA A 187 51.60 -20.87 -6.48
C ALA A 187 50.95 -21.36 -7.78
N GLU A 188 49.87 -20.66 -8.17
CA GLU A 188 49.08 -20.90 -9.38
C GLU A 188 48.68 -22.37 -9.54
N GLY A 189 48.62 -23.12 -8.44
CA GLY A 189 48.31 -24.54 -8.52
C GLY A 189 47.06 -24.96 -7.79
N LYS A 190 46.62 -24.15 -6.82
CA LYS A 190 45.47 -24.46 -5.98
C LYS A 190 44.24 -23.65 -6.37
N ARG A 191 44.23 -23.08 -7.57
CA ARG A 191 43.17 -22.18 -7.97
C ARG A 191 42.05 -22.92 -8.70
N LEU A 192 40.80 -22.58 -8.34
CA LEU A 192 39.61 -23.18 -8.94
C LEU A 192 39.63 -24.71 -8.85
N ASP A 204 42.18 -32.84 -1.33
CA ASP A 204 41.06 -32.16 -0.69
C ASP A 204 41.42 -31.75 0.74
N ASP A 205 40.42 -31.33 1.51
CA ASP A 205 40.55 -30.87 2.89
C ASP A 205 41.41 -29.61 3.01
N PHE A 206 41.70 -28.95 1.89
CA PHE A 206 42.53 -27.75 1.92
C PHE A 206 41.78 -26.53 2.42
N TYR A 207 40.47 -26.46 2.17
CA TYR A 207 39.67 -25.28 2.52
C TYR A 207 38.86 -25.47 3.79
N ALA A 208 39.12 -26.52 4.57
CA ALA A 208 38.40 -26.72 5.82
C ALA A 208 38.81 -25.68 6.85
N TYR A 209 37.83 -25.17 7.59
CA TYR A 209 38.08 -24.19 8.64
C TYR A 209 38.13 -24.79 10.03
N ASP A 210 37.96 -26.11 10.15
CA ASP A 210 38.06 -26.81 11.42
C ASP A 210 38.31 -28.28 11.12
N GLU A 211 38.15 -29.13 12.14
CA GLU A 211 38.32 -30.56 11.94
C GLU A 211 37.24 -31.12 11.01
N ASP A 212 36.00 -30.67 11.17
CA ASP A 212 34.87 -31.18 10.41
C ASP A 212 34.16 -30.02 9.72
N GLY A 213 34.20 -30.00 8.40
CA GLY A 213 33.43 -29.05 7.61
C GLY A 213 34.28 -27.91 7.06
N THR A 214 33.63 -27.11 6.21
CA THR A 214 34.22 -25.94 5.61
C THR A 214 33.32 -24.74 5.85
N ARG A 215 33.91 -23.54 5.80
CA ARG A 215 33.15 -22.34 6.11
C ARG A 215 32.00 -22.15 5.12
N PHE A 216 32.26 -22.36 3.83
CA PHE A 216 31.26 -22.27 2.79
C PHE A 216 31.01 -23.65 2.19
N SER A 217 30.16 -23.70 1.16
CA SER A 217 29.95 -24.95 0.45
C SER A 217 31.27 -25.45 -0.14
N HIS A 218 31.46 -26.77 -0.09
CA HIS A 218 32.75 -27.34 -0.48
C HIS A 218 33.06 -27.08 -1.95
N ASP A 219 32.04 -26.91 -2.78
CA ASP A 219 32.24 -26.63 -4.19
C ASP A 219 32.59 -25.18 -4.48
N VAL A 220 32.42 -24.29 -3.51
CA VAL A 220 32.65 -22.85 -3.72
C VAL A 220 34.16 -22.62 -3.68
N THR A 221 34.78 -22.53 -4.86
CA THR A 221 36.18 -22.20 -4.99
C THR A 221 36.37 -20.70 -4.81
N PRO A 222 37.61 -20.24 -4.60
CA PRO A 222 37.83 -18.79 -4.42
C PRO A 222 37.26 -17.93 -5.53
N ILE A 223 37.36 -18.36 -6.78
CA ILE A 223 36.81 -17.56 -7.88
C ILE A 223 35.29 -17.48 -7.77
N ILE A 224 34.64 -18.59 -7.44
CA ILE A 224 33.18 -18.58 -7.29
C ILE A 224 32.77 -17.68 -6.13
N LEU A 225 33.50 -17.75 -5.02
CA LEU A 225 33.16 -16.90 -3.87
C LEU A 225 33.34 -15.43 -4.21
N ALA A 226 34.44 -15.09 -4.89
CA ALA A 226 34.66 -13.70 -5.29
C ALA A 226 33.56 -13.22 -6.22
N ALA A 227 33.15 -14.06 -7.18
CA ALA A 227 32.05 -13.68 -8.05
C ALA A 227 30.76 -13.48 -7.26
N HIS A 228 30.50 -14.37 -6.29
CA HIS A 228 29.29 -14.24 -5.47
C HIS A 228 29.28 -12.91 -4.72
N CYS A 229 30.41 -12.56 -4.10
CA CYS A 229 30.48 -11.33 -3.33
C CYS A 229 30.64 -10.08 -4.18
N GLN A 230 30.92 -10.24 -5.47
CA GLN A 230 31.10 -9.12 -6.39
C GLN A 230 32.23 -8.19 -5.90
N GLU A 231 33.42 -8.77 -5.80
CA GLU A 231 34.64 -8.03 -5.48
C GLU A 231 35.45 -7.90 -6.75
N TYR A 232 35.33 -6.74 -7.41
CA TYR A 232 35.89 -6.59 -8.75
C TYR A 232 37.41 -6.73 -8.75
N GLU A 233 38.09 -6.16 -7.75
CA GLU A 233 39.54 -6.28 -7.68
C GLU A 233 39.96 -7.74 -7.52
N ILE A 234 39.29 -8.47 -6.63
CA ILE A 234 39.64 -9.86 -6.38
C ILE A 234 39.29 -10.73 -7.57
N VAL A 235 38.13 -10.48 -8.20
CA VAL A 235 37.75 -11.24 -9.38
C VAL A 235 38.76 -11.02 -10.50
N HIS A 236 39.17 -9.76 -10.71
CA HIS A 236 40.17 -9.47 -11.72
C HIS A 236 41.49 -10.17 -11.42
N THR A 237 41.92 -10.14 -10.15
CA THR A 237 43.17 -10.79 -9.77
C THR A 237 43.11 -12.29 -10.05
N LEU A 238 42.02 -12.95 -9.62
CA LEU A 238 41.90 -14.38 -9.81
C LEU A 238 41.82 -14.75 -11.28
N LEU A 239 41.08 -13.96 -12.07
CA LEU A 239 41.01 -14.20 -13.51
C LEU A 239 42.38 -14.07 -14.15
N ARG A 240 43.17 -13.08 -13.71
CA ARG A 240 44.52 -12.95 -14.22
C ARG A 240 45.37 -14.17 -13.87
N LYS A 241 45.04 -14.87 -12.78
CA LYS A 241 45.73 -16.09 -12.41
C LYS A 241 45.08 -17.34 -12.98
N GLY A 242 44.18 -17.20 -13.96
CA GLY A 242 43.59 -18.33 -14.63
C GLY A 242 42.38 -18.95 -13.96
N ALA A 243 41.92 -18.39 -12.84
CA ALA A 243 40.72 -18.92 -12.21
C ALA A 243 39.52 -18.80 -13.14
N ARG A 244 38.76 -19.89 -13.27
CA ARG A 244 37.59 -19.91 -14.15
C ARG A 244 36.48 -20.71 -13.50
N ILE A 245 35.25 -20.24 -13.67
CA ILE A 245 34.08 -21.01 -13.27
C ILE A 245 33.80 -22.07 -14.32
N GLU A 246 33.42 -23.26 -13.88
CA GLU A 246 33.45 -24.43 -14.76
C GLU A 246 32.23 -24.56 -15.67
N ARG A 247 31.23 -23.67 -15.56
CA ARG A 247 30.04 -23.73 -16.39
C ARG A 247 29.38 -25.11 -16.31
N PRO A 248 28.64 -25.40 -15.24
CA PRO A 248 28.15 -26.77 -15.00
C PRO A 248 27.36 -27.31 -16.18
N HIS A 249 27.35 -28.64 -16.29
CA HIS A 249 26.74 -29.34 -17.43
C HIS A 249 25.24 -29.13 -17.49
N ASP A 250 24.60 -29.68 -18.51
CA ASP A 250 23.16 -29.56 -18.66
C ASP A 250 22.44 -30.33 -17.55
N TYR A 251 21.18 -29.96 -17.33
CA TYR A 251 20.41 -30.59 -16.26
C TYR A 251 20.23 -32.08 -16.51
N PHE A 252 19.96 -32.47 -17.77
CA PHE A 252 19.75 -33.86 -18.12
C PHE A 252 21.02 -34.54 -18.63
N CYS A 253 22.19 -34.08 -18.16
CA CYS A 253 23.45 -34.72 -18.55
C CYS A 253 23.52 -36.14 -18.01
N LYS A 254 24.14 -37.03 -18.79
CA LYS A 254 24.19 -38.45 -18.47
C LYS A 254 25.61 -38.97 -18.36
N CYS A 255 26.61 -38.10 -18.27
CA CYS A 255 27.99 -38.54 -18.23
C CYS A 255 28.30 -39.22 -16.90
N ASN A 256 29.45 -39.90 -16.85
CA ASN A 256 29.80 -40.70 -15.67
C ASN A 256 29.95 -39.83 -14.42
N ASP A 257 30.64 -38.70 -14.55
CA ASP A 257 30.89 -37.85 -13.38
C ASP A 257 29.59 -37.27 -12.83
N CYS A 258 28.75 -36.73 -13.72
CA CYS A 258 27.47 -36.18 -13.27
C CYS A 258 26.58 -37.27 -12.69
N ASN A 259 26.61 -38.47 -13.28
CA ASN A 259 25.82 -39.57 -12.76
C ASN A 259 26.27 -39.97 -11.36
N GLN A 260 27.59 -40.04 -11.14
CA GLN A 260 28.10 -40.35 -9.81
C GLN A 260 27.72 -39.27 -8.80
N LYS A 261 27.82 -38.00 -9.20
CA LYS A 261 27.43 -36.91 -8.30
C LYS A 261 25.95 -36.99 -7.97
N GLN A 262 25.12 -37.33 -8.95
CA GLN A 262 23.67 -37.43 -8.71
C GLN A 262 23.34 -38.59 -7.79
N LYS A 263 23.95 -39.76 -8.02
CA LYS A 263 23.63 -40.93 -7.19
C LYS A 263 24.28 -40.88 -5.82
N HIS A 264 25.30 -40.04 -5.63
CA HIS A 264 25.96 -39.95 -4.34
C HIS A 264 25.14 -39.14 -3.34
N ASP A 265 24.87 -37.88 -3.67
CA ASP A 265 24.19 -36.97 -2.75
C ASP A 265 22.85 -36.49 -3.29
N SER A 266 22.82 -35.97 -4.51
CA SER A 266 21.60 -35.51 -5.19
C SER A 266 21.06 -34.22 -4.58
N PHE A 267 21.65 -33.77 -3.49
CA PHE A 267 21.33 -32.47 -2.90
C PHE A 267 22.52 -31.52 -2.91
N SER A 268 23.73 -32.05 -2.71
CA SER A 268 24.92 -31.23 -2.93
C SER A 268 25.13 -30.94 -4.41
N HIS A 269 24.62 -31.81 -5.29
CA HIS A 269 24.77 -31.59 -6.73
C HIS A 269 24.00 -30.35 -7.18
N SER A 270 22.74 -30.24 -6.77
CA SER A 270 21.93 -29.08 -7.13
C SER A 270 22.49 -27.81 -6.52
N ARG A 271 22.96 -27.88 -5.27
CA ARG A 271 23.54 -26.70 -4.63
C ARG A 271 24.83 -26.28 -5.33
N SER A 272 25.66 -27.23 -5.74
CA SER A 272 26.87 -26.88 -6.48
C SER A 272 26.52 -26.25 -7.82
N ARG A 273 25.51 -26.80 -8.50
CA ARG A 273 25.09 -26.25 -9.79
C ARG A 273 24.59 -24.80 -9.63
N ILE A 274 23.74 -24.56 -8.63
CA ILE A 274 23.21 -23.22 -8.45
C ILE A 274 24.31 -22.25 -7.98
N ASN A 275 25.27 -22.71 -7.19
CA ASN A 275 26.38 -21.85 -6.80
C ASN A 275 27.23 -21.49 -8.01
N ALA A 276 27.50 -22.45 -8.89
CA ALA A 276 28.26 -22.15 -10.10
C ALA A 276 27.52 -21.16 -10.98
N TYR A 277 26.20 -21.33 -11.11
CA TYR A 277 25.42 -20.37 -11.92
C TYR A 277 25.39 -18.99 -11.26
N LYS A 278 25.30 -18.94 -9.93
CA LYS A 278 25.33 -17.67 -9.23
C LYS A 278 26.65 -16.96 -9.46
N GLY A 279 27.75 -17.71 -9.47
CA GLY A 279 29.04 -17.12 -9.81
C GLY A 279 29.08 -16.64 -11.26
N LEU A 280 28.56 -17.46 -12.18
CA LEU A 280 28.58 -17.08 -13.60
C LEU A 280 27.73 -15.84 -13.85
N ALA A 281 26.57 -15.75 -13.21
CA ALA A 281 25.62 -14.67 -13.46
C ALA A 281 25.96 -13.38 -12.72
N SER A 282 27.04 -13.37 -11.94
CA SER A 282 27.40 -12.15 -11.22
C SER A 282 27.88 -11.09 -12.21
N PRO A 283 27.50 -9.83 -12.02
CA PRO A 283 27.93 -8.77 -12.96
C PRO A 283 29.44 -8.64 -13.06
N ALA A 284 30.16 -8.81 -11.93
CA ALA A 284 31.61 -8.67 -11.96
C ALA A 284 32.26 -9.71 -12.86
N TYR A 285 31.87 -10.98 -12.70
CA TYR A 285 32.44 -12.03 -13.53
C TYR A 285 32.07 -11.84 -14.99
N LEU A 286 30.81 -11.46 -15.27
CA LEU A 286 30.41 -11.23 -16.65
C LEU A 286 31.22 -10.12 -17.29
N SER A 287 31.44 -9.03 -16.55
CA SER A 287 32.15 -7.89 -17.13
C SER A 287 33.63 -8.18 -17.31
N LEU A 288 34.24 -8.95 -16.40
CA LEU A 288 35.68 -9.12 -16.43
C LEU A 288 36.16 -10.39 -17.10
N SER A 289 35.28 -11.35 -17.38
CA SER A 289 35.70 -12.67 -17.85
C SER A 289 35.68 -12.78 -19.36
N SER A 290 34.53 -12.53 -19.98
CA SER A 290 34.37 -12.72 -21.42
C SER A 290 34.73 -11.45 -22.20
N GLU A 291 35.03 -11.65 -23.48
CA GLU A 291 35.34 -10.52 -24.36
C GLU A 291 34.09 -9.87 -24.95
N ASP A 292 32.93 -10.49 -24.80
CA ASP A 292 31.65 -9.93 -25.27
C ASP A 292 30.63 -10.03 -24.15
N PRO A 293 30.74 -9.18 -23.13
CA PRO A 293 29.89 -9.34 -21.94
C PRO A 293 28.40 -9.27 -22.21
N VAL A 294 27.95 -8.45 -23.16
CA VAL A 294 26.52 -8.32 -23.40
C VAL A 294 25.96 -9.60 -24.03
N MET A 295 26.64 -10.15 -25.04
CA MET A 295 26.17 -11.36 -25.68
C MET A 295 26.18 -12.53 -24.69
N THR A 296 27.27 -12.68 -23.94
CA THR A 296 27.36 -13.74 -22.95
C THR A 296 26.29 -13.59 -21.88
N ALA A 297 26.02 -12.36 -21.44
CA ALA A 297 24.99 -12.13 -20.44
C ALA A 297 23.61 -12.51 -20.98
N LEU A 298 23.32 -12.16 -22.24
CA LEU A 298 22.04 -12.54 -22.83
C LEU A 298 21.90 -14.06 -22.91
N GLU A 299 22.96 -14.73 -23.37
CA GLU A 299 22.92 -16.18 -23.51
C GLU A 299 22.74 -16.86 -22.15
N LEU A 300 23.46 -16.38 -21.14
CA LEU A 300 23.33 -16.96 -19.80
C LEU A 300 21.94 -16.69 -19.22
N SER A 301 21.38 -15.51 -19.47
CA SER A 301 20.03 -15.22 -19.00
C SER A 301 19.03 -16.16 -19.65
N ASN A 302 19.18 -16.42 -20.95
CA ASN A 302 18.32 -17.38 -21.63
C ASN A 302 18.45 -18.77 -21.02
N GLU A 303 19.69 -19.21 -20.77
CA GLU A 303 19.90 -20.53 -20.21
C GLU A 303 19.29 -20.66 -18.82
N LEU A 304 19.46 -19.63 -17.98
CA LEU A 304 18.89 -19.64 -16.64
C LEU A 304 17.37 -19.62 -16.68
N ALA A 305 16.79 -18.86 -17.63
CA ALA A 305 15.34 -18.87 -17.79
C ALA A 305 14.84 -20.25 -18.20
N VAL A 306 15.60 -20.94 -19.07
CA VAL A 306 15.24 -22.30 -19.47
C VAL A 306 15.27 -23.23 -18.25
N LEU A 307 16.35 -23.14 -17.47
CA LEU A 307 16.48 -24.02 -16.31
C LEU A 307 15.52 -23.68 -15.18
N ALA A 308 14.96 -22.47 -15.18
CA ALA A 308 14.01 -22.10 -14.13
C ALA A 308 12.76 -22.96 -14.19
N ASN A 309 12.32 -23.33 -15.39
CA ASN A 309 11.13 -24.16 -15.53
C ASN A 309 11.41 -25.60 -15.11
N ILE A 310 12.59 -26.12 -15.42
CA ILE A 310 12.89 -27.53 -15.19
C ILE A 310 12.94 -27.84 -13.70
N GLU A 311 13.64 -27.01 -12.93
CA GLU A 311 13.77 -27.21 -11.49
C GLU A 311 12.70 -26.41 -10.77
N LYS A 312 11.75 -27.12 -10.16
CA LYS A 312 10.65 -26.44 -9.48
C LYS A 312 11.11 -25.79 -8.18
N GLU A 313 11.95 -26.47 -7.41
CA GLU A 313 12.41 -25.93 -6.12
C GLU A 313 13.28 -24.70 -6.33
N PHE A 314 14.17 -24.73 -7.32
CA PHE A 314 15.12 -23.65 -7.56
C PHE A 314 14.61 -22.63 -8.57
N LYS A 315 13.28 -22.57 -8.78
CA LYS A 315 12.73 -21.66 -9.77
C LYS A 315 13.01 -20.21 -9.41
N ASN A 316 12.81 -19.85 -8.14
CA ASN A 316 13.06 -18.47 -7.71
C ASN A 316 14.52 -18.09 -7.88
N ASP A 317 15.44 -19.00 -7.53
CA ASP A 317 16.86 -18.70 -7.62
C ASP A 317 17.30 -18.49 -9.07
N TYR A 318 16.87 -19.38 -9.97
CA TYR A 318 17.24 -19.25 -11.37
C TYR A 318 16.61 -18.01 -12.01
N LYS A 319 15.37 -17.70 -11.66
CA LYS A 319 14.75 -16.47 -12.15
C LYS A 319 15.49 -15.24 -11.63
N LYS A 320 15.94 -15.28 -10.37
CA LYS A 320 16.71 -14.17 -9.82
C LYS A 320 18.05 -14.02 -10.55
N LEU A 321 18.70 -15.12 -10.87
CA LEU A 321 19.96 -15.04 -11.61
C LEU A 321 19.74 -14.50 -13.02
N SER A 322 18.67 -14.93 -13.69
CA SER A 322 18.36 -14.37 -15.00
C SER A 322 18.06 -12.89 -14.90
N MET A 323 17.38 -12.47 -13.83
CA MET A 323 17.15 -11.06 -13.58
C MET A 323 18.46 -10.32 -13.38
N GLN A 324 19.42 -10.94 -12.70
CA GLN A 324 20.73 -10.31 -12.54
C GLN A 324 21.41 -10.12 -13.88
N CYS A 325 21.34 -11.12 -14.76
CA CYS A 325 21.91 -10.98 -16.10
C CYS A 325 21.23 -9.85 -16.87
N LYS A 326 19.89 -9.79 -16.80
CA LYS A 326 19.17 -8.72 -17.47
C LYS A 326 19.53 -7.35 -16.90
N ASP A 327 19.70 -7.27 -15.58
CA ASP A 327 20.14 -6.04 -14.95
C ASP A 327 21.51 -5.62 -15.45
N PHE A 328 22.42 -6.59 -15.59
CA PHE A 328 23.74 -6.28 -16.12
C PHE A 328 23.65 -5.71 -17.53
N VAL A 329 22.84 -6.34 -18.39
CA VAL A 329 22.71 -5.86 -19.76
C VAL A 329 22.11 -4.46 -19.78
N VAL A 330 21.06 -4.22 -18.99
CA VAL A 330 20.43 -2.91 -18.95
C VAL A 330 21.39 -1.85 -18.44
N GLY A 331 22.13 -2.16 -17.37
CA GLY A 331 23.09 -1.20 -16.85
C GLY A 331 24.21 -0.91 -17.83
N LEU A 332 24.66 -1.94 -18.55
CA LEU A 332 25.68 -1.72 -19.58
C LEU A 332 25.15 -0.81 -20.69
N LEU A 333 23.87 -0.96 -21.04
CA LEU A 333 23.27 -0.04 -22.00
C LEU A 333 23.13 1.37 -21.43
N ASP A 334 22.88 1.48 -20.12
CA ASP A 334 22.60 2.76 -19.50
C ASP A 334 23.78 3.72 -19.53
N LEU A 335 25.00 3.20 -19.64
CA LEU A 335 26.20 4.03 -19.53
C LEU A 335 26.64 4.64 -20.86
N CYS A 336 25.97 4.30 -21.96
CA CYS A 336 26.36 4.84 -23.25
C CYS A 336 26.14 6.34 -23.32
N ARG A 337 27.06 7.05 -23.98
CA ARG A 337 27.04 8.51 -24.03
C ARG A 337 26.83 9.06 -25.42
N ASN A 338 27.46 8.48 -26.44
CA ASN A 338 27.29 8.90 -27.82
C ASN A 338 26.69 7.75 -28.63
N THR A 339 26.29 8.07 -29.86
CA THR A 339 25.56 7.11 -30.69
C THR A 339 26.44 5.91 -31.05
N GLU A 340 27.76 6.07 -31.05
CA GLU A 340 28.64 4.95 -31.38
C GLU A 340 28.55 3.85 -30.32
N GLU A 341 28.62 4.23 -29.04
CA GLU A 341 28.46 3.26 -27.96
C GLU A 341 27.07 2.65 -27.95
N VAL A 342 26.05 3.47 -28.24
CA VAL A 342 24.68 2.97 -28.27
C VAL A 342 24.54 1.91 -29.35
N GLU A 343 25.09 2.15 -30.54
CA GLU A 343 25.06 1.15 -31.60
C GLU A 343 25.85 -0.09 -31.22
N ALA A 344 27.01 0.09 -30.57
CA ALA A 344 27.82 -1.06 -30.19
C ALA A 344 27.08 -1.96 -29.20
N ILE A 345 26.36 -1.37 -28.23
CA ILE A 345 25.65 -2.16 -27.25
C ILE A 345 24.39 -2.78 -27.88
N LEU A 346 23.62 -1.98 -28.60
CA LEU A 346 22.33 -2.45 -29.12
C LEU A 346 22.49 -3.40 -30.30
N ASN A 347 23.43 -3.11 -31.20
CA ASN A 347 23.58 -3.89 -32.43
C ASN A 347 24.71 -4.90 -32.37
N GLY A 348 25.85 -4.52 -31.81
CA GLY A 348 27.00 -5.41 -31.75
C GLY A 348 28.14 -4.97 -32.64
N ASP A 349 28.82 -5.92 -33.27
CA ASP A 349 29.96 -5.64 -34.13
C ASP A 349 29.45 -5.31 -35.54
N VAL A 350 29.52 -4.04 -35.91
CA VAL A 350 29.02 -3.61 -37.22
C VAL A 350 29.92 -4.03 -38.36
N GLU A 351 31.13 -4.51 -38.08
CA GLU A 351 32.02 -4.97 -39.14
C GLU A 351 31.72 -6.41 -39.54
N THR A 352 31.72 -7.32 -38.57
CA THR A 352 31.40 -8.71 -38.86
C THR A 352 29.95 -8.87 -39.32
N LEU A 353 29.04 -8.11 -38.70
CA LEU A 353 27.62 -8.18 -39.08
C LEU A 353 27.37 -7.27 -40.28
N GLN A 354 26.70 -7.82 -41.30
CA GLN A 354 26.35 -7.07 -42.49
C GLN A 354 25.16 -6.15 -42.21
N SER A 355 25.00 -5.16 -43.09
CA SER A 355 23.91 -4.21 -42.93
C SER A 355 22.56 -4.90 -43.11
N GLY A 356 21.61 -4.55 -42.24
CA GLY A 356 20.29 -5.13 -42.35
C GLY A 356 19.54 -4.70 -43.60
N ASP A 357 19.74 -3.46 -44.03
CA ASP A 357 19.11 -2.92 -45.23
C ASP A 357 19.96 -1.77 -45.73
N HIS A 358 19.39 -0.94 -46.61
CA HIS A 358 20.12 0.23 -47.12
C HIS A 358 20.54 1.16 -46.01
N GLY A 359 19.77 1.23 -44.92
CA GLY A 359 20.13 2.07 -43.79
C GLY A 359 19.76 1.48 -42.45
N ARG A 360 19.56 0.13 -42.40
CA ARG A 360 19.15 -0.41 -41.11
C ARG A 360 20.37 -0.83 -40.28
N PRO A 361 20.26 -0.74 -38.95
CA PRO A 361 21.42 -0.98 -38.08
C PRO A 361 21.63 -2.45 -37.68
N ASN A 362 21.06 -3.40 -38.43
CA ASN A 362 21.24 -4.83 -38.15
C ASN A 362 20.69 -5.19 -36.77
N LEU A 363 19.36 -5.16 -36.69
CA LEU A 363 18.61 -5.33 -35.44
C LEU A 363 18.60 -6.77 -34.95
N SER A 364 19.52 -7.60 -35.45
CA SER A 364 19.56 -9.02 -35.06
C SER A 364 19.66 -9.18 -33.54
N ARG A 365 20.55 -8.42 -32.90
CA ARG A 365 20.68 -8.50 -31.44
C ARG A 365 19.42 -8.02 -30.75
N LEU A 366 18.75 -7.00 -31.29
CA LEU A 366 17.47 -6.57 -30.72
C LEU A 366 16.42 -7.67 -30.83
N LYS A 367 16.40 -8.38 -31.97
CA LYS A 367 15.50 -9.52 -32.10
C LYS A 367 15.80 -10.59 -31.06
N LEU A 368 17.10 -10.87 -30.85
CA LEU A 368 17.48 -11.86 -29.84
C LEU A 368 17.07 -11.42 -28.44
N ALA A 369 17.23 -10.13 -28.14
CA ALA A 369 16.82 -9.61 -26.84
C ALA A 369 15.32 -9.69 -26.64
N ILE A 370 14.55 -9.41 -27.70
CA ILE A 370 13.10 -9.55 -27.61
C ILE A 370 12.70 -11.00 -27.40
N LYS A 371 13.35 -11.92 -28.12
CA LYS A 371 13.04 -13.34 -27.96
C LYS A 371 13.35 -13.84 -26.57
N TYR A 372 14.35 -13.26 -25.91
CA TYR A 372 14.73 -13.67 -24.56
C TYR A 372 13.99 -12.91 -23.48
N GLU A 373 13.02 -12.05 -23.85
CA GLU A 373 12.14 -11.38 -22.89
C GLU A 373 12.93 -10.56 -21.86
N VAL A 374 13.94 -9.83 -22.33
CA VAL A 374 14.69 -8.97 -21.42
C VAL A 374 13.79 -7.89 -20.84
N LYS A 375 12.89 -7.35 -21.65
CA LYS A 375 11.81 -6.47 -21.20
C LYS A 375 12.30 -5.11 -20.74
N LYS A 376 13.60 -4.94 -20.53
CA LYS A 376 14.11 -3.64 -20.11
C LYS A 376 15.29 -3.14 -20.93
N PHE A 377 16.04 -4.03 -21.60
CA PHE A 377 17.05 -3.61 -22.56
C PHE A 377 16.43 -2.99 -23.80
N VAL A 378 15.17 -3.29 -24.07
CA VAL A 378 14.45 -2.70 -25.19
C VAL A 378 13.68 -1.46 -24.75
N ALA A 379 13.10 -1.48 -23.55
CA ALA A 379 12.34 -0.34 -23.06
C ALA A 379 13.21 0.83 -22.61
N HIS A 380 14.53 0.65 -22.58
CA HIS A 380 15.40 1.73 -22.15
C HIS A 380 15.36 2.88 -23.15
N PRO A 381 15.44 4.13 -22.69
CA PRO A 381 15.38 5.27 -23.62
C PRO A 381 16.47 5.24 -24.69
N ASN A 382 17.65 4.69 -24.38
CA ASN A 382 18.69 4.58 -25.39
C ASN A 382 18.25 3.67 -26.54
N CYS A 383 17.58 2.57 -26.23
CA CYS A 383 17.01 1.73 -27.28
C CYS A 383 15.76 2.36 -27.87
N GLN A 384 15.00 3.08 -27.05
CA GLN A 384 13.74 3.68 -27.52
C GLN A 384 14.00 4.71 -28.61
N GLN A 385 15.03 5.54 -28.45
CA GLN A 385 15.31 6.56 -29.47
C GLN A 385 15.70 5.93 -30.80
N GLN A 386 16.53 4.87 -30.77
CA GLN A 386 16.90 4.21 -32.02
C GLN A 386 15.68 3.54 -32.66
N LEU A 387 14.84 2.90 -31.86
CA LEU A 387 13.65 2.26 -32.40
C LEU A 387 12.69 3.29 -33.02
N LEU A 388 12.54 4.45 -32.37
CA LEU A 388 11.71 5.51 -32.93
C LEU A 388 12.30 6.06 -34.21
N SER A 389 13.62 6.23 -34.27
CA SER A 389 14.25 6.71 -35.49
C SER A 389 14.06 5.72 -36.64
N ILE A 390 14.14 4.42 -36.35
CA ILE A 390 13.84 3.41 -37.36
C ILE A 390 12.36 3.45 -37.75
N TRP A 391 11.49 3.74 -36.79
CA TRP A 391 10.05 3.72 -37.04
C TRP A 391 9.64 4.77 -38.08
N TYR A 392 10.23 5.95 -38.02
CA TYR A 392 9.97 7.03 -38.98
C TYR A 392 11.21 7.18 -39.86
N GLU A 393 11.26 6.41 -40.95
CA GLU A 393 12.43 6.48 -41.84
C GLU A 393 12.41 7.72 -42.72
N ASN A 394 11.29 7.97 -43.40
CA ASN A 394 11.16 9.12 -44.28
C ASN A 394 10.22 10.19 -43.74
N LEU A 395 9.48 9.90 -42.67
CA LEU A 395 8.53 10.85 -42.09
C LEU A 395 9.19 11.60 -40.93
N SER A 396 10.21 12.38 -41.26
CA SER A 396 10.93 13.13 -40.25
C SER A 396 10.04 14.19 -39.59
N GLY A 397 9.24 14.90 -40.39
CA GLY A 397 8.39 15.95 -39.85
C GLY A 397 7.08 15.46 -39.26
N LEU A 398 6.69 14.21 -39.57
CA LEU A 398 5.42 13.69 -39.07
C LEU A 398 5.49 13.31 -37.59
N ARG A 399 6.69 13.24 -37.01
CA ARG A 399 6.81 12.87 -35.60
C ARG A 399 6.22 13.95 -34.69
N GLN A 400 6.38 15.22 -35.05
CA GLN A 400 5.97 16.33 -34.21
C GLN A 400 4.49 16.67 -34.35
N GLN A 401 3.77 15.98 -35.22
CA GLN A 401 2.35 16.27 -35.42
C GLN A 401 1.53 15.78 -34.21
N THR A 402 0.35 16.38 -34.04
CA THR A 402 -0.53 16.01 -32.95
C THR A 402 -1.24 14.69 -33.28
N MET A 403 -1.98 14.18 -32.29
CA MET A 403 -2.74 12.95 -32.50
C MET A 403 -3.85 13.13 -33.53
N ALA A 404 -4.49 14.31 -33.53
CA ALA A 404 -5.53 14.58 -34.52
C ALA A 404 -4.96 14.58 -35.93
N VAL A 405 -3.75 15.13 -36.10
CA VAL A 405 -3.11 15.12 -37.41
C VAL A 405 -2.85 13.70 -37.88
N LYS A 406 -2.38 12.83 -36.98
CA LYS A 406 -2.12 11.44 -37.35
C LYS A 406 -3.42 10.70 -37.66
N PHE A 407 -4.50 11.01 -36.92
CA PHE A 407 -5.79 10.43 -37.25
C PHE A 407 -6.26 10.86 -38.63
N LEU A 408 -6.05 12.15 -38.96
CA LEU A 408 -6.38 12.63 -40.30
C LEU A 408 -5.53 11.94 -41.36
N VAL A 409 -4.26 11.68 -41.06
CA VAL A 409 -3.40 10.96 -41.98
C VAL A 409 -3.92 9.54 -42.21
N VAL A 410 -4.35 8.88 -41.13
CA VAL A 410 -4.91 7.53 -41.25
C VAL A 410 -6.17 7.55 -42.11
N LEU A 411 -7.04 8.54 -41.90
CA LEU A 411 -8.24 8.65 -42.72
C LEU A 411 -7.91 8.90 -44.18
N ALA A 412 -6.91 9.75 -44.44
CA ALA A 412 -6.51 10.02 -45.83
C ALA A 412 -5.93 8.79 -46.49
N VAL A 413 -5.15 8.00 -45.75
CA VAL A 413 -4.63 6.75 -46.29
C VAL A 413 -5.77 5.77 -46.56
N ALA A 414 -6.78 5.75 -45.68
CA ALA A 414 -7.95 4.91 -45.94
C ALA A 414 -8.65 5.34 -47.22
N ILE A 415 -8.76 6.64 -47.46
CA ILE A 415 -9.38 7.13 -48.69
C ILE A 415 -8.56 6.74 -49.91
N GLY A 416 -7.24 6.92 -49.84
CA GLY A 416 -6.36 6.74 -50.98
C GLY A 416 -5.66 5.41 -51.11
N LEU A 417 -6.06 4.39 -50.33
CA LEU A 417 -5.46 3.07 -50.44
C LEU A 417 -5.44 2.49 -51.85
N PRO A 418 -6.53 2.55 -52.64
CA PRO A 418 -6.43 2.05 -54.03
C PRO A 418 -5.37 2.78 -54.84
N PHE A 419 -5.22 4.09 -54.65
CA PHE A 419 -4.19 4.82 -55.36
C PHE A 419 -2.79 4.36 -54.96
N LEU A 420 -2.58 4.13 -53.66
CA LEU A 420 -1.27 3.63 -53.20
C LEU A 420 -0.97 2.27 -53.79
N ALA A 421 -1.97 1.37 -53.81
CA ALA A 421 -1.77 0.05 -54.39
C ALA A 421 -1.47 0.15 -55.89
N LEU A 422 -2.15 1.05 -56.59
CA LEU A 422 -1.91 1.23 -58.01
C LEU A 422 -0.50 1.75 -58.28
N ILE A 423 -0.05 2.72 -57.49
CA ILE A 423 1.26 3.31 -57.74
C ILE A 423 2.41 2.44 -57.23
N TYR A 424 2.13 1.49 -56.33
CA TYR A 424 3.19 0.61 -55.85
C TYR A 424 3.74 -0.27 -56.97
N TRP A 425 2.86 -0.82 -57.79
CA TRP A 425 3.29 -1.75 -58.84
C TRP A 425 4.00 -1.03 -59.98
N PHE A 426 3.43 0.10 -60.43
CA PHE A 426 4.00 0.80 -61.58
C PHE A 426 5.32 1.47 -61.22
N ALA A 427 5.40 2.10 -60.05
CA ALA A 427 6.60 2.80 -59.61
C ALA A 427 7.13 2.18 -58.33
N PRO A 428 8.13 1.30 -58.40
CA PRO A 428 8.68 0.73 -57.15
C PRO A 428 9.40 1.75 -56.30
N CYS A 429 10.20 2.63 -56.91
CA CYS A 429 10.92 3.68 -56.21
C CYS A 429 10.40 5.04 -56.66
N SER A 430 9.96 5.85 -55.69
CA SER A 430 9.44 7.19 -55.98
C SER A 430 9.47 8.00 -54.70
N LYS A 431 9.13 9.29 -54.82
CA LYS A 431 9.02 10.12 -53.63
C LYS A 431 7.95 9.60 -52.68
N MET A 432 6.81 9.21 -53.22
CA MET A 432 5.77 8.56 -52.42
C MET A 432 6.05 7.08 -52.23
N GLY A 433 6.63 6.42 -53.23
CA GLY A 433 6.87 4.99 -53.13
C GLY A 433 7.83 4.62 -52.01
N LYS A 434 8.91 5.39 -51.87
CA LYS A 434 9.86 5.14 -50.78
C LYS A 434 9.23 5.44 -49.42
N ILE A 435 8.35 6.43 -49.36
CA ILE A 435 7.65 6.72 -48.11
C ILE A 435 6.73 5.57 -47.72
N MET A 436 6.02 4.99 -48.70
CA MET A 436 5.10 3.90 -48.40
C MET A 436 5.82 2.69 -47.82
N ARG A 437 7.10 2.50 -48.16
CA ARG A 437 7.85 1.35 -47.65
C ARG A 437 8.23 1.51 -46.18
N GLY A 438 8.06 2.69 -45.59
CA GLY A 438 8.37 2.90 -44.20
C GLY A 438 7.49 2.07 -43.28
N PRO A 439 8.05 1.60 -42.16
CA PRO A 439 7.25 0.75 -41.26
C PRO A 439 6.03 1.45 -40.69
N PHE A 440 6.14 2.73 -40.35
CA PHE A 440 4.98 3.46 -39.86
C PHE A 440 3.91 3.59 -40.93
N MET A 441 4.32 3.82 -42.18
CA MET A 441 3.36 3.87 -43.27
C MET A 441 2.70 2.51 -43.50
N LYS A 442 3.45 1.43 -43.34
CA LYS A 442 2.84 0.10 -43.44
C LYS A 442 1.81 -0.12 -42.34
N PHE A 443 2.14 0.28 -41.10
CA PHE A 443 1.18 0.15 -40.00
C PHE A 443 -0.07 0.99 -40.25
N VAL A 444 0.11 2.22 -40.73
CA VAL A 444 -1.03 3.09 -41.02
C VAL A 444 -1.87 2.50 -42.13
N ALA A 445 -1.23 1.94 -43.17
CA ALA A 445 -1.98 1.34 -44.26
C ALA A 445 -2.80 0.14 -43.79
N HIS A 446 -2.20 -0.72 -42.96
CA HIS A 446 -2.95 -1.87 -42.45
C HIS A 446 -4.10 -1.44 -41.54
N ALA A 447 -3.86 -0.44 -40.68
CA ALA A 447 -4.93 0.07 -39.82
C ALA A 447 -6.05 0.67 -40.65
N ALA A 448 -5.72 1.44 -41.69
CA ALA A 448 -6.74 2.02 -42.55
C ALA A 448 -7.51 0.96 -43.32
N SER A 449 -6.82 -0.11 -43.75
CA SER A 449 -7.51 -1.22 -44.38
C SER A 449 -8.49 -1.88 -43.42
N PHE A 450 -8.10 -2.02 -42.15
CA PHE A 450 -9.02 -2.58 -41.17
C PHE A 450 -10.21 -1.65 -40.93
N THR A 451 -9.96 -0.34 -40.93
CA THR A 451 -11.07 0.61 -40.82
C THR A 451 -12.03 0.47 -41.99
N ILE A 452 -11.50 0.29 -43.19
CA ILE A 452 -12.34 0.11 -44.37
C ILE A 452 -13.15 -1.17 -44.24
N PHE A 453 -12.53 -2.25 -43.74
CA PHE A 453 -13.25 -3.51 -43.54
C PHE A 453 -14.38 -3.35 -42.53
N LEU A 454 -14.11 -2.66 -41.42
CA LEU A 454 -15.14 -2.43 -40.42
C LEU A 454 -16.27 -1.56 -40.98
N GLY A 455 -15.92 -0.55 -41.78
CA GLY A 455 -16.95 0.26 -42.43
C GLY A 455 -17.80 -0.54 -43.38
N LEU A 456 -17.18 -1.46 -44.12
CA LEU A 456 -17.94 -2.34 -45.00
C LEU A 456 -18.87 -3.24 -44.19
N LEU A 457 -18.40 -3.74 -43.05
CA LEU A 457 -19.25 -4.55 -42.19
C LEU A 457 -20.44 -3.74 -41.69
N VAL A 458 -20.20 -2.48 -41.31
CA VAL A 458 -21.29 -1.62 -40.84
C VAL A 458 -22.29 -1.36 -41.96
N MET A 459 -21.79 -1.01 -43.15
CA MET A 459 -22.66 -0.61 -44.25
C MET A 459 -23.28 -1.80 -44.99
N ASN A 460 -22.88 -3.02 -44.68
CA ASN A 460 -23.52 -4.19 -45.29
C ASN A 460 -25.00 -4.29 -44.91
N ALA A 461 -25.37 -3.73 -43.76
CA ALA A 461 -26.76 -3.70 -43.30
C ALA A 461 -27.39 -2.32 -43.48
N ALA A 462 -27.01 -1.61 -44.54
CA ALA A 462 -27.53 -0.26 -44.78
C ALA A 462 -29.02 -0.24 -45.08
N ASP A 463 -29.62 -1.40 -45.39
CA ASP A 463 -31.03 -1.43 -45.76
C ASP A 463 -31.95 -1.29 -44.56
N ARG A 464 -31.44 -1.43 -43.34
CA ARG A 464 -32.31 -1.47 -42.16
C ARG A 464 -31.70 -0.71 -40.98
N PHE A 465 -30.94 0.35 -41.25
CA PHE A 465 -30.43 1.19 -40.16
C PHE A 465 -31.57 1.90 -39.44
N GLU A 466 -32.44 2.59 -40.20
CA GLU A 466 -33.60 3.24 -39.61
C GLU A 466 -34.71 2.22 -39.34
N GLY A 467 -34.86 1.22 -40.20
CA GLY A 467 -35.87 0.21 -40.01
C GLY A 467 -36.06 -0.60 -41.28
N THR A 468 -36.92 -1.61 -41.17
CA THR A 468 -37.26 -2.47 -42.31
C THR A 468 -38.53 -1.99 -42.99
N PHE A 484 -38.93 -17.31 -53.70
CA PHE A 484 -38.30 -16.00 -53.88
C PHE A 484 -36.92 -15.98 -53.23
N ARG A 485 -36.44 -17.15 -52.82
CA ARG A 485 -35.14 -17.25 -52.18
C ARG A 485 -33.97 -16.98 -53.13
N MET A 486 -34.21 -16.96 -54.44
CA MET A 486 -33.15 -16.65 -55.38
C MET A 486 -32.63 -15.23 -55.17
N LYS A 487 -33.54 -14.28 -54.93
CA LYS A 487 -33.12 -12.91 -54.61
C LYS A 487 -32.37 -12.85 -53.29
N THR A 488 -32.84 -13.60 -52.28
CA THR A 488 -32.23 -13.54 -50.95
C THR A 488 -30.81 -14.12 -50.97
N SER A 489 -30.61 -15.23 -51.68
CA SER A 489 -29.34 -15.94 -51.61
C SER A 489 -28.22 -15.28 -52.41
N CYS A 490 -28.54 -14.43 -53.38
CA CYS A 490 -27.51 -13.85 -54.22
C CYS A 490 -26.68 -12.83 -53.44
N PHE A 491 -25.41 -12.70 -53.84
CA PHE A 491 -24.49 -11.79 -53.18
C PHE A 491 -24.63 -10.38 -53.72
N SER A 492 -24.27 -9.40 -52.88
CA SER A 492 -24.22 -8.00 -53.27
C SER A 492 -22.76 -7.59 -53.48
N TRP A 493 -22.59 -6.37 -53.99
CA TRP A 493 -21.24 -5.85 -54.19
C TRP A 493 -20.52 -5.67 -52.86
N MET A 494 -21.24 -5.21 -51.83
CA MET A 494 -20.66 -5.13 -50.49
C MET A 494 -20.27 -6.51 -49.99
N GLU A 495 -21.13 -7.51 -50.23
CA GLU A 495 -20.81 -8.88 -49.83
C GLU A 495 -19.59 -9.41 -50.56
N MET A 496 -19.47 -9.11 -51.86
CA MET A 496 -18.29 -9.55 -52.60
C MET A 496 -17.02 -8.88 -52.09
N LEU A 497 -17.10 -7.59 -51.74
CA LEU A 497 -15.95 -6.91 -51.17
C LEU A 497 -15.55 -7.53 -49.84
N ILE A 498 -16.54 -7.86 -49.00
CA ILE A 498 -16.25 -8.50 -47.72
C ILE A 498 -15.61 -9.87 -47.94
N ILE A 499 -16.11 -10.63 -48.92
CA ILE A 499 -15.54 -11.93 -49.24
C ILE A 499 -14.09 -11.79 -49.68
N SER A 500 -13.80 -10.80 -50.53
CA SER A 500 -12.43 -10.57 -50.98
C SER A 500 -11.53 -10.19 -49.81
N TRP A 501 -12.03 -9.35 -48.89
CA TRP A 501 -11.25 -8.99 -47.71
C TRP A 501 -10.95 -10.22 -46.85
N VAL A 502 -11.94 -11.09 -46.65
CA VAL A 502 -11.74 -12.30 -45.85
C VAL A 502 -10.71 -13.21 -46.51
N ILE A 503 -10.81 -13.38 -47.84
CA ILE A 503 -9.86 -14.21 -48.55
C ILE A 503 -8.44 -13.65 -48.43
N GLY A 504 -8.31 -12.32 -48.55
CA GLY A 504 -7.01 -11.70 -48.38
C GLY A 504 -6.43 -11.91 -46.99
N MET A 505 -7.27 -11.78 -45.96
CA MET A 505 -6.81 -12.02 -44.59
C MET A 505 -6.37 -13.48 -44.42
N ILE A 506 -7.13 -14.42 -44.97
CA ILE A 506 -6.78 -15.83 -44.86
C ILE A 506 -5.45 -16.11 -45.55
N TRP A 507 -5.25 -15.53 -46.75
CA TRP A 507 -4.00 -15.76 -47.46
C TRP A 507 -2.82 -15.14 -46.73
N ALA A 508 -3.02 -13.95 -46.14
CA ALA A 508 -1.95 -13.34 -45.36
C ALA A 508 -1.60 -14.20 -44.15
N GLU A 509 -2.58 -14.73 -43.48
CA GLU A 509 -2.26 -15.60 -42.36
C GLU A 509 -1.44 -16.81 -42.81
N CYS A 510 -1.86 -17.45 -43.91
CA CYS A 510 -1.18 -18.61 -44.47
C CYS A 510 0.28 -18.29 -44.78
N LYS A 511 0.52 -17.09 -45.29
CA LYS A 511 1.90 -16.69 -45.59
C LYS A 511 2.69 -16.60 -44.29
N GLU A 512 2.07 -16.07 -43.25
CA GLU A 512 2.72 -15.94 -41.95
C GLU A 512 3.02 -17.31 -41.34
N ILE A 513 2.05 -18.23 -41.39
CA ILE A 513 2.31 -19.55 -40.84
C ILE A 513 3.39 -20.27 -41.66
N TRP A 514 3.54 -19.92 -42.94
CA TRP A 514 4.62 -20.49 -43.73
C TRP A 514 5.96 -19.86 -43.38
N THR A 515 5.99 -18.56 -43.11
CA THR A 515 7.22 -17.86 -42.79
C THR A 515 7.66 -18.02 -41.34
N GLN A 516 6.79 -18.52 -40.47
CA GLN A 516 7.13 -18.72 -39.07
C GLN A 516 7.20 -20.18 -38.65
N GLY A 517 6.39 -21.05 -39.24
CA GLY A 517 6.31 -22.43 -38.81
C GLY A 517 5.13 -22.64 -37.88
N PRO A 518 4.62 -23.88 -37.85
CA PRO A 518 3.46 -24.26 -37.04
C PRO A 518 3.51 -23.74 -35.60
N LYS A 519 4.50 -24.17 -34.82
CA LYS A 519 4.61 -23.75 -33.43
C LYS A 519 4.85 -22.25 -33.22
N GLU A 520 5.72 -21.65 -34.03
CA GLU A 520 6.02 -20.23 -33.87
C GLU A 520 4.80 -19.34 -34.12
N TYR A 521 4.08 -19.63 -35.19
CA TYR A 521 2.88 -18.90 -35.56
C TYR A 521 1.73 -19.05 -34.57
N LEU A 522 1.57 -20.27 -34.06
CA LEU A 522 0.48 -20.61 -33.15
C LEU A 522 0.49 -19.93 -31.78
N PHE A 523 1.53 -20.16 -30.99
CA PHE A 523 1.58 -19.60 -29.63
C PHE A 523 1.51 -18.08 -29.65
N GLU A 524 0.41 -17.54 -30.14
CA GLU A 524 0.22 -16.10 -30.17
C GLU A 524 -1.27 -15.80 -30.15
N LEU A 525 -1.70 -14.93 -29.26
CA LEU A 525 -3.13 -14.64 -29.12
C LEU A 525 -3.75 -14.07 -30.39
N TRP A 526 -3.07 -13.14 -31.04
CA TRP A 526 -3.66 -12.58 -32.25
C TRP A 526 -3.82 -13.66 -33.30
N ASN A 527 -2.81 -14.49 -33.47
CA ASN A 527 -2.88 -15.55 -34.47
C ASN A 527 -4.01 -16.52 -34.13
N MET A 528 -4.14 -16.85 -32.85
CA MET A 528 -5.19 -17.78 -32.44
C MET A 528 -6.60 -17.21 -32.65
N LEU A 529 -6.78 -15.92 -32.42
CA LEU A 529 -8.09 -15.32 -32.59
C LEU A 529 -8.40 -14.97 -34.05
N ASP A 530 -7.35 -14.68 -34.82
CA ASP A 530 -7.54 -14.35 -36.22
C ASP A 530 -7.91 -15.61 -36.98
N PHE A 531 -7.43 -16.77 -36.56
CA PHE A 531 -7.78 -18.03 -37.19
C PHE A 531 -9.23 -18.41 -36.90
N GLY A 532 -9.67 -18.25 -35.65
CA GLY A 532 -11.05 -18.55 -35.32
C GLY A 532 -12.03 -17.65 -36.07
N MET A 533 -11.73 -16.35 -36.10
CA MET A 533 -12.61 -15.41 -36.79
C MET A 533 -12.70 -15.73 -38.28
N LEU A 534 -11.56 -16.01 -38.92
CA LEU A 534 -11.57 -16.31 -40.35
C LEU A 534 -12.25 -17.63 -40.64
N ALA A 535 -12.10 -18.62 -39.75
CA ALA A 535 -12.79 -19.89 -39.93
C ALA A 535 -14.30 -19.70 -39.85
N ILE A 536 -14.77 -18.88 -38.89
CA ILE A 536 -16.21 -18.65 -38.78
C ILE A 536 -16.73 -17.87 -39.99
N PHE A 537 -15.96 -16.89 -40.47
CA PHE A 537 -16.36 -16.16 -41.67
C PHE A 537 -16.45 -17.09 -42.88
N ALA A 538 -15.47 -17.97 -43.04
CA ALA A 538 -15.50 -18.93 -44.14
C ALA A 538 -16.68 -19.88 -44.02
N ALA A 539 -17.01 -20.31 -42.81
CA ALA A 539 -18.17 -21.16 -42.60
C ALA A 539 -19.46 -20.45 -43.01
N SER A 540 -19.60 -19.18 -42.62
CA SER A 540 -20.79 -18.42 -43.01
C SER A 540 -20.88 -18.29 -44.52
N PHE A 541 -19.75 -17.97 -45.18
CA PHE A 541 -19.76 -17.82 -46.63
C PHE A 541 -20.08 -19.14 -47.34
N ILE A 542 -19.56 -20.26 -46.82
CA ILE A 542 -19.84 -21.56 -47.43
C ILE A 542 -21.31 -21.92 -47.27
N ALA A 543 -21.90 -21.64 -46.11
CA ALA A 543 -23.33 -21.89 -45.93
C ALA A 543 -24.16 -21.04 -46.89
N ARG A 544 -23.80 -19.77 -47.04
CA ARG A 544 -24.50 -18.90 -47.99
C ARG A 544 -24.36 -19.43 -49.42
N PHE A 545 -23.17 -19.92 -49.78
CA PHE A 545 -22.96 -20.46 -51.12
C PHE A 545 -23.78 -21.72 -51.34
N MET A 546 -23.91 -22.58 -50.32
CA MET A 546 -24.74 -23.76 -50.45
C MET A 546 -26.21 -23.38 -50.64
N ALA A 547 -26.69 -22.40 -49.89
CA ALA A 547 -28.06 -21.92 -50.09
C ALA A 547 -28.25 -21.37 -51.50
N PHE A 548 -27.27 -20.59 -51.99
CA PHE A 548 -27.36 -20.06 -53.34
C PHE A 548 -27.34 -21.17 -54.38
N TRP A 549 -26.55 -22.22 -54.14
CA TRP A 549 -26.49 -23.35 -55.07
C TRP A 549 -27.84 -24.07 -55.15
N HIS A 550 -28.47 -24.31 -54.00
CA HIS A 550 -29.78 -24.94 -54.00
C HIS A 550 -30.81 -24.05 -54.70
N ALA A 551 -30.78 -22.74 -54.43
CA ALA A 551 -31.72 -21.83 -55.09
C ALA A 551 -31.49 -21.79 -56.60
N SER A 552 -30.22 -21.81 -57.03
CA SER A 552 -29.91 -21.79 -58.45
C SER A 552 -30.38 -23.07 -59.14
N LYS A 553 -30.21 -24.22 -58.48
CA LYS A 553 -30.75 -25.46 -59.04
C LYS A 553 -32.26 -25.41 -59.15
N ALA A 554 -32.94 -24.89 -58.13
CA ALA A 554 -34.39 -24.76 -58.17
C ALA A 554 -34.84 -23.86 -59.31
N GLN A 555 -34.13 -22.74 -59.52
CA GLN A 555 -34.47 -21.83 -60.61
C GLN A 555 -34.15 -22.44 -61.97
N SER A 556 -33.12 -23.26 -62.06
CA SER A 556 -32.79 -23.92 -63.31
C SER A 556 -33.83 -24.97 -63.67
N ILE A 557 -34.40 -25.65 -62.68
CA ILE A 557 -35.40 -26.68 -62.96
C ILE A 557 -36.64 -26.05 -63.60
N ILE A 558 -37.13 -24.96 -63.02
CA ILE A 558 -38.41 -24.31 -63.36
C ILE A 558 -39.45 -25.26 -63.97
N ASP A 574 -44.22 -31.06 -55.38
CA ASP A 574 -43.03 -30.89 -56.21
C ASP A 574 -41.83 -30.45 -55.37
N ASN A 575 -40.65 -30.41 -55.99
CA ASN A 575 -39.42 -30.04 -55.31
C ASN A 575 -39.14 -28.55 -55.33
N VAL A 576 -39.93 -27.77 -56.07
CA VAL A 576 -39.69 -26.33 -56.20
C VAL A 576 -40.55 -25.51 -55.24
N LYS A 577 -41.59 -26.10 -54.65
CA LYS A 577 -42.48 -25.33 -53.78
C LYS A 577 -41.79 -24.92 -52.48
N TYR A 578 -40.87 -25.76 -51.98
CA TYR A 578 -40.24 -25.47 -50.69
C TYR A 578 -39.41 -24.19 -50.74
N TYR A 579 -38.66 -23.98 -51.82
CA TYR A 579 -37.79 -22.81 -51.92
C TYR A 579 -38.55 -21.51 -52.14
N ASN A 580 -39.85 -21.57 -52.42
CA ASN A 580 -40.68 -20.38 -52.54
C ASN A 580 -41.34 -19.99 -51.22
N LEU A 581 -41.17 -20.79 -50.17
CA LEU A 581 -41.81 -20.51 -48.89
C LEU A 581 -41.20 -19.27 -48.23
N ALA A 582 -42.00 -18.61 -47.40
CA ALA A 582 -41.57 -17.43 -46.68
C ALA A 582 -40.70 -17.81 -45.49
N ARG A 583 -40.10 -16.80 -44.86
CA ARG A 583 -39.20 -17.03 -43.74
C ARG A 583 -39.91 -17.67 -42.55
N ILE A 584 -41.22 -17.45 -42.43
CA ILE A 584 -41.97 -18.02 -41.32
C ILE A 584 -42.00 -19.55 -41.40
N LYS A 585 -41.95 -20.10 -42.61
CA LYS A 585 -42.03 -21.55 -42.82
C LYS A 585 -40.72 -22.15 -43.28
N TRP A 586 -39.60 -21.47 -43.04
CA TRP A 586 -38.30 -22.02 -43.42
C TRP A 586 -37.91 -23.18 -42.50
N ASP A 587 -37.04 -24.03 -43.02
CA ASP A 587 -36.55 -25.17 -42.25
C ASP A 587 -35.69 -24.68 -41.09
N PRO A 588 -35.79 -25.30 -39.91
CA PRO A 588 -34.92 -24.89 -38.80
C PRO A 588 -33.43 -25.07 -39.09
N SER A 589 -33.06 -26.07 -39.90
CA SER A 589 -31.68 -26.33 -40.26
C SER A 589 -31.30 -25.76 -41.62
N ASP A 590 -31.95 -24.67 -42.02
CA ASP A 590 -31.64 -24.04 -43.29
C ASP A 590 -30.22 -23.48 -43.26
N PRO A 591 -29.45 -23.62 -44.35
CA PRO A 591 -28.10 -23.03 -44.37
C PRO A 591 -28.08 -21.52 -44.21
N GLN A 592 -29.16 -20.83 -44.61
CA GLN A 592 -29.20 -19.38 -44.48
C GLN A 592 -29.14 -18.95 -43.01
N ILE A 593 -29.87 -19.65 -42.14
CA ILE A 593 -29.91 -19.30 -40.72
C ILE A 593 -28.54 -19.51 -40.08
N ILE A 594 -27.90 -20.65 -40.39
CA ILE A 594 -26.56 -20.91 -39.88
C ILE A 594 -25.58 -19.88 -40.39
N SER A 595 -25.71 -19.49 -41.66
CA SER A 595 -24.84 -18.47 -42.23
C SER A 595 -25.01 -17.14 -41.50
N GLU A 596 -26.25 -16.75 -41.21
CA GLU A 596 -26.48 -15.49 -40.52
C GLU A 596 -25.90 -15.52 -39.10
N GLY A 597 -26.10 -16.61 -38.38
CA GLY A 597 -25.55 -16.70 -37.03
C GLY A 597 -24.03 -16.67 -37.02
N LEU A 598 -23.41 -17.42 -37.92
CA LEU A 598 -21.95 -17.43 -38.01
C LEU A 598 -21.43 -16.07 -38.44
N TYR A 599 -22.16 -15.37 -39.33
CA TYR A 599 -21.75 -14.03 -39.73
C TYR A 599 -21.81 -13.06 -38.56
N ALA A 600 -22.84 -13.17 -37.73
CA ALA A 600 -22.92 -12.30 -36.55
C ALA A 600 -21.75 -12.55 -35.60
N ILE A 601 -21.44 -13.83 -35.34
CA ILE A 601 -20.33 -14.14 -34.45
C ILE A 601 -19.01 -13.67 -35.05
N ALA A 602 -18.86 -13.82 -36.37
CA ALA A 602 -17.64 -13.38 -37.04
C ALA A 602 -17.50 -11.86 -36.99
N VAL A 603 -18.61 -11.13 -37.09
CA VAL A 603 -18.55 -9.68 -36.94
C VAL A 603 -18.11 -9.31 -35.54
N VAL A 604 -18.64 -10.00 -34.53
CA VAL A 604 -18.21 -9.74 -33.15
C VAL A 604 -16.71 -9.98 -33.01
N LEU A 605 -16.21 -11.08 -33.57
CA LEU A 605 -14.78 -11.38 -33.47
C LEU A 605 -13.93 -10.39 -34.26
N SER A 606 -14.43 -9.93 -35.41
CA SER A 606 -13.71 -8.94 -36.19
C SER A 606 -13.56 -7.64 -35.41
N PHE A 607 -14.63 -7.21 -34.74
CA PHE A 607 -14.53 -6.02 -33.90
C PHE A 607 -13.69 -6.28 -32.66
N SER A 608 -13.61 -7.53 -32.21
CA SER A 608 -12.69 -7.87 -31.13
C SER A 608 -11.23 -7.73 -31.58
N ARG A 609 -10.97 -8.01 -32.85
CA ARG A 609 -9.63 -7.88 -33.42
C ARG A 609 -9.14 -6.42 -33.44
N ILE A 610 -10.02 -5.45 -33.22
CA ILE A 610 -9.64 -4.04 -33.31
C ILE A 610 -8.63 -3.64 -32.23
N ALA A 611 -8.45 -4.46 -31.20
CA ALA A 611 -7.51 -4.15 -30.13
C ALA A 611 -6.07 -4.40 -30.51
N TYR A 612 -5.80 -4.91 -31.72
CA TYR A 612 -4.44 -5.21 -32.13
C TYR A 612 -3.60 -3.93 -32.24
N ILE A 613 -4.17 -2.86 -32.79
CA ILE A 613 -3.40 -1.65 -33.08
C ILE A 613 -3.49 -0.61 -31.96
N LEU A 614 -4.28 -0.87 -30.93
CA LEU A 614 -4.43 0.06 -29.81
C LEU A 614 -3.19 0.16 -28.93
N PRO A 615 -2.38 -0.90 -28.79
CA PRO A 615 -1.09 -0.73 -28.07
C PRO A 615 -0.20 0.37 -28.64
N ALA A 616 -0.32 0.68 -29.94
CA ALA A 616 0.52 1.72 -30.53
C ALA A 616 0.27 3.08 -29.88
N ASN A 617 -1.00 3.39 -29.57
CA ASN A 617 -1.33 4.68 -28.97
C ASN A 617 -0.82 4.76 -27.54
N GLU A 618 -0.24 5.91 -27.19
CA GLU A 618 0.25 6.13 -25.84
C GLU A 618 -0.89 6.30 -24.84
N SER A 619 -2.03 6.85 -25.28
CA SER A 619 -3.13 7.12 -24.38
C SER A 619 -3.77 5.84 -23.86
N PHE A 620 -3.95 4.84 -24.74
CA PHE A 620 -4.69 3.63 -24.38
C PHE A 620 -3.85 2.36 -24.48
N GLY A 621 -2.55 2.47 -24.75
CA GLY A 621 -1.67 1.32 -24.81
C GLY A 621 -1.43 0.69 -23.45
N PRO A 622 -0.81 1.44 -22.53
CA PRO A 622 -0.58 0.90 -21.19
C PRO A 622 -1.85 0.51 -20.46
N LEU A 623 -2.96 1.24 -20.69
CA LEU A 623 -4.23 0.86 -20.08
C LEU A 623 -4.70 -0.50 -20.58
N GLN A 624 -4.59 -0.74 -21.89
CA GLN A 624 -4.97 -2.04 -22.44
C GLN A 624 -4.06 -3.15 -21.90
N ILE A 625 -2.76 -2.88 -21.79
CA ILE A 625 -1.85 -3.89 -21.26
C ILE A 625 -2.21 -4.22 -19.81
N SER A 626 -2.48 -3.20 -19.01
CA SER A 626 -2.84 -3.41 -17.62
C SER A 626 -4.13 -4.21 -17.48
N LEU A 627 -5.13 -3.89 -18.30
CA LEU A 627 -6.38 -4.65 -18.26
C LEU A 627 -6.16 -6.09 -18.71
N GLY A 628 -5.33 -6.30 -19.73
CA GLY A 628 -5.06 -7.63 -20.22
C GLY A 628 -4.33 -8.52 -19.23
N ARG A 629 -3.43 -7.92 -18.44
CA ARG A 629 -2.70 -8.72 -17.45
C ARG A 629 -3.60 -9.27 -16.35
N THR A 630 -4.84 -8.78 -16.23
CA THR A 630 -5.78 -9.28 -15.23
C THR A 630 -6.60 -10.48 -15.73
N VAL A 631 -6.61 -10.72 -17.04
CA VAL A 631 -7.47 -11.76 -17.61
C VAL A 631 -7.07 -13.14 -17.13
N LYS A 632 -5.76 -13.38 -16.93
CA LYS A 632 -5.33 -14.68 -16.45
C LYS A 632 -5.88 -14.98 -15.06
N ASP A 633 -5.81 -14.00 -14.15
CA ASP A 633 -6.38 -14.18 -12.83
C ASP A 633 -7.90 -14.30 -12.89
N ILE A 634 -8.52 -13.56 -13.82
CA ILE A 634 -9.97 -13.69 -13.99
C ILE A 634 -10.35 -15.10 -14.40
N PHE A 635 -9.59 -15.70 -15.32
CA PHE A 635 -9.83 -17.07 -15.72
C PHE A 635 -9.59 -18.05 -14.57
N LYS A 636 -8.52 -17.82 -13.80
CA LYS A 636 -8.24 -18.68 -12.66
C LYS A 636 -9.40 -18.68 -11.66
N PHE A 637 -9.95 -17.50 -11.38
CA PHE A 637 -11.11 -17.44 -10.50
C PHE A 637 -12.35 -18.02 -11.15
N MET A 638 -12.51 -17.82 -12.47
CA MET A 638 -13.69 -18.32 -13.17
C MET A 638 -13.74 -19.84 -13.18
N VAL A 639 -12.59 -20.51 -13.07
CA VAL A 639 -12.60 -21.96 -12.96
C VAL A 639 -13.38 -22.40 -11.72
N ILE A 640 -13.05 -21.82 -10.56
CA ILE A 640 -13.76 -22.14 -9.32
C ILE A 640 -15.20 -21.66 -9.39
N PHE A 641 -15.42 -20.50 -10.04
CA PHE A 641 -16.77 -20.00 -10.22
C PHE A 641 -17.63 -21.01 -10.98
N ILE A 642 -17.08 -21.58 -12.05
CA ILE A 642 -17.79 -22.59 -12.83
C ILE A 642 -17.99 -23.86 -12.01
N MET A 643 -17.03 -24.21 -11.17
CA MET A 643 -17.20 -25.38 -10.31
C MET A 643 -18.41 -25.21 -9.38
N VAL A 644 -18.49 -24.07 -8.69
CA VAL A 644 -19.63 -23.82 -7.81
C VAL A 644 -20.92 -23.72 -8.61
N PHE A 645 -20.84 -23.15 -9.82
CA PHE A 645 -22.00 -23.06 -10.69
C PHE A 645 -22.52 -24.44 -11.04
N VAL A 646 -21.63 -25.37 -11.39
CA VAL A 646 -22.03 -26.74 -11.71
C VAL A 646 -22.66 -27.40 -10.49
N ALA A 647 -22.05 -27.20 -9.32
CA ALA A 647 -22.62 -27.70 -8.07
C ALA A 647 -24.09 -27.30 -7.94
N PHE A 648 -24.35 -25.99 -7.92
CA PHE A 648 -25.71 -25.51 -7.69
C PHE A 648 -26.63 -25.89 -8.84
N MET A 649 -26.13 -25.88 -10.07
CA MET A 649 -26.94 -26.23 -11.23
C MET A 649 -27.46 -27.66 -11.12
N ILE A 650 -26.56 -28.59 -10.79
CA ILE A 650 -26.98 -29.99 -10.69
C ILE A 650 -27.90 -30.19 -9.49
N GLY A 651 -27.62 -29.51 -8.38
CA GLY A 651 -28.52 -29.61 -7.24
C GLY A 651 -29.93 -29.14 -7.55
N MET A 652 -30.04 -27.96 -8.16
CA MET A 652 -31.35 -27.41 -8.49
C MET A 652 -32.06 -28.25 -9.55
N PHE A 653 -31.31 -28.78 -10.52
CA PHE A 653 -31.92 -29.63 -11.54
C PHE A 653 -32.46 -30.92 -10.93
N ASN A 654 -31.71 -31.52 -10.00
CA ASN A 654 -32.23 -32.72 -9.34
C ASN A 654 -33.42 -32.41 -8.45
N LEU A 655 -33.48 -31.20 -7.88
CA LEU A 655 -34.59 -30.86 -7.01
C LEU A 655 -35.90 -30.72 -7.80
N TYR A 656 -35.86 -29.99 -8.92
CA TYR A 656 -37.07 -29.61 -9.65
C TYR A 656 -37.27 -30.42 -10.93
N SER A 657 -36.62 -31.59 -11.05
CA SER A 657 -36.73 -32.37 -12.28
C SER A 657 -38.15 -32.90 -12.49
N TYR A 658 -38.81 -33.33 -11.41
CA TYR A 658 -40.10 -34.00 -11.53
C TYR A 658 -41.24 -33.02 -11.81
N TYR A 659 -41.19 -31.82 -11.21
CA TYR A 659 -42.28 -30.85 -11.33
C TYR A 659 -42.14 -30.07 -12.63
N ILE A 660 -42.29 -30.79 -13.74
CA ILE A 660 -42.21 -30.16 -15.05
C ILE A 660 -43.42 -29.28 -15.31
N GLY A 661 -44.61 -29.75 -14.94
CA GLY A 661 -45.82 -28.98 -15.19
C GLY A 661 -46.33 -28.21 -13.99
N ALA A 662 -45.91 -28.61 -12.79
CA ALA A 662 -46.35 -27.93 -11.58
C ALA A 662 -45.73 -26.54 -11.44
N LYS A 663 -44.50 -26.38 -11.91
CA LYS A 663 -43.81 -25.10 -11.80
C LYS A 663 -44.50 -24.04 -12.64
N GLN A 664 -44.46 -22.79 -12.13
CA GLN A 664 -45.04 -21.68 -12.88
C GLN A 664 -44.26 -21.39 -14.16
N ASN A 665 -42.95 -21.61 -14.14
CA ASN A 665 -42.10 -21.46 -15.32
C ASN A 665 -41.19 -22.68 -15.43
N GLU A 666 -40.46 -22.74 -16.55
CA GLU A 666 -39.59 -23.88 -16.84
C GLU A 666 -38.15 -23.65 -16.40
N ALA A 667 -37.94 -22.94 -15.30
CA ALA A 667 -36.60 -22.48 -14.94
C ALA A 667 -35.67 -23.64 -14.61
N PHE A 668 -36.10 -24.54 -13.74
CA PHE A 668 -35.25 -25.63 -13.26
C PHE A 668 -35.78 -27.00 -13.68
N THR A 669 -36.38 -27.07 -14.87
CA THR A 669 -36.94 -28.34 -15.34
C THR A 669 -35.87 -29.21 -16.00
N THR A 670 -35.10 -28.64 -16.92
CA THR A 670 -34.05 -29.37 -17.63
C THR A 670 -32.69 -28.80 -17.27
N VAL A 671 -31.64 -29.51 -17.70
CA VAL A 671 -30.28 -29.08 -17.42
C VAL A 671 -29.98 -27.75 -18.11
N GLU A 672 -30.40 -27.61 -19.37
CA GLU A 672 -30.20 -26.36 -20.09
C GLU A 672 -30.91 -25.20 -19.40
N GLU A 673 -32.16 -25.43 -18.99
CA GLU A 673 -32.93 -24.38 -18.34
C GLU A 673 -32.33 -24.01 -16.99
N SER A 674 -31.88 -25.00 -16.21
CA SER A 674 -31.24 -24.72 -14.93
C SER A 674 -29.95 -23.93 -15.12
N PHE A 675 -29.15 -24.32 -16.12
CA PHE A 675 -27.92 -23.58 -16.44
C PHE A 675 -28.25 -22.14 -16.79
N LYS A 676 -29.25 -21.93 -17.63
CA LYS A 676 -29.62 -20.58 -18.05
C LYS A 676 -30.11 -19.74 -16.88
N THR A 677 -30.96 -20.32 -16.03
CA THR A 677 -31.50 -19.58 -14.90
C THR A 677 -30.39 -19.20 -13.92
N LEU A 678 -29.50 -20.14 -13.61
CA LEU A 678 -28.43 -19.82 -12.67
C LEU A 678 -27.42 -18.84 -13.27
N PHE A 679 -27.18 -18.90 -14.58
CA PHE A 679 -26.30 -17.92 -15.20
C PHE A 679 -26.90 -16.53 -15.13
N TRP A 680 -28.20 -16.39 -15.44
CA TRP A 680 -28.80 -15.07 -15.42
C TRP A 680 -29.05 -14.58 -14.00
N ALA A 681 -29.06 -15.47 -13.00
CA ALA A 681 -29.14 -15.03 -11.62
C ALA A 681 -27.91 -14.22 -11.21
N ILE A 682 -26.78 -14.42 -11.89
CA ILE A 682 -25.56 -13.67 -11.56
C ILE A 682 -25.77 -12.18 -11.80
N PHE A 683 -26.40 -11.83 -12.91
CA PHE A 683 -26.65 -10.44 -13.28
C PHE A 683 -27.97 -9.92 -12.76
N GLY A 684 -28.68 -10.69 -11.94
CA GLY A 684 -29.94 -10.25 -11.38
C GLY A 684 -31.11 -10.27 -12.33
N LEU A 685 -30.98 -10.93 -13.48
CA LEU A 685 -32.04 -10.96 -14.48
C LEU A 685 -32.98 -12.14 -14.31
N SER A 686 -32.80 -12.94 -13.27
CA SER A 686 -33.67 -14.08 -12.98
C SER A 686 -34.50 -13.75 -11.73
N GLU A 687 -35.82 -13.96 -11.83
CA GLU A 687 -36.74 -13.59 -10.77
C GLU A 687 -36.75 -14.66 -9.68
N VAL A 688 -37.52 -14.38 -8.62
CA VAL A 688 -37.65 -15.32 -7.51
C VAL A 688 -38.83 -16.28 -7.69
N LYS A 689 -39.74 -15.98 -8.61
CA LYS A 689 -40.89 -16.86 -8.85
C LYS A 689 -40.48 -18.20 -9.43
N SER A 690 -39.24 -18.35 -9.88
CA SER A 690 -38.73 -19.62 -10.37
C SER A 690 -38.59 -20.68 -9.29
N VAL A 691 -38.95 -20.36 -8.04
CA VAL A 691 -38.92 -21.31 -6.95
C VAL A 691 -40.31 -21.79 -6.56
N VAL A 692 -41.35 -20.99 -6.81
CA VAL A 692 -42.70 -21.33 -6.37
C VAL A 692 -43.23 -22.52 -7.17
N ILE A 693 -43.97 -23.40 -6.49
CA ILE A 693 -44.61 -24.55 -7.09
C ILE A 693 -46.11 -24.46 -6.85
N ASN A 694 -46.89 -24.75 -7.89
CA ASN A 694 -48.35 -24.69 -7.78
C ASN A 694 -48.92 -25.78 -6.88
N TYR A 695 -48.14 -26.81 -6.54
CA TYR A 695 -48.64 -27.88 -5.69
C TYR A 695 -48.58 -27.47 -4.21
N ASN A 696 -49.25 -28.27 -3.38
CA ASN A 696 -49.35 -27.96 -1.95
C ASN A 696 -48.04 -28.21 -1.21
N HIS A 697 -47.12 -28.98 -1.79
CA HIS A 697 -45.89 -29.37 -1.10
C HIS A 697 -45.00 -28.15 -0.90
N LYS A 698 -44.92 -27.67 0.34
CA LYS A 698 -44.04 -26.56 0.69
C LYS A 698 -42.64 -27.00 1.08
N PHE A 699 -42.42 -28.31 1.30
CA PHE A 699 -41.09 -28.79 1.67
C PHE A 699 -40.10 -28.54 0.54
N ILE A 700 -40.43 -28.98 -0.67
CA ILE A 700 -39.51 -28.81 -1.80
C ILE A 700 -39.41 -27.34 -2.17
N GLU A 701 -40.52 -26.59 -2.07
CA GLU A 701 -40.46 -25.16 -2.39
C GLU A 701 -39.53 -24.42 -1.45
N ASN A 702 -39.58 -24.72 -0.15
CA ASN A 702 -38.68 -24.07 0.79
C ASN A 702 -37.25 -24.56 0.66
N ILE A 703 -37.06 -25.84 0.32
CA ILE A 703 -35.71 -26.32 0.01
C ILE A 703 -35.13 -25.54 -1.15
N GLY A 704 -35.93 -25.32 -2.20
CA GLY A 704 -35.47 -24.53 -3.33
C GLY A 704 -35.20 -23.08 -2.96
N TYR A 705 -36.04 -22.51 -2.09
CA TYR A 705 -35.80 -21.14 -1.62
C TYR A 705 -34.45 -21.05 -0.91
N VAL A 706 -34.18 -22.00 0.00
CA VAL A 706 -32.92 -21.98 0.74
C VAL A 706 -31.74 -22.18 -0.20
N LEU A 707 -31.85 -23.12 -1.13
CA LEU A 707 -30.74 -23.37 -2.06
C LEU A 707 -30.48 -22.15 -2.95
N TYR A 708 -31.53 -21.52 -3.45
CA TYR A 708 -31.38 -20.34 -4.29
C TYR A 708 -30.79 -19.18 -3.51
N GLY A 709 -31.22 -19.00 -2.26
CA GLY A 709 -30.63 -17.95 -1.43
C GLY A 709 -29.16 -18.18 -1.14
N VAL A 710 -28.80 -19.44 -0.84
CA VAL A 710 -27.40 -19.77 -0.61
C VAL A 710 -26.58 -19.53 -1.87
N TYR A 711 -27.14 -19.90 -3.04
CA TYR A 711 -26.45 -19.67 -4.30
C TYR A 711 -26.22 -18.19 -4.54
N ASN A 712 -27.25 -17.36 -4.31
CA ASN A 712 -27.12 -15.92 -4.52
C ASN A 712 -26.11 -15.31 -3.56
N VAL A 713 -26.12 -15.74 -2.29
CA VAL A 713 -25.15 -15.23 -1.33
C VAL A 713 -23.74 -15.61 -1.75
N THR A 714 -23.54 -16.86 -2.17
CA THR A 714 -22.22 -17.32 -2.57
C THR A 714 -21.72 -16.57 -3.82
N MET A 715 -22.59 -16.38 -4.80
CA MET A 715 -22.16 -15.81 -6.07
C MET A 715 -22.08 -14.29 -6.00
N VAL A 716 -23.21 -13.62 -5.79
CA VAL A 716 -23.26 -12.17 -5.92
C VAL A 716 -22.43 -11.49 -4.82
N ILE A 717 -22.54 -11.98 -3.59
CA ILE A 717 -21.91 -11.32 -2.46
C ILE A 717 -20.48 -11.82 -2.25
N VAL A 718 -20.32 -13.12 -2.07
CA VAL A 718 -19.02 -13.65 -1.67
C VAL A 718 -18.06 -13.71 -2.86
N LEU A 719 -18.41 -14.49 -3.89
CA LEU A 719 -17.49 -14.74 -4.98
C LEU A 719 -17.17 -13.47 -5.76
N LEU A 720 -18.19 -12.64 -6.02
CA LEU A 720 -17.93 -11.42 -6.80
C LEU A 720 -17.03 -10.44 -6.05
N ASN A 721 -17.26 -10.27 -4.74
CA ASN A 721 -16.40 -9.40 -3.96
C ASN A 721 -14.98 -9.95 -3.87
N MET A 722 -14.83 -11.27 -3.74
CA MET A 722 -13.49 -11.84 -3.73
C MET A 722 -12.81 -11.70 -5.09
N LEU A 723 -13.58 -11.76 -6.18
CA LEU A 723 -13.03 -11.48 -7.50
C LEU A 723 -12.55 -10.04 -7.60
N ILE A 724 -13.33 -9.10 -7.05
CA ILE A 724 -12.90 -7.70 -7.04
C ILE A 724 -11.60 -7.54 -6.26
N ALA A 725 -11.51 -8.20 -5.10
CA ALA A 725 -10.29 -8.11 -4.30
C ALA A 725 -9.09 -8.70 -5.04
N MET A 726 -9.29 -9.84 -5.71
CA MET A 726 -8.22 -10.45 -6.49
C MET A 726 -7.77 -9.54 -7.62
N ILE A 727 -8.72 -8.90 -8.30
CA ILE A 727 -8.38 -7.98 -9.39
C ILE A 727 -7.59 -6.80 -8.87
N ASN A 728 -7.99 -6.25 -7.72
CA ASN A 728 -7.23 -5.13 -7.13
C ASN A 728 -5.82 -5.56 -6.76
N SER A 729 -5.68 -6.74 -6.13
CA SER A 729 -4.35 -7.21 -5.72
C SER A 729 -3.44 -7.42 -6.93
N SER A 730 -3.99 -7.97 -8.01
CA SER A 730 -3.19 -8.12 -9.23
C SER A 730 -2.84 -6.77 -9.84
N PHE A 731 -3.82 -5.86 -9.92
CA PHE A 731 -3.62 -4.57 -10.58
C PHE A 731 -2.60 -3.72 -9.86
N GLN A 732 -2.43 -3.92 -8.56
CA GLN A 732 -1.36 -3.21 -7.84
C GLN A 732 0.01 -3.49 -8.49
N GLU A 733 0.41 -4.76 -8.51
CA GLU A 733 1.70 -5.11 -9.09
C GLU A 733 1.73 -4.89 -10.60
N ILE A 734 0.57 -4.93 -11.25
CA ILE A 734 0.52 -4.58 -12.68
C ILE A 734 0.91 -3.12 -12.89
N GLU A 735 0.35 -2.24 -12.05
CA GLU A 735 0.70 -0.82 -12.10
C GLU A 735 2.14 -0.57 -11.67
N ASP A 736 2.72 -1.48 -10.89
CA ASP A 736 4.13 -1.32 -10.50
C ASP A 736 5.06 -1.25 -11.71
N ASP A 737 4.73 -1.94 -12.80
CA ASP A 737 5.62 -2.02 -13.96
C ASP A 737 4.85 -1.86 -15.26
N ALA A 738 3.88 -0.93 -15.28
CA ALA A 738 3.03 -0.77 -16.46
C ALA A 738 3.78 -0.11 -17.62
N ASP A 739 4.57 0.92 -17.32
CA ASP A 739 5.26 1.67 -18.38
C ASP A 739 6.21 0.78 -19.17
N VAL A 740 7.03 0.00 -18.46
CA VAL A 740 8.03 -0.83 -19.13
C VAL A 740 7.37 -1.94 -19.94
N GLU A 741 6.31 -2.55 -19.40
CA GLU A 741 5.60 -3.58 -20.15
C GLU A 741 4.95 -3.01 -21.41
N TRP A 742 4.35 -1.81 -21.30
CA TRP A 742 3.79 -1.19 -22.49
C TRP A 742 4.86 -0.86 -23.51
N LYS A 743 6.02 -0.41 -23.05
CA LYS A 743 7.13 -0.14 -23.97
C LYS A 743 7.54 -1.41 -24.71
N PHE A 744 7.64 -2.53 -23.99
CA PHE A 744 8.00 -3.79 -24.64
C PHE A 744 6.94 -4.23 -25.64
N ALA A 745 5.65 -4.07 -25.29
CA ALA A 745 4.59 -4.44 -26.22
C ALA A 745 4.65 -3.58 -27.48
N ARG A 746 4.87 -2.28 -27.33
CA ARG A 746 4.98 -1.40 -28.49
C ARG A 746 6.20 -1.74 -29.33
N ALA A 747 7.30 -2.15 -28.68
CA ALA A 747 8.48 -2.58 -29.41
C ALA A 747 8.20 -3.84 -30.23
N LYS A 748 7.46 -4.79 -29.65
CA LYS A 748 7.06 -5.98 -30.40
C LYS A 748 6.18 -5.59 -31.59
N LEU A 749 5.26 -4.65 -31.38
CA LEU A 749 4.41 -4.18 -32.48
C LEU A 749 5.25 -3.57 -33.60
N TRP A 750 6.25 -2.76 -33.24
CA TRP A 750 7.12 -2.16 -34.24
C TRP A 750 7.92 -3.23 -34.99
N PHE A 751 8.48 -4.20 -34.26
CA PHE A 751 9.27 -5.25 -34.90
C PHE A 751 8.43 -6.15 -35.79
N SER A 752 7.13 -6.25 -35.52
CA SER A 752 6.27 -7.00 -36.43
C SER A 752 6.21 -6.36 -37.80
N TYR A 753 6.41 -5.03 -37.88
CA TYR A 753 6.37 -4.31 -39.15
C TYR A 753 7.75 -3.95 -39.69
N PHE A 754 8.82 -4.12 -38.90
CA PHE A 754 10.15 -3.79 -39.38
C PHE A 754 10.58 -4.66 -40.55
N GLU A 755 9.97 -5.83 -40.74
CA GLU A 755 10.36 -6.72 -41.82
C GLU A 755 10.01 -6.13 -43.18
N GLU A 756 10.77 -6.52 -44.19
CA GLU A 756 10.59 -6.04 -45.56
C GLU A 756 9.59 -6.86 -46.36
N GLY A 757 9.02 -7.91 -45.77
CA GLY A 757 8.14 -8.81 -46.49
C GLY A 757 6.84 -8.19 -46.98
N ARG A 758 5.97 -7.80 -46.04
CA ARG A 758 4.64 -7.31 -46.38
C ARG A 758 4.66 -5.79 -46.49
N THR A 759 4.19 -5.28 -47.63
CA THR A 759 4.03 -3.84 -47.85
C THR A 759 2.59 -3.46 -48.16
N LEU A 760 1.90 -4.23 -49.00
CA LEU A 760 0.51 -3.97 -49.33
C LEU A 760 -0.40 -4.40 -48.19
N PRO A 761 -1.52 -3.70 -47.98
CA PRO A 761 -2.48 -4.11 -46.94
C PRO A 761 -3.29 -5.33 -47.36
N VAL A 762 -4.29 -5.69 -46.55
CA VAL A 762 -5.14 -6.82 -46.88
C VAL A 762 -5.79 -6.69 -48.26
N PRO A 763 -6.37 -5.54 -48.63
CA PRO A 763 -6.80 -5.38 -50.03
C PRO A 763 -5.59 -5.33 -50.96
N PHE A 764 -5.81 -5.82 -52.19
CA PHE A 764 -4.80 -5.93 -53.23
C PHE A 764 -3.67 -6.88 -52.85
N ASN A 765 -3.81 -7.62 -51.75
CA ASN A 765 -2.80 -8.60 -51.35
C ASN A 765 -2.87 -9.86 -52.20
N LEU A 766 -4.06 -10.21 -52.69
CA LEU A 766 -4.22 -11.47 -53.42
C LEU A 766 -3.36 -11.50 -54.68
N VAL A 767 -3.34 -10.40 -55.43
CA VAL A 767 -2.49 -10.34 -56.62
C VAL A 767 -1.03 -10.24 -56.19
N PRO A 768 -0.08 -10.85 -56.92
CA PRO A 768 1.34 -10.83 -56.58
C PRO A 768 1.92 -9.41 -56.53
N ARG A 853 40.04 -3.76 -33.07
CA ARG A 853 39.23 -2.96 -33.98
C ARG A 853 38.39 -1.94 -33.21
N GLN A 854 37.51 -1.23 -33.93
CA GLN A 854 36.69 -0.20 -33.30
C GLN A 854 35.75 -0.81 -32.26
N TYR A 855 35.10 -1.91 -32.60
CA TYR A 855 34.15 -2.54 -31.67
C TYR A 855 34.86 -3.01 -30.40
N GLN A 856 36.06 -3.58 -30.55
CA GLN A 856 36.81 -4.01 -29.37
C GLN A 856 37.18 -2.82 -28.49
N LYS A 857 37.60 -1.71 -29.10
CA LYS A 857 37.91 -0.52 -28.33
C LYS A 857 36.68 -0.02 -27.57
N ILE A 858 35.53 0.03 -28.23
CA ILE A 858 34.32 0.52 -27.59
C ILE A 858 33.92 -0.39 -26.44
N MET A 859 34.01 -1.71 -26.66
CA MET A 859 33.66 -2.65 -25.59
C MET A 859 34.60 -2.51 -24.40
N LYS A 860 35.90 -2.35 -24.65
CA LYS A 860 36.85 -2.16 -23.56
C LYS A 860 36.53 -0.90 -22.77
N ARG A 861 36.25 0.20 -23.48
CA ARG A 861 35.91 1.46 -22.83
C ARG A 861 34.65 1.32 -21.98
N LEU A 862 33.61 0.70 -22.54
CA LEU A 862 32.35 0.58 -21.83
C LEU A 862 32.48 -0.36 -20.63
N ILE A 863 33.29 -1.41 -20.74
CA ILE A 863 33.49 -2.31 -19.61
C ILE A 863 34.23 -1.61 -18.49
N LYS A 864 35.26 -0.82 -18.83
CA LYS A 864 35.94 -0.06 -17.79
C LYS A 864 34.99 0.91 -17.11
N ARG A 865 34.16 1.60 -17.90
CA ARG A 865 33.19 2.53 -17.33
C ARG A 865 32.21 1.81 -16.43
N TYR A 866 31.76 0.62 -16.84
CA TYR A 866 30.83 -0.14 -16.00
C TYR A 866 31.47 -0.57 -14.71
N VAL A 867 32.73 -0.99 -14.75
CA VAL A 867 33.43 -1.37 -13.51
C VAL A 867 33.49 -0.18 -12.56
N LEU A 868 33.86 0.99 -13.08
CA LEU A 868 33.94 2.16 -12.23
C LEU A 868 32.57 2.53 -11.65
N GLN A 869 31.52 2.50 -12.49
CA GLN A 869 30.20 2.87 -12.02
C GLN A 869 29.67 1.86 -11.00
N ALA A 870 29.95 0.58 -11.20
CA ALA A 870 29.53 -0.44 -10.23
C ALA A 870 30.24 -0.24 -8.90
N GLN A 871 31.53 0.09 -8.93
CA GLN A 871 32.24 0.36 -7.68
C GLN A 871 31.64 1.57 -6.97
N ILE A 872 31.31 2.63 -7.73
CA ILE A 872 30.70 3.81 -7.12
C ILE A 872 29.33 3.46 -6.50
N ASP A 873 28.52 2.70 -7.23
CA ASP A 873 27.19 2.33 -6.73
C ASP A 873 27.31 1.45 -5.49
N LYS A 874 28.33 0.58 -5.44
CA LYS A 874 28.60 -0.18 -4.23
C LYS A 874 28.98 0.74 -3.08
N GLU A 875 29.81 1.75 -3.36
CA GLU A 875 30.13 2.75 -2.35
C GLU A 875 28.89 3.53 -1.89
N SER A 876 27.85 3.53 -2.70
CA SER A 876 26.62 4.24 -2.37
C SER A 876 25.70 3.46 -1.43
N ASP A 877 26.25 2.43 -0.79
CA ASP A 877 25.48 1.60 0.13
C ASP A 877 25.62 2.12 1.56
N GLU A 878 24.70 1.73 2.44
CA GLU A 878 24.75 2.18 3.82
C GLU A 878 25.79 1.41 4.59
N VAL A 879 26.46 2.09 5.52
CA VAL A 879 27.45 1.44 6.35
C VAL A 879 26.71 0.53 7.30
N ASN A 880 27.30 -0.63 7.59
CA ASN A 880 26.70 -1.58 8.51
C ASN A 880 27.68 -1.89 9.62
N GLU A 881 27.22 -2.53 10.68
CA GLU A 881 28.05 -2.85 11.82
C GLU A 881 29.41 -3.46 11.53
N GLY A 882 29.46 -4.42 10.61
CA GLY A 882 30.72 -5.07 10.29
C GLY A 882 31.74 -4.11 9.74
N GLU A 883 31.28 -3.25 8.84
CA GLU A 883 32.14 -2.29 8.19
C GLU A 883 32.73 -1.34 9.23
N LEU A 884 31.91 -0.85 10.13
CA LEU A 884 32.39 0.07 11.15
C LEU A 884 33.36 -0.60 12.10
N LYS A 885 33.14 -1.87 12.38
CA LYS A 885 34.02 -2.61 13.26
C LYS A 885 35.41 -2.74 12.68
N GLU A 886 35.49 -2.94 11.38
CA GLU A 886 36.78 -3.07 10.72
C GLU A 886 37.59 -1.82 10.96
N ILE A 887 36.91 -0.70 11.08
CA ILE A 887 37.57 0.58 11.35
C ILE A 887 38.01 0.66 12.81
N LYS A 888 37.17 0.19 13.73
CA LYS A 888 37.53 0.20 15.14
C LYS A 888 38.77 -0.64 15.41
N GLN A 889 38.85 -1.82 14.78
CA GLN A 889 40.05 -2.65 14.91
C GLN A 889 41.28 -1.96 14.34
N ASP A 890 41.16 -1.03 13.34
CA ASP A 890 42.30 -0.28 12.80
C ASP A 890 42.89 0.61 13.87
N ILE A 891 41.90 1.28 14.52
CA ILE A 891 42.34 2.18 15.58
C ILE A 891 42.99 1.40 16.71
N SER A 892 42.45 0.22 17.02
CA SER A 892 43.03 -0.61 18.08
C SER A 892 44.47 -0.99 17.75
N SER A 893 44.70 -1.50 16.54
CA SER A 893 46.06 -1.88 16.13
C SER A 893 46.98 -0.67 16.10
N LEU A 894 46.48 0.47 15.61
CA LEU A 894 47.30 1.69 15.62
C LEU A 894 47.69 2.08 17.04
N ARG A 895 46.75 1.99 17.98
CA ARG A 895 47.05 2.32 19.37
C ARG A 895 48.12 1.38 19.93
N TYR A 896 48.01 0.08 19.65
CA TYR A 896 49.01 -0.86 20.15
C TYR A 896 50.39 -0.53 19.59
N GLU A 897 50.47 -0.26 18.28
CA GLU A 897 51.75 0.07 17.67
C GLU A 897 52.35 1.34 18.27
N LEU A 898 51.52 2.37 18.44
CA LEU A 898 52.02 3.64 18.95
C LEU A 898 52.47 3.53 20.40
N LEU A 899 51.71 2.79 21.23
CA LEU A 899 52.10 2.62 22.62
C LEU A 899 53.38 1.80 22.73
N GLU A 900 53.54 0.78 21.88
CA GLU A 900 54.79 0.04 21.87
C GLU A 900 55.97 0.93 21.49
N GLU A 901 55.79 1.78 20.47
CA GLU A 901 56.87 2.68 20.06
C GLU A 901 57.19 3.68 21.17
N LYS A 902 56.16 4.16 21.89
CA LYS A 902 56.38 5.06 23.01
C LYS A 902 57.13 4.37 24.14
N SER A 903 56.82 3.09 24.40
CA SER A 903 57.50 2.37 25.46
C SER A 903 58.99 2.23 25.18
N GLN A 904 59.36 1.97 23.93
CA GLN A 904 60.76 1.89 23.55
C GLN A 904 61.42 3.27 23.60
N LEU B 95 30.60 20.78 42.95
CA LEU B 95 30.64 19.32 42.94
C LEU B 95 32.02 18.82 43.35
N SER B 96 32.68 19.56 44.25
CA SER B 96 34.01 19.19 44.75
C SER B 96 34.99 19.03 43.59
N ILE B 97 35.32 20.17 42.98
CA ILE B 97 35.90 20.28 41.64
C ILE B 97 36.93 19.20 41.33
N GLU B 98 37.65 18.75 42.36
CA GLU B 98 38.51 17.57 42.18
C GLU B 98 37.69 16.37 41.72
N GLU B 99 36.54 16.12 42.37
CA GLU B 99 35.68 15.02 41.97
C GLU B 99 35.12 15.21 40.57
N GLU B 100 34.72 16.45 40.24
CA GLU B 100 34.20 16.72 38.91
C GLU B 100 35.26 16.48 37.83
N ARG B 101 36.50 16.90 38.11
CA ARG B 101 37.59 16.65 37.19
C ARG B 101 37.86 15.15 37.05
N PHE B 102 37.80 14.40 38.16
CA PHE B 102 37.99 12.96 38.09
C PHE B 102 36.92 12.28 37.24
N LEU B 103 35.65 12.67 37.44
CA LEU B 103 34.57 12.10 36.65
C LEU B 103 34.72 12.47 35.17
N ASP B 104 35.10 13.73 34.91
CA ASP B 104 35.29 14.18 33.53
C ASP B 104 36.39 13.37 32.85
N ALA B 105 37.50 13.13 33.56
CA ALA B 105 38.58 12.33 33.00
C ALA B 105 38.14 10.88 32.77
N ALA B 106 37.39 10.31 33.73
CA ALA B 106 36.96 8.93 33.60
C ALA B 106 36.01 8.75 32.43
N GLU B 107 35.10 9.70 32.21
CA GLU B 107 34.09 9.55 31.17
C GLU B 107 34.73 9.56 29.78
N TYR B 108 35.72 10.43 29.56
CA TYR B 108 36.31 10.64 28.24
C TYR B 108 37.67 9.98 28.09
N GLY B 109 37.92 8.90 28.83
CA GLY B 109 39.09 8.08 28.61
C GLY B 109 40.43 8.76 28.84
N ASN B 110 40.50 9.66 29.82
CA ASN B 110 41.76 10.30 30.19
C ASN B 110 42.46 9.38 31.19
N ILE B 111 43.06 8.32 30.66
CA ILE B 111 43.68 7.29 31.50
C ILE B 111 44.78 7.86 32.40
N PRO B 112 45.72 8.67 31.90
CA PRO B 112 46.78 9.17 32.80
C PRO B 112 46.27 9.94 34.00
N VAL B 113 45.26 10.79 33.80
CA VAL B 113 44.75 11.58 34.90
C VAL B 113 44.07 10.71 35.95
N VAL B 114 43.25 9.75 35.52
CA VAL B 114 42.57 8.88 36.47
C VAL B 114 43.58 7.99 37.20
N ARG B 115 44.62 7.53 36.50
CA ARG B 115 45.65 6.73 37.16
C ARG B 115 46.41 7.55 38.19
N LYS B 116 46.80 8.78 37.85
CA LYS B 116 47.53 9.62 38.79
C LYS B 116 46.66 9.96 40.00
N MET B 117 45.36 10.19 39.78
CA MET B 117 44.47 10.47 40.90
C MET B 117 44.31 9.25 41.79
N LEU B 118 44.15 8.06 41.20
CA LEU B 118 44.05 6.85 42.01
C LEU B 118 45.33 6.59 42.78
N GLU B 119 46.47 7.06 42.27
CA GLU B 119 47.73 6.82 42.96
C GLU B 119 48.02 7.85 44.05
N GLU B 120 47.69 9.12 43.81
CA GLU B 120 48.22 10.21 44.63
C GLU B 120 47.19 11.04 45.36
N CYS B 121 45.89 10.77 45.22
CA CYS B 121 44.90 11.60 45.89
C CYS B 121 44.77 11.26 47.37
N HIS B 122 44.40 10.01 47.67
CA HIS B 122 44.21 9.48 49.02
C HIS B 122 43.03 10.13 49.75
N SER B 123 42.34 11.09 49.11
CA SER B 123 41.14 11.68 49.68
C SER B 123 40.01 11.79 48.68
N LEU B 124 40.24 11.46 47.41
CA LEU B 124 39.19 11.48 46.40
C LEU B 124 38.15 10.40 46.69
N ASN B 125 36.88 10.77 46.58
CA ASN B 125 35.79 9.82 46.74
C ASN B 125 35.63 9.06 45.43
N VAL B 126 35.96 7.77 45.43
CA VAL B 126 35.89 6.98 44.21
C VAL B 126 34.45 6.82 43.74
N ASN B 127 33.52 6.69 44.68
CA ASN B 127 32.13 6.42 44.36
C ASN B 127 31.31 7.69 44.10
N CYS B 128 31.96 8.83 43.88
CA CYS B 128 31.21 10.04 43.56
C CYS B 128 30.52 9.90 42.21
N VAL B 129 29.31 10.46 42.11
CA VAL B 129 28.48 10.30 40.93
C VAL B 129 28.30 11.66 40.25
N ASP B 130 27.98 11.60 38.96
CA ASP B 130 27.75 12.80 38.16
C ASP B 130 26.28 13.22 38.28
N TYR B 131 25.85 14.13 37.41
CA TYR B 131 24.48 14.65 37.48
C TYR B 131 23.42 13.58 37.29
N MET B 132 23.77 12.47 36.63
CA MET B 132 22.84 11.37 36.42
C MET B 132 23.03 10.22 37.41
N GLY B 133 23.79 10.44 38.48
CA GLY B 133 24.04 9.38 39.45
C GLY B 133 24.86 8.24 38.92
N GLN B 134 25.85 8.53 38.08
CA GLN B 134 26.76 7.53 37.53
C GLN B 134 28.15 7.79 38.09
N ASN B 135 28.75 6.78 38.72
CA ASN B 135 30.09 6.93 39.25
C ASN B 135 31.11 6.75 38.13
N ALA B 136 32.39 6.71 38.49
CA ALA B 136 33.44 6.57 37.47
C ALA B 136 33.31 5.25 36.74
N LEU B 137 33.04 4.16 37.46
CA LEU B 137 32.97 2.85 36.84
C LEU B 137 31.84 2.78 35.81
N GLN B 138 30.67 3.31 36.16
CA GLN B 138 29.54 3.26 35.23
C GLN B 138 29.82 4.09 33.98
N LEU B 139 30.45 5.25 34.14
CA LEU B 139 30.81 6.06 32.98
C LEU B 139 31.82 5.35 32.10
N ALA B 140 32.86 4.77 32.72
CA ALA B 140 33.89 4.08 31.94
C ALA B 140 33.32 2.89 31.19
N VAL B 141 32.44 2.12 31.83
CA VAL B 141 31.79 1.01 31.14
C VAL B 141 30.91 1.53 30.02
N ALA B 142 30.16 2.60 30.27
CA ALA B 142 29.24 3.12 29.27
C ALA B 142 29.96 3.60 28.02
N ASN B 143 31.09 4.28 28.20
CA ASN B 143 31.87 4.80 27.08
C ASN B 143 32.90 3.80 26.55
N GLU B 144 32.87 2.58 27.05
CA GLU B 144 33.75 1.51 26.58
C GLU B 144 35.22 1.91 26.70
N HIS B 145 35.70 2.11 27.96
CA HIS B 145 37.11 2.35 28.28
C HIS B 145 37.62 1.15 29.07
N LEU B 146 38.53 0.38 28.47
CA LEU B 146 38.96 -0.87 29.08
C LEU B 146 40.04 -0.66 30.15
N GLU B 147 41.04 0.18 29.85
CA GLU B 147 42.12 0.40 30.80
C GLU B 147 41.60 1.08 32.07
N ILE B 148 40.71 2.06 31.91
CA ILE B 148 40.09 2.70 33.07
C ILE B 148 39.27 1.68 33.85
N THR B 149 38.57 0.79 33.14
CA THR B 149 37.79 -0.24 33.81
C THR B 149 38.68 -1.13 34.67
N GLU B 150 39.82 -1.58 34.11
CA GLU B 150 40.73 -2.41 34.88
C GLU B 150 41.30 -1.66 36.07
N LEU B 151 41.68 -0.39 35.87
CA LEU B 151 42.22 0.41 36.96
C LEU B 151 41.21 0.56 38.10
N LEU B 152 39.95 0.81 37.76
CA LEU B 152 38.91 0.94 38.79
C LEU B 152 38.65 -0.40 39.46
N LEU B 153 38.67 -1.49 38.69
CA LEU B 153 38.43 -2.81 39.27
C LEU B 153 39.50 -3.18 40.27
N LYS B 154 40.76 -2.82 39.99
CA LYS B 154 41.82 -3.07 40.96
C LYS B 154 41.60 -2.31 42.26
N LYS B 155 40.92 -1.16 42.20
CA LYS B 155 40.54 -0.45 43.41
C LYS B 155 39.47 -1.22 44.17
N GLU B 156 39.66 -1.39 45.48
CA GLU B 156 38.68 -2.05 46.31
C GLU B 156 37.58 -1.07 46.71
N ASN B 157 36.65 -1.53 47.54
CA ASN B 157 35.49 -0.78 48.02
C ASN B 157 34.81 0.01 46.91
N LEU B 158 34.80 -0.55 45.71
CA LEU B 158 34.19 0.08 44.55
C LEU B 158 32.76 -0.43 44.40
N SER B 159 31.79 0.48 44.52
CA SER B 159 30.39 0.10 44.41
C SER B 159 29.96 0.09 42.94
N ARG B 160 28.71 -0.34 42.71
CA ARG B 160 28.12 -0.39 41.38
C ARG B 160 28.93 -1.28 40.42
N VAL B 161 29.35 -2.45 40.92
CA VAL B 161 30.07 -3.40 40.08
C VAL B 161 29.10 -4.34 39.36
N GLY B 162 28.08 -4.84 40.06
CA GLY B 162 27.07 -5.66 39.40
C GLY B 162 26.33 -4.90 38.32
N ASP B 163 25.96 -3.65 38.60
CA ASP B 163 25.35 -2.82 37.57
C ASP B 163 26.32 -2.55 36.43
N ALA B 164 27.61 -2.39 36.74
CA ALA B 164 28.59 -2.22 35.69
C ALA B 164 28.63 -3.42 34.76
N LEU B 165 28.63 -4.63 35.33
CA LEU B 165 28.58 -5.83 34.51
C LEU B 165 27.30 -5.88 33.67
N LEU B 166 26.16 -5.54 34.28
CA LEU B 166 24.90 -5.58 33.54
C LEU B 166 24.92 -4.59 32.37
N LEU B 167 25.42 -3.37 32.62
CA LEU B 167 25.51 -2.38 31.56
C LEU B 167 26.46 -2.83 30.45
N ALA B 168 27.60 -3.40 30.84
CA ALA B 168 28.55 -3.90 29.83
C ALA B 168 27.91 -4.99 28.98
N ILE B 169 27.22 -5.93 29.62
CA ILE B 169 26.56 -7.00 28.88
C ILE B 169 25.52 -6.44 27.93
N SER B 170 24.71 -5.48 28.41
CA SER B 170 23.65 -4.92 27.58
C SER B 170 24.18 -4.17 26.37
N LYS B 171 25.42 -3.69 26.42
CA LYS B 171 26.04 -2.96 25.31
C LYS B 171 27.07 -3.80 24.56
N GLY B 172 27.10 -5.11 24.77
CA GLY B 172 28.14 -5.92 24.18
C GLY B 172 29.42 -5.86 24.97
N TYR B 173 30.44 -5.18 24.44
CA TYR B 173 31.69 -4.90 25.15
C TYR B 173 32.26 -6.17 25.79
N VAL B 174 32.60 -7.14 24.94
CA VAL B 174 32.99 -8.46 25.43
C VAL B 174 34.23 -8.37 26.30
N ARG B 175 35.22 -7.57 25.89
CA ARG B 175 36.44 -7.45 26.69
C ARG B 175 36.14 -6.87 28.07
N ILE B 176 35.28 -5.84 28.13
CA ILE B 176 34.94 -5.26 29.42
C ILE B 176 34.16 -6.26 30.27
N VAL B 177 33.27 -7.04 29.65
CA VAL B 177 32.52 -8.03 30.40
C VAL B 177 33.46 -9.06 31.01
N GLU B 178 34.43 -9.53 30.22
CA GLU B 178 35.40 -10.49 30.74
C GLU B 178 36.24 -9.87 31.86
N ALA B 179 36.64 -8.60 31.69
CA ALA B 179 37.41 -7.93 32.74
C ALA B 179 36.63 -7.82 34.04
N ILE B 180 35.34 -7.50 33.94
CA ILE B 180 34.52 -7.38 35.14
C ILE B 180 34.31 -8.75 35.78
N LEU B 181 34.11 -9.79 34.96
CA LEU B 181 33.86 -11.12 35.52
C LEU B 181 35.02 -11.61 36.37
N SER B 182 36.24 -11.13 36.09
CA SER B 182 37.40 -11.52 36.90
C SER B 182 37.40 -10.85 38.27
N HIS B 183 36.48 -9.90 38.52
CA HIS B 183 36.39 -9.29 39.83
C HIS B 183 36.03 -10.33 40.89
N PRO B 184 36.55 -10.19 42.12
CA PRO B 184 36.27 -11.20 43.15
C PRO B 184 34.79 -11.40 43.45
N ALA B 185 33.95 -10.38 43.22
CA ALA B 185 32.53 -10.51 43.50
C ALA B 185 31.85 -11.55 42.61
N PHE B 186 32.46 -11.88 41.46
CA PHE B 186 31.89 -12.84 40.51
C PHE B 186 32.70 -14.14 40.46
N ALA B 187 33.18 -14.60 41.61
CA ALA B 187 33.93 -15.85 41.69
C ALA B 187 32.95 -17.02 41.68
N GLU B 188 32.30 -17.20 40.52
CA GLU B 188 31.33 -18.27 40.24
C GLU B 188 30.25 -18.39 41.32
N GLY B 189 30.00 -17.33 42.07
CA GLY B 189 29.04 -17.39 43.17
C GLY B 189 27.85 -16.45 43.02
N LYS B 190 28.00 -15.40 42.21
CA LYS B 190 26.97 -14.39 42.04
C LYS B 190 26.24 -14.55 40.71
N ARG B 191 26.33 -15.71 40.08
CA ARG B 191 25.77 -15.90 38.75
C ARG B 191 24.36 -16.43 38.81
N LEU B 192 23.49 -15.86 37.97
CA LEU B 192 22.09 -16.25 37.87
C LEU B 192 21.38 -16.22 39.23
N ASP B 204 20.76 -9.47 48.36
CA ASP B 204 20.21 -8.63 47.31
C ASP B 204 20.92 -7.27 47.27
N ASP B 205 20.35 -6.33 46.52
CA ASP B 205 20.88 -4.98 46.32
C ASP B 205 22.24 -4.98 45.62
N PHE B 206 22.65 -6.11 45.05
CA PHE B 206 23.95 -6.20 44.40
C PHE B 206 23.94 -5.54 43.02
N TYR B 207 22.81 -5.56 42.33
CA TYR B 207 22.73 -5.05 40.96
C TYR B 207 22.12 -3.65 40.87
N ALA B 208 21.95 -2.97 42.00
CA ALA B 208 21.40 -1.62 41.97
C ALA B 208 22.40 -0.64 41.37
N TYR B 209 21.89 0.27 40.54
CA TYR B 209 22.72 1.28 39.90
C TYR B 209 22.67 2.64 40.60
N ASP B 210 21.91 2.74 41.69
CA ASP B 210 21.84 3.97 42.49
C ASP B 210 21.32 3.58 43.87
N GLU B 211 20.92 4.60 44.64
CA GLU B 211 20.35 4.33 45.96
C GLU B 211 19.02 3.58 45.85
N ASP B 212 18.18 3.97 44.90
CA ASP B 212 16.85 3.39 44.74
C ASP B 212 16.69 2.88 43.31
N GLY B 213 16.55 1.56 43.17
CA GLY B 213 16.22 0.95 41.90
C GLY B 213 17.42 0.30 41.23
N THR B 214 17.12 -0.41 40.14
CA THR B 214 18.12 -1.08 39.32
C THR B 214 17.94 -0.65 37.87
N ARG B 215 19.01 -0.77 37.09
CA ARG B 215 18.97 -0.32 35.70
C ARG B 215 17.93 -1.08 34.90
N PHE B 216 17.87 -2.39 35.08
CA PHE B 216 16.89 -3.25 34.41
C PHE B 216 15.94 -3.83 35.46
N SER B 217 15.04 -4.69 34.99
CA SER B 217 14.16 -5.40 35.91
C SER B 217 14.99 -6.20 36.91
N HIS B 218 14.53 -6.23 38.16
CA HIS B 218 15.32 -6.85 39.22
C HIS B 218 15.52 -8.34 38.97
N ASP B 219 14.59 -8.98 38.27
CA ASP B 219 14.70 -10.41 37.98
C ASP B 219 15.66 -10.71 36.83
N VAL B 220 16.07 -9.70 36.06
CA VAL B 220 16.92 -9.91 34.90
C VAL B 220 18.35 -10.13 35.40
N THR B 221 18.76 -11.39 35.47
CA THR B 221 20.12 -11.76 35.82
C THR B 221 21.03 -11.57 34.62
N PRO B 222 22.35 -11.57 34.82
CA PRO B 222 23.26 -11.38 33.66
C PRO B 222 23.02 -12.35 32.52
N ILE B 223 22.73 -13.63 32.81
CA ILE B 223 22.47 -14.58 31.74
C ILE B 223 21.22 -14.21 30.97
N ILE B 224 20.16 -13.79 31.68
CA ILE B 224 18.92 -13.40 31.01
C ILE B 224 19.16 -12.17 30.15
N LEU B 225 19.91 -11.19 30.67
CA LEU B 225 20.19 -9.99 29.89
C LEU B 225 21.00 -10.31 28.64
N ALA B 226 22.01 -11.17 28.78
CA ALA B 226 22.82 -11.55 27.62
C ALA B 226 21.97 -12.28 26.58
N ALA B 227 21.07 -13.16 27.03
CA ALA B 227 20.17 -13.83 26.10
C ALA B 227 19.26 -12.82 25.41
N HIS B 228 18.74 -11.84 26.15
CA HIS B 228 17.88 -10.82 25.57
C HIS B 228 18.60 -10.04 24.49
N CYS B 229 19.84 -9.63 24.76
CA CYS B 229 20.59 -8.83 23.80
C CYS B 229 21.20 -9.67 22.69
N GLN B 230 21.19 -11.01 22.82
CA GLN B 230 21.75 -11.90 21.82
C GLN B 230 23.24 -11.60 21.59
N GLU B 231 24.02 -11.72 22.66
CA GLU B 231 25.47 -11.58 22.61
C GLU B 231 26.06 -12.98 22.74
N TYR B 232 26.42 -13.58 21.60
CA TYR B 232 26.79 -14.99 21.59
C TYR B 232 28.04 -15.25 22.41
N GLU B 233 29.04 -14.38 22.33
CA GLU B 233 30.25 -14.56 23.13
C GLU B 233 29.94 -14.52 24.62
N ILE B 234 29.14 -13.53 25.04
CA ILE B 234 28.82 -13.38 26.45
C ILE B 234 27.93 -14.53 26.93
N VAL B 235 26.95 -14.93 26.10
CA VAL B 235 26.09 -16.05 26.46
C VAL B 235 26.93 -17.33 26.62
N HIS B 236 27.85 -17.57 25.69
CA HIS B 236 28.72 -18.74 25.79
C HIS B 236 29.57 -18.68 27.05
N THR B 237 30.13 -17.50 27.36
CA THR B 237 30.96 -17.37 28.56
C THR B 237 30.15 -17.66 29.82
N LEU B 238 28.96 -17.07 29.93
CA LEU B 238 28.14 -17.27 31.12
C LEU B 238 27.69 -18.72 31.23
N LEU B 239 27.31 -19.34 30.12
CA LEU B 239 26.94 -20.75 30.15
C LEU B 239 28.10 -21.62 30.61
N ARG B 240 29.32 -21.30 30.16
CA ARG B 240 30.49 -22.04 30.62
C ARG B 240 30.69 -21.87 32.12
N LYS B 241 30.22 -20.77 32.68
CA LYS B 241 30.29 -20.54 34.13
C LYS B 241 29.04 -21.03 34.86
N GLY B 242 28.20 -21.83 34.21
CA GLY B 242 27.05 -22.42 34.86
C GLY B 242 25.81 -21.58 34.92
N ALA B 243 25.82 -20.37 34.33
CA ALA B 243 24.62 -19.55 34.30
C ALA B 243 23.51 -20.26 33.53
N ARG B 244 22.31 -20.29 34.12
CA ARG B 244 21.16 -20.95 33.52
C ARG B 244 19.91 -20.14 33.76
N ILE B 245 19.04 -20.08 32.76
CA ILE B 245 17.71 -19.50 32.93
C ILE B 245 16.83 -20.53 33.62
N GLU B 246 15.98 -20.07 34.54
CA GLU B 246 15.33 -20.96 35.49
C GLU B 246 14.09 -21.65 34.93
N ARG B 247 13.65 -21.33 33.70
CA ARG B 247 12.47 -21.96 33.11
C ARG B 247 11.26 -21.81 34.02
N PRO B 248 10.63 -20.62 34.05
CA PRO B 248 9.59 -20.35 35.04
C PRO B 248 8.46 -21.38 35.03
N HIS B 249 7.82 -21.53 36.19
CA HIS B 249 6.80 -22.55 36.40
C HIS B 249 5.58 -22.35 35.50
N ASP B 250 4.62 -23.27 35.58
CA ASP B 250 3.41 -23.16 34.79
C ASP B 250 2.58 -21.96 35.24
N TYR B 251 1.68 -21.51 34.35
CA TYR B 251 0.86 -20.35 34.67
C TYR B 251 -0.04 -20.61 35.86
N PHE B 252 -0.63 -21.80 35.95
CA PHE B 252 -1.52 -22.16 37.04
C PHE B 252 -0.81 -22.89 38.18
N CYS B 253 0.48 -22.63 38.37
CA CYS B 253 1.21 -23.24 39.47
C CYS B 253 0.67 -22.76 40.81
N LYS B 254 0.67 -23.66 41.80
CA LYS B 254 0.09 -23.39 43.11
C LYS B 254 1.09 -23.54 44.24
N CYS B 255 2.39 -23.60 43.94
CA CYS B 255 3.38 -23.81 44.98
C CYS B 255 3.51 -22.56 45.86
N ASN B 256 4.19 -22.73 46.99
CA ASN B 256 4.27 -21.67 47.98
C ASN B 256 5.00 -20.44 47.43
N ASP B 257 6.11 -20.64 46.73
CA ASP B 257 6.90 -19.52 46.24
C ASP B 257 6.13 -18.73 45.18
N CYS B 258 5.54 -19.44 44.21
CA CYS B 258 4.74 -18.77 43.18
C CYS B 258 3.53 -18.08 43.79
N ASN B 259 2.90 -18.70 44.80
CA ASN B 259 1.76 -18.07 45.45
C ASN B 259 2.16 -16.78 46.16
N GLN B 260 3.30 -16.80 46.85
CA GLN B 260 3.79 -15.58 47.51
C GLN B 260 4.11 -14.50 46.49
N LYS B 261 4.75 -14.87 45.37
CA LYS B 261 5.06 -13.89 44.34
C LYS B 261 3.78 -13.30 43.74
N GLN B 262 2.75 -14.14 43.56
CA GLN B 262 1.49 -13.66 43.00
C GLN B 262 0.77 -12.73 43.96
N LYS B 263 0.71 -13.08 45.25
CA LYS B 263 0.00 -12.25 46.20
C LYS B 263 0.78 -11.01 46.61
N HIS B 264 2.09 -10.98 46.38
CA HIS B 264 2.88 -9.81 46.74
C HIS B 264 2.70 -8.68 45.74
N ASP B 265 3.02 -8.91 44.48
CA ASP B 265 2.99 -7.87 43.46
C ASP B 265 1.97 -8.15 42.36
N SER B 266 2.03 -9.34 41.76
CA SER B 266 1.09 -9.79 40.71
C SER B 266 1.32 -9.06 39.39
N PHE B 267 2.21 -8.07 39.38
CA PHE B 267 2.63 -7.41 38.16
C PHE B 267 4.11 -7.59 37.88
N SER B 268 4.95 -7.62 38.92
CA SER B 268 6.33 -8.02 38.74
C SER B 268 6.45 -9.50 38.43
N HIS B 269 5.47 -10.30 38.86
CA HIS B 269 5.50 -11.74 38.58
C HIS B 269 5.36 -12.02 37.09
N SER B 270 4.36 -11.39 36.45
CA SER B 270 4.18 -11.59 35.02
C SER B 270 5.36 -11.05 34.22
N ARG B 271 5.89 -9.89 34.64
CA ARG B 271 7.06 -9.34 33.94
C ARG B 271 8.28 -10.24 34.09
N SER B 272 8.49 -10.81 35.27
CA SER B 272 9.60 -11.74 35.45
C SER B 272 9.41 -12.98 34.60
N ARG B 273 8.17 -13.50 34.53
CA ARG B 273 7.89 -14.67 33.70
C ARG B 273 8.17 -14.39 32.23
N ILE B 274 7.70 -13.25 31.73
CA ILE B 274 7.90 -12.95 30.32
C ILE B 274 9.38 -12.65 30.03
N ASN B 275 10.10 -12.04 30.97
CA ASN B 275 11.53 -11.83 30.77
C ASN B 275 12.27 -13.16 30.72
N ALA B 276 11.92 -14.10 31.60
CA ALA B 276 12.56 -15.42 31.57
C ALA B 276 12.26 -16.13 30.26
N TYR B 277 11.03 -16.04 29.77
CA TYR B 277 10.69 -16.66 28.49
C TYR B 277 11.42 -15.99 27.33
N LYS B 278 11.54 -14.66 27.38
CA LYS B 278 12.27 -13.94 26.34
C LYS B 278 13.73 -14.36 26.31
N GLY B 279 14.33 -14.58 27.49
CA GLY B 279 15.66 -15.13 27.53
C GLY B 279 15.74 -16.54 26.98
N LEU B 280 14.77 -17.39 27.35
CA LEU B 280 14.77 -18.77 26.88
C LEU B 280 14.59 -18.85 25.36
N ALA B 281 13.71 -18.02 24.82
CA ALA B 281 13.37 -18.07 23.40
C ALA B 281 14.38 -17.36 22.51
N SER B 282 15.43 -16.78 23.08
CA SER B 282 16.43 -16.11 22.25
C SER B 282 17.21 -17.14 21.44
N PRO B 283 17.51 -16.84 20.16
CA PRO B 283 18.26 -17.82 19.35
C PRO B 283 19.62 -18.16 19.93
N ALA B 284 20.31 -17.20 20.53
CA ALA B 284 21.63 -17.46 21.08
C ALA B 284 21.57 -18.49 22.20
N TYR B 285 20.65 -18.30 23.15
CA TYR B 285 20.53 -19.25 24.25
C TYR B 285 20.11 -20.62 23.75
N LEU B 286 19.16 -20.66 22.81
CA LEU B 286 18.72 -21.95 22.27
C LEU B 286 19.86 -22.69 21.61
N SER B 287 20.68 -21.97 20.82
CA SER B 287 21.76 -22.62 20.09
C SER B 287 22.87 -23.07 21.02
N LEU B 288 23.16 -22.31 22.07
CA LEU B 288 24.34 -22.58 22.89
C LEU B 288 24.05 -23.36 24.17
N SER B 289 22.79 -23.50 24.57
CA SER B 289 22.46 -24.07 25.88
C SER B 289 22.17 -25.57 25.80
N SER B 290 21.22 -25.98 24.98
CA SER B 290 20.78 -27.36 24.93
C SER B 290 21.59 -28.15 23.90
N GLU B 291 21.58 -29.48 24.07
CA GLU B 291 22.26 -30.37 23.14
C GLU B 291 21.41 -30.72 21.92
N ASP B 292 20.12 -30.39 21.93
CA ASP B 292 19.22 -30.62 20.80
C ASP B 292 18.44 -29.34 20.54
N PRO B 293 19.08 -28.33 19.95
CA PRO B 293 18.44 -27.01 19.82
C PRO B 293 17.13 -27.02 19.04
N VAL B 294 17.01 -27.86 18.00
CA VAL B 294 15.79 -27.85 17.19
C VAL B 294 14.60 -28.39 17.99
N MET B 295 14.80 -29.53 18.67
CA MET B 295 13.72 -30.11 19.47
C MET B 295 13.31 -29.17 20.61
N THR B 296 14.29 -28.61 21.30
CA THR B 296 13.99 -27.69 22.40
C THR B 296 13.29 -26.45 21.88
N ALA B 297 13.70 -25.94 20.72
CA ALA B 297 13.06 -24.77 20.14
C ALA B 297 11.60 -25.06 19.78
N LEU B 298 11.34 -26.24 19.20
CA LEU B 298 9.97 -26.61 18.88
C LEU B 298 9.12 -26.72 20.14
N GLU B 299 9.65 -27.37 21.17
CA GLU B 299 8.91 -27.53 22.41
C GLU B 299 8.61 -26.19 23.07
N LEU B 300 9.61 -25.30 23.09
CA LEU B 300 9.41 -23.98 23.68
C LEU B 300 8.41 -23.16 22.87
N SER B 301 8.46 -23.28 21.53
CA SER B 301 7.47 -22.58 20.70
C SER B 301 6.07 -23.06 20.99
N ASN B 302 5.90 -24.37 21.15
CA ASN B 302 4.60 -24.92 21.51
C ASN B 302 4.14 -24.38 22.87
N GLU B 303 5.04 -24.36 23.85
CA GLU B 303 4.67 -23.88 25.19
C GLU B 303 4.28 -22.41 25.14
N LEU B 304 5.03 -21.59 24.41
CA LEU B 304 4.71 -20.17 24.31
C LEU B 304 3.40 -19.95 23.57
N ALA B 305 3.12 -20.76 22.54
CA ALA B 305 1.83 -20.67 21.85
C ALA B 305 0.69 -21.03 22.79
N VAL B 306 0.90 -22.03 23.65
CA VAL B 306 -0.11 -22.39 24.63
C VAL B 306 -0.36 -21.23 25.59
N LEU B 307 0.72 -20.63 26.11
CA LEU B 307 0.58 -19.54 27.07
C LEU B 307 0.05 -18.26 26.44
N ALA B 308 0.15 -18.12 25.11
CA ALA B 308 -0.35 -16.92 24.45
C ALA B 308 -1.86 -16.78 24.61
N ASN B 309 -2.57 -17.91 24.61
CA ASN B 309 -4.03 -17.86 24.78
C ASN B 309 -4.41 -17.53 26.22
N ILE B 310 -3.67 -18.06 27.19
CA ILE B 310 -4.07 -17.91 28.59
C ILE B 310 -3.95 -16.46 29.03
N GLU B 311 -2.84 -15.81 28.71
CA GLU B 311 -2.62 -14.42 29.11
C GLU B 311 -3.08 -13.51 27.98
N LYS B 312 -4.15 -12.75 28.23
CA LYS B 312 -4.68 -11.87 27.19
C LYS B 312 -3.78 -10.67 26.97
N GLU B 313 -3.28 -10.06 28.05
CA GLU B 313 -2.45 -8.87 27.92
C GLU B 313 -1.13 -9.18 27.22
N PHE B 314 -0.51 -10.31 27.56
CA PHE B 314 0.79 -10.68 27.03
C PHE B 314 0.68 -11.56 25.78
N LYS B 315 -0.45 -11.54 25.09
CA LYS B 315 -0.64 -12.40 23.92
C LYS B 315 0.35 -12.06 22.82
N ASN B 316 0.52 -10.76 22.54
CA ASN B 316 1.46 -10.35 21.50
C ASN B 316 2.88 -10.75 21.83
N ASP B 317 3.29 -10.58 23.08
CA ASP B 317 4.66 -10.92 23.47
C ASP B 317 4.93 -12.41 23.34
N TYR B 318 4.01 -13.24 23.83
CA TYR B 318 4.21 -14.69 23.75
C TYR B 318 4.16 -15.17 22.30
N LYS B 319 3.27 -14.60 21.48
CA LYS B 319 3.26 -14.95 20.06
C LYS B 319 4.56 -14.54 19.39
N LYS B 320 5.11 -13.37 19.76
CA LYS B 320 6.38 -12.93 19.19
C LYS B 320 7.51 -13.87 19.60
N LEU B 321 7.50 -14.34 20.86
CA LEU B 321 8.54 -15.28 21.29
C LEU B 321 8.41 -16.62 20.56
N SER B 322 7.18 -17.11 20.37
CA SER B 322 7.00 -18.33 19.60
C SER B 322 7.45 -18.13 18.16
N MET B 323 7.21 -16.94 17.60
CA MET B 323 7.72 -16.64 16.27
C MET B 323 9.24 -16.64 16.24
N GLN B 324 9.87 -16.16 17.31
CA GLN B 324 11.33 -16.20 17.39
C GLN B 324 11.83 -17.64 17.40
N CYS B 325 11.16 -18.51 18.15
CA CYS B 325 11.54 -19.93 18.15
C CYS B 325 11.38 -20.54 16.76
N LYS B 326 10.26 -20.24 16.10
CA LYS B 326 10.04 -20.74 14.74
C LYS B 326 11.09 -20.20 13.78
N ASP B 327 11.46 -18.93 13.92
CA ASP B 327 12.52 -18.36 13.10
C ASP B 327 13.83 -19.08 13.32
N PHE B 328 14.15 -19.39 14.59
CA PHE B 328 15.37 -20.13 14.86
C PHE B 328 15.35 -21.50 14.19
N VAL B 329 14.24 -22.21 14.27
CA VAL B 329 14.16 -23.53 13.64
C VAL B 329 14.31 -23.42 12.12
N VAL B 330 13.62 -22.44 11.52
CA VAL B 330 13.70 -22.26 10.07
C VAL B 330 15.11 -21.90 9.64
N GLY B 331 15.75 -20.99 10.37
CA GLY B 331 17.12 -20.61 10.04
C GLY B 331 18.10 -21.76 10.20
N LEU B 332 17.90 -22.59 11.22
CA LEU B 332 18.74 -23.76 11.40
C LEU B 332 18.56 -24.73 10.24
N LEU B 333 17.33 -24.87 9.74
CA LEU B 333 17.12 -25.69 8.55
C LEU B 333 17.74 -25.06 7.31
N ASP B 334 17.76 -23.72 7.24
CA ASP B 334 18.21 -23.02 6.04
C ASP B 334 19.69 -23.24 5.75
N LEU B 335 20.50 -23.57 6.75
CA LEU B 335 21.94 -23.65 6.60
C LEU B 335 22.42 -25.02 6.14
N CYS B 336 21.54 -25.99 5.99
CA CYS B 336 21.95 -27.33 5.57
C CYS B 336 22.47 -27.30 4.14
N ARG B 337 23.50 -28.09 3.88
CA ARG B 337 24.18 -28.10 2.59
C ARG B 337 24.07 -29.43 1.85
N ASN B 338 24.19 -30.55 2.55
CA ASN B 338 24.05 -31.87 1.96
C ASN B 338 22.87 -32.60 2.59
N THR B 339 22.51 -33.73 1.99
CA THR B 339 21.30 -34.44 2.43
C THR B 339 21.43 -34.97 3.85
N GLU B 340 22.66 -35.21 4.33
CA GLU B 340 22.84 -35.71 5.69
C GLU B 340 22.39 -34.67 6.72
N GLU B 341 22.81 -33.42 6.55
CA GLU B 341 22.37 -32.36 7.44
C GLU B 341 20.87 -32.13 7.33
N VAL B 342 20.33 -32.20 6.11
CA VAL B 342 18.90 -32.02 5.90
C VAL B 342 18.11 -33.08 6.66
N GLU B 343 18.55 -34.34 6.58
CA GLU B 343 17.89 -35.40 7.32
C GLU B 343 18.04 -35.21 8.83
N ALA B 344 19.23 -34.76 9.28
CA ALA B 344 19.43 -34.55 10.70
C ALA B 344 18.50 -33.48 11.25
N ILE B 345 18.30 -32.40 10.50
CA ILE B 345 17.43 -31.32 10.98
C ILE B 345 15.96 -31.73 10.87
N LEU B 346 15.57 -32.30 9.72
CA LEU B 346 14.16 -32.59 9.48
C LEU B 346 13.68 -33.80 10.26
N ASN B 347 14.51 -34.84 10.36
CA ASN B 347 14.09 -36.10 10.98
C ASN B 347 14.60 -36.27 12.39
N GLY B 348 15.85 -35.90 12.66
CA GLY B 348 16.43 -36.06 13.98
C GLY B 348 17.51 -37.13 14.02
N ASP B 349 17.56 -37.89 15.12
CA ASP B 349 18.56 -38.93 15.30
C ASP B 349 18.08 -40.21 14.64
N VAL B 350 18.69 -40.57 13.50
CA VAL B 350 18.28 -41.75 12.76
C VAL B 350 18.70 -43.05 13.44
N GLU B 351 19.56 -42.99 14.45
CA GLU B 351 19.97 -44.20 15.14
C GLU B 351 18.97 -44.58 16.23
N THR B 352 18.67 -43.64 17.13
CA THR B 352 17.68 -43.91 18.19
C THR B 352 16.29 -44.12 17.58
N LEU B 353 15.93 -43.33 16.57
CA LEU B 353 14.63 -43.47 15.93
C LEU B 353 14.67 -44.58 14.89
N GLN B 354 13.69 -45.48 14.96
CA GLN B 354 13.58 -46.57 14.01
C GLN B 354 13.02 -46.08 12.68
N SER B 355 13.24 -46.87 11.64
CA SER B 355 12.77 -46.51 10.30
C SER B 355 11.24 -46.47 10.26
N GLY B 356 10.70 -45.45 9.61
CA GLY B 356 9.25 -45.33 9.48
C GLY B 356 8.64 -46.44 8.64
N ASP B 357 9.35 -46.85 7.59
CA ASP B 357 8.89 -47.91 6.70
C ASP B 357 10.11 -48.52 6.03
N HIS B 358 9.89 -49.26 4.94
CA HIS B 358 11.01 -49.87 4.21
C HIS B 358 11.98 -48.81 3.69
N GLY B 359 11.49 -47.61 3.39
CA GLY B 359 12.36 -46.53 2.94
C GLY B 359 11.94 -45.17 3.43
N ARG B 360 11.14 -45.11 4.52
CA ARG B 360 10.70 -43.79 4.95
C ARG B 360 11.67 -43.20 5.98
N PRO B 361 11.81 -41.87 5.98
CA PRO B 361 12.82 -41.22 6.83
C PRO B 361 12.36 -40.90 8.25
N ASN B 362 11.31 -41.56 8.75
CA ASN B 362 10.82 -41.36 10.11
C ASN B 362 10.36 -39.91 10.32
N LEU B 363 9.23 -39.60 9.67
CA LEU B 363 8.68 -38.26 9.61
C LEU B 363 8.05 -37.80 10.93
N SER B 364 8.37 -38.49 12.03
CA SER B 364 7.80 -38.14 13.33
C SER B 364 8.02 -36.67 13.68
N ARG B 365 9.24 -36.17 13.49
CA ARG B 365 9.51 -34.76 13.78
C ARG B 365 8.75 -33.84 12.85
N LEU B 366 8.57 -34.24 11.59
CA LEU B 366 7.75 -33.44 10.67
C LEU B 366 6.30 -33.41 11.13
N LYS B 367 5.78 -34.53 11.63
CA LYS B 367 4.44 -34.54 12.20
C LYS B 367 4.34 -33.60 13.39
N LEU B 368 5.35 -33.61 14.26
CA LEU B 368 5.36 -32.72 15.41
C LEU B 368 5.41 -31.25 14.98
N ALA B 369 6.20 -30.94 13.95
CA ALA B 369 6.28 -29.58 13.44
C ALA B 369 4.97 -29.13 12.83
N ILE B 370 4.28 -30.03 12.12
CA ILE B 370 2.96 -29.70 11.58
C ILE B 370 1.96 -29.46 12.70
N LYS B 371 1.99 -30.31 13.73
CA LYS B 371 1.05 -30.15 14.84
C LYS B 371 1.29 -28.82 15.58
N TYR B 372 2.52 -28.34 15.60
CA TYR B 372 2.85 -27.09 16.27
C TYR B 372 2.72 -25.87 15.37
N GLU B 373 2.23 -26.04 14.14
CA GLU B 373 1.93 -24.94 13.23
C GLU B 373 3.14 -24.04 13.00
N VAL B 374 4.30 -24.65 12.78
CA VAL B 374 5.49 -23.87 12.47
C VAL B 374 5.30 -23.11 11.16
N LYS B 375 4.67 -23.74 10.17
CA LYS B 375 4.21 -23.09 8.95
C LYS B 375 5.34 -22.68 8.02
N LYS B 376 6.59 -22.70 8.51
CA LYS B 376 7.71 -22.33 7.65
C LYS B 376 8.85 -23.34 7.67
N PHE B 377 8.99 -24.14 8.73
CA PHE B 377 9.93 -25.25 8.74
C PHE B 377 9.52 -26.35 7.76
N VAL B 378 8.24 -26.41 7.43
CA VAL B 378 7.75 -27.37 6.44
C VAL B 378 7.73 -26.78 5.04
N ALA B 379 7.39 -25.49 4.92
CA ALA B 379 7.34 -24.85 3.61
C ALA B 379 8.71 -24.52 3.05
N HIS B 380 9.77 -24.72 3.82
CA HIS B 380 11.11 -24.42 3.31
C HIS B 380 11.48 -25.36 2.18
N PRO B 381 12.21 -24.89 1.16
CA PRO B 381 12.57 -25.78 0.04
C PRO B 381 13.35 -27.01 0.46
N ASN B 382 14.16 -26.93 1.52
CA ASN B 382 14.86 -28.11 2.01
C ASN B 382 13.89 -29.19 2.47
N CYS B 383 12.83 -28.80 3.17
CA CYS B 383 11.79 -29.75 3.53
C CYS B 383 10.92 -30.10 2.33
N GLN B 384 10.72 -29.14 1.42
CA GLN B 384 9.85 -29.36 0.27
C GLN B 384 10.40 -30.46 -0.64
N GLN B 385 11.72 -30.47 -0.86
CA GLN B 385 12.30 -31.48 -1.74
C GLN B 385 12.16 -32.88 -1.14
N GLN B 386 12.38 -33.02 0.17
CA GLN B 386 12.21 -34.32 0.80
C GLN B 386 10.75 -34.78 0.75
N LEU B 387 9.82 -33.84 1.00
CA LEU B 387 8.40 -34.21 0.94
C LEU B 387 7.99 -34.61 -0.47
N LEU B 388 8.50 -33.91 -1.48
CA LEU B 388 8.20 -34.29 -2.86
C LEU B 388 8.80 -35.66 -3.20
N SER B 389 10.02 -35.93 -2.75
CA SER B 389 10.63 -37.23 -2.99
C SER B 389 9.82 -38.35 -2.35
N ILE B 390 9.31 -38.11 -1.13
CA ILE B 390 8.44 -39.09 -0.49
C ILE B 390 7.11 -39.22 -1.25
N TRP B 391 6.63 -38.11 -1.83
CA TRP B 391 5.34 -38.11 -2.50
C TRP B 391 5.33 -39.02 -3.71
N TYR B 392 6.42 -39.05 -4.47
CA TYR B 392 6.57 -39.92 -5.63
C TYR B 392 7.60 -41.00 -5.30
N GLU B 393 7.13 -42.10 -4.71
CA GLU B 393 8.05 -43.16 -4.31
C GLU B 393 8.50 -43.99 -5.51
N ASN B 394 7.55 -44.48 -6.32
CA ASN B 394 7.87 -45.28 -7.49
C ASN B 394 7.63 -44.55 -8.80
N LEU B 395 7.00 -43.38 -8.78
CA LEU B 395 6.71 -42.63 -10.00
C LEU B 395 7.80 -41.57 -10.22
N SER B 396 9.01 -42.07 -10.47
CA SER B 396 10.14 -41.17 -10.70
C SER B 396 9.96 -40.34 -11.96
N GLY B 397 9.49 -40.97 -13.05
CA GLY B 397 9.33 -40.26 -14.31
C GLY B 397 8.05 -39.48 -14.42
N LEU B 398 7.07 -39.73 -13.54
CA LEU B 398 5.79 -39.04 -13.62
C LEU B 398 5.87 -37.60 -13.10
N ARG B 399 6.96 -37.24 -12.42
CA ARG B 399 7.08 -35.88 -11.89
C ARG B 399 7.22 -34.86 -13.01
N GLN B 400 7.91 -35.21 -14.09
CA GLN B 400 8.20 -34.27 -15.17
C GLN B 400 7.06 -34.16 -16.18
N GLN B 401 5.99 -34.91 -16.01
CA GLN B 401 4.86 -34.84 -16.94
C GLN B 401 4.09 -33.54 -16.76
N THR B 402 3.38 -33.15 -17.82
CA THR B 402 2.58 -31.93 -17.78
C THR B 402 1.29 -32.16 -17.00
N MET B 403 0.54 -31.07 -16.80
CA MET B 403 -0.73 -31.18 -16.08
C MET B 403 -1.75 -31.99 -16.87
N ALA B 404 -1.75 -31.85 -18.20
CA ALA B 404 -2.66 -32.64 -19.03
C ALA B 404 -2.36 -34.13 -18.91
N VAL B 405 -1.08 -34.49 -18.84
CA VAL B 405 -0.70 -35.90 -18.68
C VAL B 405 -1.22 -36.45 -17.36
N LYS B 406 -1.10 -35.66 -16.29
CA LYS B 406 -1.59 -36.11 -14.99
C LYS B 406 -3.11 -36.21 -14.97
N PHE B 407 -3.79 -35.29 -15.67
CA PHE B 407 -5.24 -35.39 -15.79
C PHE B 407 -5.63 -36.66 -16.53
N LEU B 408 -4.89 -37.00 -17.59
CA LEU B 408 -5.13 -38.24 -18.32
C LEU B 408 -4.88 -39.45 -17.43
N VAL B 409 -3.85 -39.38 -16.58
CA VAL B 409 -3.57 -40.46 -15.63
C VAL B 409 -4.73 -40.62 -14.66
N VAL B 410 -5.27 -39.51 -14.17
CA VAL B 410 -6.42 -39.56 -13.25
C VAL B 410 -7.62 -40.19 -13.95
N LEU B 411 -7.87 -39.81 -15.21
CA LEU B 411 -8.98 -40.41 -15.95
C LEU B 411 -8.77 -41.90 -16.16
N ALA B 412 -7.54 -42.31 -16.48
CA ALA B 412 -7.25 -43.73 -16.68
C ALA B 412 -7.44 -44.51 -15.38
N VAL B 413 -7.03 -43.94 -14.25
CA VAL B 413 -7.25 -44.59 -12.96
C VAL B 413 -8.74 -44.69 -12.66
N ALA B 414 -9.50 -43.67 -13.03
CA ALA B 414 -10.95 -43.73 -12.87
C ALA B 414 -11.54 -44.87 -13.69
N ILE B 415 -11.05 -45.04 -14.92
CA ILE B 415 -11.53 -46.13 -15.77
C ILE B 415 -11.17 -47.48 -15.17
N GLY B 416 -9.93 -47.64 -14.70
CA GLY B 416 -9.41 -48.92 -14.27
C GLY B 416 -9.46 -49.20 -12.78
N LEU B 417 -10.17 -48.39 -11.99
CA LEU B 417 -10.30 -48.64 -10.55
C LEU B 417 -10.76 -50.04 -10.19
N PRO B 418 -11.79 -50.63 -10.83
CA PRO B 418 -12.13 -52.02 -10.49
C PRO B 418 -10.98 -53.00 -10.72
N PHE B 419 -10.19 -52.80 -11.78
CA PHE B 419 -9.04 -53.67 -12.03
C PHE B 419 -7.99 -53.52 -10.93
N LEU B 420 -7.74 -52.28 -10.49
CA LEU B 420 -6.78 -52.06 -9.40
C LEU B 420 -7.26 -52.73 -8.11
N ALA B 421 -8.55 -52.60 -7.80
CA ALA B 421 -9.09 -53.25 -6.61
C ALA B 421 -8.99 -54.76 -6.71
N LEU B 422 -9.25 -55.31 -7.89
CA LEU B 422 -9.16 -56.75 -8.09
C LEU B 422 -7.72 -57.25 -7.92
N ILE B 423 -6.75 -56.52 -8.48
CA ILE B 423 -5.37 -56.98 -8.41
C ILE B 423 -4.72 -56.70 -7.05
N TYR B 424 -5.29 -55.79 -6.26
CA TYR B 424 -4.72 -55.52 -4.94
C TYR B 424 -4.82 -56.74 -4.03
N TRP B 425 -5.97 -57.42 -4.04
CA TRP B 425 -6.18 -58.55 -3.13
C TRP B 425 -5.37 -59.77 -3.57
N PHE B 426 -5.40 -60.09 -4.86
CA PHE B 426 -4.73 -61.30 -5.33
C PHE B 426 -3.22 -61.16 -5.27
N ALA B 427 -2.68 -60.00 -5.67
CA ALA B 427 -1.24 -59.76 -5.68
C ALA B 427 -0.89 -58.60 -4.75
N PRO B 428 -0.46 -58.87 -3.51
CA PRO B 428 -0.08 -57.76 -2.63
C PRO B 428 1.15 -57.01 -3.11
N CYS B 429 2.18 -57.73 -3.57
CA CYS B 429 3.40 -57.13 -4.08
C CYS B 429 3.52 -57.44 -5.56
N SER B 430 3.68 -56.41 -6.38
CA SER B 430 3.81 -56.56 -7.82
C SER B 430 4.42 -55.28 -8.38
N LYS B 431 4.70 -55.31 -9.69
CA LYS B 431 5.19 -54.10 -10.35
C LYS B 431 4.14 -53.00 -10.29
N MET B 432 2.87 -53.34 -10.54
CA MET B 432 1.79 -52.38 -10.37
C MET B 432 1.35 -52.27 -8.91
N GLY B 433 1.40 -53.39 -8.16
CA GLY B 433 0.94 -53.36 -6.79
C GLY B 433 1.76 -52.44 -5.90
N LYS B 434 3.08 -52.47 -6.05
CA LYS B 434 3.93 -51.56 -5.28
C LYS B 434 3.72 -50.12 -5.69
N ILE B 435 3.44 -49.87 -6.97
CA ILE B 435 3.14 -48.51 -7.42
C ILE B 435 1.85 -48.01 -6.79
N MET B 436 0.82 -48.85 -6.72
CA MET B 436 -0.46 -48.44 -6.15
C MET B 436 -0.33 -48.02 -4.69
N ARG B 437 0.64 -48.58 -3.97
CA ARG B 437 0.82 -48.23 -2.57
C ARG B 437 1.43 -46.85 -2.36
N GLY B 438 1.93 -46.21 -3.42
CA GLY B 438 2.48 -44.88 -3.32
C GLY B 438 1.45 -43.85 -2.91
N PRO B 439 1.87 -42.87 -2.10
CA PRO B 439 0.90 -41.86 -1.64
C PRO B 439 0.25 -41.06 -2.75
N PHE B 440 1.01 -40.72 -3.80
CA PHE B 440 0.42 -40.01 -4.93
C PHE B 440 -0.60 -40.88 -5.65
N MET B 441 -0.31 -42.18 -5.79
CA MET B 441 -1.27 -43.08 -6.40
C MET B 441 -2.52 -43.23 -5.54
N LYS B 442 -2.37 -43.23 -4.22
CA LYS B 442 -3.54 -43.25 -3.34
C LYS B 442 -4.39 -42.00 -3.53
N PHE B 443 -3.74 -40.83 -3.58
CA PHE B 443 -4.48 -39.59 -3.79
C PHE B 443 -5.19 -39.60 -5.14
N VAL B 444 -4.52 -40.06 -6.19
CA VAL B 444 -5.13 -40.12 -7.52
C VAL B 444 -6.31 -41.09 -7.51
N ALA B 445 -6.16 -42.23 -6.83
CA ALA B 445 -7.25 -43.20 -6.76
C ALA B 445 -8.47 -42.63 -6.04
N HIS B 446 -8.24 -41.94 -4.93
CA HIS B 446 -9.37 -41.33 -4.20
C HIS B 446 -10.03 -40.23 -5.03
N ALA B 447 -9.23 -39.40 -5.70
CA ALA B 447 -9.79 -38.36 -6.55
C ALA B 447 -10.60 -38.96 -7.70
N ALA B 448 -10.09 -40.03 -8.31
CA ALA B 448 -10.82 -40.67 -9.40
C ALA B 448 -12.10 -41.33 -8.90
N SER B 449 -12.06 -41.90 -7.70
CA SER B 449 -13.29 -42.44 -7.10
C SER B 449 -14.31 -41.33 -6.89
N PHE B 450 -13.86 -40.15 -6.43
CA PHE B 450 -14.79 -39.04 -6.27
C PHE B 450 -15.35 -38.58 -7.61
N THR B 451 -14.51 -38.59 -8.66
CA THR B 451 -15.01 -38.26 -9.99
C THR B 451 -16.07 -39.25 -10.45
N ILE B 452 -15.85 -40.54 -10.17
CA ILE B 452 -16.85 -41.56 -10.51
C ILE B 452 -18.14 -41.32 -9.75
N PHE B 453 -18.05 -40.97 -8.47
CA PHE B 453 -19.24 -40.69 -7.68
C PHE B 453 -20.00 -39.48 -8.23
N LEU B 454 -19.28 -38.42 -8.61
CA LEU B 454 -19.93 -37.25 -9.19
C LEU B 454 -20.57 -37.58 -10.53
N GLY B 455 -19.90 -38.40 -11.34
CA GLY B 455 -20.49 -38.83 -12.59
C GLY B 455 -21.75 -39.65 -12.39
N LEU B 456 -21.75 -40.51 -11.37
CA LEU B 456 -22.96 -41.27 -11.04
C LEU B 456 -24.08 -40.33 -10.60
N LEU B 457 -23.75 -39.32 -9.81
CA LEU B 457 -24.76 -38.33 -9.41
C LEU B 457 -25.33 -37.61 -10.63
N VAL B 458 -24.47 -37.25 -11.59
CA VAL B 458 -24.94 -36.58 -12.80
C VAL B 458 -25.83 -37.50 -13.62
N MET B 459 -25.41 -38.74 -13.81
CA MET B 459 -26.12 -39.68 -14.68
C MET B 459 -27.34 -40.33 -14.02
N ASN B 460 -27.53 -40.11 -12.71
CA ASN B 460 -28.72 -40.64 -12.05
C ASN B 460 -30.00 -40.01 -12.61
N ALA B 461 -29.90 -38.80 -13.15
CA ALA B 461 -31.03 -38.11 -13.78
C ALA B 461 -30.93 -38.13 -15.30
N ALA B 462 -30.41 -39.23 -15.87
CA ALA B 462 -30.26 -39.34 -17.31
C ALA B 462 -31.59 -39.38 -18.06
N ASP B 463 -32.70 -39.61 -17.35
CA ASP B 463 -33.99 -39.74 -18.01
C ASP B 463 -34.56 -38.39 -18.44
N ARG B 464 -34.01 -37.28 -17.95
CA ARG B 464 -34.61 -35.97 -18.21
C ARG B 464 -33.56 -34.89 -18.46
N PHE B 465 -32.43 -35.26 -19.07
CA PHE B 465 -31.44 -34.25 -19.45
C PHE B 465 -31.99 -33.34 -20.53
N GLU B 466 -32.52 -33.92 -21.61
CA GLU B 466 -33.14 -33.12 -22.66
C GLU B 466 -34.55 -32.67 -22.26
N GLY B 467 -35.27 -33.53 -21.55
CA GLY B 467 -36.61 -33.19 -21.11
C GLY B 467 -37.34 -34.44 -20.62
N THR B 468 -38.55 -34.21 -20.12
CA THR B 468 -39.41 -35.28 -19.64
C THR B 468 -40.39 -35.73 -20.73
N PHE B 484 -49.52 -46.62 -8.58
CA PHE B 484 -48.38 -46.86 -9.45
C PHE B 484 -47.08 -46.46 -8.78
N ARG B 485 -47.16 -46.17 -7.47
CA ARG B 485 -45.99 -45.76 -6.71
C ARG B 485 -44.98 -46.89 -6.50
N MET B 486 -45.36 -48.15 -6.77
CA MET B 486 -44.42 -49.25 -6.66
C MET B 486 -43.27 -49.09 -7.64
N LYS B 487 -43.57 -48.67 -8.87
CA LYS B 487 -42.51 -48.39 -9.84
C LYS B 487 -41.65 -47.22 -9.40
N THR B 488 -42.27 -46.17 -8.87
CA THR B 488 -41.52 -44.97 -8.49
C THR B 488 -40.57 -45.24 -7.32
N SER B 489 -41.02 -46.01 -6.32
CA SER B 489 -40.26 -46.17 -5.10
C SER B 489 -39.09 -47.14 -5.24
N CYS B 490 -39.09 -48.01 -6.24
CA CYS B 490 -38.03 -49.00 -6.37
C CYS B 490 -36.72 -48.36 -6.78
N PHE B 491 -35.61 -48.96 -6.36
CA PHE B 491 -34.29 -48.44 -6.65
C PHE B 491 -33.81 -48.92 -8.01
N SER B 492 -32.93 -48.13 -8.62
CA SER B 492 -32.26 -48.48 -9.86
C SER B 492 -30.82 -48.92 -9.57
N TRP B 493 -30.17 -49.44 -10.62
CA TRP B 493 -28.77 -49.84 -10.47
C TRP B 493 -27.88 -48.66 -10.14
N MET B 494 -28.14 -47.51 -10.78
CA MET B 494 -27.42 -46.29 -10.45
C MET B 494 -27.66 -45.89 -8.99
N GLU B 495 -28.92 -46.01 -8.54
CA GLU B 495 -29.24 -45.70 -7.15
C GLU B 495 -28.52 -46.65 -6.19
N MET B 496 -28.46 -47.94 -6.53
CA MET B 496 -27.75 -48.90 -5.68
C MET B 496 -26.26 -48.59 -5.62
N LEU B 497 -25.66 -48.20 -6.75
CA LEU B 497 -24.26 -47.81 -6.76
C LEU B 497 -24.03 -46.58 -5.88
N ILE B 498 -24.94 -45.60 -5.96
CA ILE B 498 -24.81 -44.40 -5.12
C ILE B 498 -24.94 -44.76 -3.65
N ILE B 499 -25.86 -45.67 -3.33
CA ILE B 499 -26.03 -46.11 -1.94
C ILE B 499 -24.77 -46.79 -1.44
N SER B 500 -24.17 -47.65 -2.27
CA SER B 500 -22.93 -48.33 -1.88
C SER B 500 -21.81 -47.32 -1.66
N TRP B 501 -21.71 -46.31 -2.54
CA TRP B 501 -20.70 -45.27 -2.37
C TRP B 501 -20.90 -44.51 -1.06
N VAL B 502 -22.15 -44.17 -0.74
CA VAL B 502 -22.43 -43.45 0.50
C VAL B 502 -22.09 -44.30 1.72
N ILE B 503 -22.42 -45.60 1.67
CA ILE B 503 -22.10 -46.49 2.78
C ILE B 503 -20.58 -46.59 2.95
N GLY B 504 -19.85 -46.69 1.84
CA GLY B 504 -18.40 -46.73 1.92
C GLY B 504 -17.81 -45.47 2.52
N MET B 505 -18.33 -44.30 2.11
CA MET B 505 -17.86 -43.05 2.70
C MET B 505 -18.14 -42.99 4.19
N ILE B 506 -19.34 -43.43 4.60
CA ILE B 506 -19.68 -43.42 6.02
C ILE B 506 -18.76 -44.34 6.81
N TRP B 507 -18.48 -45.53 6.28
CA TRP B 507 -17.60 -46.46 6.97
C TRP B 507 -16.18 -45.94 7.05
N ALA B 508 -15.70 -45.28 5.99
CA ALA B 508 -14.37 -44.67 6.03
C ALA B 508 -14.31 -43.57 7.09
N GLU B 509 -15.33 -42.76 7.15
CA GLU B 509 -15.30 -41.74 8.18
C GLU B 509 -15.23 -42.36 9.59
N CYS B 510 -16.05 -43.38 9.84
CA CYS B 510 -16.09 -44.08 11.11
C CYS B 510 -14.73 -44.63 11.47
N LYS B 511 -14.00 -45.15 10.48
CA LYS B 511 -12.66 -45.65 10.74
C LYS B 511 -11.75 -44.52 11.18
N GLU B 512 -11.89 -43.36 10.52
CA GLU B 512 -11.08 -42.20 10.85
C GLU B 512 -11.39 -41.69 12.25
N ILE B 513 -12.68 -41.59 12.60
CA ILE B 513 -13.01 -41.14 13.95
C ILE B 513 -12.53 -42.14 15.00
N TRP B 514 -12.42 -43.41 14.62
CA TRP B 514 -11.85 -44.41 15.54
C TRP B 514 -10.34 -44.27 15.66
N THR B 515 -9.65 -43.97 14.54
CA THR B 515 -8.21 -43.86 14.55
C THR B 515 -7.70 -42.51 15.04
N GLN B 516 -8.59 -41.51 15.16
CA GLN B 516 -8.18 -40.19 15.64
C GLN B 516 -8.75 -39.83 17.01
N GLY B 517 -9.95 -40.29 17.33
CA GLY B 517 -10.62 -39.90 18.55
C GLY B 517 -11.62 -38.80 18.28
N PRO B 518 -12.64 -38.71 19.15
CA PRO B 518 -13.72 -37.71 19.02
C PRO B 518 -13.22 -36.29 18.74
N LYS B 519 -12.47 -35.71 19.66
CA LYS B 519 -11.98 -34.35 19.49
C LYS B 519 -11.02 -34.15 18.31
N GLU B 520 -10.10 -35.07 18.10
CA GLU B 520 -9.14 -34.92 17.01
C GLU B 520 -9.80 -34.94 15.63
N TYR B 521 -10.73 -35.87 15.44
CA TYR B 521 -11.46 -36.01 14.19
C TYR B 521 -12.39 -34.83 13.90
N LEU B 522 -13.05 -34.35 14.95
CA LEU B 522 -14.03 -33.27 14.84
C LEU B 522 -13.50 -31.90 14.38
N PHE B 523 -12.60 -31.31 15.16
CA PHE B 523 -12.10 -29.98 14.84
C PHE B 523 -11.44 -29.94 13.46
N GLU B 524 -12.21 -30.23 12.42
CA GLU B 524 -11.68 -30.17 11.06
C GLU B 524 -12.83 -29.89 10.11
N LEU B 525 -12.67 -28.90 9.24
CA LEU B 525 -13.75 -28.53 8.34
C LEU B 525 -14.20 -29.65 7.42
N TRP B 526 -13.26 -30.39 6.85
CA TRP B 526 -13.66 -31.45 5.95
C TRP B 526 -14.47 -32.50 6.70
N ASN B 527 -14.01 -32.86 7.90
CA ASN B 527 -14.71 -33.85 8.69
C ASN B 527 -16.11 -33.36 9.05
N MET B 528 -16.21 -32.09 9.42
CA MET B 528 -17.50 -31.51 9.79
C MET B 528 -18.48 -31.47 8.61
N LEU B 529 -17.99 -31.18 7.41
CA LEU B 529 -18.87 -31.10 6.25
C LEU B 529 -19.17 -32.47 5.66
N ASP B 530 -18.23 -33.40 5.80
CA ASP B 530 -18.44 -34.74 5.28
C ASP B 530 -19.45 -35.45 6.13
N PHE B 531 -19.54 -35.16 7.42
CA PHE B 531 -20.53 -35.76 8.31
C PHE B 531 -21.93 -35.23 7.98
N GLY B 532 -22.06 -33.92 7.78
CA GLY B 532 -23.35 -33.36 7.43
C GLY B 532 -23.88 -33.91 6.11
N MET B 533 -23.00 -33.95 5.09
CA MET B 533 -23.41 -34.47 3.78
C MET B 533 -23.85 -35.93 3.86
N LEU B 534 -23.09 -36.75 4.58
CA LEU B 534 -23.43 -38.17 4.68
C LEU B 534 -24.70 -38.36 5.50
N ALA B 535 -24.92 -37.55 6.54
CA ALA B 535 -26.15 -37.63 7.30
C ALA B 535 -27.35 -37.29 6.44
N ILE B 536 -27.25 -36.25 5.61
CA ILE B 536 -28.36 -35.88 4.74
C ILE B 536 -28.61 -36.96 3.70
N PHE B 537 -27.54 -37.55 3.14
CA PHE B 537 -27.71 -38.64 2.19
C PHE B 537 -28.40 -39.83 2.83
N ALA B 538 -27.99 -40.18 4.05
CA ALA B 538 -28.62 -41.29 4.76
C ALA B 538 -30.09 -41.00 5.05
N ALA B 539 -30.41 -39.75 5.40
CA ALA B 539 -31.80 -39.37 5.63
C ALA B 539 -32.63 -39.54 4.37
N SER B 540 -32.10 -39.08 3.24
CA SER B 540 -32.82 -39.25 1.97
C SER B 540 -33.04 -40.72 1.65
N PHE B 541 -32.00 -41.55 1.83
CA PHE B 541 -32.14 -42.97 1.54
C PHE B 541 -33.15 -43.65 2.47
N ILE B 542 -33.16 -43.25 3.75
CA ILE B 542 -34.10 -43.85 4.70
C ILE B 542 -35.53 -43.45 4.35
N ALA B 543 -35.75 -42.19 3.95
CA ALA B 543 -37.08 -41.78 3.52
C ALA B 543 -37.53 -42.55 2.29
N ARG B 544 -36.63 -42.73 1.32
CA ARG B 544 -36.96 -43.53 0.14
C ARG B 544 -37.29 -44.97 0.51
N PHE B 545 -36.54 -45.54 1.46
CA PHE B 545 -36.80 -46.91 1.89
C PHE B 545 -38.16 -47.02 2.60
N MET B 546 -38.52 -46.02 3.39
CA MET B 546 -39.84 -46.04 4.04
C MET B 546 -40.95 -45.97 3.00
N ALA B 547 -40.79 -45.11 1.98
CA ALA B 547 -41.78 -45.05 0.92
C ALA B 547 -41.88 -46.39 0.19
N PHE B 548 -40.73 -47.02 -0.09
CA PHE B 548 -40.74 -48.33 -0.74
C PHE B 548 -41.40 -49.39 0.15
N TRP B 549 -41.18 -49.32 1.46
CA TRP B 549 -41.80 -50.27 2.37
C TRP B 549 -43.32 -50.14 2.37
N HIS B 550 -43.82 -48.90 2.41
CA HIS B 550 -45.26 -48.69 2.34
C HIS B 550 -45.84 -49.18 1.01
N ALA B 551 -45.14 -48.89 -0.10
CA ALA B 551 -45.61 -49.35 -1.40
C ALA B 551 -45.60 -50.87 -1.49
N SER B 552 -44.57 -51.51 -0.92
CA SER B 552 -44.50 -52.97 -0.95
C SER B 552 -45.60 -53.60 -0.11
N LYS B 553 -45.92 -53.01 1.04
CA LYS B 553 -47.05 -53.51 1.83
C LYS B 553 -48.36 -53.35 1.06
N ALA B 554 -48.55 -52.21 0.39
CA ALA B 554 -49.76 -52.00 -0.38
C ALA B 554 -49.87 -53.02 -1.52
N GLN B 555 -48.76 -53.31 -2.19
CA GLN B 555 -48.78 -54.30 -3.27
C GLN B 555 -48.98 -55.71 -2.73
N SER B 556 -48.48 -56.00 -1.53
CA SER B 556 -48.69 -57.31 -0.93
C SER B 556 -50.14 -57.52 -0.53
N ILE B 557 -50.82 -56.46 -0.09
CA ILE B 557 -52.22 -56.58 0.31
C ILE B 557 -53.09 -56.98 -0.88
N ILE B 558 -52.90 -56.30 -2.02
CA ILE B 558 -53.76 -56.40 -3.22
C ILE B 558 -55.20 -56.84 -2.92
N ASP B 574 -60.90 -47.73 0.85
CA ASP B 574 -59.90 -48.74 1.17
C ASP B 574 -58.54 -48.10 1.44
N ASN B 575 -57.58 -48.92 1.88
CA ASN B 575 -56.24 -48.45 2.21
C ASN B 575 -55.29 -48.49 1.02
N VAL B 576 -55.70 -49.06 -0.12
CA VAL B 576 -54.83 -49.18 -1.28
C VAL B 576 -55.05 -48.08 -2.30
N LYS B 577 -56.16 -47.32 -2.21
CA LYS B 577 -56.43 -46.29 -3.21
C LYS B 577 -55.46 -45.12 -3.10
N TYR B 578 -54.99 -44.81 -1.89
CA TYR B 578 -54.12 -43.65 -1.71
C TYR B 578 -52.81 -43.80 -2.46
N TYR B 579 -52.20 -44.99 -2.41
CA TYR B 579 -50.91 -45.20 -3.03
C TYR B 579 -50.98 -45.25 -4.56
N ASN B 580 -52.18 -45.30 -5.13
CA ASN B 580 -52.35 -45.25 -6.57
C ASN B 580 -52.55 -43.82 -7.09
N LEU B 581 -52.64 -42.84 -6.19
CA LEU B 581 -52.87 -41.46 -6.60
C LEU B 581 -51.67 -40.88 -7.34
N ALA B 582 -51.93 -39.92 -8.21
CA ALA B 582 -50.89 -39.25 -8.96
C ALA B 582 -50.16 -38.24 -8.11
N ARG B 583 -49.06 -37.69 -8.65
CA ARG B 583 -48.23 -36.76 -7.90
C ARG B 583 -48.99 -35.48 -7.55
N ILE B 584 -50.01 -35.13 -8.34
CA ILE B 584 -50.78 -33.91 -8.07
C ILE B 584 -51.54 -34.03 -6.76
N LYS B 585 -51.93 -35.25 -6.37
CA LYS B 585 -52.72 -35.47 -5.16
C LYS B 585 -51.93 -36.18 -4.06
N TRP B 586 -50.60 -36.11 -4.11
CA TRP B 586 -49.79 -36.72 -3.07
C TRP B 586 -49.87 -35.92 -1.77
N ASP B 587 -49.60 -36.60 -0.66
CA ASP B 587 -49.61 -35.95 0.63
C ASP B 587 -48.46 -34.95 0.72
N PRO B 588 -48.68 -33.79 1.35
CA PRO B 588 -47.58 -32.83 1.52
C PRO B 588 -46.41 -33.38 2.33
N SER B 589 -46.68 -34.27 3.31
CA SER B 589 -45.65 -34.87 4.14
C SER B 589 -45.25 -36.26 3.67
N ASP B 590 -45.35 -36.51 2.37
CA ASP B 590 -44.95 -37.81 1.82
C ASP B 590 -43.45 -38.01 1.98
N PRO B 591 -43.00 -39.21 2.36
CA PRO B 591 -41.55 -39.45 2.47
C PRO B 591 -40.79 -39.25 1.17
N GLN B 592 -41.45 -39.45 0.02
CA GLN B 592 -40.78 -39.26 -1.27
C GLN B 592 -40.32 -37.82 -1.45
N ILE B 593 -41.16 -36.86 -1.09
CA ILE B 593 -40.83 -35.45 -1.27
C ILE B 593 -39.66 -35.06 -0.37
N ILE B 594 -39.69 -35.50 0.88
CA ILE B 594 -38.59 -35.23 1.80
C ILE B 594 -37.30 -35.88 1.29
N SER B 595 -37.41 -37.10 0.76
CA SER B 595 -36.25 -37.78 0.20
C SER B 595 -35.66 -37.00 -0.95
N GLU B 596 -36.51 -36.49 -1.85
CA GLU B 596 -36.01 -35.73 -2.99
C GLU B 596 -35.32 -34.44 -2.56
N GLY B 597 -35.92 -33.72 -1.60
CA GLY B 597 -35.30 -32.49 -1.12
C GLY B 597 -33.96 -32.75 -0.46
N LEU B 598 -33.91 -33.76 0.41
CA LEU B 598 -32.66 -34.10 1.09
C LEU B 598 -31.61 -34.58 0.08
N TYR B 599 -32.04 -35.30 -0.95
CA TYR B 599 -31.10 -35.73 -1.98
C TYR B 599 -30.53 -34.55 -2.74
N ALA B 600 -31.36 -33.55 -3.05
CA ALA B 600 -30.85 -32.35 -3.72
C ALA B 600 -29.82 -31.63 -2.86
N ILE B 601 -30.13 -31.46 -1.57
CA ILE B 601 -29.18 -30.78 -0.68
C ILE B 601 -27.90 -31.59 -0.53
N ALA B 602 -28.02 -32.92 -0.49
CA ALA B 602 -26.85 -33.78 -0.37
C ALA B 602 -26.00 -33.72 -1.62
N VAL B 603 -26.63 -33.60 -2.80
CA VAL B 603 -25.86 -33.43 -4.03
C VAL B 603 -25.10 -32.11 -4.01
N VAL B 604 -25.75 -31.04 -3.54
CA VAL B 604 -25.07 -29.75 -3.42
C VAL B 604 -23.87 -29.88 -2.49
N LEU B 605 -24.03 -30.55 -1.35
CA LEU B 605 -22.92 -30.70 -0.41
C LEU B 605 -21.82 -31.60 -0.97
N SER B 606 -22.19 -32.64 -1.73
CA SER B 606 -21.20 -33.51 -2.35
C SER B 606 -20.34 -32.73 -3.34
N PHE B 607 -20.97 -31.88 -4.15
CA PHE B 607 -20.20 -31.04 -5.06
C PHE B 607 -19.42 -29.96 -4.31
N SER B 608 -19.89 -29.56 -3.12
CA SER B 608 -19.10 -28.66 -2.28
C SER B 608 -17.84 -29.35 -1.77
N ARG B 609 -17.91 -30.66 -1.54
CA ARG B 609 -16.77 -31.45 -1.09
C ARG B 609 -15.65 -31.52 -2.13
N ILE B 610 -15.92 -31.12 -3.38
CA ILE B 610 -14.94 -31.23 -4.45
C ILE B 610 -13.72 -30.34 -4.22
N ALA B 611 -13.81 -29.38 -3.30
CA ALA B 611 -12.70 -28.47 -3.03
C ALA B 611 -11.61 -29.12 -2.18
N TYR B 612 -11.80 -30.36 -1.73
CA TYR B 612 -10.81 -31.01 -0.89
C TYR B 612 -9.49 -31.23 -1.61
N ILE B 613 -9.55 -31.64 -2.89
CA ILE B 613 -8.36 -32.03 -3.63
C ILE B 613 -7.77 -30.88 -4.46
N LEU B 614 -8.44 -29.73 -4.48
CA LEU B 614 -7.97 -28.58 -5.26
C LEU B 614 -6.72 -27.94 -4.68
N PRO B 615 -6.50 -27.96 -3.35
CA PRO B 615 -5.20 -27.48 -2.82
C PRO B 615 -3.99 -28.15 -3.44
N ALA B 616 -4.12 -29.40 -3.91
CA ALA B 616 -2.98 -30.10 -4.49
C ALA B 616 -2.47 -29.38 -5.73
N ASN B 617 -3.37 -28.86 -6.55
CA ASN B 617 -2.96 -28.18 -7.78
C ASN B 617 -2.28 -26.85 -7.47
N GLU B 618 -1.18 -26.58 -8.17
CA GLU B 618 -0.46 -25.32 -7.99
C GLU B 618 -1.23 -24.14 -8.57
N SER B 619 -2.02 -24.37 -9.62
CA SER B 619 -2.72 -23.27 -10.29
C SER B 619 -3.81 -22.69 -9.41
N PHE B 620 -4.56 -23.54 -8.70
CA PHE B 620 -5.73 -23.11 -7.94
C PHE B 620 -5.63 -23.38 -6.45
N GLY B 621 -4.48 -23.87 -5.97
CA GLY B 621 -4.29 -24.10 -4.56
C GLY B 621 -4.19 -22.82 -3.74
N PRO B 622 -3.16 -22.01 -4.02
CA PRO B 622 -3.02 -20.73 -3.29
C PRO B 622 -4.22 -19.82 -3.46
N LEU B 623 -4.86 -19.83 -4.64
CA LEU B 623 -6.06 -19.02 -4.84
C LEU B 623 -7.18 -19.47 -3.91
N GLN B 624 -7.39 -20.78 -3.80
CA GLN B 624 -8.41 -21.29 -2.88
C GLN B 624 -8.08 -20.94 -1.44
N ILE B 625 -6.81 -21.06 -1.05
CA ILE B 625 -6.43 -20.72 0.32
C ILE B 625 -6.69 -19.24 0.60
N SER B 626 -6.33 -18.37 -0.35
CA SER B 626 -6.54 -16.94 -0.18
C SER B 626 -8.02 -16.62 -0.07
N LEU B 627 -8.86 -17.23 -0.90
CA LEU B 627 -10.30 -17.00 -0.81
C LEU B 627 -10.86 -17.52 0.51
N GLY B 628 -10.37 -18.68 0.97
CA GLY B 628 -10.85 -19.24 2.22
C GLY B 628 -10.50 -18.41 3.43
N ARG B 629 -9.33 -17.78 3.42
CA ARG B 629 -8.93 -16.95 4.55
C ARG B 629 -9.83 -15.72 4.74
N THR B 630 -10.65 -15.38 3.75
CA THR B 630 -11.57 -14.25 3.86
C THR B 630 -12.91 -14.63 4.46
N VAL B 631 -13.22 -15.92 4.55
CA VAL B 631 -14.54 -16.36 4.99
C VAL B 631 -14.78 -16.00 6.46
N LYS B 632 -13.74 -16.03 7.28
CA LYS B 632 -13.91 -15.67 8.69
C LYS B 632 -14.34 -14.21 8.84
N ASP B 633 -13.68 -13.31 8.10
CA ASP B 633 -14.08 -11.90 8.14
C ASP B 633 -15.47 -11.71 7.52
N ILE B 634 -15.79 -12.49 6.49
CA ILE B 634 -17.13 -12.42 5.90
C ILE B 634 -18.19 -12.79 6.93
N PHE B 635 -17.94 -13.85 7.71
CA PHE B 635 -18.86 -14.24 8.77
C PHE B 635 -18.95 -13.18 9.85
N LYS B 636 -17.82 -12.58 10.24
CA LYS B 636 -17.83 -11.54 11.24
C LYS B 636 -18.69 -10.36 10.81
N PHE B 637 -18.56 -9.95 9.54
CA PHE B 637 -19.42 -8.88 9.03
C PHE B 637 -20.88 -9.33 8.91
N MET B 638 -21.09 -10.60 8.52
CA MET B 638 -22.45 -11.09 8.33
C MET B 638 -23.22 -11.13 9.64
N VAL B 639 -22.52 -11.24 10.77
CA VAL B 639 -23.22 -11.17 12.06
C VAL B 639 -23.93 -9.82 12.21
N ILE B 640 -23.20 -8.73 11.99
CA ILE B 640 -23.80 -7.39 12.06
C ILE B 640 -24.83 -7.20 10.95
N PHE B 641 -24.55 -7.76 9.78
CA PHE B 641 -25.51 -7.71 8.68
C PHE B 641 -26.85 -8.33 9.09
N ILE B 642 -26.79 -9.50 9.74
CA ILE B 642 -28.00 -10.16 10.21
C ILE B 642 -28.67 -9.36 11.32
N MET B 643 -27.88 -8.70 12.17
CA MET B 643 -28.46 -7.85 13.21
C MET B 643 -29.30 -6.73 12.60
N VAL B 644 -28.74 -6.00 11.62
CA VAL B 644 -29.48 -4.93 10.97
C VAL B 644 -30.67 -5.50 10.19
N PHE B 645 -30.49 -6.68 9.60
CA PHE B 645 -31.58 -7.34 8.89
C PHE B 645 -32.74 -7.64 9.82
N VAL B 646 -32.45 -8.15 11.02
CA VAL B 646 -33.50 -8.44 11.99
C VAL B 646 -34.19 -7.15 12.41
N ALA B 647 -33.40 -6.09 12.65
CA ALA B 647 -33.96 -4.78 12.94
C ALA B 647 -35.03 -4.38 11.93
N PHE B 648 -34.63 -4.28 10.66
CA PHE B 648 -35.54 -3.81 9.63
C PHE B 648 -36.69 -4.79 9.40
N MET B 649 -36.42 -6.10 9.51
CA MET B 649 -37.47 -7.10 9.31
C MET B 649 -38.57 -6.94 10.34
N ILE B 650 -38.19 -6.80 11.62
CA ILE B 650 -39.20 -6.66 12.66
C ILE B 650 -39.93 -5.34 12.54
N GLY B 651 -39.21 -4.27 12.19
CA GLY B 651 -39.88 -2.98 11.98
C GLY B 651 -40.92 -3.05 10.87
N MET B 652 -40.54 -3.60 9.72
CA MET B 652 -41.46 -3.68 8.59
C MET B 652 -42.63 -4.62 8.89
N PHE B 653 -42.36 -5.73 9.60
CA PHE B 653 -43.44 -6.63 9.96
C PHE B 653 -44.44 -5.98 10.89
N ASN B 654 -43.96 -5.21 11.87
CA ASN B 654 -44.87 -4.51 12.76
C ASN B 654 -45.64 -3.41 12.02
N LEU B 655 -45.03 -2.81 11.00
CA LEU B 655 -45.72 -1.76 10.26
C LEU B 655 -46.89 -2.30 9.44
N TYR B 656 -46.67 -3.39 8.71
CA TYR B 656 -47.64 -3.89 7.74
C TYR B 656 -48.38 -5.13 8.22
N SER B 657 -48.38 -5.40 9.53
CA SER B 657 -49.02 -6.61 10.04
C SER B 657 -50.54 -6.58 9.82
N TYR B 658 -51.16 -5.42 10.01
CA TYR B 658 -52.61 -5.33 9.97
C TYR B 658 -53.17 -5.38 8.55
N TYR B 659 -52.48 -4.77 7.59
CA TYR B 659 -52.98 -4.67 6.22
C TYR B 659 -52.67 -5.96 5.46
N ILE B 660 -53.30 -7.04 5.91
CA ILE B 660 -53.11 -8.34 5.26
C ILE B 660 -53.77 -8.36 3.89
N GLY B 661 -54.98 -7.80 3.78
CA GLY B 661 -55.70 -7.81 2.53
C GLY B 661 -55.61 -6.52 1.74
N ALA B 662 -55.27 -5.43 2.42
CA ALA B 662 -55.16 -4.14 1.73
C ALA B 662 -53.94 -4.08 0.83
N LYS B 663 -52.86 -4.74 1.20
CA LYS B 663 -51.63 -4.72 0.41
C LYS B 663 -51.85 -5.40 -0.94
N GLN B 664 -51.14 -4.88 -1.95
CA GLN B 664 -51.22 -5.48 -3.28
C GLN B 664 -50.58 -6.87 -3.30
N ASN B 665 -49.55 -7.08 -2.51
CA ASN B 665 -48.90 -8.39 -2.37
C ASN B 665 -48.71 -8.69 -0.89
N GLU B 666 -48.27 -9.92 -0.60
CA GLU B 666 -48.09 -10.39 0.77
C GLU B 666 -46.68 -10.18 1.29
N ALA B 667 -46.00 -9.12 0.86
CA ALA B 667 -44.57 -8.98 1.13
C ALA B 667 -44.26 -8.85 2.62
N PHE B 668 -44.95 -7.95 3.31
CA PHE B 668 -44.66 -7.64 4.71
C PHE B 668 -45.84 -8.01 5.62
N THR B 669 -46.55 -9.08 5.28
CA THR B 669 -47.70 -9.49 6.08
C THR B 669 -47.29 -10.34 7.26
N THR B 670 -46.47 -11.37 7.03
CA THR B 670 -46.01 -12.26 8.09
C THR B 670 -44.50 -12.13 8.26
N VAL B 671 -43.99 -12.76 9.32
CA VAL B 671 -42.57 -12.70 9.61
C VAL B 671 -41.77 -13.40 8.52
N GLU B 672 -42.25 -14.56 8.05
CA GLU B 672 -41.57 -15.27 6.97
C GLU B 672 -41.54 -14.44 5.70
N GLU B 673 -42.68 -13.82 5.36
CA GLU B 673 -42.76 -13.01 4.16
C GLU B 673 -41.87 -11.78 4.25
N SER B 674 -41.85 -11.12 5.41
CA SER B 674 -40.98 -9.96 5.58
C SER B 674 -39.51 -10.36 5.48
N PHE B 675 -39.14 -11.48 6.09
CA PHE B 675 -37.76 -11.99 5.98
C PHE B 675 -37.41 -12.24 4.52
N LYS B 676 -38.31 -12.89 3.79
CA LYS B 676 -38.04 -13.21 2.39
C LYS B 676 -37.89 -11.95 1.54
N THR B 677 -38.79 -10.98 1.74
CA THR B 677 -38.75 -9.75 0.96
C THR B 677 -37.47 -8.96 1.25
N LEU B 678 -37.10 -8.84 2.51
CA LEU B 678 -35.89 -8.10 2.83
C LEU B 678 -34.63 -8.83 2.39
N PHE B 679 -34.63 -10.16 2.42
CA PHE B 679 -33.49 -10.90 1.90
C PHE B 679 -33.33 -10.70 0.39
N TRP B 680 -34.44 -10.76 -0.35
CA TRP B 680 -34.33 -10.61 -1.80
C TRP B 680 -34.11 -9.15 -2.20
N ALA B 681 -34.41 -8.20 -1.31
CA ALA B 681 -34.07 -6.81 -1.59
C ALA B 681 -32.56 -6.59 -1.68
N ILE B 682 -31.77 -7.47 -1.05
CA ILE B 682 -30.31 -7.34 -1.11
C ILE B 682 -29.82 -7.50 -2.54
N PHE B 683 -30.35 -8.47 -3.27
CA PHE B 683 -29.95 -8.75 -4.64
C PHE B 683 -30.78 -7.99 -5.67
N GLY B 684 -31.65 -7.08 -5.22
CA GLY B 684 -32.46 -6.30 -6.13
C GLY B 684 -33.61 -7.04 -6.76
N LEU B 685 -33.97 -8.21 -6.25
CA LEU B 685 -35.05 -9.03 -6.81
C LEU B 685 -36.40 -8.71 -6.20
N SER B 686 -36.49 -7.74 -5.30
CA SER B 686 -37.74 -7.33 -4.69
C SER B 686 -38.14 -5.97 -5.22
N GLU B 687 -39.39 -5.85 -5.67
CA GLU B 687 -39.86 -4.62 -6.30
C GLU B 687 -40.23 -3.57 -5.26
N VAL B 688 -40.62 -2.39 -5.74
CA VAL B 688 -41.03 -1.30 -4.86
C VAL B 688 -42.53 -1.30 -4.60
N LYS B 689 -43.31 -2.05 -5.38
CA LYS B 689 -44.76 -2.10 -5.17
C LYS B 689 -45.13 -2.78 -3.86
N SER B 690 -44.18 -3.44 -3.20
CA SER B 690 -44.41 -4.05 -1.89
C SER B 690 -44.64 -3.03 -0.78
N VAL B 691 -44.64 -1.74 -1.11
CA VAL B 691 -44.90 -0.69 -0.13
C VAL B 691 -46.29 -0.08 -0.32
N VAL B 692 -46.86 -0.13 -1.53
CA VAL B 692 -48.12 0.53 -1.81
C VAL B 692 -49.25 -0.19 -1.11
N ILE B 693 -50.22 0.58 -0.61
CA ILE B 693 -51.41 0.07 0.05
C ILE B 693 -52.64 0.56 -0.70
N ASN B 694 -53.60 -0.32 -0.92
CA ASN B 694 -54.82 0.04 -1.64
C ASN B 694 -55.71 0.99 -0.86
N TYR B 695 -55.47 1.16 0.44
CA TYR B 695 -56.29 2.06 1.24
C TYR B 695 -55.85 3.51 1.07
N ASN B 696 -56.69 4.43 1.54
CA ASN B 696 -56.43 5.86 1.38
C ASN B 696 -55.31 6.36 2.29
N HIS B 697 -54.96 5.60 3.32
CA HIS B 697 -53.99 6.06 4.31
C HIS B 697 -52.60 6.14 3.68
N LYS B 698 -52.13 7.36 3.43
CA LYS B 698 -50.79 7.57 2.90
C LYS B 698 -49.73 7.70 3.99
N PHE B 699 -50.13 7.86 5.25
CA PHE B 699 -49.16 7.97 6.33
C PHE B 699 -48.33 6.70 6.46
N ILE B 700 -49.00 5.55 6.57
CA ILE B 700 -48.29 4.28 6.71
C ILE B 700 -47.54 3.94 5.43
N GLU B 701 -48.13 4.24 4.27
CA GLU B 701 -47.46 3.97 3.01
C GLU B 701 -46.15 4.75 2.89
N ASN B 702 -46.16 6.03 3.28
CA ASN B 702 -44.94 6.82 3.21
C ASN B 702 -43.95 6.43 4.30
N ILE B 703 -44.44 6.02 5.48
CA ILE B 703 -43.55 5.48 6.50
C ILE B 703 -42.83 4.25 5.96
N GLY B 704 -43.56 3.37 5.28
CA GLY B 704 -42.94 2.20 4.68
C GLY B 704 -41.97 2.56 3.58
N TYR B 705 -42.30 3.56 2.77
CA TYR B 705 -41.38 4.02 1.74
C TYR B 705 -40.07 4.50 2.36
N VAL B 706 -40.16 5.31 3.41
CA VAL B 706 -38.96 5.83 4.06
C VAL B 706 -38.15 4.70 4.69
N LEU B 707 -38.82 3.76 5.37
CA LEU B 707 -38.10 2.66 5.99
C LEU B 707 -37.43 1.77 4.96
N TYR B 708 -38.12 1.47 3.86
CA TYR B 708 -37.53 0.66 2.81
C TYR B 708 -36.36 1.34 2.14
N GLY B 709 -36.47 2.66 1.92
CA GLY B 709 -35.35 3.40 1.35
C GLY B 709 -34.14 3.42 2.28
N VAL B 710 -34.38 3.63 3.57
CA VAL B 710 -33.29 3.60 4.54
C VAL B 710 -32.65 2.22 4.58
N TYR B 711 -33.47 1.17 4.53
CA TYR B 711 -32.93 -0.19 4.51
C TYR B 711 -32.07 -0.43 3.28
N ASN B 712 -32.53 0.01 2.11
CA ASN B 712 -31.76 -0.18 0.89
C ASN B 712 -30.46 0.60 0.92
N VAL B 713 -30.49 1.84 1.42
CA VAL B 713 -29.28 2.63 1.53
C VAL B 713 -28.29 1.96 2.47
N THR B 714 -28.78 1.48 3.63
CA THR B 714 -27.90 0.84 4.60
C THR B 714 -27.29 -0.44 4.04
N MET B 715 -28.09 -1.26 3.37
CA MET B 715 -27.62 -2.57 2.92
C MET B 715 -26.81 -2.49 1.64
N VAL B 716 -27.45 -2.05 0.55
CA VAL B 716 -26.82 -2.13 -0.76
C VAL B 716 -25.62 -1.18 -0.85
N ILE B 717 -25.78 0.04 -0.34
CA ILE B 717 -24.76 1.07 -0.52
C ILE B 717 -23.72 1.01 0.60
N VAL B 718 -24.18 1.12 1.85
CA VAL B 718 -23.25 1.28 2.97
C VAL B 718 -22.61 -0.06 3.34
N LEU B 719 -23.43 -1.03 3.75
CA LEU B 719 -22.90 -2.28 4.28
C LEU B 719 -22.13 -3.07 3.23
N LEU B 720 -22.64 -3.13 2.00
CA LEU B 720 -21.96 -3.89 0.97
C LEU B 720 -20.61 -3.29 0.61
N ASN B 721 -20.54 -1.96 0.49
CA ASN B 721 -19.27 -1.31 0.20
C ASN B 721 -18.28 -1.50 1.35
N MET B 722 -18.76 -1.42 2.60
CA MET B 722 -17.87 -1.66 3.73
C MET B 722 -17.41 -3.11 3.78
N LEU B 723 -18.26 -4.06 3.36
CA LEU B 723 -17.83 -5.44 3.23
C LEU B 723 -16.74 -5.58 2.18
N ILE B 724 -16.89 -4.89 1.05
CA ILE B 724 -15.85 -4.91 0.01
C ILE B 724 -14.53 -4.36 0.56
N ALA B 725 -14.61 -3.25 1.29
CA ALA B 725 -13.40 -2.67 1.88
C ALA B 725 -12.74 -3.63 2.88
N MET B 726 -13.55 -4.27 3.71
CA MET B 726 -13.02 -5.25 4.68
C MET B 726 -12.35 -6.41 3.96
N ILE B 727 -12.97 -6.91 2.89
CA ILE B 727 -12.39 -8.01 2.13
C ILE B 727 -11.07 -7.60 1.51
N ASN B 728 -10.99 -6.38 0.96
CA ASN B 728 -9.72 -5.91 0.40
C ASN B 728 -8.64 -5.80 1.47
N SER B 729 -8.99 -5.24 2.63
CA SER B 729 -8.01 -5.07 3.70
C SER B 729 -7.49 -6.42 4.19
N SER B 730 -8.38 -7.42 4.30
CA SER B 730 -7.93 -8.75 4.67
C SER B 730 -7.06 -9.38 3.58
N PHE B 731 -7.49 -9.26 2.32
CA PHE B 731 -6.80 -9.92 1.22
C PHE B 731 -5.40 -9.36 1.01
N GLN B 732 -5.16 -8.11 1.40
CA GLN B 732 -3.80 -7.58 1.36
C GLN B 732 -2.84 -8.45 2.17
N GLU B 733 -3.10 -8.57 3.47
CA GLU B 733 -2.23 -9.37 4.33
C GLU B 733 -2.31 -10.86 3.99
N ILE B 734 -3.43 -11.30 3.41
CA ILE B 734 -3.50 -12.69 2.94
C ILE B 734 -2.50 -12.92 1.81
N GLU B 735 -2.44 -11.99 0.85
CA GLU B 735 -1.47 -12.05 -0.23
C GLU B 735 -0.04 -11.87 0.26
N ASP B 736 0.14 -11.23 1.43
CA ASP B 736 1.49 -11.08 1.98
C ASP B 736 2.17 -12.44 2.22
N ASP B 737 1.40 -13.48 2.55
CA ASP B 737 1.97 -14.77 2.93
C ASP B 737 1.19 -15.91 2.27
N ALA B 738 0.80 -15.74 1.01
CA ALA B 738 -0.03 -16.75 0.35
C ALA B 738 0.77 -18.00 0.00
N ASP B 739 1.99 -17.82 -0.51
CA ASP B 739 2.80 -18.95 -0.96
C ASP B 739 3.09 -19.92 0.18
N VAL B 740 3.52 -19.39 1.33
CA VAL B 740 3.91 -20.24 2.45
C VAL B 740 2.69 -20.96 3.02
N GLU B 741 1.56 -20.27 3.13
CA GLU B 741 0.35 -20.89 3.63
C GLU B 741 -0.13 -22.01 2.69
N TRP B 742 -0.06 -21.78 1.38
CA TRP B 742 -0.42 -22.83 0.42
C TRP B 742 0.53 -24.02 0.54
N LYS B 743 1.83 -23.76 0.73
CA LYS B 743 2.78 -24.85 0.91
C LYS B 743 2.43 -25.67 2.14
N PHE B 744 2.07 -25.00 3.25
CA PHE B 744 1.70 -25.74 4.45
C PHE B 744 0.44 -26.56 4.25
N ALA B 745 -0.56 -25.99 3.55
CA ALA B 745 -1.78 -26.73 3.28
C ALA B 745 -1.50 -27.96 2.42
N ARG B 746 -0.67 -27.81 1.39
CA ARG B 746 -0.31 -28.95 0.55
C ARG B 746 0.47 -30.00 1.33
N ALA B 747 1.32 -29.55 2.26
CA ALA B 747 2.03 -30.49 3.12
C ALA B 747 1.08 -31.28 4.01
N LYS B 748 0.06 -30.61 4.56
CA LYS B 748 -0.95 -31.32 5.33
C LYS B 748 -1.70 -32.33 4.46
N LEU B 749 -2.02 -31.94 3.23
CA LEU B 749 -2.69 -32.85 2.31
C LEU B 749 -1.82 -34.08 2.03
N TRP B 750 -0.52 -33.88 1.83
CA TRP B 750 0.38 -35.01 1.60
C TRP B 750 0.46 -35.91 2.83
N PHE B 751 0.59 -35.31 4.02
CA PHE B 751 0.69 -36.10 5.24
C PHE B 751 -0.60 -36.85 5.55
N SER B 752 -1.74 -36.37 5.07
CA SER B 752 -2.98 -37.13 5.23
C SER B 752 -2.91 -38.47 4.49
N TYR B 753 -2.11 -38.54 3.42
CA TYR B 753 -1.98 -39.76 2.63
C TYR B 753 -0.68 -40.52 2.90
N PHE B 754 0.26 -39.93 3.63
CA PHE B 754 1.51 -40.63 3.91
C PHE B 754 1.31 -41.89 4.75
N GLU B 755 0.20 -41.98 5.47
CA GLU B 755 -0.04 -43.14 6.32
C GLU B 755 -0.25 -44.40 5.49
N GLU B 756 0.08 -45.55 6.08
CA GLU B 756 -0.03 -46.84 5.43
C GLU B 756 -1.40 -47.48 5.60
N GLY B 757 -2.32 -46.83 6.32
CA GLY B 757 -3.61 -47.42 6.63
C GLY B 757 -4.51 -47.65 5.43
N ARG B 758 -4.95 -46.58 4.79
CA ARG B 758 -5.91 -46.67 3.69
C ARG B 758 -5.19 -46.74 2.35
N THR B 759 -5.52 -47.76 1.56
CA THR B 759 -5.00 -47.91 0.21
C THR B 759 -6.11 -47.96 -0.84
N LEU B 760 -7.19 -48.69 -0.56
CA LEU B 760 -8.32 -48.76 -1.48
C LEU B 760 -9.16 -47.49 -1.40
N PRO B 761 -9.77 -47.07 -2.52
CA PRO B 761 -10.65 -45.90 -2.50
C PRO B 761 -11.99 -46.20 -1.84
N VAL B 762 -12.92 -45.24 -1.91
CA VAL B 762 -14.25 -45.46 -1.34
C VAL B 762 -14.94 -46.70 -1.92
N PRO B 763 -14.94 -46.94 -3.23
CA PRO B 763 -15.44 -48.23 -3.72
C PRO B 763 -14.51 -49.35 -3.29
N PHE B 764 -15.09 -50.53 -3.09
CA PHE B 764 -14.41 -51.74 -2.63
C PHE B 764 -13.83 -51.59 -1.23
N ASN B 765 -14.15 -50.49 -0.53
CA ASN B 765 -13.68 -50.31 0.83
C ASN B 765 -14.46 -51.16 1.83
N LEU B 766 -15.74 -51.45 1.53
CA LEU B 766 -16.58 -52.19 2.48
C LEU B 766 -16.01 -53.57 2.77
N VAL B 767 -15.59 -54.29 1.74
CA VAL B 767 -14.97 -55.60 1.95
C VAL B 767 -13.61 -55.41 2.60
N PRO B 768 -13.18 -56.32 3.49
CA PRO B 768 -11.88 -56.22 4.17
C PRO B 768 -10.69 -56.24 3.21
N ARG B 853 28.35 -39.58 18.47
CA ARG B 853 27.90 -40.31 17.28
C ARG B 853 27.78 -39.38 16.08
N GLN B 854 27.25 -39.92 14.97
CA GLN B 854 27.11 -39.13 13.75
C GLN B 854 26.15 -37.95 13.95
N TYR B 855 25.01 -38.21 14.59
CA TYR B 855 24.02 -37.15 14.79
C TYR B 855 24.59 -36.03 15.66
N GLN B 856 25.32 -36.39 16.72
CA GLN B 856 25.93 -35.39 17.57
C GLN B 856 26.96 -34.55 16.80
N LYS B 857 27.76 -35.19 15.95
CA LYS B 857 28.71 -34.46 15.11
C LYS B 857 27.99 -33.48 14.20
N ILE B 858 26.92 -33.94 13.54
CA ILE B 858 26.20 -33.08 12.61
C ILE B 858 25.56 -31.91 13.35
N MET B 859 24.99 -32.17 14.53
CA MET B 859 24.39 -31.09 15.30
C MET B 859 25.44 -30.07 15.74
N LYS B 860 26.61 -30.54 16.18
CA LYS B 860 27.68 -29.62 16.57
C LYS B 860 28.10 -28.75 15.40
N ARG B 861 28.29 -29.38 14.23
CA ARG B 861 28.69 -28.64 13.03
C ARG B 861 27.64 -27.60 12.66
N LEU B 862 26.36 -27.99 12.66
CA LEU B 862 25.31 -27.06 12.26
C LEU B 862 25.14 -25.93 13.27
N ILE B 863 25.33 -26.21 14.56
CA ILE B 863 25.23 -25.15 15.56
C ILE B 863 26.36 -24.16 15.41
N LYS B 864 27.59 -24.65 15.16
CA LYS B 864 28.69 -23.73 14.92
C LYS B 864 28.42 -22.86 13.69
N ARG B 865 27.92 -23.49 12.61
CA ARG B 865 27.60 -22.73 11.41
C ARG B 865 26.52 -21.69 11.67
N TYR B 866 25.51 -22.04 12.47
CA TYR B 866 24.46 -21.09 12.79
C TYR B 866 24.98 -19.92 13.61
N VAL B 867 25.88 -20.20 14.56
CA VAL B 867 26.47 -19.12 15.34
C VAL B 867 27.23 -18.16 14.44
N LEU B 868 28.04 -18.71 13.53
CA LEU B 868 28.79 -17.84 12.61
C LEU B 868 27.85 -17.03 11.72
N GLN B 869 26.81 -17.68 11.17
CA GLN B 869 25.90 -16.97 10.28
C GLN B 869 25.10 -15.90 11.02
N ALA B 870 24.71 -16.18 12.26
CA ALA B 870 24.00 -15.19 13.06
C ALA B 870 24.89 -13.99 13.36
N GLN B 871 26.16 -14.23 13.67
CA GLN B 871 27.08 -13.12 13.89
C GLN B 871 27.24 -12.29 12.62
N ILE B 872 27.35 -12.94 11.46
CA ILE B 872 27.47 -12.20 10.20
C ILE B 872 26.20 -11.38 9.94
N ASP B 873 25.03 -11.97 10.15
CA ASP B 873 23.78 -11.26 9.91
C ASP B 873 23.63 -10.08 10.87
N LYS B 874 24.11 -10.24 12.11
CA LYS B 874 24.15 -9.11 13.03
C LYS B 874 25.08 -8.02 12.52
N GLU B 875 26.24 -8.40 11.99
CA GLU B 875 27.14 -7.44 11.36
C GLU B 875 26.50 -6.76 10.16
N SER B 876 25.47 -7.38 9.59
CA SER B 876 24.79 -6.81 8.42
C SER B 876 23.76 -5.76 8.78
N ASP B 877 23.83 -5.25 10.00
CA ASP B 877 22.90 -4.22 10.46
C ASP B 877 23.47 -2.83 10.23
N GLU B 878 22.60 -1.82 10.23
CA GLU B 878 23.05 -0.45 10.02
C GLU B 878 23.70 0.10 11.26
N VAL B 879 24.73 0.92 11.07
CA VAL B 879 25.40 1.55 12.18
C VAL B 879 24.45 2.59 12.75
N ASN B 880 24.45 2.74 14.06
CA ASN B 880 23.61 3.72 14.72
C ASN B 880 24.47 4.64 15.56
N GLU B 881 23.91 5.74 16.03
CA GLU B 881 24.64 6.72 16.82
C GLU B 881 25.48 6.18 17.96
N GLY B 882 24.94 5.25 18.72
CA GLY B 882 25.68 4.70 19.84
C GLY B 882 26.95 4.00 19.42
N GLU B 883 26.83 3.22 18.35
CA GLU B 883 27.95 2.45 17.84
C GLU B 883 29.05 3.39 17.40
N LEU B 884 28.70 4.45 16.68
CA LEU B 884 29.70 5.38 16.21
C LEU B 884 30.36 6.14 17.34
N LYS B 885 29.60 6.42 18.38
CA LYS B 885 30.13 7.12 19.53
C LYS B 885 31.20 6.30 20.23
N GLU B 886 30.99 4.99 20.31
CA GLU B 886 31.96 4.13 20.96
C GLU B 886 33.28 4.25 20.27
N ILE B 887 33.25 4.52 18.96
CA ILE B 887 34.47 4.71 18.18
C ILE B 887 35.09 6.06 18.47
N LYS B 888 34.27 7.11 18.59
CA LYS B 888 34.77 8.44 18.90
C LYS B 888 35.49 8.46 20.25
N GLN B 889 34.92 7.79 21.25
CA GLN B 889 35.57 7.70 22.55
C GLN B 889 36.89 6.93 22.45
N ASP B 890 37.09 5.99 21.48
CA ASP B 890 38.37 5.28 21.30
C ASP B 890 39.45 6.28 20.90
N ILE B 891 39.00 7.10 19.92
CA ILE B 891 39.96 8.08 19.45
C ILE B 891 40.30 9.07 20.56
N SER B 892 39.32 9.43 21.37
CA SER B 892 39.58 10.35 22.48
C SER B 892 40.60 9.77 23.45
N SER B 893 40.39 8.52 23.87
CA SER B 893 41.33 7.89 24.80
C SER B 893 42.70 7.72 24.17
N LEU B 894 42.74 7.37 22.88
CA LEU B 894 44.03 7.26 22.19
C LEU B 894 44.75 8.59 22.19
N ARG B 895 44.03 9.68 21.93
CA ARG B 895 44.64 11.01 21.92
C ARG B 895 45.20 11.35 23.30
N TYR B 896 44.44 11.07 24.36
CA TYR B 896 44.93 11.35 25.70
C TYR B 896 46.21 10.57 26.00
N GLU B 897 46.23 9.28 25.66
CA GLU B 897 47.41 8.46 25.90
C GLU B 897 48.62 8.99 25.14
N LEU B 898 48.42 9.32 23.85
CA LEU B 898 49.53 9.77 23.03
C LEU B 898 50.06 11.12 23.49
N LEU B 899 49.17 12.04 23.87
CA LEU B 899 49.62 13.34 24.35
C LEU B 899 50.35 13.21 25.68
N GLU B 900 49.89 12.31 26.56
CA GLU B 900 50.62 12.07 27.79
C GLU B 900 52.01 11.51 27.52
N GLU B 901 52.12 10.56 26.58
CA GLU B 901 53.43 10.01 26.25
C GLU B 901 54.34 11.07 25.62
N LYS B 902 53.77 11.96 24.80
CA LYS B 902 54.55 13.05 24.24
C LYS B 902 55.03 14.02 25.31
N SER B 903 54.19 14.29 26.32
CA SER B 903 54.58 15.20 27.38
C SER B 903 55.77 14.67 28.17
N GLN B 904 55.79 13.36 28.44
CA GLN B 904 56.92 12.74 29.12
C GLN B 904 58.16 12.72 28.22
N LEU C 95 42.44 37.56 0.53
CA LEU C 95 41.79 37.50 1.82
C LEU C 95 42.81 37.66 2.95
N SER C 96 43.86 38.45 2.70
CA SER C 96 44.91 38.71 3.69
C SER C 96 45.52 37.38 4.17
N ILE C 97 46.26 36.76 3.26
CA ILE C 97 46.62 35.33 3.29
C ILE C 97 46.97 34.84 4.68
N GLU C 98 47.53 35.70 5.54
CA GLU C 98 47.68 35.34 6.94
C GLU C 98 46.33 35.00 7.57
N GLU C 99 45.31 35.83 7.31
CA GLU C 99 43.98 35.56 7.85
C GLU C 99 43.38 34.28 7.27
N GLU C 100 43.59 34.06 5.97
CA GLU C 100 43.07 32.84 5.34
C GLU C 100 43.74 31.61 5.94
N ARG C 101 45.04 31.67 6.17
CA ARG C 101 45.74 30.56 6.80
C ARG C 101 45.24 30.34 8.23
N PHE C 102 44.99 31.42 8.97
CA PHE C 102 44.46 31.29 10.33
C PHE C 102 43.09 30.62 10.32
N LEU C 103 42.20 31.05 9.42
CA LEU C 103 40.88 30.43 9.34
C LEU C 103 40.98 28.97 8.91
N ASP C 104 41.87 28.67 7.96
CA ASP C 104 42.06 27.29 7.52
C ASP C 104 42.54 26.41 8.67
N ALA C 105 43.48 26.91 9.46
CA ALA C 105 43.96 26.15 10.62
C ALA C 105 42.86 25.98 11.66
N ALA C 106 42.07 27.03 11.90
CA ALA C 106 41.02 26.94 12.91
C ALA C 106 39.94 25.94 12.50
N GLU C 107 39.57 25.92 11.22
CA GLU C 107 38.48 25.05 10.78
C GLU C 107 38.85 23.57 10.91
N TYR C 108 40.09 23.21 10.59
CA TYR C 108 40.52 21.82 10.54
C TYR C 108 41.36 21.41 11.74
N GLY C 109 41.17 22.08 12.88
CA GLY C 109 41.77 21.63 14.13
C GLY C 109 43.28 21.65 14.17
N ASN C 110 43.91 22.63 13.52
CA ASN C 110 45.36 22.80 13.59
C ASN C 110 45.68 23.63 14.82
N ILE C 111 45.61 22.97 15.98
CA ILE C 111 45.78 23.66 17.25
C ILE C 111 47.13 24.37 17.37
N PRO C 112 48.27 23.74 17.03
CA PRO C 112 49.54 24.45 17.19
C PRO C 112 49.64 25.74 16.39
N VAL C 113 49.14 25.75 15.16
CA VAL C 113 49.23 26.95 14.33
C VAL C 113 48.37 28.07 14.91
N VAL C 114 47.14 27.76 15.33
CA VAL C 114 46.27 28.80 15.88
C VAL C 114 46.82 29.32 17.19
N ARG C 115 47.40 28.43 18.01
CA ARG C 115 48.00 28.89 19.26
C ARG C 115 49.20 29.79 19.01
N LYS C 116 50.08 29.41 18.07
CA LYS C 116 51.24 30.24 17.78
C LYS C 116 50.82 31.59 17.20
N MET C 117 49.77 31.61 16.37
CA MET C 117 49.29 32.87 15.83
C MET C 117 48.69 33.75 16.92
N LEU C 118 47.90 33.16 17.83
CA LEU C 118 47.35 33.94 18.93
C LEU C 118 48.45 34.47 19.84
N GLU C 119 49.59 33.78 19.90
CA GLU C 119 50.67 34.23 20.78
C GLU C 119 51.56 35.28 20.12
N GLU C 120 51.84 35.14 18.82
CA GLU C 120 52.94 35.88 18.20
C GLU C 120 52.55 36.81 17.06
N CYS C 121 51.27 36.89 16.68
CA CYS C 121 50.89 37.74 15.56
C CYS C 121 50.83 39.21 15.95
N HIS C 122 49.95 39.54 16.91
CA HIS C 122 49.72 40.88 17.42
C HIS C 122 49.11 41.82 16.38
N SER C 123 48.88 41.34 15.16
CA SER C 123 48.20 42.12 14.13
C SER C 123 47.12 41.33 13.41
N LEU C 124 47.00 40.03 13.66
CA LEU C 124 45.95 39.23 13.05
C LEU C 124 44.59 39.66 13.55
N ASN C 125 43.63 39.78 12.62
CA ASN C 125 42.25 40.10 12.97
C ASN C 125 41.57 38.81 13.42
N VAL C 126 41.24 38.73 14.71
CA VAL C 126 40.65 37.52 15.25
C VAL C 126 39.25 37.29 14.66
N ASN C 127 38.51 38.38 14.43
CA ASN C 127 37.13 38.30 13.99
C ASN C 127 36.98 38.22 12.48
N CYS C 128 38.06 37.92 11.76
CA CYS C 128 37.94 37.77 10.31
C CYS C 128 37.08 36.56 9.97
N VAL C 129 36.30 36.69 8.90
CA VAL C 129 35.33 35.66 8.52
C VAL C 129 35.73 35.05 7.18
N ASP C 130 35.25 33.83 6.94
CA ASP C 130 35.50 33.13 5.70
C ASP C 130 34.44 33.51 4.66
N TYR C 131 34.38 32.74 3.57
CA TYR C 131 33.46 33.07 2.48
C TYR C 131 32.00 33.03 2.91
N MET C 132 31.67 32.30 3.98
CA MET C 132 30.32 32.22 4.49
C MET C 132 30.08 33.13 5.70
N GLY C 133 30.98 34.05 5.97
CA GLY C 133 30.83 34.94 7.10
C GLY C 133 30.93 34.24 8.45
N GLN C 134 31.81 33.25 8.56
CA GLN C 134 32.04 32.53 9.81
C GLN C 134 33.45 32.85 10.28
N ASN C 135 33.58 33.33 11.52
CA ASN C 135 34.89 33.64 12.06
C ASN C 135 35.53 32.35 12.58
N ALA C 136 36.68 32.48 13.25
CA ALA C 136 37.37 31.30 13.75
C ALA C 136 36.53 30.55 14.78
N LEU C 137 35.88 31.29 15.68
CA LEU C 137 35.11 30.65 16.74
C LEU C 137 33.94 29.84 16.16
N GLN C 138 33.23 30.39 15.19
CA GLN C 138 32.10 29.68 14.61
C GLN C 138 32.56 28.41 13.88
N LEU C 139 33.69 28.49 13.17
CA LEU C 139 34.22 27.31 12.51
C LEU C 139 34.64 26.25 13.51
N ALA C 140 35.35 26.66 14.57
CA ALA C 140 35.82 25.71 15.57
C ALA C 140 34.65 25.02 16.26
N VAL C 141 33.61 25.79 16.60
CA VAL C 141 32.42 25.20 17.21
C VAL C 141 31.74 24.25 16.22
N ALA C 142 31.63 24.66 14.95
CA ALA C 142 30.94 23.85 13.96
C ALA C 142 31.63 22.51 13.74
N ASN C 143 32.96 22.51 13.69
CA ASN C 143 33.72 21.28 13.49
C ASN C 143 34.06 20.57 14.78
N GLU C 144 33.53 21.02 15.89
CA GLU C 144 33.72 20.38 17.20
C GLU C 144 35.20 20.25 17.54
N HIS C 145 35.89 21.42 17.73
CA HIS C 145 37.27 21.50 18.20
C HIS C 145 37.25 22.16 19.57
N LEU C 146 37.59 21.39 20.61
CA LEU C 146 37.45 21.89 21.98
C LEU C 146 38.64 22.75 22.40
N GLU C 147 39.86 22.31 22.11
CA GLU C 147 41.04 23.07 22.51
C GLU C 147 41.09 24.42 21.81
N ILE C 148 40.76 24.44 20.51
CA ILE C 148 40.69 25.71 19.79
C ILE C 148 39.60 26.60 20.38
N THR C 149 38.47 25.99 20.77
CA THR C 149 37.39 26.76 21.38
C THR C 149 37.87 27.43 22.66
N GLU C 150 38.55 26.67 23.53
CA GLU C 150 39.06 27.24 24.77
C GLU C 150 40.08 28.34 24.50
N LEU C 151 40.98 28.11 23.54
CA LEU C 151 41.99 29.11 23.20
C LEU C 151 41.34 30.41 22.72
N LEU C 152 40.32 30.30 21.88
CA LEU C 152 39.63 31.50 21.40
C LEU C 152 38.85 32.17 22.51
N LEU C 153 38.24 31.38 23.40
CA LEU C 153 37.48 31.95 24.51
C LEU C 153 38.38 32.75 25.44
N LYS C 154 39.61 32.27 25.68
CA LYS C 154 40.54 33.03 26.50
C LYS C 154 40.89 34.37 25.86
N LYS C 155 40.84 34.45 24.53
CA LYS C 155 41.02 35.73 23.85
C LYS C 155 39.83 36.65 24.11
N GLU C 156 40.10 37.89 24.49
CA GLU C 156 39.05 38.86 24.70
C GLU C 156 38.62 39.46 23.36
N ASN C 157 37.70 40.44 23.43
CA ASN C 157 37.12 41.14 22.28
C ASN C 157 36.75 40.18 21.15
N LEU C 158 36.31 38.97 21.51
CA LEU C 158 35.92 37.96 20.55
C LEU C 158 34.41 38.05 20.31
N SER C 159 34.02 38.35 19.08
CA SER C 159 32.61 38.48 18.75
C SER C 159 32.03 37.11 18.41
N ARG C 160 30.71 37.09 18.18
CA ARG C 160 29.99 35.87 17.81
C ARG C 160 30.13 34.78 18.86
N VAL C 161 30.01 35.15 20.14
CA VAL C 161 30.06 34.18 21.22
C VAL C 161 28.67 33.61 21.52
N GLY C 162 27.65 34.47 21.55
CA GLY C 162 26.29 33.97 21.74
C GLY C 162 25.85 33.05 20.61
N ASP C 163 26.17 33.42 19.37
CA ASP C 163 25.89 32.54 18.25
C ASP C 163 26.70 31.26 18.34
N ALA C 164 27.94 31.35 18.83
CA ALA C 164 28.73 30.13 19.02
C ALA C 164 28.06 29.19 20.01
N LEU C 165 27.56 29.73 21.13
CA LEU C 165 26.83 28.89 22.07
C LEU C 165 25.59 28.29 21.43
N LEU C 166 24.84 29.09 20.67
CA LEU C 166 23.63 28.58 20.03
C LEU C 166 23.95 27.45 19.05
N LEU C 167 25.00 27.63 18.24
CA LEU C 167 25.40 26.60 17.30
C LEU C 167 25.86 25.34 18.02
N ALA C 168 26.63 25.50 19.10
CA ALA C 168 27.08 24.35 19.87
C ALA C 168 25.89 23.58 20.44
N ILE C 169 24.93 24.31 21.01
CA ILE C 169 23.74 23.67 21.57
C ILE C 169 22.97 22.92 20.48
N SER C 170 22.79 23.56 19.32
CA SER C 170 22.02 22.94 18.25
C SER C 170 22.68 21.67 17.70
N LYS C 171 24.00 21.53 17.87
CA LYS C 171 24.71 20.36 17.40
C LYS C 171 25.11 19.41 18.52
N GLY C 172 24.53 19.57 19.71
CA GLY C 172 24.96 18.78 20.85
C GLY C 172 26.22 19.36 21.48
N TYR C 173 27.36 18.67 21.30
CA TYR C 173 28.67 19.16 21.72
C TYR C 173 28.65 19.66 23.16
N VAL C 174 28.37 18.74 24.08
CA VAL C 174 28.14 19.11 25.48
C VAL C 174 29.38 19.76 26.07
N ARG C 175 30.56 19.21 25.79
CA ARG C 175 31.79 19.78 26.32
C ARG C 175 32.00 21.20 25.82
N ILE C 176 31.76 21.45 24.54
CA ILE C 176 31.91 22.80 23.99
C ILE C 176 30.88 23.74 24.60
N VAL C 177 29.65 23.26 24.79
CA VAL C 177 28.63 24.10 25.41
C VAL C 177 29.04 24.51 26.81
N GLU C 178 29.55 23.56 27.60
CA GLU C 178 30.01 23.88 28.94
C GLU C 178 31.19 24.84 28.91
N ALA C 179 32.12 24.66 27.96
CA ALA C 179 33.25 25.56 27.84
C ALA C 179 32.80 26.98 27.52
N ILE C 180 31.83 27.12 26.63
CA ILE C 180 31.33 28.45 26.27
C ILE C 180 30.59 29.08 27.44
N LEU C 181 29.80 28.28 28.18
CA LEU C 181 29.04 28.82 29.28
C LEU C 181 29.93 29.46 30.35
N SER C 182 31.17 28.99 30.46
CA SER C 182 32.10 29.58 31.43
C SER C 182 32.62 30.94 30.98
N HIS C 183 32.31 31.36 29.76
CA HIS C 183 32.71 32.69 29.30
C HIS C 183 32.05 33.76 30.17
N PRO C 184 32.73 34.88 30.41
CA PRO C 184 32.15 35.92 31.28
C PRO C 184 30.81 36.47 30.80
N ALA C 185 30.54 36.42 29.49
CA ALA C 185 29.28 36.93 28.98
C ALA C 185 28.07 36.14 29.47
N PHE C 186 28.28 34.91 29.93
CA PHE C 186 27.20 34.05 30.41
C PHE C 186 27.28 33.81 31.91
N ALA C 187 27.64 34.86 32.67
CA ALA C 187 27.70 34.76 34.13
C ALA C 187 26.29 34.90 34.70
N GLU C 188 25.48 33.87 34.43
CA GLU C 188 24.09 33.72 34.89
C GLU C 188 23.25 34.97 34.61
N GLY C 189 23.64 35.78 33.63
CA GLY C 189 22.93 37.02 33.36
C GLY C 189 22.32 37.11 31.97
N LYS C 190 22.84 36.32 31.03
CA LYS C 190 22.41 36.35 29.64
C LYS C 190 21.51 35.17 29.29
N ARG C 191 20.95 34.51 30.29
CA ARG C 191 20.19 33.28 30.06
C ARG C 191 18.71 33.56 29.88
N LEU C 192 18.11 32.91 28.88
CA LEU C 192 16.70 33.05 28.56
C LEU C 192 16.29 34.50 28.34
N ASP C 204 20.24 43.77 23.09
CA ASP C 204 20.02 42.85 21.98
C ASP C 204 21.28 42.73 21.12
N ASP C 205 21.13 42.11 19.94
CA ASP C 205 22.20 41.87 18.99
C ASP C 205 23.28 40.95 19.55
N PHE C 206 23.02 40.29 20.67
CA PHE C 206 24.02 39.41 21.28
C PHE C 206 24.13 38.07 20.56
N TYR C 207 23.05 37.58 19.97
CA TYR C 207 23.03 36.27 19.34
C TYR C 207 23.15 36.33 17.82
N ALA C 208 23.48 37.49 17.26
CA ALA C 208 23.65 37.59 15.81
C ALA C 208 24.89 36.84 15.36
N TYR C 209 24.78 36.14 14.23
CA TYR C 209 25.89 35.39 13.66
C TYR C 209 26.59 36.14 12.52
N ASP C 210 26.14 37.34 12.19
CA ASP C 210 26.77 38.17 11.17
C ASP C 210 26.33 39.61 11.40
N GLU C 211 26.56 40.46 10.41
CA GLU C 211 26.13 41.86 10.52
C GLU C 211 24.60 41.95 10.54
N ASP C 212 23.93 41.17 9.71
CA ASP C 212 22.48 41.23 9.59
C ASP C 212 21.89 39.84 9.81
N GLY C 213 21.12 39.69 10.88
CA GLY C 213 20.37 38.48 11.14
C GLY C 213 21.01 37.60 12.20
N THR C 214 20.26 36.56 12.57
CA THR C 214 20.69 35.56 13.53
C THR C 214 20.53 34.17 12.92
N ARG C 215 21.30 33.22 13.44
CA ARG C 215 21.30 31.87 12.87
C ARG C 215 19.91 31.24 12.97
N PHE C 216 19.26 31.39 14.12
CA PHE C 216 17.91 30.88 14.35
C PHE C 216 16.95 32.05 14.52
N SER C 217 15.69 31.73 14.82
CA SER C 217 14.72 32.77 15.12
C SER C 217 15.19 33.58 16.33
N HIS C 218 14.96 34.91 16.26
CA HIS C 218 15.50 35.79 17.29
C HIS C 218 14.92 35.48 18.67
N ASP C 219 13.71 34.92 18.73
CA ASP C 219 13.09 34.58 20.00
C ASP C 219 13.62 33.28 20.58
N VAL C 220 14.35 32.48 19.81
CA VAL C 220 14.83 31.17 20.27
C VAL C 220 16.03 31.42 21.19
N THR C 221 15.79 31.39 22.49
CA THR C 221 16.85 31.49 23.49
C THR C 221 17.56 30.14 23.61
N PRO C 222 18.73 30.11 24.25
CA PRO C 222 19.45 28.83 24.38
C PRO C 222 18.62 27.71 25.01
N ILE C 223 17.80 28.02 26.02
CA ILE C 223 16.97 26.99 26.63
C ILE C 223 15.95 26.45 25.63
N ILE C 224 15.34 27.35 24.85
CA ILE C 224 14.36 26.92 23.85
C ILE C 224 15.03 26.05 22.80
N LEU C 225 16.22 26.46 22.34
CA LEU C 225 16.92 25.68 21.33
C LEU C 225 17.30 24.30 21.86
N ALA C 226 17.79 24.24 23.10
CA ALA C 226 18.14 22.96 23.69
C ALA C 226 16.91 22.06 23.82
N ALA C 227 15.78 22.63 24.23
CA ALA C 227 14.55 21.84 24.30
C ALA C 227 14.15 21.35 22.91
N HIS C 228 14.27 22.21 21.89
CA HIS C 228 13.92 21.80 20.53
C HIS C 228 14.77 20.63 20.07
N CYS C 229 16.08 20.70 20.31
CA CYS C 229 16.98 19.65 19.86
C CYS C 229 16.95 18.42 20.76
N GLN C 230 16.32 18.52 21.94
CA GLN C 230 16.25 17.41 22.89
C GLN C 230 17.64 16.93 23.29
N GLU C 231 18.41 17.85 23.88
CA GLU C 231 19.74 17.55 24.42
C GLU C 231 19.59 17.54 25.95
N TYR C 232 19.47 16.34 26.51
CA TYR C 232 19.12 16.22 27.92
C TYR C 232 20.19 16.82 28.83
N GLU C 233 21.47 16.59 28.51
CA GLU C 233 22.53 17.16 29.33
C GLU C 233 22.49 18.68 29.30
N ILE C 234 22.33 19.26 28.10
CA ILE C 234 22.31 20.71 27.97
C ILE C 234 21.06 21.30 28.62
N VAL C 235 19.91 20.65 28.43
CA VAL C 235 18.68 21.12 29.05
C VAL C 235 18.82 21.10 30.56
N HIS C 236 19.37 20.02 31.12
CA HIS C 236 19.58 19.94 32.56
C HIS C 236 20.53 21.03 33.04
N THR C 237 21.61 21.27 32.29
CA THR C 237 22.57 22.31 32.68
C THR C 237 21.91 23.68 32.71
N LEU C 238 21.17 24.01 31.64
CA LEU C 238 20.53 25.31 31.56
C LEU C 238 19.46 25.48 32.64
N LEU C 239 18.67 24.42 32.89
CA LEU C 239 17.69 24.48 33.97
C LEU C 239 18.35 24.71 35.31
N ARG C 240 19.49 24.06 35.54
CA ARG C 240 20.23 24.29 36.79
C ARG C 240 20.68 25.74 36.90
N LYS C 241 20.88 26.42 35.77
CA LYS C 241 21.25 27.83 35.76
C LYS C 241 20.04 28.75 35.67
N GLY C 242 18.84 28.23 35.92
CA GLY C 242 17.64 29.06 35.98
C GLY C 242 16.98 29.35 34.65
N ALA C 243 17.48 28.80 33.55
CA ALA C 243 16.82 28.99 32.26
C ALA C 243 15.41 28.42 32.29
N ARG C 244 14.44 29.20 31.81
CA ARG C 244 13.05 28.78 31.80
C ARG C 244 12.38 29.26 30.53
N ILE C 245 11.52 28.43 29.97
CA ILE C 245 10.66 28.85 28.86
C ILE C 245 9.50 29.65 29.42
N GLU C 246 9.12 30.71 28.71
CA GLU C 246 8.26 31.73 29.29
C GLU C 246 6.77 31.39 29.26
N ARG C 247 6.37 30.26 28.66
CA ARG C 247 4.96 29.86 28.59
C ARG C 247 4.12 30.98 27.99
N PRO C 248 4.13 31.14 26.67
CA PRO C 248 3.50 32.31 26.04
C PRO C 248 2.03 32.46 26.42
N HIS C 249 1.56 33.70 26.38
CA HIS C 249 0.22 34.06 26.82
C HIS C 249 -0.86 33.39 25.98
N ASP C 250 -2.13 33.62 26.35
CA ASP C 250 -3.24 33.05 25.61
C ASP C 250 -3.32 33.67 24.21
N TYR C 251 -4.01 32.97 23.31
CA TYR C 251 -4.13 33.44 21.93
C TYR C 251 -4.86 34.77 21.86
N PHE C 252 -5.93 34.92 22.66
CA PHE C 252 -6.73 36.15 22.67
C PHE C 252 -6.30 37.12 23.76
N CYS C 253 -5.03 37.10 24.15
CA CYS C 253 -4.53 38.03 25.15
C CYS C 253 -4.58 39.47 24.61
N LYS C 254 -4.87 40.41 25.52
CA LYS C 254 -5.07 41.80 25.13
C LYS C 254 -4.11 42.75 25.86
N CYS C 255 -3.06 42.22 26.48
CA CYS C 255 -2.15 43.07 27.24
C CYS C 255 -1.32 43.94 26.30
N ASN C 256 -0.66 44.94 26.88
CA ASN C 256 0.06 45.93 26.08
C ASN C 256 1.20 45.29 25.29
N ASP C 257 1.97 44.41 25.92
CA ASP C 257 3.12 43.81 25.24
C ASP C 257 2.68 42.92 24.08
N CYS C 258 1.70 42.06 24.33
CA CYS C 258 1.18 41.20 23.26
C CYS C 258 0.55 42.03 22.15
N ASN C 259 -0.15 43.10 22.50
CA ASN C 259 -0.75 43.96 21.50
C ASN C 259 0.30 44.63 20.62
N GLN C 260 1.39 45.11 21.24
CA GLN C 260 2.48 45.70 20.47
C GLN C 260 3.14 44.67 19.55
N LYS C 261 3.35 43.46 20.06
CA LYS C 261 3.95 42.42 19.23
C LYS C 261 3.03 42.07 18.06
N GLN C 262 1.72 42.03 18.30
CA GLN C 262 0.77 41.71 17.24
C GLN C 262 0.72 42.82 16.17
N LYS C 263 0.68 44.08 16.60
CA LYS C 263 0.59 45.17 15.64
C LYS C 263 1.92 45.47 14.95
N HIS C 264 3.04 45.01 15.51
CA HIS C 264 4.34 45.27 14.89
C HIS C 264 4.58 44.35 13.70
N ASP C 265 4.57 43.04 13.93
CA ASP C 265 4.90 42.06 12.89
C ASP C 265 3.73 41.15 12.54
N SER C 266 3.12 40.51 13.55
CA SER C 266 1.96 39.63 13.40
C SER C 266 2.32 38.31 12.73
N PHE C 267 3.56 38.18 12.27
CA PHE C 267 4.07 36.91 11.75
C PHE C 267 5.22 36.38 12.59
N SER C 268 6.08 37.27 13.10
CA SER C 268 7.07 36.84 14.09
C SER C 268 6.42 36.47 15.41
N HIS C 269 5.25 37.04 15.70
CA HIS C 269 4.56 36.73 16.94
C HIS C 269 4.09 35.28 16.96
N SER C 270 3.43 34.83 15.89
CA SER C 270 2.98 33.45 15.82
C SER C 270 4.15 32.47 15.82
N ARG C 271 5.22 32.82 15.09
CA ARG C 271 6.40 31.95 15.07
C ARG C 271 7.06 31.86 16.44
N SER C 272 7.13 32.98 17.16
CA SER C 272 7.67 32.94 18.53
C SER C 272 6.80 32.09 19.44
N ARG C 273 5.47 32.23 19.30
CA ARG C 273 4.55 31.44 20.12
C ARG C 273 4.72 29.95 19.85
N ILE C 274 4.79 29.56 18.57
CA ILE C 274 4.91 28.14 18.25
C ILE C 274 6.29 27.61 18.65
N ASN C 275 7.34 28.43 18.55
CA ASN C 275 8.65 27.99 19.01
C ASN C 275 8.66 27.77 20.52
N ALA C 276 8.02 28.68 21.28
CA ALA C 276 7.95 28.50 22.71
C ALA C 276 7.17 27.24 23.07
N TYR C 277 6.07 26.98 22.36
CA TYR C 277 5.30 25.76 22.63
C TYR C 277 6.09 24.51 22.25
N LYS C 278 6.85 24.57 21.14
CA LYS C 278 7.68 23.45 20.73
C LYS C 278 8.74 23.15 21.79
N GLY C 279 9.31 24.21 22.38
CA GLY C 279 10.22 23.99 23.49
C GLY C 279 9.53 23.41 24.71
N LEU C 280 8.34 23.92 25.04
CA LEU C 280 7.61 23.41 26.21
C LEU C 280 7.21 21.96 26.03
N ALA C 281 6.77 21.59 24.83
CA ALA C 281 6.25 20.25 24.57
C ALA C 281 7.34 19.22 24.33
N SER C 282 8.61 19.61 24.36
CA SER C 282 9.68 18.65 24.15
C SER C 282 9.76 17.68 25.33
N PRO C 283 9.98 16.39 25.08
CA PRO C 283 10.05 15.42 26.19
C PRO C 283 11.14 15.75 27.20
N ALA C 284 12.29 16.25 26.74
CA ALA C 284 13.39 16.55 27.64
C ALA C 284 13.00 17.64 28.64
N TYR C 285 12.43 18.73 28.14
CA TYR C 285 12.03 19.82 29.03
C TYR C 285 10.93 19.37 29.98
N LEU C 286 9.95 18.61 29.48
CA LEU C 286 8.89 18.12 30.34
C LEU C 286 9.44 17.24 31.46
N SER C 287 10.37 16.35 31.13
CA SER C 287 10.90 15.42 32.13
C SER C 287 11.78 16.14 33.14
N LEU C 288 12.54 17.14 32.70
CA LEU C 288 13.55 17.74 33.58
C LEU C 288 13.10 19.02 34.27
N SER C 289 12.00 19.63 33.85
CA SER C 289 11.63 20.95 34.34
C SER C 289 10.65 20.90 35.52
N SER C 290 9.51 20.24 35.34
CA SER C 290 8.47 20.22 36.35
C SER C 290 8.65 19.06 37.31
N GLU C 291 8.03 19.19 38.49
CA GLU C 291 8.06 18.13 39.49
C GLU C 291 6.99 17.07 39.27
N ASP C 292 6.04 17.31 38.38
CA ASP C 292 4.98 16.36 38.05
C ASP C 292 4.88 16.25 36.53
N PRO C 293 5.84 15.59 35.88
CA PRO C 293 5.88 15.60 34.41
C PRO C 293 4.64 15.06 33.73
N VAL C 294 3.98 14.05 34.30
CA VAL C 294 2.81 13.46 33.64
C VAL C 294 1.64 14.44 33.65
N MET C 295 1.37 15.05 34.80
CA MET C 295 0.27 16.00 34.89
C MET C 295 0.52 17.21 34.01
N THR C 296 1.73 17.75 34.04
CA THR C 296 2.07 18.90 33.20
C THR C 296 1.97 18.55 31.72
N ALA C 297 2.41 17.34 31.36
CA ALA C 297 2.33 16.91 29.97
C ALA C 297 0.88 16.81 29.51
N LEU C 298 0.01 16.25 30.37
CA LEU C 298 -1.41 16.15 30.02
C LEU C 298 -2.02 17.54 29.84
N GLU C 299 -1.72 18.45 30.78
CA GLU C 299 -2.28 19.80 30.70
C GLU C 299 -1.79 20.52 29.45
N LEU C 300 -0.50 20.41 29.14
CA LEU C 300 0.04 21.05 27.94
C LEU C 300 -0.56 20.44 26.68
N SER C 301 -0.76 19.12 26.66
CA SER C 301 -1.39 18.49 25.51
C SER C 301 -2.80 19.01 25.31
N ASN C 302 -3.55 19.15 26.40
CA ASN C 302 -4.90 19.73 26.31
C ASN C 302 -4.85 21.15 25.76
N GLU C 303 -3.92 21.97 26.27
CA GLU C 303 -3.82 23.35 25.81
C GLU C 303 -3.47 23.43 24.33
N LEU C 304 -2.52 22.59 23.88
CA LEU C 304 -2.14 22.59 22.48
C LEU C 304 -3.28 22.08 21.59
N ALA C 305 -4.05 21.10 22.08
CA ALA C 305 -5.22 20.65 21.33
C ALA C 305 -6.25 21.76 21.21
N VAL C 306 -6.43 22.54 22.27
CA VAL C 306 -7.34 23.68 22.22
C VAL C 306 -6.86 24.70 21.18
N LEU C 307 -5.57 25.03 21.22
CA LEU C 307 -5.04 26.03 20.30
C LEU C 307 -4.98 25.53 18.85
N ALA C 308 -5.01 24.21 18.64
CA ALA C 308 -4.96 23.68 17.28
C ALA C 308 -6.19 24.11 16.48
N ASN C 309 -7.34 24.21 17.13
CA ASN C 309 -8.55 24.61 16.43
C ASN C 309 -8.53 26.10 16.12
N ILE C 310 -8.01 26.92 17.02
CA ILE C 310 -8.09 28.37 16.87
C ILE C 310 -7.23 28.84 15.69
N GLU C 311 -6.00 28.35 15.60
CA GLU C 311 -5.09 28.73 14.52
C GLU C 311 -5.21 27.72 13.38
N LYS C 312 -5.75 28.16 12.25
CA LYS C 312 -5.93 27.26 11.12
C LYS C 312 -4.61 26.92 10.45
N GLU C 313 -3.73 27.92 10.27
CA GLU C 313 -2.46 27.68 9.60
C GLU C 313 -1.56 26.76 10.41
N PHE C 314 -1.52 26.94 11.73
CA PHE C 314 -0.64 26.18 12.61
C PHE C 314 -1.33 24.95 13.20
N LYS C 315 -2.40 24.48 12.58
CA LYS C 315 -3.13 23.34 13.12
C LYS C 315 -2.26 22.09 13.16
N ASN C 316 -1.54 21.82 12.08
CA ASN C 316 -0.67 20.64 12.03
C ASN C 316 0.42 20.70 13.09
N ASP C 317 1.02 21.88 13.27
CA ASP C 317 2.11 22.02 14.24
C ASP C 317 1.62 21.81 15.66
N TYR C 318 0.48 22.42 16.02
CA TYR C 318 -0.04 22.26 17.37
C TYR C 318 -0.51 20.83 17.62
N LYS C 319 -1.13 20.19 16.62
CA LYS C 319 -1.50 18.80 16.77
C LYS C 319 -0.27 17.92 16.93
N LYS C 320 0.81 18.21 16.21
CA LYS C 320 2.04 17.46 16.36
C LYS C 320 2.63 17.64 17.75
N LEU C 321 2.58 18.85 18.30
CA LEU C 321 3.09 19.08 19.64
C LEU C 321 2.24 18.35 20.69
N SER C 322 0.91 18.37 20.52
CA SER C 322 0.05 17.60 21.43
C SER C 322 0.35 16.11 21.32
N MET C 323 0.63 15.64 20.10
CA MET C 323 1.04 14.24 19.92
C MET C 323 2.35 13.96 20.64
N GLN C 324 3.28 14.91 20.61
CA GLN C 324 4.54 14.73 21.35
C GLN C 324 4.28 14.62 22.84
N CYS C 325 3.39 15.46 23.38
CA CYS C 325 3.04 15.35 24.80
C CYS C 325 2.42 13.99 25.11
N LYS C 326 1.50 13.54 24.26
CA LYS C 326 0.87 12.23 24.45
C LYS C 326 1.91 11.11 24.38
N ASP C 327 2.86 11.22 23.44
CA ASP C 327 3.94 10.25 23.34
C ASP C 327 4.77 10.22 24.60
N PHE C 328 5.06 11.40 25.17
CA PHE C 328 5.81 11.45 26.42
C PHE C 328 5.05 10.75 27.53
N VAL C 329 3.74 11.00 27.65
CA VAL C 329 2.96 10.36 28.71
C VAL C 329 2.95 8.85 28.52
N VAL C 330 2.73 8.39 27.28
CA VAL C 330 2.67 6.96 27.00
C VAL C 330 4.02 6.30 27.29
N GLY C 331 5.12 6.93 26.87
CA GLY C 331 6.43 6.37 27.14
C GLY C 331 6.76 6.33 28.62
N LEU C 332 6.33 7.37 29.36
CA LEU C 332 6.52 7.36 30.81
C LEU C 332 5.74 6.22 31.46
N LEU C 333 4.55 5.94 30.94
CA LEU C 333 3.80 4.79 31.44
C LEU C 333 4.47 3.47 31.04
N ASP C 334 5.11 3.42 29.88
CA ASP C 334 5.67 2.19 29.35
C ASP C 334 6.82 1.64 30.19
N LEU C 335 7.49 2.49 30.97
CA LEU C 335 8.68 2.08 31.70
C LEU C 335 8.39 1.50 33.07
N CYS C 336 7.13 1.49 33.50
CA CYS C 336 6.80 0.98 34.82
C CYS C 336 7.05 -0.53 34.88
N ARG C 337 7.55 -0.99 36.04
CA ARG C 337 7.95 -2.38 36.22
C ARG C 337 7.11 -3.11 37.26
N ASN C 338 6.79 -2.49 38.38
CA ASN C 338 5.96 -3.08 39.41
C ASN C 338 4.67 -2.26 39.56
N THR C 339 3.73 -2.82 40.33
CA THR C 339 2.40 -2.20 40.44
C THR C 339 2.47 -0.84 41.12
N GLU C 340 3.48 -0.59 41.94
CA GLU C 340 3.60 0.70 42.62
C GLU C 340 3.84 1.82 41.61
N GLU C 341 4.78 1.61 40.68
CA GLU C 341 5.02 2.61 39.64
C GLU C 341 3.81 2.76 38.72
N VAL C 342 3.15 1.64 38.41
CA VAL C 342 1.96 1.70 37.56
C VAL C 342 0.88 2.55 38.21
N GLU C 343 0.64 2.36 39.51
CA GLU C 343 -0.33 3.19 40.21
C GLU C 343 0.11 4.64 40.26
N ALA C 344 1.41 4.88 40.48
CA ALA C 344 1.89 6.26 40.54
C ALA C 344 1.66 7.00 39.22
N ILE C 345 1.90 6.32 38.10
CA ILE C 345 1.72 6.96 36.80
C ILE C 345 0.24 7.10 36.46
N LEU C 346 -0.53 6.02 36.65
CA LEU C 346 -1.94 6.02 36.23
C LEU C 346 -2.81 6.85 37.15
N ASN C 347 -2.58 6.77 38.46
CA ASN C 347 -3.45 7.42 39.44
C ASN C 347 -2.89 8.72 39.97
N GLY C 348 -1.59 8.76 40.27
CA GLY C 348 -0.98 9.96 40.82
C GLY C 348 -0.55 9.80 42.26
N ASP C 349 -0.72 10.85 43.06
CA ASP C 349 -0.31 10.83 44.46
C ASP C 349 -1.44 10.22 45.30
N VAL C 350 -1.23 8.99 45.76
CA VAL C 350 -2.26 8.30 46.55
C VAL C 350 -2.43 8.86 47.94
N GLU C 351 -1.50 9.70 48.40
CA GLU C 351 -1.63 10.29 49.73
C GLU C 351 -2.52 11.52 49.71
N THR C 352 -2.22 12.49 48.85
CA THR C 352 -3.06 13.68 48.73
C THR C 352 -4.45 13.33 48.20
N LEU C 353 -4.52 12.41 47.24
CA LEU C 353 -5.80 12.00 46.69
C LEU C 353 -6.45 10.94 47.58
N GLN C 354 -7.71 11.16 47.91
CA GLN C 354 -8.46 10.20 48.73
C GLN C 354 -8.89 9.00 47.88
N SER C 355 -9.24 7.92 48.58
CA SER C 355 -9.66 6.71 47.90
C SER C 355 -10.97 6.93 47.15
N GLY C 356 -11.04 6.40 45.93
CA GLY C 356 -12.26 6.54 45.14
C GLY C 356 -13.43 5.77 45.73
N ASP C 357 -13.16 4.62 46.32
CA ASP C 357 -14.19 3.79 46.94
C ASP C 357 -13.51 2.89 47.98
N HIS C 358 -14.22 1.84 48.41
CA HIS C 358 -13.64 0.91 49.37
C HIS C 358 -12.36 0.27 48.86
N GLY C 359 -12.25 0.08 47.54
CA GLY C 359 -11.06 -0.49 46.95
C GLY C 359 -10.69 0.11 45.61
N ARG C 360 -11.22 1.33 45.30
CA ARG C 360 -10.90 1.85 43.98
C ARG C 360 -9.64 2.72 44.03
N PRO C 361 -8.87 2.73 42.91
CA PRO C 361 -7.57 3.41 42.91
C PRO C 361 -7.62 4.90 42.57
N ASN C 362 -8.78 5.55 42.71
CA ASN C 362 -8.92 6.99 42.44
C ASN C 362 -8.60 7.31 40.98
N LEU C 363 -9.52 6.88 40.12
CA LEU C 363 -9.37 6.95 38.66
C LEU C 363 -9.51 8.36 38.12
N SER C 364 -9.41 9.38 38.97
CA SER C 364 -9.56 10.77 38.55
C SER C 364 -8.61 11.11 37.40
N ARG C 365 -7.34 10.73 37.51
CA ARG C 365 -6.40 11.00 36.43
C ARG C 365 -6.75 10.24 35.16
N LEU C 366 -7.28 9.01 35.29
CA LEU C 366 -7.73 8.28 34.12
C LEU C 366 -8.91 8.98 33.45
N LYS C 367 -9.83 9.53 34.26
CA LYS C 367 -10.91 10.32 33.70
C LYS C 367 -10.38 11.54 32.95
N LEU C 368 -9.39 12.23 33.53
CA LEU C 368 -8.80 13.38 32.87
C LEU C 368 -8.13 12.98 31.56
N ALA C 369 -7.42 11.84 31.55
CA ALA C 369 -6.78 11.37 30.34
C ALA C 369 -7.80 11.01 29.26
N ILE C 370 -8.92 10.40 29.66
CA ILE C 370 -9.97 10.09 28.70
C ILE C 370 -10.57 11.38 28.14
N LYS C 371 -10.81 12.37 29.00
CA LYS C 371 -11.39 13.63 28.54
C LYS C 371 -10.46 14.35 27.57
N TYR C 372 -9.15 14.17 27.72
CA TYR C 372 -8.17 14.81 26.85
C TYR C 372 -7.83 13.98 25.62
N GLU C 373 -8.51 12.84 25.42
CA GLU C 373 -8.37 12.04 24.20
C GLU C 373 -6.93 11.62 23.95
N VAL C 374 -6.24 11.18 25.01
CA VAL C 374 -4.87 10.69 24.84
C VAL C 374 -4.86 9.46 23.95
N LYS C 375 -5.86 8.58 24.11
CA LYS C 375 -6.10 7.47 23.19
C LYS C 375 -5.06 6.37 23.26
N LYS C 376 -3.91 6.64 23.90
CA LYS C 376 -2.89 5.60 24.02
C LYS C 376 -2.37 5.41 25.44
N PHE C 377 -2.49 6.40 26.32
CA PHE C 377 -2.20 6.22 27.74
C PHE C 377 -3.22 5.30 28.40
N VAL C 378 -4.40 5.18 27.83
CA VAL C 378 -5.43 4.28 28.34
C VAL C 378 -5.35 2.91 27.66
N ALA C 379 -5.06 2.89 26.36
CA ALA C 379 -4.98 1.63 25.63
C ALA C 379 -3.71 0.84 25.93
N HIS C 380 -2.77 1.41 26.68
CA HIS C 380 -1.54 0.70 26.98
C HIS C 380 -1.83 -0.51 27.86
N PRO C 381 -1.11 -1.62 27.68
CA PRO C 381 -1.37 -2.81 28.50
C PRO C 381 -1.23 -2.56 30.00
N ASN C 382 -0.35 -1.66 30.41
CA ASN C 382 -0.22 -1.34 31.83
C ASN C 382 -1.51 -0.74 32.37
N CYS C 383 -2.15 0.13 31.61
CA CYS C 383 -3.46 0.65 32.00
C CYS C 383 -4.54 -0.39 31.78
N GLN C 384 -4.39 -1.23 30.75
CA GLN C 384 -5.41 -2.21 30.42
C GLN C 384 -5.58 -3.24 31.54
N GLN C 385 -4.48 -3.69 32.13
CA GLN C 385 -4.57 -4.68 33.21
C GLN C 385 -5.28 -4.10 34.43
N GLN C 386 -4.97 -2.85 34.80
CA GLN C 386 -5.66 -2.24 35.93
C GLN C 386 -7.14 -2.05 35.63
N LEU C 387 -7.47 -1.62 34.42
CA LEU C 387 -8.89 -1.43 34.07
C LEU C 387 -9.64 -2.75 34.09
N LEU C 388 -9.00 -3.83 33.60
CA LEU C 388 -9.62 -5.15 33.65
C LEU C 388 -9.80 -5.62 35.09
N SER C 389 -8.81 -5.39 35.95
CA SER C 389 -8.95 -5.78 37.35
C SER C 389 -10.08 -5.02 38.02
N ILE C 390 -10.24 -3.74 37.71
CA ILE C 390 -11.38 -2.99 38.22
C ILE C 390 -12.69 -3.51 37.63
N TRP C 391 -12.67 -3.95 36.38
CA TRP C 391 -13.88 -4.40 35.70
C TRP C 391 -14.50 -5.62 36.38
N TYR C 392 -13.66 -6.55 36.83
CA TYR C 392 -14.12 -7.75 37.54
C TYR C 392 -13.68 -7.62 39.00
N GLU C 393 -14.54 -6.99 39.81
CA GLU C 393 -14.21 -6.78 41.22
C GLU C 393 -14.37 -8.07 42.03
N ASN C 394 -15.53 -8.71 41.92
CA ASN C 394 -15.80 -9.94 42.66
C ASN C 394 -15.84 -11.17 41.78
N LEU C 395 -15.83 -11.01 40.45
CA LEU C 395 -15.89 -12.14 39.53
C LEU C 395 -14.47 -12.52 39.08
N SER C 396 -13.69 -12.99 40.05
CA SER C 396 -12.32 -13.38 39.77
C SER C 396 -12.25 -14.58 38.82
N GLY C 397 -13.11 -15.58 39.04
CA GLY C 397 -13.09 -16.77 38.21
C GLY C 397 -13.85 -16.65 36.90
N LEU C 398 -14.70 -15.62 36.78
CA LEU C 398 -15.48 -15.45 35.56
C LEU C 398 -14.66 -14.92 34.40
N ARG C 399 -13.45 -14.42 34.65
CA ARG C 399 -12.62 -13.89 33.58
C ARG C 399 -12.17 -14.98 32.62
N GLN C 400 -11.88 -16.17 33.14
CA GLN C 400 -11.33 -17.26 32.33
C GLN C 400 -12.41 -18.06 31.59
N GLN C 401 -13.69 -17.72 31.77
CA GLN C 401 -14.75 -18.44 31.09
C GLN C 401 -14.78 -18.10 29.60
N THR C 402 -15.35 -19.01 28.81
CA THR C 402 -15.47 -18.81 27.38
C THR C 402 -16.59 -17.82 27.07
N MET C 403 -16.68 -17.45 25.78
CA MET C 403 -17.74 -16.54 25.36
C MET C 403 -19.12 -17.16 25.52
N ALA C 404 -19.24 -18.47 25.26
CA ALA C 404 -20.52 -19.14 25.44
C ALA C 404 -20.96 -19.12 26.90
N VAL C 405 -20.00 -19.28 27.82
CA VAL C 405 -20.32 -19.23 29.24
C VAL C 405 -20.85 -17.85 29.62
N LYS C 406 -20.22 -16.79 29.10
CA LYS C 406 -20.68 -15.44 29.40
C LYS C 406 -22.05 -15.17 28.78
N PHE C 407 -22.30 -15.71 27.58
CA PHE C 407 -23.63 -15.58 26.99
C PHE C 407 -24.68 -16.28 27.84
N LEU C 408 -24.33 -17.46 28.37
CA LEU C 408 -25.23 -18.18 29.28
C LEU C 408 -25.47 -17.36 30.55
N VAL C 409 -24.43 -16.71 31.06
CA VAL C 409 -24.57 -15.86 32.24
C VAL C 409 -25.52 -14.69 31.95
N VAL C 410 -25.39 -14.09 30.76
CA VAL C 410 -26.28 -13.00 30.38
C VAL C 410 -27.72 -13.49 30.30
N LEU C 411 -27.93 -14.67 29.71
CA LEU C 411 -29.28 -15.22 29.64
C LEU C 411 -29.84 -15.52 31.03
N ALA C 412 -29.01 -16.05 31.92
CA ALA C 412 -29.47 -16.33 33.29
C ALA C 412 -29.82 -15.04 34.03
N VAL C 413 -29.04 -13.98 33.83
CA VAL C 413 -29.36 -12.70 34.44
C VAL C 413 -30.66 -12.15 33.86
N ALA C 414 -30.88 -12.35 32.56
CA ALA C 414 -32.15 -11.94 31.97
C ALA C 414 -33.32 -12.69 32.60
N ILE C 415 -33.14 -13.98 32.86
CA ILE C 415 -34.20 -14.76 33.50
C ILE C 415 -34.44 -14.28 34.92
N GLY C 416 -33.39 -14.03 35.68
CA GLY C 416 -33.48 -13.72 37.09
C GLY C 416 -33.45 -12.25 37.48
N LEU C 417 -33.58 -11.34 36.52
CA LEU C 417 -33.60 -9.91 36.83
C LEU C 417 -34.62 -9.51 37.89
N PRO C 418 -35.88 -9.98 37.86
CA PRO C 418 -36.79 -9.63 38.96
C PRO C 418 -36.29 -10.07 40.32
N PHE C 419 -35.66 -11.24 40.40
CA PHE C 419 -35.11 -11.71 41.67
C PHE C 419 -33.97 -10.80 42.15
N LEU C 420 -33.11 -10.38 41.23
CA LEU C 420 -32.03 -9.47 41.59
C LEU C 420 -32.58 -8.14 42.10
N ALA C 421 -33.59 -7.61 41.41
CA ALA C 421 -34.19 -6.35 41.85
C ALA C 421 -34.85 -6.51 43.22
N LEU C 422 -35.51 -7.65 43.46
CA LEU C 422 -36.13 -7.89 44.75
C LEU C 422 -35.10 -7.98 45.87
N ILE C 423 -33.99 -8.68 45.63
CA ILE C 423 -32.99 -8.87 46.68
C ILE C 423 -32.12 -7.64 46.88
N TYR C 424 -32.05 -6.73 45.90
CA TYR C 424 -31.25 -5.52 46.07
C TYR C 424 -31.80 -4.64 47.19
N TRP C 425 -33.12 -4.48 47.24
CA TRP C 425 -33.71 -3.58 48.24
C TRP C 425 -33.66 -4.17 49.64
N PHE C 426 -34.02 -5.45 49.77
CA PHE C 426 -34.07 -6.07 51.09
C PHE C 426 -32.68 -6.26 51.68
N ALA C 427 -31.72 -6.71 50.88
CA ALA C 427 -30.36 -6.96 51.34
C ALA C 427 -29.39 -6.08 50.57
N PRO C 428 -28.96 -4.95 51.14
CA PRO C 428 -27.98 -4.11 50.44
C PRO C 428 -26.61 -4.77 50.30
N CYS C 429 -26.13 -5.42 51.36
CA CYS C 429 -24.86 -6.12 51.35
C CYS C 429 -25.10 -7.62 51.53
N SER C 430 -24.59 -8.41 50.60
CA SER C 430 -24.75 -9.87 50.65
C SER C 430 -23.69 -10.49 49.74
N LYS C 431 -23.63 -11.82 49.76
CA LYS C 431 -22.73 -12.53 48.85
C LYS C 431 -23.10 -12.26 47.40
N MET C 432 -24.40 -12.29 47.09
CA MET C 432 -24.86 -11.91 45.76
C MET C 432 -24.99 -10.40 45.62
N GLY C 433 -25.37 -9.70 46.69
CA GLY C 433 -25.57 -8.26 46.61
C GLY C 433 -24.30 -7.51 46.27
N LYS C 434 -23.18 -7.89 46.89
CA LYS C 434 -21.91 -7.25 46.58
C LYS C 434 -21.45 -7.58 45.16
N ILE C 435 -21.77 -8.78 44.68
CA ILE C 435 -21.43 -9.14 43.30
C ILE C 435 -22.23 -8.28 42.32
N MET C 436 -23.51 -8.06 42.60
CA MET C 436 -24.35 -7.27 41.70
C MET C 436 -23.84 -5.85 41.54
N ARG C 437 -23.16 -5.31 42.56
CA ARG C 437 -22.64 -3.95 42.49
C ARG C 437 -21.42 -3.82 41.58
N GLY C 438 -20.84 -4.93 41.14
CA GLY C 438 -19.71 -4.89 40.25
C GLY C 438 -20.05 -4.28 38.90
N PRO C 439 -19.11 -3.53 38.32
CA PRO C 439 -19.40 -2.88 37.03
C PRO C 439 -19.74 -3.85 35.91
N PHE C 440 -19.06 -5.00 35.84
CA PHE C 440 -19.40 -5.99 34.83
C PHE C 440 -20.80 -6.55 35.04
N MET C 441 -21.18 -6.78 36.30
CA MET C 441 -22.54 -7.23 36.59
C MET C 441 -23.57 -6.17 36.22
N LYS C 442 -23.25 -4.89 36.44
CA LYS C 442 -24.16 -3.83 36.01
C LYS C 442 -24.33 -3.83 34.49
N PHE C 443 -23.22 -3.98 33.76
CA PHE C 443 -23.29 -4.02 32.31
C PHE C 443 -24.10 -5.22 31.82
N VAL C 444 -23.88 -6.39 32.44
CA VAL C 444 -24.63 -7.59 32.08
C VAL C 444 -26.12 -7.40 32.37
N ALA C 445 -26.43 -6.79 33.51
CA ALA C 445 -27.84 -6.57 33.87
C ALA C 445 -28.52 -5.63 32.88
N HIS C 446 -27.84 -4.54 32.49
CA HIS C 446 -28.42 -3.63 31.52
C HIS C 446 -28.58 -4.28 30.15
N ALA C 447 -27.59 -5.07 29.72
CA ALA C 447 -27.70 -5.78 28.45
C ALA C 447 -28.85 -6.78 28.48
N ALA C 448 -29.00 -7.51 29.58
CA ALA C 448 -30.09 -8.47 29.71
C ALA C 448 -31.45 -7.78 29.74
N SER C 449 -31.52 -6.61 30.39
CA SER C 449 -32.75 -5.83 30.35
C SER C 449 -33.09 -5.41 28.92
N PHE C 450 -32.07 -5.01 28.15
CA PHE C 450 -32.33 -4.65 26.76
C PHE C 450 -32.78 -5.88 25.95
N THR C 451 -32.20 -7.05 26.23
CA THR C 451 -32.66 -8.26 25.57
C THR C 451 -34.12 -8.55 25.90
N ILE C 452 -34.50 -8.35 27.16
CA ILE C 452 -35.89 -8.56 27.56
C ILE C 452 -36.81 -7.57 26.82
N PHE C 453 -36.37 -6.32 26.69
CA PHE C 453 -37.16 -5.33 25.97
C PHE C 453 -37.33 -5.71 24.51
N LEU C 454 -36.25 -6.16 23.87
CA LEU C 454 -36.33 -6.60 22.47
C LEU C 454 -37.24 -7.82 22.33
N GLY C 455 -37.16 -8.75 23.28
CA GLY C 455 -38.06 -9.90 23.26
C GLY C 455 -39.51 -9.50 23.41
N LEU C 456 -39.78 -8.52 24.27
CA LEU C 456 -41.15 -8.01 24.40
C LEU C 456 -41.62 -7.36 23.11
N LEU C 457 -40.72 -6.60 22.44
CA LEU C 457 -41.07 -6.02 21.15
C LEU C 457 -41.39 -7.09 20.12
N VAL C 458 -40.61 -8.18 20.12
CA VAL C 458 -40.87 -9.27 19.18
C VAL C 458 -42.20 -9.94 19.48
N MET C 459 -42.46 -10.25 20.76
CA MET C 459 -43.64 -11.00 21.14
C MET C 459 -44.90 -10.15 21.22
N ASN C 460 -44.79 -8.83 21.09
CA ASN C 460 -45.99 -7.99 21.06
C ASN C 460 -46.87 -8.30 19.86
N ALA C 461 -46.28 -8.83 18.78
CA ALA C 461 -47.02 -9.22 17.59
C ALA C 461 -47.16 -10.73 17.49
N ALA C 462 -47.31 -11.41 18.63
CA ALA C 462 -47.43 -12.86 18.65
C ALA C 462 -48.71 -13.37 17.99
N ASP C 463 -49.68 -12.50 17.74
CA ASP C 463 -50.95 -12.93 17.18
C ASP C 463 -50.87 -13.22 15.70
N ARG C 464 -49.79 -12.79 15.02
CA ARG C 464 -49.73 -12.91 13.57
C ARG C 464 -48.34 -13.31 13.08
N PHE C 465 -47.61 -14.11 13.87
CA PHE C 465 -46.33 -14.64 13.41
C PHE C 465 -46.51 -15.58 12.22
N GLU C 466 -47.40 -16.58 12.37
CA GLU C 466 -47.72 -17.47 11.27
C GLU C 466 -48.67 -16.82 10.28
N GLY C 467 -49.60 -16.02 10.76
CA GLY C 467 -50.54 -15.34 9.89
C GLY C 467 -51.69 -14.77 10.69
N THR C 468 -52.57 -14.07 9.97
CA THR C 468 -53.76 -13.48 10.58
C THR C 468 -54.97 -14.39 10.39
N PHE C 484 -66.41 -1.14 16.99
CA PHE C 484 -65.64 -2.21 17.64
C PHE C 484 -64.23 -1.74 17.98
N ARG C 485 -63.99 -0.44 17.82
CA ARG C 485 -62.67 0.11 18.09
C ARG C 485 -62.31 0.12 19.57
N MET C 486 -63.27 -0.11 20.46
CA MET C 486 -62.97 -0.19 21.89
C MET C 486 -62.02 -1.35 22.18
N LYS C 487 -62.25 -2.50 21.54
CA LYS C 487 -61.34 -3.64 21.69
C LYS C 487 -59.97 -3.33 21.10
N THR C 488 -59.94 -2.66 19.94
CA THR C 488 -58.66 -2.38 19.28
C THR C 488 -57.80 -1.40 20.09
N SER C 489 -58.42 -0.37 20.65
CA SER C 489 -57.67 0.71 21.28
C SER C 489 -57.13 0.34 22.66
N CYS C 490 -57.69 -0.68 23.33
CA CYS C 490 -57.26 -1.01 24.67
C CYS C 490 -55.86 -1.63 24.67
N PHE C 491 -55.14 -1.41 25.77
CA PHE C 491 -53.78 -1.91 25.90
C PHE C 491 -53.78 -3.36 26.40
N SER C 492 -52.72 -4.08 26.04
CA SER C 492 -52.49 -5.43 26.53
C SER C 492 -51.41 -5.41 27.62
N TRP C 493 -51.23 -6.56 28.26
CA TRP C 493 -50.19 -6.66 29.29
C TRP C 493 -48.81 -6.47 28.69
N MET C 494 -48.57 -7.02 27.50
CA MET C 494 -47.32 -6.78 26.80
C MET C 494 -47.14 -5.30 26.49
N GLU C 495 -48.22 -4.64 26.06
CA GLU C 495 -48.16 -3.21 25.79
C GLU C 495 -47.86 -2.41 27.05
N MET C 496 -48.47 -2.79 28.18
CA MET C 496 -48.19 -2.10 29.43
C MET C 496 -46.74 -2.29 29.87
N LEU C 497 -46.19 -3.50 29.68
CA LEU C 497 -44.79 -3.73 30.00
C LEU C 497 -43.88 -2.89 29.11
N ILE C 498 -44.21 -2.78 27.82
CA ILE C 498 -43.41 -1.95 26.92
C ILE C 498 -43.50 -0.48 27.34
N ILE C 499 -44.69 -0.02 27.73
CA ILE C 499 -44.85 1.36 28.18
C ILE C 499 -44.01 1.62 29.43
N SER C 500 -44.01 0.67 30.38
CA SER C 500 -43.20 0.83 31.59
C SER C 500 -41.72 0.86 31.25
N TRP C 501 -41.27 0.02 30.31
CA TRP C 501 -39.87 0.04 29.88
C TRP C 501 -39.50 1.38 29.26
N VAL C 502 -40.39 1.92 28.42
CA VAL C 502 -40.12 3.21 27.78
C VAL C 502 -40.05 4.32 28.82
N ILE C 503 -40.96 4.31 29.79
CA ILE C 503 -40.95 5.32 30.85
C ILE C 503 -39.66 5.22 31.67
N GLY C 504 -39.23 3.99 31.97
CA GLY C 504 -37.99 3.83 32.69
C GLY C 504 -36.79 4.34 31.93
N MET C 505 -36.74 4.07 30.62
CA MET C 505 -35.65 4.58 29.79
C MET C 505 -35.66 6.11 29.76
N ILE C 506 -36.85 6.71 29.64
CA ILE C 506 -36.95 8.17 29.62
C ILE C 506 -36.47 8.76 30.94
N TRP C 507 -36.87 8.15 32.06
CA TRP C 507 -36.46 8.67 33.36
C TRP C 507 -34.96 8.52 33.56
N ALA C 508 -34.38 7.40 33.11
CA ALA C 508 -32.93 7.24 33.20
C ALA C 508 -32.20 8.28 32.37
N GLU C 509 -32.69 8.54 31.19
CA GLU C 509 -32.04 9.59 30.40
C GLU C 509 -32.08 10.95 31.13
N CYS C 510 -33.24 11.29 31.67
CA CYS C 510 -33.43 12.54 32.41
C CYS C 510 -32.46 12.65 33.57
N LYS C 511 -32.21 11.54 34.24
CA LYS C 511 -31.26 11.55 35.35
C LYS C 511 -29.86 11.85 34.82
N GLU C 512 -29.53 11.27 33.67
CA GLU C 512 -28.22 11.47 33.06
C GLU C 512 -28.06 12.92 32.61
N ILE C 513 -29.08 13.49 31.97
CA ILE C 513 -28.96 14.89 31.55
C ILE C 513 -28.87 15.80 32.78
N TRP C 514 -29.44 15.38 33.91
CA TRP C 514 -29.29 16.17 35.13
C TRP C 514 -27.90 16.02 35.73
N THR C 515 -27.33 14.82 35.67
CA THR C 515 -26.01 14.57 36.26
C THR C 515 -24.86 15.00 35.34
N GLN C 516 -25.13 15.31 34.07
CA GLN C 516 -24.08 15.75 33.16
C GLN C 516 -24.21 17.20 32.72
N GLY C 517 -25.43 17.71 32.60
CA GLY C 517 -25.65 19.04 32.07
C GLY C 517 -26.03 18.98 30.60
N PRO C 518 -26.76 20.01 30.13
CA PRO C 518 -27.23 20.09 28.75
C PRO C 518 -26.17 19.77 27.70
N LYS C 519 -25.11 20.56 27.64
CA LYS C 519 -24.06 20.34 26.66
C LYS C 519 -23.29 19.02 26.79
N GLU C 520 -22.97 18.63 28.02
CA GLU C 520 -22.22 17.39 28.22
C GLU C 520 -22.99 16.15 27.78
N TYR C 521 -24.27 16.10 28.15
CA TYR C 521 -25.14 14.99 27.80
C TYR C 521 -25.43 14.90 26.30
N LEU C 522 -25.62 16.06 25.68
CA LEU C 522 -25.97 16.15 24.27
C LEU C 522 -24.93 15.65 23.26
N PHE C 523 -23.76 16.27 23.24
CA PHE C 523 -22.73 15.91 22.27
C PHE C 523 -22.32 14.43 22.40
N GLU C 524 -23.28 13.54 22.17
CA GLU C 524 -22.99 12.11 22.23
C GLU C 524 -23.99 11.38 21.35
N LEU C 525 -23.49 10.52 20.47
CA LEU C 525 -24.37 9.82 19.54
C LEU C 525 -25.43 8.96 20.22
N TRP C 526 -25.04 8.22 21.24
CA TRP C 526 -26.02 7.38 21.90
C TRP C 526 -27.12 8.24 22.52
N ASN C 527 -26.72 9.32 23.18
CA ASN C 527 -27.70 10.20 23.81
C ASN C 527 -28.63 10.80 22.76
N MET C 528 -28.05 11.21 21.63
CA MET C 528 -28.85 11.81 20.57
C MET C 528 -29.84 10.83 19.94
N LEU C 529 -29.44 9.57 19.80
CA LEU C 529 -30.34 8.59 19.20
C LEU C 529 -31.33 8.02 20.20
N ASP C 530 -30.94 7.97 21.46
CA ASP C 530 -31.83 7.45 22.49
C ASP C 530 -32.94 8.45 22.74
N PHE C 531 -32.68 9.74 22.58
CA PHE C 531 -33.71 10.77 22.72
C PHE C 531 -34.72 10.71 21.58
N GLY C 532 -34.23 10.57 20.34
CA GLY C 532 -35.14 10.45 19.22
C GLY C 532 -36.04 9.23 19.31
N MET C 533 -35.45 8.08 19.65
CA MET C 533 -36.22 6.85 19.77
C MET C 533 -37.29 6.97 20.86
N LEU C 534 -36.92 7.51 22.02
CA LEU C 534 -37.88 7.64 23.11
C LEU C 534 -38.96 8.66 22.79
N ALA C 535 -38.61 9.73 22.07
CA ALA C 535 -39.62 10.71 21.66
C ALA C 535 -40.62 10.07 20.70
N ILE C 536 -40.15 9.26 19.75
CA ILE C 536 -41.06 8.61 18.82
C ILE C 536 -41.94 7.59 19.54
N PHE C 537 -41.37 6.85 20.49
CA PHE C 537 -42.16 5.90 21.28
C PHE C 537 -43.24 6.63 22.08
N ALA C 538 -42.89 7.75 22.70
CA ALA C 538 -43.87 8.53 23.45
C ALA C 538 -44.95 9.08 22.54
N ALA C 539 -44.59 9.52 21.34
CA ALA C 539 -45.58 9.99 20.38
C ALA C 539 -46.56 8.89 20.00
N SER C 540 -46.04 7.68 19.74
CA SER C 540 -46.92 6.56 19.41
C SER C 540 -47.86 6.25 20.57
N PHE C 541 -47.33 6.23 21.80
CA PHE C 541 -48.17 5.93 22.95
C PHE C 541 -49.23 6.99 23.17
N ILE C 542 -48.88 8.27 22.97
CA ILE C 542 -49.85 9.34 23.13
C ILE C 542 -50.95 9.26 22.09
N ALA C 543 -50.59 8.94 20.84
CA ALA C 543 -51.61 8.76 19.81
C ALA C 543 -52.55 7.60 20.15
N ARG C 544 -51.98 6.49 20.62
CA ARG C 544 -52.81 5.36 21.04
C ARG C 544 -53.73 5.75 22.20
N PHE C 545 -53.22 6.53 23.15
CA PHE C 545 -54.05 6.97 24.28
C PHE C 545 -55.17 7.89 23.82
N MET C 546 -54.90 8.77 22.85
CA MET C 546 -55.96 9.62 22.32
C MET C 546 -57.04 8.81 21.63
N ALA C 547 -56.63 7.80 20.85
CA ALA C 547 -57.61 6.92 20.22
C ALA C 547 -58.44 6.18 21.28
N PHE C 548 -57.78 5.70 22.33
CA PHE C 548 -58.50 5.03 23.41
C PHE C 548 -59.45 5.98 24.12
N TRP C 549 -59.05 7.24 24.30
CA TRP C 549 -59.92 8.21 24.96
C TRP C 549 -61.17 8.47 24.13
N HIS C 550 -61.01 8.64 22.81
CA HIS C 550 -62.18 8.83 21.95
C HIS C 550 -63.09 7.60 21.98
N ALA C 551 -62.50 6.40 21.93
CA ALA C 551 -63.31 5.19 21.97
C ALA C 551 -64.04 5.06 23.31
N SER C 552 -63.38 5.41 24.41
CA SER C 552 -64.01 5.34 25.72
C SER C 552 -65.15 6.33 25.84
N LYS C 553 -64.99 7.54 25.30
CA LYS C 553 -66.09 8.49 25.29
C LYS C 553 -67.26 7.98 24.46
N ALA C 554 -66.97 7.39 23.31
CA ALA C 554 -68.03 6.83 22.47
C ALA C 554 -68.77 5.70 23.19
N GLN C 555 -68.04 4.84 23.90
CA GLN C 555 -68.68 3.76 24.64
C GLN C 555 -69.45 4.29 25.86
N SER C 556 -68.99 5.38 26.47
CA SER C 556 -69.71 5.96 27.59
C SER C 556 -71.01 6.60 27.13
N ILE C 557 -71.03 7.18 25.93
CA ILE C 557 -72.26 7.82 25.43
C ILE C 557 -73.37 6.78 25.26
N ILE C 558 -73.04 5.65 24.61
CA ILE C 558 -74.00 4.61 24.17
C ILE C 558 -75.41 5.14 23.92
N ASP C 574 -75.49 10.09 13.66
CA ASP C 574 -75.06 10.20 15.05
C ASP C 574 -73.54 10.24 15.16
N ASN C 575 -73.04 10.50 16.37
CA ASN C 575 -71.61 10.60 16.61
C ASN C 575 -70.96 9.27 16.96
N VAL C 576 -71.75 8.20 17.14
CA VAL C 576 -71.21 6.90 17.54
C VAL C 576 -71.02 5.96 16.36
N LYS C 577 -71.61 6.26 15.20
CA LYS C 577 -71.49 5.36 14.06
C LYS C 577 -70.08 5.32 13.49
N TYR C 578 -69.35 6.44 13.55
CA TYR C 578 -68.02 6.50 12.96
C TYR C 578 -67.06 5.53 13.63
N TYR C 579 -67.09 5.45 14.97
CA TYR C 579 -66.16 4.61 15.69
C TYR C 579 -66.46 3.12 15.54
N ASN C 580 -67.60 2.75 14.97
CA ASN C 580 -67.92 1.36 14.68
C ASN C 580 -67.49 0.93 13.29
N LEU C 581 -66.98 1.84 12.47
CA LEU C 581 -66.58 1.52 11.11
C LEU C 581 -65.36 0.60 11.09
N ALA C 582 -65.24 -0.18 10.02
CA ALA C 582 -64.13 -1.09 9.84
C ALA C 582 -62.89 -0.34 9.38
N ARG C 583 -61.76 -1.05 9.36
CA ARG C 583 -60.49 -0.43 9.00
C ARG C 583 -60.48 0.08 7.56
N ILE C 584 -61.31 -0.51 6.70
CA ILE C 584 -61.36 -0.08 5.30
C ILE C 584 -61.90 1.35 5.19
N LYS C 585 -62.76 1.76 6.11
CA LYS C 585 -63.38 3.07 6.07
C LYS C 585 -62.88 4.00 7.17
N TRP C 586 -61.70 3.73 7.72
CA TRP C 586 -61.15 4.60 8.76
C TRP C 586 -60.66 5.91 8.14
N ASP C 587 -60.59 6.94 8.99
CA ASP C 587 -60.11 8.23 8.55
C ASP C 587 -58.62 8.15 8.21
N PRO C 588 -58.17 8.84 7.16
CA PRO C 588 -56.74 8.84 6.86
C PRO C 588 -55.88 9.42 7.96
N SER C 589 -56.40 10.40 8.72
CA SER C 589 -55.67 11.03 9.80
C SER C 589 -56.04 10.46 11.17
N ASP C 590 -56.44 9.18 11.22
CA ASP C 590 -56.79 8.55 12.47
C ASP C 590 -55.55 8.45 13.36
N PRO C 591 -55.68 8.71 14.67
CA PRO C 591 -54.53 8.56 15.57
C PRO C 591 -53.95 7.15 15.62
N GLN C 592 -54.78 6.13 15.36
CA GLN C 592 -54.29 4.75 15.38
C GLN C 592 -53.23 4.52 14.30
N ILE C 593 -53.45 5.05 13.09
CA ILE C 593 -52.52 4.86 11.99
C ILE C 593 -51.18 5.54 12.30
N ILE C 594 -51.24 6.78 12.79
CA ILE C 594 -50.04 7.50 13.18
C ILE C 594 -49.30 6.75 14.28
N SER C 595 -50.05 6.22 15.25
CA SER C 595 -49.44 5.46 16.34
C SER C 595 -48.72 4.23 15.80
N GLU C 596 -49.34 3.52 14.86
CA GLU C 596 -48.70 2.31 14.31
C GLU C 596 -47.43 2.67 13.54
N GLY C 597 -47.47 3.73 12.72
CA GLY C 597 -46.28 4.12 11.99
C GLY C 597 -45.15 4.54 12.90
N LEU C 598 -45.47 5.37 13.91
CA LEU C 598 -44.45 5.79 14.86
C LEU C 598 -43.91 4.62 15.66
N TYR C 599 -44.77 3.65 15.99
CA TYR C 599 -44.31 2.46 16.71
C TYR C 599 -43.35 1.65 15.85
N ALA C 600 -43.63 1.52 14.55
CA ALA C 600 -42.72 0.80 13.67
C ALA C 600 -41.36 1.50 13.60
N ILE C 601 -41.36 2.83 13.45
CA ILE C 601 -40.10 3.55 13.39
C ILE C 601 -39.35 3.45 14.71
N ALA C 602 -40.09 3.49 15.83
CA ALA C 602 -39.46 3.38 17.14
C ALA C 602 -38.86 1.99 17.35
N VAL C 603 -39.52 0.95 16.82
CA VAL C 603 -38.94 -0.39 16.90
C VAL C 603 -37.65 -0.46 16.09
N VAL C 604 -37.65 0.14 14.91
CA VAL C 604 -36.42 0.17 14.11
C VAL C 604 -35.31 0.88 14.88
N LEU C 605 -35.62 2.00 15.51
CA LEU C 605 -34.59 2.74 16.26
C LEU C 605 -34.14 1.97 17.50
N SER C 606 -35.06 1.26 18.16
CA SER C 606 -34.70 0.46 19.32
C SER C 606 -33.72 -0.65 18.93
N PHE C 607 -33.98 -1.31 17.80
CA PHE C 607 -33.03 -2.32 17.33
C PHE C 607 -31.75 -1.68 16.82
N SER C 608 -31.79 -0.42 16.38
CA SER C 608 -30.57 0.29 16.05
C SER C 608 -29.73 0.56 17.30
N ARG C 609 -30.38 0.77 18.44
CA ARG C 609 -29.70 0.99 19.71
C ARG C 609 -28.91 -0.24 20.18
N ILE C 610 -29.13 -1.41 19.58
CA ILE C 610 -28.48 -2.64 20.02
C ILE C 610 -26.96 -2.59 19.83
N ALA C 611 -26.45 -1.65 19.04
CA ALA C 611 -25.02 -1.55 18.79
C ALA C 611 -24.26 -0.91 19.94
N TYR C 612 -24.96 -0.48 21.00
CA TYR C 612 -24.29 0.17 22.12
C TYR C 612 -23.34 -0.79 22.85
N ILE C 613 -23.78 -2.03 23.05
CA ILE C 613 -23.03 -2.97 23.87
C ILE C 613 -22.09 -3.87 23.05
N LEU C 614 -22.12 -3.76 21.72
CA LEU C 614 -21.28 -4.57 20.85
C LEU C 614 -19.80 -4.19 20.92
N PRO C 615 -19.44 -2.92 21.19
CA PRO C 615 -18.02 -2.62 21.41
C PRO C 615 -17.37 -3.44 22.52
N ALA C 616 -18.14 -3.91 23.50
CA ALA C 616 -17.56 -4.71 24.59
C ALA C 616 -16.95 -6.00 24.06
N ASN C 617 -17.59 -6.65 23.09
CA ASN C 617 -17.08 -7.90 22.55
C ASN C 617 -15.82 -7.67 21.74
N GLU C 618 -14.84 -8.56 21.94
CA GLU C 618 -13.59 -8.47 21.19
C GLU C 618 -13.77 -8.86 19.73
N SER C 619 -14.70 -9.78 19.45
CA SER C 619 -14.89 -10.28 18.10
C SER C 619 -15.44 -9.20 17.17
N PHE C 620 -16.40 -8.40 17.64
CA PHE C 620 -17.09 -7.45 16.79
C PHE C 620 -16.92 -6.00 17.24
N GLY C 621 -16.10 -5.74 18.25
CA GLY C 621 -15.85 -4.38 18.69
C GLY C 621 -15.03 -3.57 17.71
N PRO C 622 -13.79 -4.00 17.45
CA PRO C 622 -12.97 -3.27 16.47
C PRO C 622 -13.59 -3.21 15.08
N LEU C 623 -14.31 -4.26 14.66
CA LEU C 623 -15.00 -4.23 13.38
C LEU C 623 -16.06 -3.13 13.35
N GLN C 624 -16.85 -3.01 14.42
CA GLN C 624 -17.86 -1.96 14.49
C GLN C 624 -17.19 -0.58 14.49
N ILE C 625 -16.09 -0.42 15.22
CA ILE C 625 -15.41 0.87 15.25
C ILE C 625 -14.90 1.24 13.86
N SER C 626 -14.30 0.26 13.16
CA SER C 626 -13.78 0.50 11.83
C SER C 626 -14.89 0.88 10.85
N LEU C 627 -16.03 0.18 10.92
CA LEU C 627 -17.15 0.52 10.06
C LEU C 627 -17.70 1.91 10.39
N GLY C 628 -17.77 2.25 11.68
CA GLY C 628 -18.29 3.54 12.08
C GLY C 628 -17.41 4.71 11.65
N ARG C 629 -16.09 4.51 11.63
CA ARG C 629 -15.20 5.58 11.21
C ARG C 629 -15.36 5.95 9.74
N THR C 630 -16.05 5.13 8.94
CA THR C 630 -16.29 5.42 7.53
C THR C 630 -17.56 6.24 7.31
N VAL C 631 -18.43 6.33 8.32
CA VAL C 631 -19.73 6.99 8.13
C VAL C 631 -19.56 8.48 7.85
N LYS C 632 -18.56 9.12 8.45
CA LYS C 632 -18.33 10.54 8.20
C LYS C 632 -17.99 10.80 6.74
N ASP C 633 -17.09 9.98 6.17
CA ASP C 633 -16.76 10.12 4.76
C ASP C 633 -17.96 9.77 3.88
N ILE C 634 -18.75 8.79 4.31
CA ILE C 634 -19.97 8.44 3.56
C ILE C 634 -20.92 9.63 3.50
N PHE C 635 -21.10 10.32 4.63
CA PHE C 635 -21.95 11.51 4.65
C PHE C 635 -21.36 12.63 3.78
N LYS C 636 -20.04 12.82 3.84
CA LYS C 636 -19.41 13.85 3.02
C LYS C 636 -19.65 13.59 1.54
N PHE C 637 -19.53 12.33 1.11
CA PHE C 637 -19.83 12.01 -0.29
C PHE C 637 -21.32 12.13 -0.58
N MET C 638 -22.17 11.75 0.38
CA MET C 638 -23.61 11.79 0.17
C MET C 638 -24.12 13.21 -0.01
N VAL C 639 -23.41 14.20 0.52
CA VAL C 639 -23.79 15.59 0.28
C VAL C 639 -23.75 15.89 -1.23
N ILE C 640 -22.63 15.57 -1.88
CA ILE C 640 -22.50 15.78 -3.32
C ILE C 640 -23.46 14.88 -4.08
N PHE C 641 -23.65 13.66 -3.58
CA PHE C 641 -24.61 12.75 -4.20
C PHE C 641 -26.01 13.37 -4.23
N ILE C 642 -26.42 13.96 -3.11
CA ILE C 642 -27.73 14.62 -3.03
C ILE C 642 -27.76 15.84 -3.93
N MET C 643 -26.65 16.56 -4.05
CA MET C 643 -26.61 17.71 -4.96
C MET C 643 -26.89 17.28 -6.41
N VAL C 644 -26.19 16.25 -6.88
CA VAL C 644 -26.41 15.76 -8.25
C VAL C 644 -27.82 15.19 -8.38
N PHE C 645 -28.31 14.54 -7.31
CA PHE C 645 -29.67 14.01 -7.32
C PHE C 645 -30.69 15.12 -7.50
N VAL C 646 -30.52 16.23 -6.78
CA VAL C 646 -31.43 17.37 -6.92
C VAL C 646 -31.35 17.93 -8.33
N ALA C 647 -30.13 18.05 -8.87
CA ALA C 647 -29.95 18.49 -10.25
C ALA C 647 -30.83 17.68 -11.20
N PHE C 648 -30.61 16.37 -11.24
CA PHE C 648 -31.33 15.52 -12.19
C PHE C 648 -32.82 15.47 -11.89
N MET C 649 -33.19 15.49 -10.61
CA MET C 649 -34.59 15.45 -10.23
C MET C 649 -35.35 16.66 -10.77
N ILE C 650 -34.77 17.86 -10.59
CA ILE C 650 -35.44 19.06 -11.07
C ILE C 650 -35.45 19.10 -12.59
N GLY C 651 -34.37 18.65 -13.23
CA GLY C 651 -34.37 18.61 -14.68
C GLY C 651 -35.45 17.69 -15.23
N MET C 652 -35.54 16.47 -14.70
CA MET C 652 -36.54 15.52 -15.17
C MET C 652 -37.96 15.99 -14.85
N PHE C 653 -38.15 16.62 -13.69
CA PHE C 653 -39.48 17.13 -13.34
C PHE C 653 -39.90 18.24 -14.30
N ASN C 654 -38.98 19.15 -14.64
CA ASN C 654 -39.32 20.20 -15.60
C ASN C 654 -39.56 19.63 -16.99
N LEU C 655 -38.89 18.53 -17.34
CA LEU C 655 -39.08 17.95 -18.67
C LEU C 655 -40.48 17.34 -18.82
N TYR C 656 -40.90 16.54 -17.84
CA TYR C 656 -42.12 15.75 -17.95
C TYR C 656 -43.29 16.32 -17.15
N SER C 657 -43.24 17.60 -16.78
CA SER C 657 -44.30 18.17 -15.96
C SER C 657 -45.63 18.22 -16.71
N TYR C 658 -45.59 18.54 -18.02
CA TYR C 658 -46.82 18.77 -18.76
C TYR C 658 -47.53 17.47 -19.13
N TYR C 659 -46.77 16.42 -19.45
CA TYR C 659 -47.34 15.16 -19.91
C TYR C 659 -47.79 14.31 -18.72
N ILE C 660 -48.80 14.84 -18.01
CA ILE C 660 -49.33 14.13 -16.85
C ILE C 660 -50.12 12.89 -17.29
N GLY C 661 -50.91 13.01 -18.36
CA GLY C 661 -51.72 11.89 -18.81
C GLY C 661 -51.13 11.14 -19.98
N ALA C 662 -50.22 11.77 -20.71
CA ALA C 662 -49.60 11.12 -21.86
C ALA C 662 -48.64 10.02 -21.46
N LYS C 663 -47.97 10.19 -20.32
CA LYS C 663 -47.01 9.19 -19.85
C LYS C 663 -47.69 7.88 -19.50
N GLN C 664 -46.99 6.78 -19.74
CA GLN C 664 -47.53 5.46 -19.38
C GLN C 664 -47.64 5.29 -17.88
N ASN C 665 -46.73 5.90 -17.11
CA ASN C 665 -46.77 5.88 -15.66
C ASN C 665 -46.54 7.30 -15.15
N GLU C 666 -46.70 7.48 -13.83
CA GLU C 666 -46.58 8.78 -13.19
C GLU C 666 -45.19 9.06 -12.65
N ALA C 667 -44.15 8.55 -13.32
CA ALA C 667 -42.80 8.56 -12.74
C ALA C 667 -42.27 9.98 -12.56
N PHE C 668 -42.34 10.81 -13.60
CA PHE C 668 -41.76 12.14 -13.58
C PHE C 668 -42.81 13.24 -13.72
N THR C 669 -44.00 12.99 -13.14
CA THR C 669 -45.08 13.97 -13.24
C THR C 669 -44.96 15.05 -12.17
N THR C 670 -44.78 14.65 -10.92
CA THR C 670 -44.65 15.59 -9.80
C THR C 670 -43.26 15.50 -9.20
N VAL C 671 -42.96 16.44 -8.30
CA VAL C 671 -41.66 16.48 -7.65
C VAL C 671 -41.46 15.24 -6.79
N GLU C 672 -42.49 14.84 -6.03
CA GLU C 672 -42.39 13.64 -5.21
C GLU C 672 -42.15 12.41 -6.06
N GLU C 673 -42.89 12.28 -7.17
CA GLU C 673 -42.74 11.12 -8.04
C GLU C 673 -41.36 11.10 -8.70
N SER C 674 -40.87 12.26 -9.14
CA SER C 674 -39.54 12.31 -9.74
C SER C 674 -38.46 11.94 -8.72
N PHE C 675 -38.60 12.45 -7.49
CA PHE C 675 -37.66 12.09 -6.42
C PHE C 675 -37.67 10.59 -6.18
N LYS C 676 -38.86 9.99 -6.12
CA LYS C 676 -38.98 8.56 -5.86
C LYS C 676 -38.37 7.75 -6.99
N THR C 677 -38.66 8.12 -8.23
CA THR C 677 -38.14 7.38 -9.38
C THR C 677 -36.62 7.45 -9.44
N LEU C 678 -36.07 8.65 -9.24
CA LEU C 678 -34.62 8.77 -9.31
C LEU C 678 -33.93 8.09 -8.12
N PHE C 679 -34.57 8.08 -6.94
CA PHE C 679 -34.00 7.36 -5.81
C PHE C 679 -33.97 5.86 -6.08
N TRP C 680 -35.08 5.31 -6.61
CA TRP C 680 -35.11 3.87 -6.86
C TRP C 680 -34.28 3.48 -8.07
N ALA C 681 -33.95 4.43 -8.96
CA ALA C 681 -33.04 4.14 -10.05
C ALA C 681 -31.64 3.79 -9.55
N ILE C 682 -31.28 4.25 -8.35
CA ILE C 682 -29.96 3.95 -7.79
C ILE C 682 -29.81 2.44 -7.57
N PHE C 683 -30.83 1.80 -7.04
CA PHE C 683 -30.81 0.37 -6.76
C PHE C 683 -31.31 -0.47 -7.92
N GLY C 684 -31.58 0.13 -9.06
CA GLY C 684 -32.03 -0.59 -10.23
C GLY C 684 -33.47 -1.04 -10.18
N LEU C 685 -34.27 -0.50 -9.26
CA LEU C 685 -35.67 -0.90 -9.12
C LEU C 685 -36.61 -0.05 -9.95
N SER C 686 -36.10 0.88 -10.75
CA SER C 686 -36.90 1.71 -11.63
C SER C 686 -36.67 1.29 -13.08
N GLU C 687 -37.76 1.07 -13.81
CA GLU C 687 -37.68 0.55 -15.16
C GLU C 687 -37.35 1.68 -16.15
N VAL C 688 -37.20 1.30 -17.42
CA VAL C 688 -36.91 2.27 -18.49
C VAL C 688 -38.17 2.78 -19.16
N LYS C 689 -39.31 2.13 -18.94
CA LYS C 689 -40.57 2.58 -19.55
C LYS C 689 -41.03 3.92 -18.98
N SER C 690 -40.43 4.39 -17.89
CA SER C 690 -40.74 5.70 -17.32
C SER C 690 -40.30 6.85 -18.22
N VAL C 691 -39.71 6.57 -19.38
CA VAL C 691 -39.32 7.60 -20.32
C VAL C 691 -40.25 7.68 -21.53
N VAL C 692 -40.93 6.58 -21.87
CA VAL C 692 -41.76 6.54 -23.07
C VAL C 692 -43.00 7.41 -22.89
N ILE C 693 -43.39 8.09 -23.97
CA ILE C 693 -44.58 8.93 -23.99
C ILE C 693 -45.51 8.42 -25.09
N ASN C 694 -46.81 8.33 -24.77
CA ASN C 694 -47.79 7.85 -25.73
C ASN C 694 -48.00 8.81 -26.91
N TYR C 695 -47.53 10.05 -26.81
CA TYR C 695 -47.71 10.99 -27.90
C TYR C 695 -46.65 10.78 -28.98
N ASN C 696 -46.87 11.42 -30.13
CA ASN C 696 -45.99 11.26 -31.28
C ASN C 696 -44.66 11.97 -31.10
N HIS C 697 -44.57 12.91 -30.17
CA HIS C 697 -43.36 13.73 -30.01
C HIS C 697 -42.21 12.87 -29.51
N LYS C 698 -41.25 12.58 -30.39
CA LYS C 698 -40.06 11.83 -30.01
C LYS C 698 -38.93 12.71 -29.51
N PHE C 699 -39.04 14.04 -29.69
CA PHE C 699 -37.98 14.94 -29.23
C PHE C 699 -37.86 14.89 -27.72
N ILE C 700 -38.96 15.08 -27.01
CA ILE C 700 -38.92 15.06 -25.55
C ILE C 700 -38.62 13.67 -25.02
N GLU C 701 -39.15 12.63 -25.70
CA GLU C 701 -38.87 11.26 -25.27
C GLU C 701 -37.39 10.95 -25.36
N ASN C 702 -36.73 11.35 -26.45
CA ASN C 702 -35.30 11.10 -26.59
C ASN C 702 -34.48 11.99 -25.67
N ILE C 703 -34.93 13.22 -25.41
CA ILE C 703 -34.27 14.06 -24.40
C ILE C 703 -34.31 13.37 -23.05
N GLY C 704 -35.47 12.82 -22.68
CA GLY C 704 -35.57 12.08 -21.43
C GLY C 704 -34.71 10.84 -21.41
N TYR C 705 -34.63 10.12 -22.54
CA TYR C 705 -33.75 8.96 -22.62
C TYR C 705 -32.30 9.35 -22.36
N VAL C 706 -31.85 10.44 -23.01
CA VAL C 706 -30.46 10.88 -22.83
C VAL C 706 -30.22 11.32 -21.40
N LEU C 707 -31.15 12.09 -20.83
CA LEU C 707 -30.97 12.56 -19.45
C LEU C 707 -30.95 11.40 -18.47
N TYR C 708 -31.83 10.42 -18.64
CA TYR C 708 -31.87 9.26 -17.75
C TYR C 708 -30.61 8.42 -17.89
N GLY C 709 -30.11 8.25 -19.13
CA GLY C 709 -28.86 7.53 -19.31
C GLY C 709 -27.68 8.23 -18.67
N VAL C 710 -27.61 9.55 -18.83
CA VAL C 710 -26.54 10.32 -18.19
C VAL C 710 -26.63 10.20 -16.67
N TYR C 711 -27.86 10.28 -16.13
CA TYR C 711 -28.05 10.12 -14.69
C TYR C 711 -27.57 8.76 -14.21
N ASN C 712 -27.94 7.70 -14.93
CA ASN C 712 -27.53 6.35 -14.53
C ASN C 712 -26.02 6.19 -14.61
N VAL C 713 -25.39 6.72 -15.67
CA VAL C 713 -23.94 6.63 -15.79
C VAL C 713 -23.27 7.38 -14.64
N THR C 714 -23.76 8.58 -14.33
CA THR C 714 -23.17 9.37 -13.24
C THR C 714 -23.33 8.68 -11.90
N MET C 715 -24.51 8.13 -11.61
CA MET C 715 -24.79 7.58 -10.29
C MET C 715 -24.22 6.18 -10.13
N VAL C 716 -24.73 5.22 -10.92
CA VAL C 716 -24.40 3.82 -10.69
C VAL C 716 -22.92 3.56 -10.99
N ILE C 717 -22.40 4.12 -12.08
CA ILE C 717 -21.05 3.79 -12.52
C ILE C 717 -20.02 4.72 -11.87
N VAL C 718 -20.19 6.02 -12.05
CA VAL C 718 -19.16 6.97 -11.64
C VAL C 718 -19.18 7.18 -10.13
N LEU C 719 -20.30 7.70 -9.61
CA LEU C 719 -20.37 8.11 -8.21
C LEU C 719 -20.22 6.92 -7.27
N LEU C 720 -20.87 5.80 -7.59
CA LEU C 720 -20.78 4.64 -6.70
C LEU C 720 -19.37 4.07 -6.64
N ASN C 721 -18.70 3.98 -7.80
CA ASN C 721 -17.32 3.49 -7.79
C ASN C 721 -16.39 4.45 -7.06
N MET C 722 -16.60 5.76 -7.22
CA MET C 722 -15.78 6.72 -6.47
C MET C 722 -16.06 6.64 -4.97
N LEU C 723 -17.31 6.35 -4.59
CA LEU C 723 -17.62 6.11 -3.18
C LEU C 723 -16.89 4.88 -2.65
N ILE C 724 -16.84 3.82 -3.46
CA ILE C 724 -16.09 2.62 -3.06
C ILE C 724 -14.62 2.95 -2.87
N ALA C 725 -14.05 3.72 -3.81
CA ALA C 725 -12.64 4.09 -3.70
C ALA C 725 -12.39 4.94 -2.45
N MET C 726 -13.29 5.89 -2.16
CA MET C 726 -13.15 6.71 -0.97
C MET C 726 -13.23 5.86 0.30
N ILE C 727 -14.14 4.89 0.33
CA ILE C 727 -14.27 4.02 1.49
C ILE C 727 -13.02 3.19 1.69
N ASN C 728 -12.45 2.67 0.60
CA ASN C 728 -11.20 1.91 0.70
C ASN C 728 -10.06 2.78 1.23
N SER C 729 -9.94 4.00 0.69
CA SER C 729 -8.86 4.89 1.12
C SER C 729 -8.98 5.24 2.60
N SER C 730 -10.21 5.48 3.07
CA SER C 730 -10.41 5.74 4.49
C SER C 730 -10.10 4.50 5.32
N PHE C 731 -10.59 3.33 4.89
CA PHE C 731 -10.46 2.10 5.67
C PHE C 731 -9.01 1.69 5.82
N GLN C 732 -8.15 2.06 4.87
CA GLN C 732 -6.72 1.80 5.02
C GLN C 732 -6.19 2.40 6.33
N GLU C 733 -6.29 3.73 6.46
CA GLU C 733 -5.80 4.40 7.66
C GLU C 733 -6.63 4.04 8.89
N ILE C 734 -7.89 3.64 8.70
CA ILE C 734 -8.68 3.16 9.83
C ILE C 734 -8.08 1.87 10.38
N GLU C 735 -7.71 0.95 9.49
CA GLU C 735 -7.05 -0.29 9.88
C GLU C 735 -5.66 -0.04 10.44
N ASP C 736 -5.03 1.08 10.08
CA ASP C 736 -3.72 1.39 10.65
C ASP C 736 -3.74 1.48 12.17
N ASP C 737 -4.85 1.91 12.75
CA ASP C 737 -4.93 2.14 14.20
C ASP C 737 -6.24 1.62 14.78
N ALA C 738 -6.67 0.44 14.31
CA ALA C 738 -7.96 -0.09 14.74
C ALA C 738 -7.91 -0.61 16.18
N ASP C 739 -6.84 -1.31 16.54
CA ASP C 739 -6.74 -1.93 17.86
C ASP C 739 -6.80 -0.88 18.96
N VAL C 740 -6.00 0.19 18.81
CA VAL C 740 -5.92 1.20 19.86
C VAL C 740 -7.23 1.96 19.99
N GLU C 741 -7.87 2.27 18.86
CA GLU C 741 -9.17 2.95 18.90
C GLU C 741 -10.23 2.08 19.57
N TRP C 742 -10.24 0.79 19.25
CA TRP C 742 -11.19 -0.11 19.91
C TRP C 742 -10.91 -0.20 21.40
N LYS C 743 -9.64 -0.23 21.79
CA LYS C 743 -9.30 -0.24 23.21
C LYS C 743 -9.83 1.01 23.92
N PHE C 744 -9.67 2.17 23.28
CA PHE C 744 -10.18 3.41 23.88
C PHE C 744 -11.69 3.40 23.98
N ALA C 745 -12.38 2.89 22.95
CA ALA C 745 -13.83 2.82 23.00
C ALA C 745 -14.31 1.90 24.11
N ARG C 746 -13.64 0.75 24.27
CA ARG C 746 -13.99 -0.18 25.34
C ARG C 746 -13.71 0.42 26.71
N ALA C 747 -12.64 1.22 26.82
CA ALA C 747 -12.34 1.90 28.07
C ALA C 747 -13.42 2.92 28.41
N LYS C 748 -13.90 3.66 27.40
CA LYS C 748 -15.01 4.58 27.63
C LYS C 748 -16.26 3.83 28.07
N LEU C 749 -16.53 2.68 27.45
CA LEU C 749 -17.67 1.86 27.85
C LEU C 749 -17.55 1.41 29.31
N TRP C 750 -16.35 0.99 29.72
CA TRP C 750 -16.13 0.58 31.10
C TRP C 750 -16.32 1.76 32.06
N PHE C 751 -15.76 2.92 31.72
CA PHE C 751 -15.88 4.09 32.59
C PHE C 751 -17.32 4.59 32.69
N SER C 752 -18.14 4.32 31.68
CA SER C 752 -19.56 4.67 31.79
C SER C 752 -20.23 3.90 32.91
N TYR C 753 -19.74 2.71 33.23
CA TYR C 753 -20.31 1.87 34.29
C TYR C 753 -19.52 1.90 35.59
N PHE C 754 -18.31 2.46 35.59
CA PHE C 754 -17.51 2.50 36.81
C PHE C 754 -18.16 3.34 37.91
N GLU C 755 -19.08 4.23 37.56
CA GLU C 755 -19.72 5.08 38.55
C GLU C 755 -20.62 4.26 39.48
N GLU C 756 -20.79 4.77 40.70
CA GLU C 756 -21.60 4.11 41.72
C GLU C 756 -23.08 4.50 41.66
N GLY C 757 -23.46 5.38 40.74
CA GLY C 757 -24.81 5.89 40.68
C GLY C 757 -25.88 4.86 40.34
N ARG C 758 -25.84 4.33 39.11
CA ARG C 758 -26.87 3.41 38.64
C ARG C 758 -26.46 1.97 38.90
N THR C 759 -27.34 1.22 39.56
CA THR C 759 -27.16 -0.21 39.78
C THR C 759 -28.28 -1.05 39.20
N LEU C 760 -29.53 -0.61 39.36
CA LEU C 760 -30.67 -1.32 38.82
C LEU C 760 -30.80 -1.06 37.31
N PRO C 761 -31.27 -2.04 36.55
CA PRO C 761 -31.48 -1.84 35.11
C PRO C 761 -32.69 -0.96 34.82
N VAL C 762 -33.05 -0.85 33.54
CA VAL C 762 -34.23 -0.07 33.15
C VAL C 762 -35.49 -0.55 33.87
N PRO C 763 -35.80 -1.85 33.93
CA PRO C 763 -36.91 -2.27 34.80
C PRO C 763 -36.58 -2.04 36.26
N PHE C 764 -37.63 -1.79 37.05
CA PHE C 764 -37.54 -1.49 38.48
C PHE C 764 -36.77 -0.20 38.76
N ASN C 765 -36.43 0.57 37.72
CA ASN C 765 -35.75 1.85 37.92
C ASN C 765 -36.69 2.93 38.42
N LEU C 766 -37.97 2.85 38.04
CA LEU C 766 -38.92 3.91 38.39
C LEU C 766 -39.05 4.07 39.89
N VAL C 767 -39.17 2.96 40.61
CA VAL C 767 -39.24 3.03 42.08
C VAL C 767 -37.87 3.43 42.63
N PRO C 768 -37.80 4.22 43.71
CA PRO C 768 -36.53 4.66 44.31
C PRO C 768 -35.66 3.51 44.77
N ARG C 853 8.31 12.23 49.94
CA ARG C 853 7.40 11.13 50.23
C ARG C 853 7.57 9.99 49.22
N GLN C 854 6.70 8.97 49.35
CA GLN C 854 6.80 7.82 48.45
C GLN C 854 6.55 8.21 47.00
N TYR C 855 5.52 9.03 46.76
CA TYR C 855 5.20 9.43 45.39
C TYR C 855 6.34 10.22 44.76
N GLN C 856 6.96 11.11 45.54
CA GLN C 856 8.09 11.87 45.02
C GLN C 856 9.26 10.96 44.68
N LYS C 857 9.54 9.98 45.53
CA LYS C 857 10.60 9.01 45.24
C LYS C 857 10.31 8.26 43.94
N ILE C 858 9.07 7.79 43.79
CA ILE C 858 8.72 7.02 42.60
C ILE C 858 8.83 7.88 41.35
N MET C 859 8.38 9.14 41.43
CA MET C 859 8.48 10.03 40.28
C MET C 859 9.93 10.31 39.92
N LYS C 860 10.78 10.53 40.93
CA LYS C 860 12.21 10.76 40.66
C LYS C 860 12.83 9.54 39.98
N ARG C 861 12.53 8.35 40.48
CA ARG C 861 13.06 7.12 39.90
C ARG C 861 12.60 6.96 38.45
N LEU C 862 11.30 7.17 38.20
CA LEU C 862 10.77 6.98 36.85
C LEU C 862 11.31 8.03 35.89
N ILE C 863 11.52 9.26 36.37
CA ILE C 863 12.06 10.29 35.49
C ILE C 863 13.51 9.97 35.13
N LYS C 864 14.30 9.51 36.11
CA LYS C 864 15.67 9.10 35.78
C LYS C 864 15.67 7.96 34.76
N ARG C 865 14.79 6.98 34.96
CA ARG C 865 14.71 5.86 34.04
C ARG C 865 14.31 6.34 32.64
N TYR C 866 13.37 7.29 32.56
CA TYR C 866 12.95 7.81 31.27
C TYR C 866 14.08 8.56 30.58
N VAL C 867 14.86 9.32 31.34
CA VAL C 867 16.00 10.03 30.74
C VAL C 867 16.99 9.03 30.15
N LEU C 868 17.31 7.98 30.91
CA LEU C 868 18.24 6.97 30.41
C LEU C 868 17.68 6.28 29.17
N GLN C 869 16.40 5.90 29.20
CA GLN C 869 15.82 5.19 28.05
C GLN C 869 15.74 6.09 26.83
N ALA C 870 15.44 7.38 27.02
CA ALA C 870 15.41 8.31 25.90
C ALA C 870 16.79 8.49 25.30
N GLN C 871 17.83 8.56 26.14
CA GLN C 871 19.18 8.64 25.61
C GLN C 871 19.54 7.39 24.82
N ILE C 872 19.17 6.21 25.32
CA ILE C 872 19.43 4.98 24.58
C ILE C 872 18.70 4.96 23.24
N ASP C 873 17.43 5.35 23.25
CA ASP C 873 16.65 5.36 22.00
C ASP C 873 17.22 6.35 21.01
N LYS C 874 17.73 7.49 21.50
CA LYS C 874 18.43 8.43 20.62
C LYS C 874 19.69 7.79 20.05
N GLU C 875 20.44 7.05 20.87
CA GLU C 875 21.59 6.31 20.37
C GLU C 875 21.19 5.25 19.35
N SER C 876 19.93 4.84 19.35
CA SER C 876 19.44 3.82 18.42
C SER C 876 19.09 4.39 17.05
N ASP C 877 19.57 5.60 16.76
CA ASP C 877 19.32 6.24 15.48
C ASP C 877 20.44 5.94 14.50
N GLU C 878 20.17 6.13 13.20
CA GLU C 878 21.18 5.87 12.19
C GLU C 878 22.19 7.00 12.13
N VAL C 879 23.44 6.65 11.87
CA VAL C 879 24.48 7.65 11.75
C VAL C 879 24.23 8.40 10.46
N ASN C 880 24.49 9.70 10.46
CA ASN C 880 24.31 10.52 9.28
C ASN C 880 25.61 11.22 8.96
N GLU C 881 25.72 11.80 7.77
CA GLU C 881 26.93 12.48 7.34
C GLU C 881 27.57 13.44 8.33
N GLY C 882 26.76 14.27 8.98
CA GLY C 882 27.29 15.23 9.92
C GLY C 882 28.00 14.57 11.08
N GLU C 883 27.38 13.53 11.60
CA GLU C 883 27.91 12.80 12.74
C GLU C 883 29.26 12.20 12.39
N LEU C 884 29.35 11.59 11.22
CA LEU C 884 30.61 10.96 10.80
C LEU C 884 31.69 11.99 10.57
N LYS C 885 31.31 13.16 10.08
CA LYS C 885 32.26 14.22 9.84
C LYS C 885 32.90 14.70 11.13
N GLU C 886 32.11 14.78 12.18
CA GLU C 886 32.63 15.22 13.47
C GLU C 886 33.74 14.32 13.91
N ILE C 887 33.65 13.06 13.51
CA ILE C 887 34.69 12.07 13.84
C ILE C 887 35.92 12.29 12.97
N LYS C 888 35.72 12.57 11.68
CA LYS C 888 36.84 12.83 10.77
C LYS C 888 37.66 14.03 11.23
N GLN C 889 36.98 15.10 11.65
CA GLN C 889 37.69 16.26 12.18
C GLN C 889 38.45 15.93 13.46
N ASP C 890 38.04 14.90 14.28
CA ASP C 890 38.79 14.49 15.46
C ASP C 890 40.14 13.94 15.06
N ILE C 891 40.01 13.07 14.03
CA ILE C 891 41.25 12.46 13.55
C ILE C 891 42.17 13.51 12.97
N SER C 892 41.60 14.50 12.28
CA SER C 892 42.42 15.57 11.70
C SER C 892 43.16 16.34 12.80
N SER C 893 42.44 16.76 13.84
CA SER C 893 43.08 17.49 14.93
C SER C 893 44.11 16.63 15.65
N LEU C 894 43.80 15.35 15.85
CA LEU C 894 44.77 14.45 16.47
C LEU C 894 46.03 14.34 15.63
N ARG C 895 45.89 14.24 14.31
CA ARG C 895 47.04 14.18 13.43
C ARG C 895 47.89 15.43 13.53
N TYR C 896 47.24 16.60 13.55
CA TYR C 896 47.99 17.85 13.66
C TYR C 896 48.77 17.90 14.97
N GLU C 897 48.12 17.53 16.08
CA GLU C 897 48.79 17.55 17.38
C GLU C 897 49.98 16.59 17.39
N LEU C 898 49.79 15.37 16.88
CA LEU C 898 50.85 14.38 16.91
C LEU C 898 52.03 14.77 16.02
N LEU C 899 51.74 15.33 14.84
CA LEU C 899 52.82 15.76 13.96
C LEU C 899 53.57 16.94 14.55
N GLU C 900 52.87 17.86 15.22
CA GLU C 900 53.56 18.94 15.90
C GLU C 900 54.47 18.42 17.01
N GLU C 901 53.98 17.45 17.79
CA GLU C 901 54.80 16.88 18.86
C GLU C 901 56.01 16.15 18.28
N LYS C 902 55.83 15.46 17.15
CA LYS C 902 56.95 14.79 16.50
C LYS C 902 57.97 15.79 15.98
N SER C 903 57.51 16.94 15.46
CA SER C 903 58.43 17.95 14.95
C SER C 903 59.32 18.49 16.06
N GLN C 904 58.75 18.73 17.24
CA GLN C 904 59.53 19.18 18.39
C GLN C 904 60.47 18.08 18.89
N LEU D 95 54.82 -5.81 -13.18
CA LEU D 95 54.40 -4.42 -13.30
C LEU D 95 55.52 -3.49 -12.83
N SER D 96 56.77 -3.89 -13.08
CA SER D 96 57.94 -3.09 -12.70
C SER D 96 57.91 -2.75 -11.21
N ILE D 97 58.13 -3.80 -10.41
CA ILE D 97 57.77 -3.88 -8.99
C ILE D 97 58.02 -2.57 -8.24
N GLU D 98 59.04 -1.81 -8.65
CA GLU D 98 59.20 -0.46 -8.12
C GLU D 98 57.95 0.38 -8.38
N GLU D 99 57.43 0.34 -9.60
CA GLU D 99 56.21 1.08 -9.94
C GLU D 99 55.01 0.57 -9.16
N GLU D 100 54.90 -0.75 -9.00
CA GLU D 100 53.79 -1.30 -8.24
C GLU D 100 53.86 -0.87 -6.78
N ARG D 101 55.06 -0.86 -6.20
CA ARG D 101 55.23 -0.38 -4.83
C ARG D 101 54.88 1.10 -4.72
N PHE D 102 55.27 1.90 -5.71
CA PHE D 102 54.95 3.32 -5.70
C PHE D 102 53.43 3.54 -5.75
N LEU D 103 52.74 2.81 -6.63
CA LEU D 103 51.29 2.94 -6.71
C LEU D 103 50.62 2.47 -5.43
N ASP D 104 51.12 1.37 -4.86
CA ASP D 104 50.56 0.87 -3.59
C ASP D 104 50.71 1.89 -2.48
N ALA D 105 51.89 2.52 -2.39
CA ALA D 105 52.10 3.56 -1.39
C ALA D 105 51.20 4.76 -1.63
N ALA D 106 51.06 5.18 -2.90
CA ALA D 106 50.24 6.34 -3.20
C ALA D 106 48.77 6.10 -2.87
N GLU D 107 48.27 4.90 -3.16
CA GLU D 107 46.84 4.63 -2.95
C GLU D 107 46.48 4.66 -1.48
N TYR D 108 47.34 4.13 -0.61
CA TYR D 108 47.04 3.96 0.81
C TYR D 108 47.74 5.00 1.69
N GLY D 109 48.05 6.16 1.13
CA GLY D 109 48.53 7.28 1.93
C GLY D 109 49.87 7.05 2.63
N ASN D 110 50.78 6.33 1.99
CA ASN D 110 52.13 6.15 2.53
C ASN D 110 52.97 7.33 2.07
N ILE D 111 52.76 8.47 2.75
CA ILE D 111 53.42 9.72 2.35
C ILE D 111 54.94 9.61 2.37
N PRO D 112 55.58 9.07 3.42
CA PRO D 112 57.05 9.02 3.40
C PRO D 112 57.64 8.26 2.23
N VAL D 113 57.03 7.13 1.86
CA VAL D 113 57.57 6.33 0.75
C VAL D 113 57.44 7.08 -0.56
N VAL D 114 56.28 7.70 -0.82
CA VAL D 114 56.10 8.40 -2.09
C VAL D 114 57.00 9.63 -2.15
N ARG D 115 57.21 10.30 -1.01
CA ARG D 115 58.12 11.44 -0.99
C ARG D 115 59.56 11.01 -1.26
N LYS D 116 60.00 9.93 -0.61
CA LYS D 116 61.36 9.46 -0.83
C LYS D 116 61.56 9.00 -2.27
N MET D 117 60.55 8.36 -2.86
CA MET D 117 60.65 7.94 -4.26
C MET D 117 60.70 9.15 -5.19
N LEU D 118 59.86 10.16 -4.96
CA LEU D 118 59.91 11.37 -5.77
C LEU D 118 61.26 12.08 -5.63
N GLU D 119 61.91 11.93 -4.48
CA GLU D 119 63.19 12.62 -4.29
C GLU D 119 64.37 11.84 -4.88
N GLU D 120 64.37 10.51 -4.76
CA GLU D 120 65.58 9.73 -4.95
C GLU D 120 65.53 8.71 -6.07
N CYS D 121 64.41 8.56 -6.77
CA CYS D 121 64.33 7.53 -7.81
C CYS D 121 65.03 7.97 -9.09
N HIS D 122 64.56 9.07 -9.69
CA HIS D 122 65.07 9.66 -10.93
C HIS D 122 64.84 8.77 -12.15
N SER D 123 64.25 7.58 -11.97
CA SER D 123 63.89 6.72 -13.07
C SER D 123 62.47 6.16 -12.95
N LEU D 124 61.77 6.41 -11.84
CA LEU D 124 60.40 5.96 -11.69
C LEU D 124 59.50 6.70 -12.66
N ASN D 125 58.60 5.95 -13.31
CA ASN D 125 57.60 6.54 -14.18
C ASN D 125 56.45 7.07 -13.32
N VAL D 126 56.31 8.39 -13.27
CA VAL D 126 55.29 8.99 -12.42
C VAL D 126 53.90 8.65 -12.95
N ASN D 127 53.74 8.59 -14.27
CA ASN D 127 52.43 8.39 -14.89
C ASN D 127 52.05 6.92 -15.04
N CYS D 128 52.75 6.01 -14.35
CA CYS D 128 52.38 4.60 -14.43
C CYS D 128 51.00 4.39 -13.80
N VAL D 129 50.23 3.47 -14.39
CA VAL D 129 48.85 3.24 -13.98
C VAL D 129 48.72 1.83 -13.40
N ASP D 130 47.69 1.65 -12.59
CA ASP D 130 47.40 0.36 -11.97
C ASP D 130 46.52 -0.47 -12.90
N TYR D 131 45.95 -1.55 -12.39
CA TYR D 131 45.15 -2.46 -13.21
C TYR D 131 43.93 -1.78 -13.81
N MET D 132 43.45 -0.69 -13.21
CA MET D 132 42.30 0.04 -13.71
C MET D 132 42.69 1.29 -14.49
N GLY D 133 43.96 1.43 -14.87
CA GLY D 133 44.40 2.61 -15.59
C GLY D 133 44.34 3.89 -14.79
N GLN D 134 44.65 3.83 -13.50
CA GLN D 134 44.69 4.99 -12.62
C GLN D 134 46.13 5.22 -12.19
N ASN D 135 46.64 6.43 -12.43
CA ASN D 135 48.00 6.75 -12.04
C ASN D 135 48.01 7.12 -10.56
N ALA D 136 49.16 7.58 -10.06
CA ALA D 136 49.28 7.92 -8.65
C ALA D 136 48.34 9.06 -8.27
N LEU D 137 48.24 10.08 -9.13
CA LEU D 137 47.41 11.23 -8.81
C LEU D 137 45.94 10.85 -8.70
N GLN D 138 45.45 10.03 -9.62
CA GLN D 138 44.04 9.63 -9.58
C GLN D 138 43.74 8.80 -8.33
N LEU D 139 44.66 7.91 -7.95
CA LEU D 139 44.47 7.12 -6.74
C LEU D 139 44.46 8.02 -5.50
N ALA D 140 45.42 8.94 -5.43
CA ALA D 140 45.51 9.83 -4.27
C ALA D 140 44.28 10.70 -4.14
N VAL D 141 43.78 11.23 -5.25
CA VAL D 141 42.55 12.01 -5.23
C VAL D 141 41.37 11.14 -4.82
N ALA D 142 41.30 9.91 -5.36
CA ALA D 142 40.17 9.04 -5.07
C ALA D 142 40.09 8.68 -3.60
N ASN D 143 41.24 8.39 -2.99
CA ASN D 143 41.30 8.02 -1.58
C ASN D 143 41.43 9.22 -0.65
N GLU D 144 41.34 10.42 -1.18
CA GLU D 144 41.38 11.66 -0.40
C GLU D 144 42.65 11.73 0.45
N HIS D 145 43.83 11.83 -0.23
CA HIS D 145 45.13 12.06 0.39
C HIS D 145 45.62 13.43 -0.06
N LEU D 146 45.69 14.37 0.88
CA LEU D 146 46.00 15.75 0.53
C LEU D 146 47.50 15.99 0.37
N GLU D 147 48.31 15.47 1.30
CA GLU D 147 49.76 15.70 1.22
C GLU D 147 50.35 15.03 -0.02
N ILE D 148 49.89 13.81 -0.34
CA ILE D 148 50.33 13.15 -1.55
C ILE D 148 49.89 13.94 -2.78
N THR D 149 48.67 14.49 -2.73
CA THR D 149 48.19 15.30 -3.85
C THR D 149 49.10 16.51 -4.07
N GLU D 150 49.46 17.21 -3.00
CA GLU D 150 50.34 18.37 -3.13
C GLU D 150 51.72 17.95 -3.65
N LEU D 151 52.25 16.84 -3.14
CA LEU D 151 53.56 16.37 -3.59
C LEU D 151 53.54 16.04 -5.07
N LEU D 152 52.49 15.38 -5.54
CA LEU D 152 52.39 15.06 -6.96
C LEU D 152 52.19 16.31 -7.80
N LEU D 153 51.41 17.27 -7.30
CA LEU D 153 51.18 18.51 -8.04
C LEU D 153 52.47 19.29 -8.22
N LYS D 154 53.34 19.30 -7.20
CA LYS D 154 54.62 19.96 -7.34
C LYS D 154 55.48 19.31 -8.43
N LYS D 155 55.29 18.01 -8.67
CA LYS D 155 55.97 17.35 -9.78
C LYS D 155 55.40 17.83 -11.11
N GLU D 156 56.29 18.20 -12.03
CA GLU D 156 55.86 18.62 -13.36
C GLU D 156 55.58 17.39 -14.23
N ASN D 157 55.27 17.63 -15.51
CA ASN D 157 54.94 16.62 -16.51
C ASN D 157 54.01 15.54 -15.95
N LEU D 158 53.10 15.95 -15.06
CA LEU D 158 52.14 15.04 -14.46
C LEU D 158 50.84 15.07 -15.26
N SER D 159 50.47 13.94 -15.84
CA SER D 159 49.26 13.86 -16.65
C SER D 159 48.05 13.59 -15.75
N ARG D 160 46.87 13.58 -16.36
CA ARG D 160 45.61 13.31 -15.67
C ARG D 160 45.37 14.29 -14.53
N VAL D 161 45.61 15.58 -14.78
CA VAL D 161 45.34 16.61 -13.80
C VAL D 161 43.91 17.14 -13.91
N GLY D 162 43.43 17.36 -15.13
CA GLY D 162 42.04 17.77 -15.30
C GLY D 162 41.07 16.71 -14.82
N ASP D 163 41.35 15.44 -15.13
CA ASP D 163 40.52 14.36 -14.60
C ASP D 163 40.63 14.28 -13.09
N ALA D 164 41.82 14.56 -12.54
CA ALA D 164 41.97 14.57 -11.10
C ALA D 164 41.07 15.63 -10.46
N LEU D 165 41.04 16.83 -11.05
CA LEU D 165 40.14 17.88 -10.56
C LEU D 165 38.69 17.44 -10.68
N LEU D 166 38.31 16.83 -11.81
CA LEU D 166 36.93 16.41 -11.99
C LEU D 166 36.53 15.36 -10.96
N LEU D 167 37.42 14.39 -10.71
CA LEU D 167 37.14 13.36 -9.72
C LEU D 167 37.04 13.95 -8.32
N ALA D 168 37.93 14.88 -7.99
CA ALA D 168 37.88 15.53 -6.68
C ALA D 168 36.56 16.28 -6.51
N ILE D 169 36.15 17.03 -7.53
CA ILE D 169 34.89 17.77 -7.47
C ILE D 169 33.72 16.81 -7.28
N SER D 170 33.71 15.72 -8.05
CA SER D 170 32.59 14.77 -7.98
C SER D 170 32.48 14.09 -6.62
N LYS D 171 33.58 14.03 -5.86
CA LYS D 171 33.57 13.40 -4.54
C LYS D 171 33.62 14.42 -3.41
N GLY D 172 33.37 15.70 -3.69
CA GLY D 172 33.53 16.73 -2.68
C GLY D 172 34.98 17.14 -2.53
N TYR D 173 35.61 16.76 -1.42
CA TYR D 173 37.04 16.94 -1.18
C TYR D 173 37.47 18.38 -1.49
N VAL D 174 36.90 19.31 -0.72
CA VAL D 174 37.08 20.74 -0.99
C VAL D 174 38.55 21.13 -0.93
N ARG D 175 39.28 20.62 0.08
CA ARG D 175 40.70 20.96 0.21
C ARG D 175 41.48 20.47 -1.00
N ILE D 176 41.20 19.24 -1.46
CA ILE D 176 41.91 18.72 -2.63
C ILE D 176 41.55 19.52 -3.89
N VAL D 177 40.28 19.92 -4.01
CA VAL D 177 39.87 20.72 -5.16
C VAL D 177 40.62 22.04 -5.18
N GLU D 178 40.72 22.70 -4.03
CA GLU D 178 41.46 23.95 -3.95
C GLU D 178 42.94 23.74 -4.25
N ALA D 179 43.52 22.63 -3.76
CA ALA D 179 44.92 22.36 -4.03
C ALA D 179 45.17 22.15 -5.52
N ILE D 180 44.26 21.44 -6.20
CA ILE D 180 44.41 21.21 -7.63
C ILE D 180 44.23 22.50 -8.41
N LEU D 181 43.28 23.35 -7.99
CA LEU D 181 43.02 24.59 -8.72
C LEU D 181 44.24 25.50 -8.74
N SER D 182 45.12 25.39 -7.74
CA SER D 182 46.34 26.19 -7.72
C SER D 182 47.38 25.69 -8.72
N HIS D 183 47.15 24.56 -9.37
CA HIS D 183 48.06 24.08 -10.40
C HIS D 183 48.11 25.07 -11.55
N PRO D 184 49.28 25.22 -12.21
CA PRO D 184 49.39 26.20 -13.30
C PRO D 184 48.42 25.98 -14.44
N ALA D 185 47.98 24.73 -14.66
CA ALA D 185 47.05 24.46 -15.76
C ALA D 185 45.70 25.14 -15.57
N PHE D 186 45.35 25.52 -14.34
CA PHE D 186 44.08 26.14 -14.04
C PHE D 186 44.24 27.61 -13.64
N ALA D 187 45.15 28.32 -14.31
CA ALA D 187 45.37 29.74 -14.04
C ALA D 187 44.28 30.56 -14.76
N GLU D 188 43.05 30.39 -14.26
CA GLU D 188 41.84 31.09 -14.73
C GLU D 188 41.67 30.99 -16.25
N GLY D 189 42.26 29.98 -16.89
CA GLY D 189 42.20 29.87 -18.33
C GLY D 189 41.53 28.62 -18.84
N LYS D 190 41.46 27.58 -18.01
CA LYS D 190 40.91 26.28 -18.38
C LYS D 190 39.52 26.06 -17.80
N ARG D 191 38.85 27.13 -17.37
CA ARG D 191 37.58 27.00 -16.66
C ARG D 191 36.41 27.07 -17.63
N LEU D 192 35.43 26.18 -17.44
CA LEU D 192 34.22 26.12 -18.25
C LEU D 192 34.54 26.01 -19.74
N ASP D 204 41.66 20.40 -26.60
CA ASP D 204 40.87 19.33 -26.01
C ASP D 204 41.78 18.25 -25.41
N ASP D 205 41.19 17.11 -25.06
CA ASP D 205 41.87 15.97 -24.44
C ASP D 205 42.45 16.31 -23.08
N PHE D 206 42.07 17.46 -22.49
CA PHE D 206 42.60 17.86 -21.20
C PHE D 206 41.97 17.08 -20.05
N TYR D 207 40.71 16.68 -20.19
CA TYR D 207 39.97 16.03 -19.11
C TYR D 207 39.89 14.52 -19.26
N ALA D 208 40.66 13.94 -20.18
CA ALA D 208 40.65 12.49 -20.35
C ALA D 208 41.31 11.80 -19.15
N TYR D 209 40.71 10.70 -18.71
CA TYR D 209 41.24 9.92 -17.60
C TYR D 209 42.04 8.71 -18.05
N ASP D 210 42.18 8.48 -19.35
CA ASP D 210 42.98 7.39 -19.89
C ASP D 210 43.32 7.74 -21.34
N GLU D 211 43.81 6.75 -22.09
CA GLU D 211 44.10 6.96 -23.50
C GLU D 211 42.83 7.25 -24.29
N ASP D 212 41.74 6.53 -24.00
CA ASP D 212 40.50 6.65 -24.75
C ASP D 212 39.36 6.94 -23.78
N GLY D 213 38.77 8.13 -23.89
CA GLY D 213 37.57 8.47 -23.15
C GLY D 213 37.86 9.39 -21.96
N THR D 214 36.76 9.84 -21.36
CA THR D 214 36.79 10.69 -20.18
C THR D 214 35.91 10.08 -19.10
N ARG D 215 36.20 10.44 -17.85
CA ARG D 215 35.47 9.85 -16.73
C ARG D 215 33.98 10.17 -16.81
N PHE D 216 33.65 11.41 -17.12
CA PHE D 216 32.27 11.86 -17.28
C PHE D 216 32.02 12.23 -18.74
N SER D 217 30.82 12.73 -19.01
CA SER D 217 30.50 13.22 -20.34
C SER D 217 31.47 14.35 -20.72
N HIS D 218 31.89 14.36 -21.99
CA HIS D 218 32.92 15.30 -22.41
C HIS D 218 32.46 16.75 -22.25
N ASP D 219 31.16 16.99 -22.33
CA ASP D 219 30.63 18.35 -22.17
C ASP D 219 30.55 18.81 -20.72
N VAL D 220 30.70 17.89 -19.76
CA VAL D 220 30.55 18.23 -18.35
C VAL D 220 31.84 18.93 -17.90
N THR D 221 31.81 20.26 -17.85
CA THR D 221 32.91 21.05 -17.34
C THR D 221 32.90 21.02 -15.82
N PRO D 222 33.99 21.44 -15.18
CA PRO D 222 34.02 21.41 -13.70
C PRO D 222 32.86 22.14 -13.04
N ILE D 223 32.44 23.29 -13.58
CA ILE D 223 31.31 24.00 -12.99
C ILE D 223 30.03 23.19 -13.11
N ILE D 224 29.81 22.55 -14.26
CA ILE D 224 28.61 21.73 -14.45
C ILE D 224 28.64 20.54 -13.50
N LEU D 225 29.80 19.91 -13.34
CA LEU D 225 29.90 18.77 -12.43
C LEU D 225 29.65 19.18 -10.99
N ALA D 226 30.21 20.32 -10.57
CA ALA D 226 29.99 20.81 -9.22
C ALA D 226 28.51 21.12 -8.99
N ALA D 227 27.86 21.73 -9.97
CA ALA D 227 26.43 21.99 -9.86
C ALA D 227 25.65 20.69 -9.75
N HIS D 228 26.02 19.69 -10.56
CA HIS D 228 25.33 18.40 -10.51
C HIS D 228 25.45 17.76 -9.13
N CYS D 229 26.65 17.77 -8.56
CA CYS D 229 26.87 17.15 -7.26
C CYS D 229 26.39 18.01 -6.10
N GLN D 230 26.05 19.28 -6.35
CA GLN D 230 25.59 20.20 -5.32
C GLN D 230 26.64 20.33 -4.20
N GLU D 231 27.82 20.80 -4.59
CA GLU D 231 28.90 21.10 -3.66
C GLU D 231 28.99 22.62 -3.56
N TYR D 232 28.38 23.17 -2.50
CA TYR D 232 28.21 24.63 -2.41
C TYR D 232 29.55 25.34 -2.33
N GLU D 233 30.51 24.80 -1.58
CA GLU D 233 31.82 25.43 -1.49
C GLU D 233 32.51 25.46 -2.85
N ILE D 234 32.48 24.33 -3.57
CA ILE D 234 33.14 24.24 -4.85
C ILE D 234 32.42 25.10 -5.89
N VAL D 235 31.09 25.10 -5.88
CA VAL D 235 30.33 25.93 -6.80
C VAL D 235 30.65 27.41 -6.56
N HIS D 236 30.69 27.82 -5.28
CA HIS D 236 31.04 29.20 -4.97
C HIS D 236 32.44 29.54 -5.43
N THR D 237 33.41 28.64 -5.22
CA THR D 237 34.78 28.88 -5.65
C THR D 237 34.86 29.05 -7.16
N LEU D 238 34.22 28.13 -7.90
CA LEU D 238 34.28 28.21 -9.36
C LEU D 238 33.58 29.45 -9.88
N LEU D 239 32.44 29.82 -9.29
CA LEU D 239 31.76 31.04 -9.70
C LEU D 239 32.62 32.27 -9.44
N ARG D 240 33.34 32.28 -8.31
CA ARG D 240 34.26 33.38 -8.04
C ARG D 240 35.36 33.44 -9.09
N LYS D 241 35.70 32.31 -9.71
CA LYS D 241 36.69 32.28 -10.78
C LYS D 241 36.07 32.43 -12.16
N GLY D 242 34.81 32.87 -12.25
CA GLY D 242 34.19 33.15 -13.51
C GLY D 242 33.56 31.97 -14.23
N ALA D 243 33.58 30.78 -13.63
CA ALA D 243 32.92 29.63 -14.23
C ALA D 243 31.42 29.88 -14.38
N ARG D 244 30.90 29.60 -15.57
CA ARG D 244 29.48 29.83 -15.86
C ARG D 244 28.95 28.69 -16.73
N ILE D 245 27.73 28.27 -16.46
CA ILE D 245 27.03 27.34 -17.33
C ILE D 245 26.48 28.11 -18.53
N GLU D 246 26.56 27.51 -19.71
CA GLU D 246 26.38 28.26 -20.96
C GLU D 246 24.92 28.48 -21.34
N ARG D 247 23.95 27.92 -20.59
CA ARG D 247 22.54 28.09 -20.91
C ARG D 247 22.24 27.67 -22.35
N PRO D 248 22.15 26.37 -22.62
CA PRO D 248 22.07 25.89 -24.01
C PRO D 248 20.93 26.53 -24.78
N HIS D 249 21.10 26.59 -26.11
CA HIS D 249 20.17 27.27 -27.00
C HIS D 249 18.79 26.62 -27.01
N ASP D 250 17.85 27.20 -27.75
CA ASP D 250 16.51 26.65 -27.85
C ASP D 250 16.54 25.30 -28.58
N TYR D 251 15.48 24.52 -28.37
CA TYR D 251 15.42 23.21 -28.98
C TYR D 251 15.41 23.30 -30.51
N PHE D 252 14.66 24.26 -31.06
CA PHE D 252 14.55 24.44 -32.50
C PHE D 252 15.53 25.47 -33.04
N CYS D 253 16.69 25.63 -32.39
CA CYS D 253 17.71 26.55 -32.87
C CYS D 253 18.26 26.08 -34.21
N LYS D 254 18.59 27.04 -35.08
CA LYS D 254 19.03 26.73 -36.45
C LYS D 254 20.41 27.31 -36.75
N CYS D 255 21.16 27.72 -35.72
CA CYS D 255 22.46 28.34 -35.97
C CYS D 255 23.47 27.29 -36.45
N ASN D 256 24.60 27.78 -36.96
CA ASN D 256 25.59 26.90 -37.57
C ASN D 256 26.16 25.89 -36.57
N ASP D 257 26.49 26.37 -35.36
CA ASP D 257 27.12 25.48 -34.37
C ASP D 257 26.15 24.39 -33.93
N CYS D 258 24.91 24.77 -33.60
CA CYS D 258 23.91 23.79 -33.19
C CYS D 258 23.60 22.83 -34.33
N ASN D 259 23.55 23.33 -35.57
CA ASN D 259 23.30 22.47 -36.72
C ASN D 259 24.41 21.44 -36.89
N GLN D 260 25.67 21.87 -36.75
CA GLN D 260 26.79 20.95 -36.85
C GLN D 260 26.74 19.91 -35.73
N LYS D 261 26.42 20.34 -34.51
CA LYS D 261 26.32 19.39 -33.40
C LYS D 261 25.20 18.38 -33.64
N GLN D 262 24.08 18.83 -34.21
CA GLN D 262 22.96 17.94 -34.48
C GLN D 262 23.30 16.95 -35.57
N LYS D 263 23.92 17.41 -36.66
CA LYS D 263 24.23 16.50 -37.76
C LYS D 263 25.42 15.60 -37.48
N HIS D 264 26.25 15.94 -36.49
CA HIS D 264 27.42 15.13 -36.18
C HIS D 264 27.02 13.88 -35.39
N ASP D 265 26.42 14.07 -34.21
CA ASP D 265 26.10 12.97 -33.32
C ASP D 265 24.60 12.81 -33.10
N SER D 266 23.91 13.89 -32.72
CA SER D 266 22.46 13.92 -32.51
C SER D 266 22.06 13.16 -31.24
N PHE D 267 23.00 12.49 -30.60
CA PHE D 267 22.77 11.85 -29.31
C PHE D 267 23.63 12.46 -28.20
N SER D 268 24.87 12.84 -28.53
CA SER D 268 25.66 13.63 -27.59
C SER D 268 25.10 15.04 -27.43
N HIS D 269 24.40 15.54 -28.45
CA HIS D 269 23.83 16.88 -28.37
C HIS D 269 22.73 16.94 -27.31
N SER D 270 21.81 15.98 -27.33
CA SER D 270 20.73 15.96 -26.33
C SER D 270 21.29 15.71 -24.94
N ARG D 271 22.29 14.83 -24.80
CA ARG D 271 22.89 14.59 -23.51
C ARG D 271 23.60 15.83 -22.97
N SER D 272 24.30 16.55 -23.84
CA SER D 272 24.94 17.79 -23.41
C SER D 272 23.91 18.82 -22.98
N ARG D 273 22.81 18.92 -23.73
CA ARG D 273 21.75 19.86 -23.37
C ARG D 273 21.14 19.52 -22.02
N ILE D 274 20.83 18.25 -21.78
CA ILE D 274 20.22 17.87 -20.51
C ILE D 274 21.22 18.01 -19.37
N ASN D 275 22.51 17.75 -19.60
CA ASN D 275 23.50 17.98 -18.56
C ASN D 275 23.62 19.45 -18.21
N ALA D 276 23.61 20.32 -19.22
CA ALA D 276 23.65 21.76 -18.95
C ALA D 276 22.43 22.21 -18.16
N TYR D 277 21.25 21.69 -18.52
CA TYR D 277 20.04 22.04 -17.78
C TYR D 277 20.07 21.50 -16.35
N LYS D 278 20.60 20.29 -16.17
CA LYS D 278 20.74 19.72 -14.83
C LYS D 278 21.65 20.56 -13.97
N GLY D 279 22.74 21.07 -14.57
CA GLY D 279 23.59 22.01 -13.85
C GLY D 279 22.87 23.31 -13.53
N LEU D 280 22.13 23.86 -14.49
CA LEU D 280 21.42 25.11 -14.27
C LEU D 280 20.35 24.97 -13.19
N ALA D 281 19.63 23.85 -13.20
CA ALA D 281 18.50 23.65 -12.29
C ALA D 281 18.92 23.19 -10.90
N SER D 282 20.21 23.02 -10.65
CA SER D 282 20.65 22.60 -9.33
C SER D 282 20.42 23.73 -8.31
N PRO D 283 19.96 23.41 -7.11
CA PRO D 283 19.72 24.47 -6.11
C PRO D 283 20.97 25.27 -5.78
N ALA D 284 22.14 24.63 -5.74
CA ALA D 284 23.36 25.34 -5.39
C ALA D 284 23.68 26.42 -6.42
N TYR D 285 23.64 26.06 -7.71
CA TYR D 285 23.93 27.03 -8.76
C TYR D 285 22.90 28.15 -8.76
N LEU D 286 21.62 27.80 -8.60
CA LEU D 286 20.58 28.83 -8.58
C LEU D 286 20.79 29.81 -7.44
N SER D 287 21.14 29.29 -6.25
CA SER D 287 21.29 30.16 -5.09
C SER D 287 22.54 31.02 -5.19
N LEU D 288 23.61 30.50 -5.77
CA LEU D 288 24.89 31.20 -5.73
C LEU D 288 25.22 31.98 -7.00
N SER D 289 24.49 31.78 -8.09
CA SER D 289 24.87 32.37 -9.38
C SER D 289 24.15 33.68 -9.66
N SER D 290 22.83 33.69 -9.63
CA SER D 290 22.06 34.86 -10.00
C SER D 290 21.79 35.75 -8.78
N GLU D 291 21.48 37.03 -9.06
CA GLU D 291 21.14 37.97 -8.01
C GLU D 291 19.68 37.91 -7.60
N ASP D 292 18.84 37.21 -8.35
CA ASP D 292 17.42 37.03 -8.04
C ASP D 292 17.08 35.56 -8.16
N PRO D 293 17.49 34.73 -7.19
CA PRO D 293 17.34 33.28 -7.35
C PRO D 293 15.90 32.81 -7.51
N VAL D 294 14.93 33.46 -6.87
CA VAL D 294 13.55 32.99 -6.97
C VAL D 294 12.99 33.23 -8.37
N MET D 295 13.21 34.43 -8.91
CA MET D 295 12.72 34.74 -10.26
C MET D 295 13.39 33.85 -11.30
N THR D 296 14.71 33.69 -11.20
CA THR D 296 15.43 32.84 -12.14
C THR D 296 14.98 31.39 -12.03
N ALA D 297 14.73 30.91 -10.81
CA ALA D 297 14.26 29.55 -10.62
C ALA D 297 12.88 29.36 -11.25
N LEU D 298 11.98 30.33 -11.06
CA LEU D 298 10.66 30.22 -11.69
C LEU D 298 10.77 30.20 -13.21
N GLU D 299 11.59 31.10 -13.76
CA GLU D 299 11.74 31.16 -15.22
C GLU D 299 12.33 29.86 -15.77
N LEU D 300 13.35 29.32 -15.09
CA LEU D 300 13.96 28.07 -15.53
C LEU D 300 12.98 26.90 -15.41
N SER D 301 12.17 26.89 -14.34
CA SER D 301 11.16 25.84 -14.20
C SER D 301 10.16 25.90 -15.34
N ASN D 302 9.73 27.12 -15.71
CA ASN D 302 8.82 27.28 -16.84
C ASN D 302 9.47 26.77 -18.13
N GLU D 303 10.73 27.13 -18.36
CA GLU D 303 11.41 26.70 -19.58
C GLU D 303 11.55 25.19 -19.63
N LEU D 304 11.91 24.56 -18.51
CA LEU D 304 12.04 23.10 -18.47
C LEU D 304 10.69 22.42 -18.66
N ALA D 305 9.62 22.99 -18.10
CA ALA D 305 8.29 22.44 -18.33
C ALA D 305 7.90 22.53 -19.80
N VAL D 306 8.27 23.64 -20.45
CA VAL D 306 8.01 23.77 -21.88
C VAL D 306 8.76 22.70 -22.66
N LEU D 307 10.05 22.52 -22.35
CA LEU D 307 10.86 21.54 -23.08
C LEU D 307 10.49 20.10 -22.76
N ALA D 308 9.79 19.87 -21.64
CA ALA D 308 9.40 18.51 -21.29
C ALA D 308 8.43 17.93 -22.32
N ASN D 309 7.55 18.78 -22.88
CA ASN D 309 6.60 18.31 -23.89
C ASN D 309 7.28 18.03 -25.22
N ILE D 310 8.26 18.86 -25.59
CA ILE D 310 8.86 18.76 -26.91
C ILE D 310 9.65 17.46 -27.05
N GLU D 311 10.48 17.15 -26.06
CA GLU D 311 11.30 15.94 -26.09
C GLU D 311 10.56 14.82 -25.37
N LYS D 312 10.15 13.80 -26.13
CA LYS D 312 9.39 12.70 -25.54
C LYS D 312 10.29 11.80 -24.70
N GLU D 313 11.50 11.50 -25.18
CA GLU D 313 12.40 10.61 -24.45
C GLU D 313 12.85 11.24 -23.14
N PHE D 314 13.16 12.53 -23.15
CA PHE D 314 13.69 13.22 -21.98
C PHE D 314 12.59 13.89 -21.15
N LYS D 315 11.34 13.45 -21.30
CA LYS D 315 10.23 14.08 -20.58
C LYS D 315 10.40 13.94 -19.07
N ASN D 316 10.75 12.73 -18.61
CA ASN D 316 10.93 12.52 -17.18
C ASN D 316 12.06 13.37 -16.62
N ASP D 317 13.18 13.48 -17.35
CA ASP D 317 14.31 14.24 -16.86
C ASP D 317 13.98 15.72 -16.75
N TYR D 318 13.34 16.28 -17.78
CA TYR D 318 12.99 17.70 -17.75
C TYR D 318 11.94 18.00 -16.68
N LYS D 319 10.97 17.09 -16.52
CA LYS D 319 9.99 17.27 -15.44
C LYS D 319 10.66 17.20 -14.08
N LYS D 320 11.64 16.31 -13.92
CA LYS D 320 12.37 16.21 -12.66
C LYS D 320 13.17 17.49 -12.39
N LEU D 321 13.78 18.07 -13.43
CA LEU D 321 14.52 19.32 -13.26
C LEU D 321 13.58 20.47 -12.90
N SER D 322 12.41 20.54 -13.55
CA SER D 322 11.43 21.56 -13.17
C SER D 322 10.96 21.36 -11.74
N MET D 323 10.80 20.10 -11.32
CA MET D 323 10.47 19.82 -9.93
C MET D 323 11.57 20.29 -8.99
N GLN D 324 12.83 20.13 -9.40
CA GLN D 324 13.94 20.62 -8.59
C GLN D 324 13.87 22.14 -8.44
N CYS D 325 13.57 22.85 -9.54
CA CYS D 325 13.41 24.30 -9.46
C CYS D 325 12.27 24.68 -8.52
N LYS D 326 11.13 23.98 -8.64
CA LYS D 326 10.00 24.25 -7.76
C LYS D 326 10.36 23.97 -6.31
N ASP D 327 11.10 22.89 -6.06
CA ASP D 327 11.56 22.57 -4.71
C ASP D 327 12.44 23.68 -4.17
N PHE D 328 13.34 24.21 -5.00
CA PHE D 328 14.18 25.32 -4.57
C PHE D 328 13.34 26.53 -4.19
N VAL D 329 12.36 26.87 -5.00
CA VAL D 329 11.52 28.03 -4.69
C VAL D 329 10.75 27.81 -3.39
N VAL D 330 10.17 26.60 -3.22
CA VAL D 330 9.41 26.32 -2.02
C VAL D 330 10.29 26.34 -0.79
N GLY D 331 11.49 25.76 -0.87
CA GLY D 331 12.40 25.78 0.26
C GLY D 331 12.87 27.18 0.60
N LEU D 332 13.09 28.01 -0.42
CA LEU D 332 13.46 29.41 -0.18
C LEU D 332 12.34 30.15 0.52
N LEU D 333 11.09 29.84 0.16
CA LEU D 333 9.96 30.43 0.88
C LEU D 333 9.86 29.89 2.31
N ASP D 334 10.23 28.63 2.52
CA ASP D 334 10.06 27.97 3.81
C ASP D 334 10.90 28.60 4.92
N LEU D 335 12.00 29.26 4.57
CA LEU D 335 12.95 29.76 5.55
C LEU D 335 12.60 31.15 6.08
N CYS D 336 11.57 31.80 5.54
CA CYS D 336 11.22 33.13 5.99
C CYS D 336 10.74 33.11 7.44
N ARG D 337 11.10 34.15 8.18
CA ARG D 337 10.81 34.23 9.61
C ARG D 337 9.87 35.37 9.98
N ASN D 338 10.06 36.55 9.38
CA ASN D 338 9.19 37.69 9.63
C ASN D 338 8.49 38.09 8.34
N THR D 339 7.51 38.99 8.47
CA THR D 339 6.67 39.34 7.33
C THR D 339 7.47 40.04 6.22
N GLU D 340 8.59 40.68 6.56
CA GLU D 340 9.39 41.35 5.55
C GLU D 340 9.99 40.35 4.58
N GLU D 341 10.58 39.27 5.10
CA GLU D 341 11.12 38.22 4.23
C GLU D 341 10.02 37.54 3.44
N VAL D 342 8.87 37.31 4.07
CA VAL D 342 7.75 36.69 3.38
C VAL D 342 7.30 37.53 2.19
N GLU D 343 7.18 38.85 2.40
CA GLU D 343 6.83 39.74 1.29
C GLU D 343 7.91 39.75 0.22
N ALA D 344 9.19 39.73 0.63
CA ALA D 344 10.27 39.75 -0.35
C ALA D 344 10.24 38.51 -1.24
N ILE D 345 9.97 37.35 -0.65
CA ILE D 345 9.94 36.11 -1.44
C ILE D 345 8.67 36.05 -2.27
N LEU D 346 7.52 36.34 -1.67
CA LEU D 346 6.24 36.16 -2.36
C LEU D 346 6.00 37.25 -3.41
N ASN D 347 6.35 38.50 -3.09
CA ASN D 347 6.03 39.62 -3.96
C ASN D 347 7.22 40.10 -4.79
N GLY D 348 8.41 40.16 -4.20
CA GLY D 348 9.58 40.63 -4.91
C GLY D 348 10.08 41.96 -4.41
N ASP D 349 10.54 42.81 -5.33
CA ASP D 349 11.08 44.12 -4.97
C ASP D 349 9.93 45.11 -4.88
N VAL D 350 9.59 45.52 -3.65
CA VAL D 350 8.48 46.44 -3.43
C VAL D 350 8.80 47.86 -3.85
N GLU D 351 10.07 48.18 -4.13
CA GLU D 351 10.42 49.53 -4.56
C GLU D 351 10.23 49.70 -6.06
N THR D 352 10.83 48.81 -6.85
CA THR D 352 10.66 48.88 -8.30
C THR D 352 9.22 48.58 -8.69
N LEU D 353 8.57 47.63 -8.03
CA LEU D 353 7.19 47.29 -8.32
C LEU D 353 6.25 48.25 -7.60
N GLN D 354 5.30 48.81 -8.34
CA GLN D 354 4.31 49.71 -7.78
C GLN D 354 3.25 48.92 -7.01
N SER D 355 2.53 49.64 -6.13
CA SER D 355 1.49 49.01 -5.34
C SER D 355 0.35 48.51 -6.23
N GLY D 356 -0.13 47.30 -5.93
CA GLY D 356 -1.24 46.74 -6.69
C GLY D 356 -2.53 47.51 -6.51
N ASP D 357 -2.77 48.01 -5.30
CA ASP D 357 -3.97 48.77 -4.99
C ASP D 357 -3.67 49.65 -3.77
N HIS D 358 -4.71 50.18 -3.13
CA HIS D 358 -4.52 51.00 -1.95
C HIS D 358 -3.80 50.24 -0.84
N GLY D 359 -3.98 48.93 -0.76
CA GLY D 359 -3.28 48.13 0.22
C GLY D 359 -2.87 46.76 -0.26
N ARG D 360 -2.79 46.58 -1.62
CA ARG D 360 -2.44 45.24 -2.07
C ARG D 360 -0.93 45.08 -2.23
N PRO D 361 -0.42 43.86 -2.01
CA PRO D 361 1.03 43.65 -2.01
C PRO D 361 1.65 43.36 -3.36
N ASN D 362 0.97 43.72 -4.47
CA ASN D 362 1.50 43.52 -5.82
C ASN D 362 1.73 42.03 -6.10
N LEU D 363 0.61 41.32 -6.24
CA LEU D 363 0.57 39.87 -6.39
C LEU D 363 1.05 39.39 -7.76
N SER D 364 1.73 40.25 -8.51
CA SER D 364 2.21 39.89 -9.84
C SER D 364 3.03 38.60 -9.83
N ARG D 365 3.97 38.48 -8.89
CA ARG D 365 4.77 37.26 -8.81
C ARG D 365 3.92 36.05 -8.43
N LEU D 366 2.91 36.25 -7.59
CA LEU D 366 2.00 35.14 -7.28
C LEU D 366 1.21 34.72 -8.51
N LYS D 367 0.79 35.68 -9.34
CA LYS D 367 0.15 35.34 -10.60
C LYS D 367 1.08 34.55 -11.50
N LEU D 368 2.35 34.96 -11.58
CA LEU D 368 3.32 34.24 -12.39
C LEU D 368 3.54 32.82 -11.86
N ALA D 369 3.60 32.67 -10.54
CA ALA D 369 3.76 31.34 -9.94
C ALA D 369 2.56 30.46 -10.21
N ILE D 370 1.35 31.02 -10.16
CA ILE D 370 0.15 30.25 -10.48
C ILE D 370 0.16 29.84 -11.95
N LYS D 371 0.55 30.76 -12.84
CA LYS D 371 0.59 30.44 -14.27
C LYS D 371 1.61 29.34 -14.57
N TYR D 372 2.68 29.25 -13.79
CA TYR D 372 3.71 28.24 -13.99
C TYR D 372 3.43 26.95 -13.23
N GLU D 373 2.28 26.84 -12.57
CA GLU D 373 1.84 25.60 -11.92
C GLU D 373 2.86 25.09 -10.91
N VAL D 374 3.40 26.00 -10.09
CA VAL D 374 4.33 25.59 -9.05
C VAL D 374 3.63 24.67 -8.05
N LYS D 375 2.37 24.97 -7.71
CA LYS D 375 1.49 24.09 -6.96
C LYS D 375 1.89 23.94 -5.50
N LYS D 376 3.10 24.39 -5.13
CA LYS D 376 3.51 24.30 -3.74
C LYS D 376 4.06 25.60 -3.17
N PHE D 377 4.56 26.52 -4.01
CA PHE D 377 4.92 27.85 -3.57
C PHE D 377 3.69 28.66 -3.16
N VAL D 378 2.53 28.30 -3.66
CA VAL D 378 1.27 28.95 -3.30
C VAL D 378 0.60 28.24 -2.13
N ALA D 379 0.66 26.90 -2.11
CA ALA D 379 0.03 26.14 -1.05
C ALA D 379 0.80 26.19 0.27
N HIS D 380 1.99 26.77 0.28
CA HIS D 380 2.76 26.84 1.52
C HIS D 380 2.05 27.73 2.54
N PRO D 381 2.12 27.40 3.83
CA PRO D 381 1.44 28.23 4.84
C PRO D 381 1.89 29.68 4.85
N ASN D 382 3.15 29.96 4.51
CA ASN D 382 3.60 31.35 4.44
C ASN D 382 2.84 32.12 3.36
N CYS D 383 2.60 31.50 2.21
CA CYS D 383 1.76 32.12 1.19
C CYS D 383 0.30 32.07 1.58
N GLN D 384 -0.11 31.00 2.28
CA GLN D 384 -1.52 30.83 2.63
C GLN D 384 -1.99 31.93 3.56
N GLN D 385 -1.16 32.32 4.54
CA GLN D 385 -1.57 33.36 5.48
C GLN D 385 -1.74 34.70 4.77
N GLN D 386 -0.83 35.04 3.86
CA GLN D 386 -0.97 36.29 3.12
C GLN D 386 -2.21 36.27 2.23
N LEU D 387 -2.46 35.13 1.56
CA LEU D 387 -3.65 35.04 0.71
C LEU D 387 -4.93 35.15 1.53
N LEU D 388 -4.95 34.53 2.71
CA LEU D 388 -6.12 34.66 3.59
C LEU D 388 -6.30 36.09 4.07
N SER D 389 -5.21 36.78 4.42
CA SER D 389 -5.31 38.16 4.84
C SER D 389 -5.85 39.05 3.73
N ILE D 390 -5.42 38.79 2.49
CA ILE D 390 -5.97 39.52 1.35
C ILE D 390 -7.45 39.16 1.14
N TRP D 391 -7.82 37.90 1.41
CA TRP D 391 -9.17 37.43 1.16
C TRP D 391 -10.19 38.17 2.02
N TYR D 392 -9.85 38.45 3.27
CA TYR D 392 -10.72 39.19 4.19
C TYR D 392 -10.08 40.56 4.43
N GLU D 393 -10.41 41.53 3.57
CA GLU D 393 -9.82 42.85 3.69
C GLU D 393 -10.46 43.64 4.82
N ASN D 394 -11.79 43.73 4.84
CA ASN D 394 -12.51 44.47 5.88
C ASN D 394 -13.26 43.56 6.84
N LEU D 395 -13.35 42.27 6.57
CA LEU D 395 -14.07 41.34 7.44
C LEU D 395 -13.09 40.65 8.38
N SER D 396 -12.49 41.45 9.26
CA SER D 396 -11.53 40.92 10.22
C SER D 396 -12.18 39.95 11.20
N GLY D 397 -13.37 40.29 11.71
CA GLY D 397 -14.04 39.43 12.67
C GLY D 397 -14.82 38.29 12.06
N LEU D 398 -15.08 38.33 10.76
CA LEU D 398 -15.85 37.28 10.11
C LEU D 398 -15.04 36.00 9.91
N ARG D 399 -13.72 36.05 10.07
CA ARG D 399 -12.89 34.87 9.86
C ARG D 399 -13.16 33.82 10.94
N GLN D 400 -13.41 34.25 12.18
CA GLN D 400 -13.56 33.33 13.30
C GLN D 400 -14.98 32.77 13.42
N GLN D 401 -15.90 33.18 12.55
CA GLN D 401 -17.27 32.67 12.62
C GLN D 401 -17.33 31.22 12.15
N THR D 402 -18.37 30.52 12.59
CA THR D 402 -18.57 29.13 12.20
C THR D 402 -19.12 29.03 10.78
N MET D 403 -19.21 27.81 10.28
CA MET D 403 -19.74 27.59 8.94
C MET D 403 -21.22 27.97 8.86
N ALA D 404 -21.98 27.69 9.92
CA ALA D 404 -23.39 28.08 9.95
C ALA D 404 -23.55 29.59 9.87
N VAL D 405 -22.68 30.33 10.56
CA VAL D 405 -22.74 31.79 10.52
C VAL D 405 -22.48 32.29 9.10
N LYS D 406 -21.50 31.70 8.41
CA LYS D 406 -21.21 32.12 7.04
C LYS D 406 -22.36 31.74 6.10
N PHE D 407 -22.99 30.59 6.32
CA PHE D 407 -24.17 30.24 5.53
C PHE D 407 -25.30 31.24 5.75
N LEU D 408 -25.49 31.67 7.00
CA LEU D 408 -26.49 32.70 7.30
C LEU D 408 -26.13 34.02 6.62
N VAL D 409 -24.84 34.36 6.58
CA VAL D 409 -24.39 35.56 5.88
C VAL D 409 -24.70 35.47 4.40
N VAL D 410 -24.47 34.30 3.80
CA VAL D 410 -24.77 34.11 2.38
C VAL D 410 -26.27 34.27 2.13
N LEU D 411 -27.10 33.69 3.02
CA LEU D 411 -28.54 33.83 2.87
C LEU D 411 -28.98 35.30 3.01
N ALA D 412 -28.38 36.02 3.96
CA ALA D 412 -28.72 37.42 4.14
C ALA D 412 -28.31 38.25 2.92
N VAL D 413 -27.16 37.96 2.33
CA VAL D 413 -26.73 38.64 1.12
C VAL D 413 -27.68 38.31 -0.03
N ALA D 414 -28.15 37.07 -0.10
CA ALA D 414 -29.14 36.71 -1.10
C ALA D 414 -30.43 37.51 -0.94
N ILE D 415 -30.85 37.70 0.32
CA ILE D 415 -32.06 38.49 0.58
C ILE D 415 -31.83 39.96 0.18
N GLY D 416 -30.70 40.52 0.54
CA GLY D 416 -30.43 41.93 0.37
C GLY D 416 -29.65 42.36 -0.86
N LEU D 417 -29.47 41.46 -1.83
CA LEU D 417 -28.75 41.80 -3.06
C LEU D 417 -29.30 43.03 -3.78
N PRO D 418 -30.62 43.21 -3.95
CA PRO D 418 -31.09 44.45 -4.57
C PRO D 418 -30.68 45.70 -3.80
N PHE D 419 -30.68 45.64 -2.47
CA PHE D 419 -30.25 46.78 -1.67
C PHE D 419 -28.77 47.08 -1.88
N LEU D 420 -27.94 46.03 -1.95
CA LEU D 420 -26.52 46.23 -2.20
C LEU D 420 -26.29 46.85 -3.58
N ALA D 421 -27.01 46.37 -4.60
CA ALA D 421 -26.87 46.95 -5.93
C ALA D 421 -27.32 48.40 -5.95
N LEU D 422 -28.40 48.71 -5.23
CA LEU D 422 -28.89 50.09 -5.17
C LEU D 422 -27.88 51.01 -4.49
N ILE D 423 -27.28 50.55 -3.39
CA ILE D 423 -26.36 51.42 -2.65
C ILE D 423 -24.99 51.49 -3.30
N TYR D 424 -24.64 50.54 -4.17
CA TYR D 424 -23.34 50.60 -4.84
C TYR D 424 -23.24 51.83 -5.75
N TRP D 425 -24.30 52.12 -6.51
CA TRP D 425 -24.24 53.21 -7.47
C TRP D 425 -24.29 54.57 -6.77
N PHE D 426 -25.19 54.73 -5.80
CA PHE D 426 -25.34 56.03 -5.15
C PHE D 426 -24.15 56.36 -4.27
N ALA D 427 -23.64 55.39 -3.51
CA ALA D 427 -22.52 55.60 -2.60
C ALA D 427 -21.35 54.70 -3.00
N PRO D 428 -20.37 55.22 -3.75
CA PRO D 428 -19.22 54.38 -4.09
C PRO D 428 -18.37 53.99 -2.89
N CYS D 429 -18.11 54.94 -1.99
CA CYS D 429 -17.34 54.68 -0.77
C CYS D 429 -18.24 54.86 0.44
N SER D 430 -18.30 53.84 1.28
CA SER D 430 -19.12 53.88 2.48
C SER D 430 -18.63 52.79 3.43
N LYS D 431 -19.22 52.77 4.63
CA LYS D 431 -18.90 51.70 5.57
C LYS D 431 -19.29 50.34 5.01
N MET D 432 -20.48 50.26 4.40
CA MET D 432 -20.88 49.04 3.71
C MET D 432 -20.29 48.95 2.30
N GLY D 433 -20.14 50.10 1.63
CA GLY D 433 -19.64 50.08 0.27
C GLY D 433 -18.22 49.56 0.16
N LYS D 434 -17.35 49.97 1.08
CA LYS D 434 -15.98 49.45 1.08
C LYS D 434 -15.94 47.98 1.43
N ILE D 435 -16.86 47.51 2.30
CA ILE D 435 -16.93 46.10 2.62
C ILE D 435 -17.35 45.29 1.39
N MET D 436 -18.31 45.80 0.62
CA MET D 436 -18.79 45.07 -0.55
C MET D 436 -17.68 44.86 -1.59
N ARG D 437 -16.71 45.76 -1.63
CA ARG D 437 -15.61 45.64 -2.59
C ARG D 437 -14.62 44.54 -2.24
N GLY D 438 -14.70 43.97 -1.03
CA GLY D 438 -13.83 42.90 -0.63
C GLY D 438 -14.02 41.65 -1.48
N PRO D 439 -12.93 40.93 -1.76
CA PRO D 439 -13.05 39.73 -2.60
C PRO D 439 -13.96 38.66 -2.03
N PHE D 440 -13.94 38.46 -0.71
CA PHE D 440 -14.84 37.48 -0.10
C PHE D 440 -16.29 37.92 -0.24
N MET D 441 -16.55 39.22 -0.09
CA MET D 441 -17.91 39.72 -0.28
C MET D 441 -18.36 39.57 -1.73
N LYS D 442 -17.44 39.77 -2.69
CA LYS D 442 -17.77 39.52 -4.09
C LYS D 442 -18.14 38.06 -4.32
N PHE D 443 -17.33 37.14 -3.76
CA PHE D 443 -17.63 35.72 -3.91
C PHE D 443 -18.97 35.36 -3.28
N VAL D 444 -19.25 35.90 -2.10
CA VAL D 444 -20.52 35.64 -1.43
C VAL D 444 -21.69 36.18 -2.25
N ALA D 445 -21.51 37.39 -2.81
CA ALA D 445 -22.56 37.98 -3.63
C ALA D 445 -22.85 37.14 -4.87
N HIS D 446 -21.79 36.67 -5.54
CA HIS D 446 -22.01 35.83 -6.73
C HIS D 446 -22.65 34.50 -6.36
N ALA D 447 -22.22 33.89 -5.26
CA ALA D 447 -22.83 32.64 -4.82
C ALA D 447 -24.30 32.84 -4.47
N ALA D 448 -24.62 33.94 -3.78
CA ALA D 448 -26.02 34.23 -3.44
C ALA D 448 -26.86 34.51 -4.68
N SER D 449 -26.28 35.19 -5.66
CA SER D 449 -26.98 35.38 -6.93
C SER D 449 -27.27 34.05 -7.60
N PHE D 450 -26.30 33.13 -7.57
CA PHE D 450 -26.55 31.80 -8.14
C PHE D 450 -27.63 31.05 -7.37
N THR D 451 -27.65 31.20 -6.03
CA THR D 451 -28.72 30.59 -5.25
C THR D 451 -30.08 31.16 -5.64
N ILE D 452 -30.15 32.48 -5.86
CA ILE D 452 -31.39 33.11 -6.30
C ILE D 452 -31.81 32.57 -7.66
N PHE D 453 -30.86 32.40 -8.58
CA PHE D 453 -31.18 31.85 -9.89
C PHE D 453 -31.70 30.42 -9.79
N LEU D 454 -31.08 29.60 -8.95
CA LEU D 454 -31.55 28.23 -8.75
C LEU D 454 -32.94 28.21 -8.12
N GLY D 455 -33.18 29.11 -7.16
CA GLY D 455 -34.51 29.20 -6.58
C GLY D 455 -35.56 29.61 -7.58
N LEU D 456 -35.20 30.54 -8.49
CA LEU D 456 -36.12 30.92 -9.55
C LEU D 456 -36.40 29.74 -10.48
N LEU D 457 -35.37 28.96 -10.79
CA LEU D 457 -35.57 27.76 -11.61
C LEU D 457 -36.51 26.78 -10.92
N VAL D 458 -36.35 26.60 -9.60
CA VAL D 458 -37.22 25.69 -8.87
C VAL D 458 -38.65 26.20 -8.86
N MET D 459 -38.83 27.49 -8.58
CA MET D 459 -40.17 28.06 -8.42
C MET D 459 -40.86 28.38 -9.75
N ASN D 460 -40.14 28.26 -10.88
CA ASN D 460 -40.78 28.46 -12.17
C ASN D 460 -41.87 27.42 -12.44
N ALA D 461 -41.76 26.25 -11.82
CA ALA D 461 -42.75 25.18 -11.94
C ALA D 461 -43.61 25.08 -10.69
N ALA D 462 -43.91 26.21 -10.04
CA ALA D 462 -44.70 26.20 -8.81
C ALA D 462 -46.14 25.77 -9.04
N ASP D 463 -46.60 25.72 -10.29
CA ASP D 463 -47.99 25.38 -10.56
C ASP D 463 -48.26 23.88 -10.42
N ARG D 464 -47.22 23.05 -10.36
CA ARG D 464 -47.43 21.61 -10.39
C ARG D 464 -46.48 20.87 -9.43
N PHE D 465 -46.12 21.50 -8.31
CA PHE D 465 -45.32 20.80 -7.30
C PHE D 465 -46.10 19.66 -6.68
N GLU D 466 -47.32 19.93 -6.21
CA GLU D 466 -48.18 18.87 -5.68
C GLU D 466 -48.83 18.07 -6.80
N GLY D 467 -49.19 18.73 -7.89
CA GLY D 467 -49.81 18.06 -9.01
C GLY D 467 -50.42 19.06 -9.96
N THR D 468 -50.94 18.53 -11.07
CA THR D 468 -51.61 19.35 -12.08
C THR D 468 -53.13 19.35 -11.86
N PHE D 484 -55.81 28.17 -28.13
CA PHE D 484 -55.57 28.65 -26.78
C PHE D 484 -54.08 28.75 -26.48
N ARG D 485 -53.27 28.58 -27.53
CA ARG D 485 -51.81 28.64 -27.38
C ARG D 485 -51.29 30.03 -27.06
N MET D 486 -52.12 31.07 -27.20
CA MET D 486 -51.69 32.41 -26.84
C MET D 486 -51.39 32.51 -25.35
N LYS D 487 -52.22 31.90 -24.52
CA LYS D 487 -51.95 31.85 -23.09
C LYS D 487 -50.69 31.04 -22.78
N THR D 488 -50.50 29.92 -23.47
CA THR D 488 -49.36 29.05 -23.19
C THR D 488 -48.04 29.72 -23.56
N SER D 489 -48.00 30.41 -24.71
CA SER D 489 -46.75 30.93 -25.23
C SER D 489 -46.27 32.18 -24.51
N CYS D 490 -47.14 32.90 -23.81
CA CYS D 490 -46.74 34.15 -23.18
C CYS D 490 -45.82 33.89 -21.99
N PHE D 491 -44.93 34.85 -21.73
CA PHE D 491 -43.98 34.74 -20.63
C PHE D 491 -44.60 35.19 -19.32
N SER D 492 -44.08 34.64 -18.22
CA SER D 492 -44.45 35.04 -16.87
C SER D 492 -43.35 35.93 -16.28
N TRP D 493 -43.65 36.50 -15.12
CA TRP D 493 -42.66 37.34 -14.44
C TRP D 493 -41.45 36.51 -14.02
N MET D 494 -41.68 35.28 -13.55
CA MET D 494 -40.57 34.38 -13.26
C MET D 494 -39.75 34.08 -14.51
N GLU D 495 -40.43 33.86 -15.63
CA GLU D 495 -39.74 33.62 -16.90
C GLU D 495 -38.92 34.84 -17.31
N MET D 496 -39.47 36.05 -17.15
CA MET D 496 -38.73 37.25 -17.49
C MET D 496 -37.50 37.42 -16.60
N LEU D 497 -37.63 37.12 -15.31
CA LEU D 497 -36.48 37.18 -14.42
C LEU D 497 -35.40 36.17 -14.83
N ILE D 498 -35.82 34.95 -15.22
CA ILE D 498 -34.85 33.96 -15.67
C ILE D 498 -34.17 34.41 -16.95
N ILE D 499 -34.93 35.03 -17.87
CA ILE D 499 -34.35 35.53 -19.11
C ILE D 499 -33.33 36.62 -18.81
N SER D 500 -33.65 37.53 -17.88
CA SER D 500 -32.70 38.58 -17.52
C SER D 500 -31.44 37.99 -16.90
N TRP D 501 -31.59 36.97 -16.04
CA TRP D 501 -30.43 36.31 -15.45
C TRP D 501 -29.55 35.67 -16.53
N VAL D 502 -30.17 35.01 -17.50
CA VAL D 502 -29.42 34.36 -18.57
C VAL D 502 -28.68 35.41 -19.41
N ILE D 503 -29.35 36.52 -19.73
CA ILE D 503 -28.71 37.59 -20.49
C ILE D 503 -27.53 38.16 -19.72
N GLY D 504 -27.69 38.36 -18.41
CA GLY D 504 -26.59 38.85 -17.60
C GLY D 504 -25.41 37.90 -17.58
N MET D 505 -25.68 36.59 -17.45
CA MET D 505 -24.60 35.61 -17.49
C MET D 505 -23.89 35.63 -18.84
N ILE D 506 -24.65 35.72 -19.94
CA ILE D 506 -24.04 35.76 -21.26
C ILE D 506 -23.17 36.99 -21.42
N TRP D 507 -23.65 38.15 -20.96
CA TRP D 507 -22.86 39.38 -21.08
C TRP D 507 -21.61 39.32 -20.22
N ALA D 508 -21.70 38.74 -19.03
CA ALA D 508 -20.51 38.56 -18.19
C ALA D 508 -19.49 37.65 -18.86
N GLU D 509 -19.96 36.58 -19.45
CA GLU D 509 -19.00 35.73 -20.14
C GLU D 509 -18.29 36.48 -21.27
N CYS D 510 -19.05 37.23 -22.07
CA CYS D 510 -18.52 38.01 -23.17
C CYS D 510 -17.47 38.98 -22.70
N LYS D 511 -17.69 39.59 -21.53
CA LYS D 511 -16.70 40.51 -20.97
C LYS D 511 -15.42 39.76 -20.65
N GLU D 512 -15.57 38.56 -20.10
CA GLU D 512 -14.42 37.73 -19.74
C GLU D 512 -13.65 37.31 -20.98
N ILE D 513 -14.35 36.86 -22.02
CA ILE D 513 -13.64 36.47 -23.24
C ILE D 513 -12.96 37.67 -23.88
N TRP D 514 -13.49 38.88 -23.66
CA TRP D 514 -12.82 40.08 -24.14
C TRP D 514 -11.59 40.43 -23.30
N THR D 515 -11.68 40.23 -21.98
CA THR D 515 -10.57 40.57 -21.09
C THR D 515 -9.49 39.49 -21.03
N GLN D 516 -9.77 38.30 -21.56
CA GLN D 516 -8.77 37.22 -21.55
C GLN D 516 -8.26 36.85 -22.93
N GLY D 517 -9.09 36.96 -23.97
CA GLY D 517 -8.72 36.51 -25.29
C GLY D 517 -9.28 35.13 -25.57
N PRO D 518 -9.49 34.83 -26.86
CA PRO D 518 -10.05 33.55 -27.31
C PRO D 518 -9.43 32.32 -26.63
N LYS D 519 -8.14 32.10 -26.85
CA LYS D 519 -7.47 30.94 -26.27
C LYS D 519 -7.42 30.91 -24.73
N GLU D 520 -7.14 32.05 -24.11
CA GLU D 520 -7.05 32.08 -22.64
C GLU D 520 -8.38 31.76 -21.97
N TYR D 521 -9.46 32.34 -22.48
CA TYR D 521 -10.80 32.11 -21.95
C TYR D 521 -11.30 30.68 -22.16
N LEU D 522 -11.00 30.14 -23.33
CA LEU D 522 -11.46 28.80 -23.72
C LEU D 522 -10.94 27.63 -22.90
N PHE D 523 -9.62 27.43 -22.91
CA PHE D 523 -9.04 26.27 -22.21
C PHE D 523 -9.37 26.30 -20.72
N GLU D 524 -10.66 26.22 -20.39
CA GLU D 524 -11.08 26.19 -18.99
C GLU D 524 -12.41 25.47 -18.92
N LEU D 525 -12.52 24.49 -18.02
CA LEU D 525 -13.75 23.71 -17.92
C LEU D 525 -14.98 24.54 -17.59
N TRP D 526 -14.85 25.46 -16.65
CA TRP D 526 -16.01 26.25 -16.30
C TRP D 526 -16.48 27.08 -17.49
N ASN D 527 -15.52 27.68 -18.20
CA ASN D 527 -15.86 28.49 -19.35
C ASN D 527 -16.53 27.64 -20.43
N MET D 528 -15.99 26.44 -20.64
CA MET D 528 -16.54 25.55 -21.65
C MET D 528 -17.96 25.08 -21.31
N LEU D 529 -18.23 24.84 -20.04
CA LEU D 529 -19.56 24.37 -19.65
C LEU D 529 -20.56 25.51 -19.50
N ASP D 530 -20.06 26.69 -19.14
CA ASP D 530 -20.94 27.84 -19.00
C ASP D 530 -21.39 28.31 -20.37
N PHE D 531 -20.58 28.14 -21.41
CA PHE D 531 -20.96 28.49 -22.77
C PHE D 531 -22.02 27.53 -23.30
N GLY D 532 -21.84 26.23 -23.08
CA GLY D 532 -22.83 25.27 -23.53
C GLY D 532 -24.19 25.49 -22.86
N MET D 533 -24.17 25.70 -21.54
CA MET D 533 -25.42 25.91 -20.80
C MET D 533 -26.14 27.17 -21.29
N LEU D 534 -25.39 28.26 -21.48
CA LEU D 534 -26.02 29.51 -21.92
C LEU D 534 -26.51 29.39 -23.35
N ALA D 535 -25.80 28.66 -24.21
CA ALA D 535 -26.26 28.44 -25.58
C ALA D 535 -27.57 27.66 -25.58
N ILE D 536 -27.68 26.63 -24.76
CA ILE D 536 -28.91 25.84 -24.70
C ILE D 536 -30.06 26.68 -24.14
N PHE D 537 -29.79 27.50 -23.12
CA PHE D 537 -30.81 28.39 -22.59
C PHE D 537 -31.30 29.38 -23.64
N ALA D 538 -30.36 29.96 -24.40
CA ALA D 538 -30.74 30.90 -25.45
C ALA D 538 -31.55 30.20 -26.53
N ALA D 539 -31.19 28.96 -26.87
CA ALA D 539 -31.96 28.21 -27.86
C ALA D 539 -33.39 27.97 -27.38
N SER D 540 -33.54 27.59 -26.12
CA SER D 540 -34.89 27.39 -25.57
C SER D 540 -35.70 28.69 -25.61
N PHE D 541 -35.07 29.80 -25.21
CA PHE D 541 -35.79 31.08 -25.22
C PHE D 541 -36.17 31.50 -26.63
N ILE D 542 -35.28 31.27 -27.61
CA ILE D 542 -35.58 31.64 -28.98
C ILE D 542 -36.73 30.80 -29.53
N ALA D 543 -36.75 29.49 -29.21
CA ALA D 543 -37.86 28.66 -29.64
C ALA D 543 -39.18 29.12 -29.02
N ARG D 544 -39.15 29.46 -27.73
CA ARG D 544 -40.35 29.99 -27.08
C ARG D 544 -40.80 31.28 -27.74
N PHE D 545 -39.85 32.16 -28.09
CA PHE D 545 -40.20 33.42 -28.73
C PHE D 545 -40.81 33.19 -30.12
N MET D 546 -40.29 32.22 -30.87
CA MET D 546 -40.87 31.90 -32.17
C MET D 546 -42.30 31.38 -32.02
N ALA D 547 -42.53 30.51 -31.03
CA ALA D 547 -43.89 30.04 -30.78
C ALA D 547 -44.81 31.20 -30.41
N PHE D 548 -44.32 32.12 -29.56
CA PHE D 548 -45.12 33.29 -29.19
C PHE D 548 -45.39 34.18 -30.39
N TRP D 549 -44.41 34.32 -31.29
CA TRP D 549 -44.61 35.13 -32.49
C TRP D 549 -45.69 34.55 -33.39
N HIS D 550 -45.65 33.23 -33.60
CA HIS D 550 -46.69 32.58 -34.40
C HIS D 550 -48.07 32.74 -33.75
N ALA D 551 -48.13 32.54 -32.42
CA ALA D 551 -49.41 32.70 -31.73
C ALA D 551 -49.92 34.13 -31.81
N SER D 552 -49.02 35.12 -31.70
CA SER D 552 -49.43 36.52 -31.79
C SER D 552 -49.92 36.86 -33.18
N LYS D 553 -49.28 36.33 -34.23
CA LYS D 553 -49.78 36.54 -35.58
C LYS D 553 -51.17 35.92 -35.75
N ALA D 554 -51.36 34.70 -35.22
CA ALA D 554 -52.66 34.06 -35.31
C ALA D 554 -53.74 34.86 -34.60
N GLN D 555 -53.42 35.41 -33.42
CA GLN D 555 -54.38 36.23 -32.69
C GLN D 555 -54.64 37.56 -33.38
N SER D 556 -53.63 38.11 -34.05
CA SER D 556 -53.82 39.36 -34.80
C SER D 556 -54.70 39.15 -36.02
N ILE D 557 -54.62 37.99 -36.66
CA ILE D 557 -55.44 37.73 -37.84
C ILE D 557 -56.92 37.71 -37.46
N ILE D 558 -57.26 37.00 -36.39
CA ILE D 558 -58.65 36.70 -35.97
C ILE D 558 -59.67 36.72 -37.11
N ASP D 574 -58.81 26.75 -42.59
CA ASP D 574 -58.19 28.05 -42.33
C ASP D 574 -56.83 27.90 -41.65
N ASN D 575 -56.11 29.00 -41.51
CA ASN D 575 -54.79 29.00 -40.90
C ASN D 575 -54.81 29.20 -39.40
N VAL D 576 -55.97 29.49 -38.82
CA VAL D 576 -56.07 29.75 -37.38
C VAL D 576 -56.52 28.53 -36.58
N LYS D 577 -57.05 27.49 -37.25
CA LYS D 577 -57.54 26.33 -36.53
C LYS D 577 -56.40 25.52 -35.90
N TYR D 578 -55.23 25.49 -36.54
CA TYR D 578 -54.13 24.68 -36.03
C TYR D 578 -53.67 25.15 -34.65
N TYR D 579 -53.55 26.47 -34.46
CA TYR D 579 -53.04 26.99 -33.20
C TYR D 579 -54.03 26.85 -32.05
N ASN D 580 -55.27 26.47 -32.32
CA ASN D 580 -56.26 26.22 -31.28
C ASN D 580 -56.28 24.76 -30.84
N LEU D 581 -55.51 23.90 -31.50
CA LEU D 581 -55.51 22.48 -31.17
C LEU D 581 -54.89 22.23 -29.80
N ALA D 582 -55.31 21.12 -29.18
CA ALA D 582 -54.81 20.74 -27.88
C ALA D 582 -53.44 20.09 -28.01
N ARG D 583 -52.80 19.85 -26.85
CA ARG D 583 -51.45 19.30 -26.85
C ARG D 583 -51.40 17.90 -27.44
N ILE D 584 -52.52 17.17 -27.41
CA ILE D 584 -52.56 15.81 -27.94
C ILE D 584 -52.36 15.83 -29.45
N LYS D 585 -52.78 16.90 -30.13
CA LYS D 585 -52.70 17.00 -31.59
C LYS D 585 -51.67 18.03 -32.05
N TRP D 586 -50.70 18.36 -31.20
CA TRP D 586 -49.66 19.30 -31.60
C TRP D 586 -48.69 18.65 -32.59
N ASP D 587 -48.03 19.50 -33.36
CA ASP D 587 -47.05 19.02 -34.33
C ASP D 587 -45.85 18.43 -33.60
N PRO D 588 -45.28 17.33 -34.11
CA PRO D 588 -44.07 16.78 -33.46
C PRO D 588 -42.89 17.75 -33.46
N SER D 589 -42.77 18.59 -34.48
CA SER D 589 -41.69 19.56 -34.59
C SER D 589 -42.10 20.95 -34.11
N ASP D 590 -43.04 21.03 -33.18
CA ASP D 590 -43.47 22.32 -32.64
C ASP D 590 -42.33 22.98 -31.88
N PRO D 591 -42.13 24.29 -32.03
CA PRO D 591 -41.08 24.97 -31.27
C PRO D 591 -41.25 24.89 -29.76
N GLN D 592 -42.48 24.74 -29.28
CA GLN D 592 -42.71 24.63 -27.84
C GLN D 592 -42.05 23.39 -27.26
N ILE D 593 -42.16 22.26 -27.95
CA ILE D 593 -41.59 21.01 -27.47
C ILE D 593 -40.07 21.10 -27.41
N ILE D 594 -39.46 21.63 -28.47
CA ILE D 594 -38.02 21.82 -28.51
C ILE D 594 -37.58 22.76 -27.38
N SER D 595 -38.35 23.83 -27.17
CA SER D 595 -38.03 24.76 -26.10
C SER D 595 -38.07 24.09 -24.74
N GLU D 596 -39.08 23.24 -24.49
CA GLU D 596 -39.17 22.56 -23.21
C GLU D 596 -38.01 21.59 -23.01
N GLY D 597 -37.66 20.83 -24.04
CA GLY D 597 -36.53 19.91 -23.91
C GLY D 597 -35.22 20.62 -23.66
N LEU D 598 -34.97 21.70 -24.42
CA LEU D 598 -33.74 22.47 -24.23
C LEU D 598 -33.73 23.13 -22.86
N TYR D 599 -34.89 23.58 -22.37
CA TYR D 599 -34.95 24.16 -21.04
C TYR D 599 -34.63 23.13 -19.97
N ALA D 600 -35.12 21.90 -20.12
CA ALA D 600 -34.79 20.85 -19.16
C ALA D 600 -33.29 20.57 -19.14
N ILE D 601 -32.68 20.45 -20.32
CA ILE D 601 -31.24 20.19 -20.38
C ILE D 601 -30.46 21.37 -19.81
N ALA D 602 -30.92 22.60 -20.07
CA ALA D 602 -30.25 23.78 -19.53
C ALA D 602 -30.36 23.85 -18.02
N VAL D 603 -31.50 23.42 -17.47
CA VAL D 603 -31.64 23.36 -16.01
C VAL D 603 -30.66 22.34 -15.43
N VAL D 604 -30.53 21.18 -16.08
CA VAL D 604 -29.56 20.19 -15.63
C VAL D 604 -28.15 20.76 -15.64
N LEU D 605 -27.79 21.48 -16.71
CA LEU D 605 -26.45 22.05 -16.80
C LEU D 605 -26.25 23.18 -15.78
N SER D 606 -27.30 23.97 -15.52
CA SER D 606 -27.21 25.03 -14.52
C SER D 606 -26.94 24.45 -13.14
N PHE D 607 -27.63 23.36 -12.80
CA PHE D 607 -27.36 22.70 -11.53
C PHE D 607 -26.01 22.00 -11.52
N SER D 608 -25.51 21.61 -12.71
CA SER D 608 -24.15 21.09 -12.79
C SER D 608 -23.13 22.17 -12.51
N ARG D 609 -23.43 23.42 -12.87
CA ARG D 609 -22.56 24.55 -12.61
C ARG D 609 -22.39 24.85 -11.13
N ILE D 610 -23.22 24.26 -10.26
CA ILE D 610 -23.18 24.56 -8.84
C ILE D 610 -21.87 24.11 -8.19
N ALA D 611 -21.09 23.26 -8.86
CA ALA D 611 -19.83 22.77 -8.31
C ALA D 611 -18.72 23.80 -8.39
N TYR D 612 -18.96 24.97 -8.99
CA TYR D 612 -17.92 25.97 -9.13
C TYR D 612 -17.46 26.51 -7.77
N ILE D 613 -18.40 26.75 -6.85
CA ILE D 613 -18.08 27.39 -5.59
C ILE D 613 -17.81 26.41 -4.46
N LEU D 614 -17.96 25.11 -4.72
CA LEU D 614 -17.74 24.08 -3.70
C LEU D 614 -16.27 23.91 -3.33
N PRO D 615 -15.32 24.14 -4.25
CA PRO D 615 -13.89 24.13 -3.83
C PRO D 615 -13.58 25.08 -2.69
N ALA D 616 -14.34 26.16 -2.53
CA ALA D 616 -14.06 27.11 -1.45
C ALA D 616 -14.22 26.45 -0.08
N ASN D 617 -15.22 25.60 0.08
CA ASN D 617 -15.45 24.95 1.36
C ASN D 617 -14.36 23.94 1.67
N GLU D 618 -13.90 23.94 2.93
CA GLU D 618 -12.87 22.99 3.34
C GLU D 618 -13.43 21.57 3.46
N SER D 619 -14.71 21.43 3.79
CA SER D 619 -15.30 20.11 4.01
C SER D 619 -15.40 19.33 2.71
N PHE D 620 -15.78 19.98 1.61
CA PHE D 620 -16.05 19.29 0.35
C PHE D 620 -15.15 19.74 -0.79
N GLY D 621 -14.17 20.60 -0.53
CA GLY D 621 -13.24 21.03 -1.56
C GLY D 621 -12.28 19.94 -2.00
N PRO D 622 -11.45 19.45 -1.07
CA PRO D 622 -10.52 18.36 -1.43
C PRO D 622 -11.22 17.11 -1.92
N LEU D 623 -12.41 16.80 -1.38
CA LEU D 623 -13.17 15.66 -1.86
C LEU D 623 -13.57 15.83 -3.32
N GLN D 624 -14.06 17.03 -3.68
CA GLN D 624 -14.41 17.29 -5.07
C GLN D 624 -13.18 17.21 -5.97
N ILE D 625 -12.05 17.76 -5.52
CA ILE D 625 -10.84 17.70 -6.34
C ILE D 625 -10.41 16.25 -6.56
N SER D 626 -10.46 15.44 -5.50
CA SER D 626 -10.07 14.03 -5.61
C SER D 626 -11.00 13.28 -6.56
N LEU D 627 -12.31 13.53 -6.48
CA LEU D 627 -13.23 12.88 -7.39
C LEU D 627 -13.01 13.34 -8.83
N GLY D 628 -12.73 14.63 -9.02
CA GLY D 628 -12.49 15.15 -10.36
C GLY D 628 -11.25 14.60 -11.01
N ARG D 629 -10.20 14.36 -10.23
CA ARG D 629 -8.97 13.81 -10.80
C ARG D 629 -9.14 12.40 -11.36
N THR D 630 -10.24 11.72 -11.03
CA THR D 630 -10.51 10.38 -11.55
C THR D 630 -11.25 10.39 -12.89
N VAL D 631 -11.82 11.53 -13.27
CA VAL D 631 -12.66 11.59 -14.47
C VAL D 631 -11.84 11.34 -15.74
N LYS D 632 -10.58 11.77 -15.76
CA LYS D 632 -9.75 11.52 -16.94
C LYS D 632 -9.53 10.03 -17.16
N ASP D 633 -9.22 9.30 -16.08
CA ASP D 633 -9.06 7.85 -16.21
C ASP D 633 -10.39 7.18 -16.53
N ILE D 634 -11.49 7.71 -16.00
CA ILE D 634 -12.81 7.17 -16.33
C ILE D 634 -13.08 7.31 -17.83
N PHE D 635 -12.75 8.47 -18.40
CA PHE D 635 -12.90 8.68 -19.84
C PHE D 635 -11.99 7.75 -20.65
N LYS D 636 -10.75 7.59 -20.19
CA LYS D 636 -9.82 6.69 -20.88
C LYS D 636 -10.36 5.27 -20.94
N PHE D 637 -10.91 4.79 -19.82
CA PHE D 637 -11.53 3.47 -19.82
C PHE D 637 -12.80 3.43 -20.65
N MET D 638 -13.58 4.52 -20.61
CA MET D 638 -14.85 4.56 -21.34
C MET D 638 -14.64 4.51 -22.84
N VAL D 639 -13.47 4.94 -23.32
CA VAL D 639 -13.17 4.79 -24.75
C VAL D 639 -13.20 3.32 -25.16
N ILE D 640 -12.48 2.48 -24.42
CA ILE D 640 -12.46 1.04 -24.70
C ILE D 640 -13.83 0.43 -24.43
N PHE D 641 -14.52 0.92 -23.39
CA PHE D 641 -15.87 0.46 -23.10
C PHE D 641 -16.79 0.68 -24.29
N ILE D 642 -16.71 1.87 -24.90
CA ILE D 642 -17.52 2.20 -26.08
C ILE D 642 -17.09 1.34 -27.27
N MET D 643 -15.80 1.05 -27.39
CA MET D 643 -15.34 0.17 -28.47
C MET D 643 -15.99 -1.20 -28.38
N VAL D 644 -15.94 -1.82 -27.20
CA VAL D 644 -16.56 -3.13 -27.02
C VAL D 644 -18.07 -3.04 -27.18
N PHE D 645 -18.66 -1.92 -26.74
CA PHE D 645 -20.09 -1.71 -26.90
C PHE D 645 -20.47 -1.68 -28.37
N VAL D 646 -19.69 -0.98 -29.19
CA VAL D 646 -19.95 -0.93 -30.63
C VAL D 646 -19.82 -2.32 -31.24
N ALA D 647 -18.78 -3.05 -30.84
CA ALA D 647 -18.62 -4.43 -31.27
C ALA D 647 -19.89 -5.24 -31.08
N PHE D 648 -20.33 -5.35 -29.81
CA PHE D 648 -21.49 -6.18 -29.51
C PHE D 648 -22.77 -5.62 -30.12
N MET D 649 -22.90 -4.29 -30.19
CA MET D 649 -24.09 -3.68 -30.76
C MET D 649 -24.24 -4.06 -32.23
N ILE D 650 -23.14 -3.94 -33.00
CA ILE D 650 -23.21 -4.26 -34.42
C ILE D 650 -23.42 -5.76 -34.62
N GLY D 651 -22.78 -6.59 -33.79
CA GLY D 651 -23.01 -8.02 -33.90
C GLY D 651 -24.46 -8.41 -33.66
N MET D 652 -25.04 -7.89 -32.58
CA MET D 652 -26.43 -8.21 -32.25
C MET D 652 -27.39 -7.64 -33.30
N PHE D 653 -27.10 -6.44 -33.81
CA PHE D 653 -27.96 -5.86 -34.85
C PHE D 653 -27.93 -6.70 -36.12
N ASN D 654 -26.74 -7.17 -36.52
CA ASN D 654 -26.67 -8.02 -37.70
C ASN D 654 -27.35 -9.37 -37.46
N LEU D 655 -27.34 -9.86 -36.22
CA LEU D 655 -27.96 -11.15 -35.94
C LEU D 655 -29.49 -11.07 -36.07
N TYR D 656 -30.10 -10.06 -35.47
CA TYR D 656 -31.55 -9.97 -35.35
C TYR D 656 -32.19 -8.98 -36.30
N SER D 657 -31.48 -8.59 -37.36
CA SER D 657 -32.01 -7.59 -38.28
C SER D 657 -33.24 -8.09 -39.03
N TYR D 658 -33.24 -9.37 -39.43
CA TYR D 658 -34.30 -9.89 -40.27
C TYR D 658 -35.59 -10.17 -39.50
N TYR D 659 -35.47 -10.64 -38.25
CA TYR D 659 -36.64 -11.02 -37.46
C TYR D 659 -37.26 -9.80 -36.81
N ILE D 660 -37.79 -8.91 -37.66
CA ILE D 660 -38.43 -7.69 -37.17
C ILE D 660 -39.76 -8.02 -36.49
N GLY D 661 -40.55 -8.93 -37.07
CA GLY D 661 -41.84 -9.27 -36.52
C GLY D 661 -41.85 -10.55 -35.71
N ALA D 662 -40.85 -11.41 -35.91
CA ALA D 662 -40.80 -12.67 -35.18
C ALA D 662 -40.43 -12.46 -33.72
N LYS D 663 -39.60 -11.45 -33.43
CA LYS D 663 -39.18 -11.18 -32.07
C LYS D 663 -40.36 -10.75 -31.19
N GLN D 664 -40.30 -11.14 -29.92
CA GLN D 664 -41.34 -10.74 -28.98
C GLN D 664 -41.31 -9.23 -28.73
N ASN D 665 -40.13 -8.63 -28.74
CA ASN D 665 -39.97 -7.19 -28.61
C ASN D 665 -39.03 -6.68 -29.69
N GLU D 666 -38.90 -5.35 -29.78
CA GLU D 666 -38.08 -4.71 -30.81
C GLU D 666 -36.67 -4.41 -30.34
N ALA D 667 -36.09 -5.26 -29.48
CA ALA D 667 -34.84 -4.93 -28.81
C ALA D 667 -33.68 -4.80 -29.78
N PHE D 668 -33.48 -5.79 -30.64
CA PHE D 668 -32.34 -5.85 -31.55
C PHE D 668 -32.76 -5.76 -33.01
N THR D 669 -33.82 -5.00 -33.30
CA THR D 669 -34.31 -4.88 -34.66
C THR D 669 -33.54 -3.82 -35.45
N THR D 670 -33.40 -2.63 -34.88
CA THR D 670 -32.69 -1.53 -35.52
C THR D 670 -31.44 -1.17 -34.73
N VAL D 671 -30.61 -0.31 -35.33
CA VAL D 671 -29.36 0.11 -34.68
C VAL D 671 -29.66 0.89 -33.41
N GLU D 672 -30.64 1.80 -33.47
CA GLU D 672 -31.01 2.56 -32.27
C GLU D 672 -31.51 1.64 -31.17
N GLU D 673 -32.37 0.68 -31.52
CA GLU D 673 -32.91 -0.24 -30.53
C GLU D 673 -31.82 -1.12 -29.93
N SER D 674 -30.91 -1.62 -30.77
CA SER D 674 -29.80 -2.43 -30.27
C SER D 674 -28.91 -1.62 -29.32
N PHE D 675 -28.60 -0.38 -29.70
CA PHE D 675 -27.82 0.49 -28.84
C PHE D 675 -28.51 0.69 -27.50
N LYS D 676 -29.81 0.96 -27.53
CA LYS D 676 -30.56 1.19 -26.30
C LYS D 676 -30.58 -0.05 -25.42
N THR D 677 -30.84 -1.22 -26.00
CA THR D 677 -30.90 -2.45 -25.23
C THR D 677 -29.55 -2.78 -24.60
N LEU D 678 -28.47 -2.64 -25.37
CA LEU D 678 -27.16 -2.95 -24.82
C LEU D 678 -26.72 -1.92 -23.77
N PHE D 679 -27.11 -0.65 -23.94
CA PHE D 679 -26.81 0.33 -22.91
C PHE D 679 -27.54 0.03 -21.62
N TRP D 680 -28.83 -0.31 -21.70
CA TRP D 680 -29.57 -0.59 -20.48
C TRP D 680 -29.22 -1.94 -19.87
N ALA D 681 -28.61 -2.84 -20.65
CA ALA D 681 -28.10 -4.09 -20.08
C ALA D 681 -26.98 -3.84 -19.07
N ILE D 682 -26.29 -2.70 -19.18
CA ILE D 682 -25.21 -2.39 -18.24
C ILE D 682 -25.76 -2.24 -16.83
N PHE D 683 -26.88 -1.56 -16.69
CA PHE D 683 -27.51 -1.32 -15.39
C PHE D 683 -28.50 -2.40 -15.01
N GLY D 684 -28.60 -3.47 -15.79
CA GLY D 684 -29.51 -4.56 -15.47
C GLY D 684 -30.97 -4.27 -15.75
N LEU D 685 -31.28 -3.22 -16.49
CA LEU D 685 -32.66 -2.84 -16.78
C LEU D 685 -33.19 -3.48 -18.05
N SER D 686 -32.41 -4.32 -18.72
CA SER D 686 -32.83 -5.03 -19.92
C SER D 686 -33.04 -6.50 -19.59
N GLU D 687 -34.19 -7.04 -19.98
CA GLU D 687 -34.55 -8.42 -19.63
C GLU D 687 -33.87 -9.41 -20.57
N VAL D 688 -34.09 -10.70 -20.30
CA VAL D 688 -33.53 -11.77 -21.13
C VAL D 688 -34.47 -12.19 -22.24
N LYS D 689 -35.74 -11.81 -22.18
CA LYS D 689 -36.70 -12.17 -23.22
C LYS D 689 -36.39 -11.49 -24.56
N SER D 690 -35.49 -10.51 -24.57
CA SER D 690 -35.05 -9.87 -25.81
C SER D 690 -34.24 -10.79 -26.72
N VAL D 691 -34.04 -12.05 -26.31
CA VAL D 691 -33.33 -13.02 -27.14
C VAL D 691 -34.28 -14.04 -27.77
N VAL D 692 -35.43 -14.29 -27.15
CA VAL D 692 -36.34 -15.33 -27.63
C VAL D 692 -36.97 -14.91 -28.95
N ILE D 693 -37.15 -15.88 -29.84
CA ILE D 693 -37.78 -15.68 -31.14
C ILE D 693 -38.98 -16.61 -31.23
N ASN D 694 -40.10 -16.09 -31.73
CA ASN D 694 -41.32 -16.87 -31.87
C ASN D 694 -41.21 -17.96 -32.93
N TYR D 695 -40.20 -17.93 -33.78
CA TYR D 695 -40.05 -18.94 -34.82
C TYR D 695 -39.38 -20.19 -34.26
N ASN D 696 -39.44 -21.27 -35.04
CA ASN D 696 -38.91 -22.55 -34.62
C ASN D 696 -37.38 -22.60 -34.60
N HIS D 697 -36.73 -21.66 -35.28
CA HIS D 697 -35.27 -21.70 -35.43
C HIS D 697 -34.61 -21.42 -34.08
N LYS D 698 -34.04 -22.46 -33.47
CA LYS D 698 -33.32 -22.31 -32.21
C LYS D 698 -31.84 -21.99 -32.42
N PHE D 699 -31.32 -22.13 -33.65
CA PHE D 699 -29.91 -21.83 -33.90
C PHE D 699 -29.61 -20.36 -33.63
N ILE D 700 -30.39 -19.46 -34.24
CA ILE D 700 -30.16 -18.03 -34.06
C ILE D 700 -30.50 -17.60 -32.63
N GLU D 701 -31.54 -18.20 -32.04
CA GLU D 701 -31.88 -17.87 -30.67
C GLU D 701 -30.77 -18.22 -29.70
N ASN D 702 -30.15 -19.40 -29.88
CA ASN D 702 -29.05 -19.78 -29.00
C ASN D 702 -27.78 -18.99 -29.30
N ILE D 703 -27.55 -18.63 -30.57
CA ILE D 703 -26.44 -17.73 -30.89
C ILE D 703 -26.62 -16.41 -30.16
N GLY D 704 -27.84 -15.87 -30.17
CA GLY D 704 -28.10 -14.64 -29.44
C GLY D 704 -27.94 -14.80 -27.95
N TYR D 705 -28.37 -15.94 -27.40
CA TYR D 705 -28.17 -16.21 -25.98
C TYR D 705 -26.69 -16.19 -25.62
N VAL D 706 -25.87 -16.87 -26.42
CA VAL D 706 -24.43 -16.93 -26.16
C VAL D 706 -23.81 -15.56 -26.28
N LEU D 707 -24.18 -14.80 -27.32
CA LEU D 707 -23.60 -13.47 -27.51
C LEU D 707 -24.00 -12.53 -26.37
N TYR D 708 -25.26 -12.58 -25.95
CA TYR D 708 -25.72 -11.73 -24.86
C TYR D 708 -25.04 -12.11 -23.54
N GLY D 709 -24.87 -13.41 -23.29
CA GLY D 709 -24.15 -13.82 -22.09
C GLY D 709 -22.70 -13.38 -22.09
N VAL D 710 -22.03 -13.51 -23.23
CA VAL D 710 -20.65 -13.05 -23.34
C VAL D 710 -20.57 -11.54 -23.13
N TYR D 711 -21.53 -10.80 -23.70
CA TYR D 711 -21.56 -9.36 -23.51
C TYR D 711 -21.73 -9.00 -22.04
N ASN D 712 -22.66 -9.68 -21.35
CA ASN D 712 -22.89 -9.38 -19.94
C ASN D 712 -21.67 -9.73 -19.09
N VAL D 713 -21.02 -10.87 -19.37
CA VAL D 713 -19.82 -11.23 -18.64
C VAL D 713 -18.72 -10.19 -18.86
N THR D 714 -18.53 -9.77 -20.12
CA THR D 714 -17.49 -8.79 -20.42
C THR D 714 -17.77 -7.45 -19.75
N MET D 715 -19.01 -6.98 -19.79
CA MET D 715 -19.33 -5.66 -19.29
C MET D 715 -19.49 -5.63 -17.78
N VAL D 716 -20.49 -6.34 -17.26
CA VAL D 716 -20.84 -6.22 -15.85
C VAL D 716 -19.73 -6.77 -14.95
N ILE D 717 -19.16 -7.91 -15.32
CA ILE D 717 -18.21 -8.60 -14.46
C ILE D 717 -16.78 -8.11 -14.72
N VAL D 718 -16.33 -8.22 -15.97
CA VAL D 718 -14.92 -7.97 -16.28
C VAL D 718 -14.64 -6.46 -16.32
N LEU D 719 -15.29 -5.76 -17.24
CA LEU D 719 -14.95 -4.35 -17.48
C LEU D 719 -15.26 -3.48 -16.27
N LEU D 720 -16.41 -3.71 -15.61
CA LEU D 720 -16.76 -2.88 -14.46
C LEU D 720 -15.80 -3.09 -13.30
N ASN D 721 -15.42 -4.34 -13.02
CA ASN D 721 -14.45 -4.60 -11.96
C ASN D 721 -13.09 -4.00 -12.29
N MET D 722 -12.67 -4.08 -13.55
CA MET D 722 -11.40 -3.46 -13.93
C MET D 722 -11.47 -1.95 -13.84
N LEU D 723 -12.63 -1.36 -14.13
CA LEU D 723 -12.82 0.08 -13.92
C LEU D 723 -12.70 0.43 -12.43
N ILE D 724 -13.28 -0.40 -11.56
CA ILE D 724 -13.14 -0.17 -10.12
C ILE D 724 -11.68 -0.23 -9.69
N ALA D 725 -10.95 -1.23 -10.20
CA ALA D 725 -9.53 -1.35 -9.88
C ALA D 725 -8.74 -0.14 -10.37
N MET D 726 -9.03 0.33 -11.59
CA MET D 726 -8.35 1.50 -12.12
C MET D 726 -8.64 2.73 -11.28
N ILE D 727 -9.89 2.90 -10.86
CA ILE D 727 -10.27 4.04 -10.02
C ILE D 727 -9.54 3.99 -8.69
N ASN D 728 -9.45 2.80 -8.08
CA ASN D 728 -8.71 2.68 -6.82
C ASN D 728 -7.23 3.02 -7.00
N SER D 729 -6.62 2.51 -8.07
CA SER D 729 -5.20 2.77 -8.30
C SER D 729 -4.93 4.24 -8.52
N SER D 730 -5.82 4.93 -9.25
CA SER D 730 -5.67 6.38 -9.41
C SER D 730 -5.88 7.11 -8.10
N PHE D 731 -6.92 6.73 -7.35
CA PHE D 731 -7.28 7.45 -6.13
C PHE D 731 -6.21 7.33 -5.06
N GLN D 732 -5.42 6.26 -5.09
CA GLN D 732 -4.28 6.16 -4.18
C GLN D 732 -3.35 7.36 -4.32
N GLU D 733 -2.79 7.54 -5.52
CA GLU D 733 -1.87 8.65 -5.76
C GLU D 733 -2.59 10.00 -5.70
N ILE D 734 -3.90 10.03 -5.96
CA ILE D 734 -4.66 11.26 -5.78
C ILE D 734 -4.67 11.66 -4.31
N GLU D 735 -4.92 10.70 -3.42
CA GLU D 735 -4.89 10.95 -1.98
C GLU D 735 -3.48 11.26 -1.49
N ASP D 736 -2.45 10.83 -2.23
CA ASP D 736 -1.08 11.15 -1.84
C ASP D 736 -0.84 12.67 -1.76
N ASP D 737 -1.53 13.45 -2.60
CA ASP D 737 -1.27 14.89 -2.69
C ASP D 737 -2.59 15.67 -2.76
N ALA D 738 -3.59 15.26 -1.99
CA ALA D 738 -4.90 15.89 -2.07
C ALA D 738 -4.90 17.28 -1.45
N ASP D 739 -4.26 17.42 -0.28
CA ASP D 739 -4.28 18.69 0.44
C ASP D 739 -3.67 19.82 -0.38
N VAL D 740 -2.50 19.57 -0.97
CA VAL D 740 -1.80 20.61 -1.71
C VAL D 740 -2.56 20.99 -2.98
N GLU D 741 -3.12 19.99 -3.67
CA GLU D 741 -3.90 20.27 -4.87
C GLU D 741 -5.16 21.08 -4.53
N TRP D 742 -5.83 20.74 -3.43
CA TRP D 742 -6.99 21.53 -3.01
C TRP D 742 -6.58 22.96 -2.65
N LYS D 743 -5.44 23.12 -1.99
CA LYS D 743 -4.96 24.46 -1.67
C LYS D 743 -4.72 25.27 -2.94
N PHE D 744 -4.11 24.64 -3.96
CA PHE D 744 -3.88 25.36 -5.21
C PHE D 744 -5.18 25.73 -5.91
N ALA D 745 -6.17 24.81 -5.89
CA ALA D 745 -7.46 25.12 -6.50
C ALA D 745 -8.14 26.27 -5.78
N ARG D 746 -8.11 26.28 -4.45
CA ARG D 746 -8.70 27.37 -3.69
C ARG D 746 -7.97 28.68 -3.95
N ALA D 747 -6.65 28.62 -4.12
CA ALA D 747 -5.89 29.82 -4.46
C ALA D 747 -6.29 30.36 -5.83
N LYS D 748 -6.50 29.48 -6.80
CA LYS D 748 -7.00 29.92 -8.10
C LYS D 748 -8.38 30.56 -7.98
N LEU D 749 -9.25 29.96 -7.15
CA LEU D 749 -10.57 30.53 -6.94
C LEU D 749 -10.47 31.92 -6.32
N TRP D 750 -9.58 32.11 -5.35
CA TRP D 750 -9.40 33.43 -4.75
C TRP D 750 -8.86 34.43 -5.76
N PHE D 751 -7.87 34.03 -6.56
CA PHE D 751 -7.30 34.94 -7.55
C PHE D 751 -8.29 35.29 -8.65
N SER D 752 -9.27 34.44 -8.91
CA SER D 752 -10.32 34.80 -9.86
C SER D 752 -11.12 36.01 -9.37
N TYR D 753 -11.21 36.21 -8.06
CA TYR D 753 -11.95 37.33 -7.49
C TYR D 753 -11.07 38.46 -7.00
N PHE D 754 -9.76 38.26 -6.94
CA PHE D 754 -8.87 39.34 -6.48
C PHE D 754 -8.89 40.56 -7.39
N GLU D 755 -9.31 40.39 -8.65
CA GLU D 755 -9.33 41.50 -9.59
C GLU D 755 -10.36 42.54 -9.19
N GLU D 756 -10.11 43.80 -9.58
CA GLU D 756 -10.98 44.91 -9.27
C GLU D 756 -12.08 45.12 -10.30
N GLY D 757 -12.12 44.30 -11.36
CA GLY D 757 -13.07 44.50 -12.44
C GLY D 757 -14.53 44.32 -12.07
N ARG D 758 -14.91 43.10 -11.71
CA ARG D 758 -16.31 42.78 -11.44
C ARG D 758 -16.61 42.92 -9.95
N THR D 759 -17.64 43.71 -9.63
CA THR D 759 -18.12 43.86 -8.27
C THR D 759 -19.58 43.46 -8.12
N LEU D 760 -20.44 43.85 -9.07
CA LEU D 760 -21.84 43.47 -9.04
C LEU D 760 -22.03 42.03 -9.48
N PRO D 761 -23.02 41.33 -8.91
CA PRO D 761 -23.30 39.96 -9.34
C PRO D 761 -23.98 39.90 -10.70
N VAL D 762 -24.42 38.71 -11.10
CA VAL D 762 -25.12 38.56 -12.38
C VAL D 762 -26.35 39.46 -12.47
N PRO D 763 -27.22 39.55 -11.48
CA PRO D 763 -28.27 40.57 -11.52
C PRO D 763 -27.67 41.97 -11.41
N PHE D 764 -28.34 42.92 -12.04
CA PHE D 764 -27.92 44.32 -12.12
C PHE D 764 -26.60 44.50 -12.86
N ASN D 765 -26.09 43.45 -13.50
CA ASN D 765 -24.86 43.56 -14.27
C ASN D 765 -25.09 44.24 -15.62
N LEU D 766 -26.30 44.09 -16.18
CA LEU D 766 -26.57 44.63 -17.52
C LEU D 766 -26.39 46.14 -17.55
N VAL D 767 -26.93 46.84 -16.56
CA VAL D 767 -26.74 48.29 -16.49
C VAL D 767 -25.29 48.61 -16.16
N PRO D 768 -24.71 49.68 -16.71
CA PRO D 768 -23.32 50.07 -16.44
C PRO D 768 -23.03 50.33 -14.96
N ARG D 853 20.00 48.05 -1.60
CA ARG D 853 18.73 48.48 -1.03
C ARG D 853 18.19 47.43 -0.06
N GLN D 854 16.97 47.67 0.45
CA GLN D 854 16.38 46.75 1.40
C GLN D 854 16.14 45.36 0.79
N TYR D 855 15.61 45.33 -0.44
CA TYR D 855 15.33 44.05 -1.07
C TYR D 855 16.61 43.25 -1.30
N GLN D 856 17.68 43.93 -1.72
CA GLN D 856 18.95 43.25 -1.92
C GLN D 856 19.49 42.68 -0.60
N LYS D 857 19.38 43.45 0.48
CA LYS D 857 19.79 42.95 1.79
C LYS D 857 19.01 41.71 2.18
N ILE D 858 17.69 41.75 2.01
CA ILE D 858 16.85 40.63 2.39
C ILE D 858 17.19 39.40 1.54
N MET D 859 17.40 39.60 0.25
CA MET D 859 17.75 38.47 -0.61
C MET D 859 19.10 37.87 -0.22
N LYS D 860 20.09 38.72 0.09
CA LYS D 860 21.39 38.21 0.53
C LYS D 860 21.25 37.40 1.81
N ARG D 861 20.49 37.93 2.77
CA ARG D 861 20.28 37.22 4.04
C ARG D 861 19.61 35.87 3.80
N LEU D 862 18.55 35.85 2.99
CA LEU D 862 17.81 34.62 2.77
C LEU D 862 18.64 33.60 2.00
N ILE D 863 19.48 34.06 1.07
CA ILE D 863 20.33 33.13 0.33
C ILE D 863 21.37 32.52 1.24
N LYS D 864 21.98 33.33 2.11
CA LYS D 864 22.92 32.77 3.08
C LYS D 864 22.24 31.73 3.97
N ARG D 865 21.03 32.06 4.45
CA ARG D 865 20.30 31.12 5.29
C ARG D 865 19.99 29.84 4.53
N TYR D 866 19.62 29.95 3.26
CA TYR D 866 19.32 28.76 2.48
C TYR D 866 20.56 27.91 2.26
N VAL D 867 21.71 28.54 2.03
CA VAL D 867 22.95 27.78 1.88
C VAL D 867 23.25 26.99 3.16
N LEU D 868 23.13 27.67 4.31
CA LEU D 868 23.39 26.98 5.57
C LEU D 868 22.41 25.83 5.79
N GLN D 869 21.11 26.07 5.53
CA GLN D 869 20.12 25.04 5.77
C GLN D 869 20.30 23.87 4.81
N ALA D 870 20.68 24.13 3.56
CA ALA D 870 20.94 23.06 2.61
C ALA D 870 22.14 22.23 3.03
N GLN D 871 23.20 22.88 3.53
CA GLN D 871 24.34 22.13 4.03
C GLN D 871 23.94 21.25 5.23
N ILE D 872 23.13 21.78 6.13
CA ILE D 872 22.68 20.98 7.28
C ILE D 872 21.83 19.79 6.81
N ASP D 873 20.92 20.02 5.87
CA ASP D 873 20.07 18.94 5.37
C ASP D 873 20.90 17.88 4.65
N LYS D 874 21.95 18.31 3.95
CA LYS D 874 22.88 17.34 3.36
C LYS D 874 23.59 16.54 4.44
N GLU D 875 24.01 17.20 5.52
CA GLU D 875 24.58 16.50 6.67
C GLU D 875 23.59 15.53 7.30
N SER D 876 22.30 15.74 7.07
CA SER D 876 21.27 14.89 7.63
C SER D 876 21.04 13.60 6.84
N ASP D 877 21.99 13.28 5.96
CA ASP D 877 21.90 12.08 5.15
C ASP D 877 22.60 10.89 5.82
N GLU D 878 22.27 9.68 5.41
CA GLU D 878 22.88 8.50 5.99
C GLU D 878 24.28 8.30 5.46
N VAL D 879 25.17 7.81 6.32
CA VAL D 879 26.53 7.55 5.92
C VAL D 879 26.49 6.34 5.01
N ASN D 880 27.33 6.32 3.99
CA ASN D 880 27.41 5.21 3.07
C ASN D 880 28.83 4.70 3.02
N GLU D 881 29.03 3.53 2.42
CA GLU D 881 30.35 2.91 2.36
C GLU D 881 31.49 3.80 1.91
N GLY D 882 31.27 4.61 0.87
CA GLY D 882 32.33 5.46 0.38
C GLY D 882 32.79 6.47 1.40
N GLU D 883 31.83 7.06 2.09
CA GLU D 883 32.10 8.07 3.09
C GLU D 883 32.94 7.47 4.21
N LEU D 884 32.56 6.28 4.67
CA LEU D 884 33.29 5.65 5.76
C LEU D 884 34.69 5.26 5.34
N LYS D 885 34.85 4.88 4.08
CA LYS D 885 36.15 4.49 3.57
C LYS D 885 37.11 5.67 3.57
N GLU D 886 36.61 6.85 3.25
CA GLU D 886 37.45 8.03 3.24
C GLU D 886 38.04 8.25 4.60
N ILE D 887 37.32 7.84 5.62
CA ILE D 887 37.79 7.96 7.00
C ILE D 887 38.84 6.89 7.30
N LYS D 888 38.63 5.66 6.81
CA LYS D 888 39.59 4.58 7.02
C LYS D 888 40.94 4.93 6.39
N GLN D 889 40.92 5.49 5.18
CA GLN D 889 42.16 5.93 4.55
C GLN D 889 42.84 7.03 5.34
N ASP D 890 42.11 7.88 6.13
CA ASP D 890 42.72 8.92 6.97
C ASP D 890 43.58 8.27 8.03
N ILE D 891 42.91 7.25 8.64
CA ILE D 891 43.63 6.56 9.69
C ILE D 891 44.85 5.85 9.13
N SER D 892 44.73 5.29 7.93
CA SER D 892 45.87 4.62 7.31
C SER D 892 47.03 5.58 7.10
N SER D 893 46.76 6.74 6.50
CA SER D 893 47.81 7.72 6.27
C SER D 893 48.39 8.24 7.58
N LEU D 894 47.54 8.44 8.59
CA LEU D 894 48.04 8.87 9.89
C LEU D 894 48.97 7.82 10.49
N ARG D 895 48.61 6.55 10.37
CA ARG D 895 49.46 5.47 10.87
C ARG D 895 50.81 5.47 10.17
N TYR D 896 50.80 5.63 8.84
CA TYR D 896 52.07 5.64 8.11
C TYR D 896 52.95 6.80 8.56
N GLU D 897 52.36 7.99 8.70
CA GLU D 897 53.13 9.15 9.14
C GLU D 897 53.71 8.94 10.54
N LEU D 898 52.89 8.43 11.46
CA LEU D 898 53.34 8.25 12.83
C LEU D 898 54.43 7.18 12.93
N LEU D 899 54.28 6.08 12.20
CA LEU D 899 55.30 5.04 12.23
C LEU D 899 56.60 5.53 11.60
N GLU D 900 56.52 6.33 10.54
CA GLU D 900 57.73 6.91 9.97
C GLU D 900 58.43 7.83 10.97
N GLU D 901 57.65 8.66 11.67
CA GLU D 901 58.24 9.55 12.68
C GLU D 901 58.86 8.76 13.83
N LYS D 902 58.21 7.66 14.23
CA LYS D 902 58.78 6.80 15.26
C LYS D 902 60.07 6.14 14.81
N SER D 903 60.14 5.74 13.54
CA SER D 903 61.36 5.10 13.02
C SER D 903 62.54 6.06 13.08
N GLN D 904 62.32 7.32 12.73
CA GLN D 904 63.37 8.33 12.81
C GLN D 904 63.74 8.63 14.26
ZN ZN E . 28.09 -34.37 -17.04
N W99 F . -12.59 -5.67 -28.51
C W99 F . -14.96 -10.13 -25.49
O W99 F . -15.89 -9.49 -26.40
C1 W99 F . -15.24 -8.47 -27.04
C10 W99 F . -9.64 -4.17 -24.89
C11 W99 F . -11.35 -4.73 -23.25
C12 W99 F . -11.87 -6.04 -22.63
C13 W99 F . -10.85 -6.68 -21.69
C14 W99 F . -9.47 -6.04 -21.79
C15 W99 F . -9.09 -5.86 -23.26
C16 W99 F . -8.44 -6.91 -21.09
C17 W99 F . -12.35 -7.03 -23.69
C2 W99 F . -15.69 -7.56 -27.99
C3 W99 F . -14.75 -6.63 -28.46
C4 W99 F . -13.43 -6.59 -28.00
C5 W99 F . -12.96 -7.51 -27.04
C6 W99 F . -13.87 -8.44 -26.56
C7 W99 F . -11.92 -4.78 -27.73
C8 W99 F . -10.56 -4.04 -26.07
C9 W99 F . -10.90 -2.79 -26.64
N1 W99 F . -11.13 -5.13 -26.69
N2 W99 F . -10.02 -4.90 -23.84
O1 W99 F . -8.56 -3.62 -24.94
O2 W99 F . -13.71 -9.43 -25.64
S W99 F . -11.96 -3.08 -27.98
CAA Y01 G . -15.88 7.66 -34.95
CBA Y01 G . -14.50 6.98 -34.89
CAB Y01 G . -13.51 7.67 -35.82
CAN Y01 G . -14.60 5.49 -35.19
CAJ Y01 G . -13.28 4.81 -34.86
CAO Y01 G . -13.23 3.35 -35.29
CBB Y01 G . -11.89 3.05 -35.93
CAC Y01 G . -11.87 3.77 -37.28
CBE Y01 G . -10.77 3.44 -34.94
CAP Y01 G . -10.81 2.55 -33.70
CAQ Y01 G . -9.37 2.37 -33.22
CBG Y01 G . -8.61 3.38 -34.04
CBI Y01 G . -9.31 3.42 -35.38
CAE Y01 G . -9.00 2.11 -36.12
CAU Y01 G . -8.80 4.62 -36.16
CAS Y01 G . -7.27 4.58 -36.29
CBF Y01 G . -6.59 4.44 -34.93
CBD Y01 G . -7.11 3.20 -34.21
CAK Y01 G . -6.43 2.94 -32.86
CAI Y01 G . -5.21 3.83 -32.67
CAZ Y01 G . -4.46 4.21 -33.72
CAV Y01 G . -2.98 4.44 -33.53
CBH Y01 G . -5.07 4.45 -35.07
CAD Y01 G . -4.61 3.34 -36.02
CAT Y01 G . -4.61 5.79 -35.60
CAR Y01 G . -3.10 5.95 -35.50
CBC Y01 G . -2.65 5.83 -34.04
OAW Y01 G . -1.25 6.06 -33.93
CAY Y01 G . -0.91 6.76 -32.69
OAG Y01 G . -1.39 6.38 -31.64
CAM Y01 G . 0.04 7.93 -32.71
CAL Y01 G . 1.40 7.49 -32.18
CAX Y01 G . 2.11 6.65 -33.22
OAH Y01 G . 1.55 6.45 -34.41
OAF Y01 G . 3.20 6.17 -32.98
CA CA H . 43.49 -2.98 9.59
CA CA I . -1.84 -12.64 -38.02
N POV J . -31.18 -27.12 -27.78
P POV J . -28.13 -27.51 -24.83
C1 POV J . -26.18 -27.80 -23.14
C2 POV J . -26.04 -28.61 -21.86
C3 POV J . -27.04 -29.76 -21.87
C210 POV J . -20.94 -21.45 -16.70
C310 POV J . -20.67 -32.40 -14.73
C11 POV J . -29.88 -26.01 -26.05
O11 POV J . -27.54 -27.45 -23.35
C211 POV J . -20.77 -20.28 -15.77
C311 POV J . -19.35 -32.84 -14.12
C12 POV J . -31.20 -26.70 -26.38
O12 POV J . -29.39 -26.53 -24.81
C212 POV J . -19.94 -19.21 -16.45
C312 POV J . -19.28 -34.35 -13.91
C13 POV J . -29.85 -27.60 -28.16
O13 POV J . -27.10 -26.93 -25.77
C213 POV J . -19.93 -17.94 -15.61
C313 POV J . -17.92 -34.74 -13.33
C14 POV J . -32.15 -28.22 -27.97
O14 POV J . -28.66 -28.92 -25.07
C214 POV J . -18.92 -16.93 -16.13
C15 POV J . -31.57 -25.98 -28.62
C215 POV J . -18.87 -15.71 -15.22
C21 POV J . -25.53 -26.55 -20.84
O21 POV J . -26.28 -27.77 -20.73
C22 POV J . -24.22 -26.41 -20.10
O22 POV J . -25.96 -25.64 -21.53
C23 POV J . -24.35 -27.01 -18.72
C24 POV J . -22.98 -27.26 -18.08
C25 POV J . -21.97 -26.21 -18.51
C26 POV J . -20.75 -26.23 -17.62
C27 POV J . -20.83 -25.15 -16.55
C28 POV J . -21.24 -23.83 -17.18
C29 POV J . -21.08 -22.68 -16.22
C31 POV J . -26.72 -32.22 -21.80
O31 POV J . -26.35 -30.93 -22.32
C32 POV J . -25.75 -32.96 -20.91
O32 POV J . -27.83 -32.68 -22.06
C33 POV J . -25.49 -32.10 -19.68
C34 POV J . -24.49 -32.73 -18.73
C35 POV J . -24.68 -32.18 -17.33
C36 POV J . -23.38 -32.18 -16.53
C37 POV J . -22.58 -30.92 -16.81
C38 POV J . -21.95 -30.37 -15.52
C39 POV J . -20.58 -30.97 -15.24
CAA Y01 K . -10.34 -22.11 -44.06
CBA Y01 K . -10.67 -22.02 -42.58
CAB Y01 K . -9.43 -21.72 -41.76
CAN Y01 K . -11.35 -23.30 -42.10
CAJ Y01 K . -12.58 -23.63 -42.94
CAO Y01 K . -13.30 -24.87 -42.42
CBB Y01 K . -14.46 -25.22 -43.34
CAC Y01 K . -13.94 -25.68 -44.70
CBE Y01 K . -15.39 -26.27 -42.72
CAP Y01 K . -15.32 -26.31 -41.20
CAQ Y01 K . -16.75 -26.40 -40.66
CBG Y01 K . -17.59 -26.71 -41.90
CBI Y01 K . -16.86 -26.02 -43.03
CAE Y01 K . -17.09 -24.51 -42.98
CAU Y01 K . -17.40 -26.58 -44.34
CAS Y01 K . -18.90 -26.28 -44.42
CBF Y01 K . -19.71 -26.74 -43.21
CBD Y01 K . -19.07 -26.35 -41.88
CAK Y01 K . -19.80 -27.05 -40.75
CAI Y01 K . -21.28 -26.78 -40.85
CAZ Y01 K . -21.90 -26.47 -42.00
CAV Y01 K . -23.41 -26.37 -41.99
CBH Y01 K . -21.13 -26.18 -43.27
CAD Y01 K . -21.08 -24.67 -43.46
CAT Y01 K . -21.85 -26.82 -44.45
CAR Y01 K . -23.32 -26.41 -44.48
CBC Y01 K . -24.03 -26.96 -43.25
OAW Y01 K . -25.42 -26.62 -43.32
CAY Y01 K . -26.30 -27.62 -42.72
OAG Y01 K . -26.12 -27.96 -41.56
CAM Y01 K . -27.42 -28.21 -43.53
CAL Y01 K . -27.82 -29.56 -42.94
CAX Y01 K . -29.07 -30.06 -43.62
OAH Y01 K . -29.56 -29.41 -44.67
OAF Y01 K . -29.64 -31.07 -43.23
C1 98R L . -29.07 -21.44 -24.49
C2 98R L . -28.28 -21.07 -23.25
C3 98R L . -27.10 -22.04 -23.14
C11 98R L . -25.26 -22.88 -24.57
C12 98R L . -24.49 -23.52 -23.45
C13 98R L . -23.26 -22.70 -23.10
C14 98R L . -22.62 -23.29 -21.84
C15 98R L . -21.14 -22.97 -21.73
C16 98R L . -20.87 -21.64 -21.04
C17 98R L . -19.78 -21.78 -19.99
C18 98R L . -18.65 -22.70 -20.47
C19 98R L . -17.59 -21.94 -21.24
C31 98R L . -27.26 -19.16 -22.19
C32 98R L . -25.78 -19.17 -21.91
C33 98R L . -25.27 -17.74 -21.93
C34 98R L . -23.87 -17.66 -21.36
C35 98R L . -22.82 -18.04 -22.38
C36 98R L . -21.62 -18.63 -21.67
C37 98R L . -20.95 -17.61 -20.76
C38 98R L . -19.96 -16.79 -21.56
C39 98R L . -18.71 -16.45 -20.78
C40 98R L . -17.75 -15.78 -21.73
C41 98R L . -16.76 -15.01 -21.31
C42 98R L . -15.84 -14.36 -22.31
C43 98R L . -14.60 -13.88 -21.59
C44 98R L . -14.81 -12.52 -20.95
C45 98R L . -14.07 -11.44 -21.72
C46 98R L . -12.58 -11.68 -21.67
C47 98R L . -11.85 -10.71 -22.61
C48 98R L . -10.35 -10.80 -22.42
O11 98R L . -25.06 -23.18 -25.73
O2 98R L . -27.77 -19.75 -23.41
O3 98R L . -26.28 -21.88 -24.28
O31 98R L . -28.04 -18.66 -21.41
O3P 98R L . -29.28 -22.85 -24.47
C20 98R L . -16.60 -21.32 -20.28
C21 98R L . -15.56 -20.63 -20.75
C22 98R L . -15.37 -20.47 -22.24
C23 98R L . -13.89 -20.24 -22.56
C24 98R L . -13.36 -18.96 -21.93
C25 98R L . -13.50 -17.78 -22.87
CA CA M . 23.57 -1.53 14.95
CAA Y01 N . -24.75 -29.48 6.40
CBA Y01 N . -25.67 -28.28 6.62
CAB Y01 N . -24.85 -27.02 6.91
CAN Y01 N . -26.67 -28.55 7.74
CAJ Y01 N . -27.87 -29.35 7.24
CAO Y01 N . -28.90 -28.41 6.59
CBB Y01 N . -30.31 -28.98 6.59
CAC Y01 N . -30.47 -30.04 7.68
CBE Y01 N . -31.32 -27.84 6.73
CAP Y01 N . -30.92 -26.64 5.86
CAQ Y01 N . -32.20 -26.05 5.26
CBG Y01 N . -33.30 -26.76 6.04
CBI Y01 N . -32.77 -28.15 6.31
CAE Y01 N . -32.75 -28.97 5.03
CAU Y01 N . -33.68 -28.80 7.35
CAS Y01 N . -35.11 -28.86 6.81
CBF Y01 N . -35.63 -27.48 6.42
CBD Y01 N . -34.70 -26.78 5.43
CAK Y01 N . -35.17 -25.36 5.09
CAI Y01 N . -36.61 -25.14 5.54
CAZ Y01 N . -37.50 -26.13 5.56
CAV Y01 N . -38.95 -25.83 5.29
CBH Y01 N . -37.04 -27.54 5.84
CAD Y01 N . -37.05 -28.34 4.55
CAT Y01 N . -38.04 -28.14 6.83
CAR Y01 N . -39.42 -28.16 6.21
CBC Y01 N . -39.97 -26.76 5.97
OAW Y01 N . -41.10 -26.85 5.10
CAY Y01 N . -42.37 -26.89 5.80
OAG Y01 N . -42.86 -25.84 6.19
CAM Y01 N . -43.07 -28.21 6.03
CAL Y01 N . -44.37 -28.28 5.24
CAX Y01 N . -45.53 -27.81 6.09
OAH Y01 N . -46.43 -28.67 6.56
OAF Y01 N . -45.65 -26.62 6.38
ZN ZN O . 5.62 -22.54 41.49
N W99 P . -17.60 -26.04 -3.89
C W99 P . -21.37 -22.78 -0.75
O W99 P . -21.99 -23.50 -1.85
C1 W99 P . -21.03 -24.22 -2.51
C10 W99 P . -13.83 -22.96 -3.45
C11 W99 P . -15.35 -21.05 -3.58
C12 W99 P . -16.33 -20.40 -2.61
C13 W99 P . -15.62 -19.66 -1.47
C14 W99 P . -14.14 -19.98 -1.41
C15 W99 P . -13.93 -21.49 -1.53
C16 W99 P . -13.56 -19.49 -0.09
C17 W99 P . -17.38 -21.37 -2.07
C2 W99 P . -21.12 -25.05 -3.61
C3 W99 P . -19.93 -25.65 -4.04
C4 W99 P . -18.70 -25.43 -3.41
C5 W99 P . -18.59 -24.59 -2.29
C6 W99 P . -19.75 -23.99 -1.85
C7 W99 P . -16.49 -25.37 -4.27
C8 W99 P . -14.72 -23.96 -4.11
C9 W99 P . -14.50 -24.42 -5.43
N1 W99 P . -15.82 -24.49 -3.49
N2 W99 P . -14.35 -21.87 -2.89
O1 W99 P . -12.63 -23.18 -3.43
O2 W99 P . -19.97 -23.13 -0.80
S W99 P . -15.75 -25.57 -5.81
CAA Y01 Q . -15.00 -31.47 -17.80
CBA Y01 Q . -14.12 -31.66 -16.57
CAB Y01 Q . -13.06 -32.74 -16.80
CAN Y01 Q . -14.96 -31.98 -15.33
CAJ Y01 Q . -14.09 -31.91 -14.09
CAO Y01 Q . -14.82 -32.37 -12.82
CBB Y01 Q . -13.87 -33.25 -12.01
CAC Y01 Q . -13.70 -34.56 -12.77
CBE Y01 Q . -12.58 -32.45 -11.74
CAP Y01 Q . -12.87 -31.25 -10.82
CAQ Y01 Q . -11.64 -31.04 -9.95
CBG Y01 Q . -10.60 -31.95 -10.57
CBI Y01 Q . -11.39 -33.14 -11.06
CAE Y01 Q . -11.85 -33.95 -9.85
CAU Y01 Q . -10.48 -33.97 -11.97
CAS Y01 Q . -9.18 -34.35 -11.24
CBF Y01 Q . -8.47 -33.15 -10.65
CBD Y01 Q . -9.41 -32.37 -9.73
CAK Y01 Q . -8.75 -31.17 -9.05
CAI Y01 Q . -7.26 -31.18 -9.23
CAZ Y01 Q . -6.56 -32.32 -9.33
CAV Y01 Q . -5.14 -32.38 -8.82
CBH Y01 Q . -7.17 -33.54 -9.96
CAD Y01 Q . -7.43 -34.59 -8.89
CAT Y01 Q . -6.20 -34.11 -11.00
CAR Y01 Q . -4.80 -34.25 -10.41
CBC Y01 Q . -4.26 -32.90 -9.94
OAW Y01 Q . -2.92 -33.03 -9.49
CAY Y01 Q . -2.12 -31.86 -9.81
OAG Y01 Q . -2.58 -30.74 -9.59
CAM Y01 Q . -0.74 -32.00 -10.40
CAL Y01 Q . 0.31 -31.73 -9.33
CAX Y01 Q . 0.37 -32.90 -8.37
OAH Y01 Q . -0.38 -33.98 -8.57
OAF Y01 Q . 1.13 -32.87 -7.40
CA CA R . 37.66 1.85 23.88
CA CA S . -12.92 -37.46 6.24
N POV T . -43.87 -22.69 6.37
P POV T . -41.00 -20.33 8.46
C1 POV T . -39.20 -19.00 9.79
C2 POV T . -39.29 -17.78 10.70
C3 POV T . -40.70 -17.66 11.25
C210 POV T . -30.73 -13.41 7.33
C310 POV T . -35.44 -11.80 17.29
C11 POV T . -41.96 -21.17 6.20
O11 POV T . -40.24 -18.96 8.83
C211 POV T . -29.89 -12.48 6.49
C311 POV T . -34.41 -11.45 18.36
C12 POV T . -43.48 -21.29 6.15
O12 POV T . -41.62 -20.06 7.00
C212 POV T . -28.75 -13.26 5.86
C312 POV T . -35.04 -11.27 19.74
C13 POV T . -42.99 -23.31 7.37
O13 POV T . -39.95 -21.40 8.33
C213 POV T . -28.03 -12.40 4.84
C313 POV T . -33.97 -10.95 20.77
C14 POV T . -45.25 -22.74 6.87
O14 POV T . -42.15 -20.51 9.42
C214 POV T . -26.74 -13.07 4.37
C15 POV T . -43.78 -23.42 5.10
C215 POV T . -25.99 -12.14 3.42
C21 POV T . -37.71 -16.81 9.23
O21 POV T . -38.94 -16.61 9.98
C22 POV T . -36.41 -16.31 9.80
O22 POV T . -37.75 -17.39 8.16
C23 POV T . -36.62 -14.94 10.43
C24 POV T . -35.47 -14.57 11.34
C25 POV T . -34.14 -15.13 10.84
C26 POV T . -32.96 -14.46 11.52
C27 POV T . -32.37 -13.36 10.65
C28 POV T . -32.20 -13.89 9.23
C29 POV T . -31.37 -12.94 8.40
C31 POV T . -41.59 -17.71 13.57
O31 POV T . -40.72 -18.25 12.55
C32 POV T . -40.98 -17.03 14.77
O32 POV T . -42.80 -17.79 13.43
C33 POV T . -40.18 -15.83 14.25
C34 POV T . -39.47 -15.09 15.38
C35 POV T . -39.17 -13.66 14.95
C36 POV T . -37.94 -13.09 15.63
C37 POV T . -36.68 -13.47 14.88
C38 POV T . -35.70 -12.30 14.83
C39 POV T . -34.75 -12.28 16.02
CAA Y01 U . -25.66 -42.19 9.97
CBA Y01 U . -25.70 -40.67 9.88
CAB Y01 U . -24.36 -40.07 10.29
CAN Y01 U . -26.83 -40.10 10.75
CAJ Y01 U . -28.16 -40.73 10.37
CAO Y01 U . -29.31 -40.13 11.17
CBB Y01 U . -30.62 -40.85 10.86
CAC Y01 U . -30.57 -42.29 11.36
CBE Y01 U . -31.84 -40.11 11.42
CAP Y01 U . -31.58 -38.62 11.64
CAQ Y01 U . -32.80 -37.86 11.10
CBG Y01 U . -33.84 -38.93 10.87
CBI Y01 U . -33.04 -40.16 10.47
CAE Y01 U . -32.51 -40.02 9.04
CAU Y01 U . -33.96 -41.35 10.58
CAS Y01 U . -35.12 -41.17 9.60
CBF Y01 U . -35.87 -39.85 9.75
CBD Y01 U . -34.94 -38.65 9.86
CAK Y01 U . -35.76 -37.43 10.26
CAI Y01 U . -36.92 -37.26 9.31
CAZ Y01 U . -37.48 -38.28 8.63
CAV Y01 U . -38.74 -38.00 7.84
CBH Y01 U . -36.85 -39.65 8.59
CAD Y01 U . -36.11 -39.80 7.27
CAT Y01 U . -37.94 -40.71 8.69
CAR Y01 U . -39.03 -40.46 7.65
CBC Y01 U . -39.75 -39.16 7.94
OAW Y01 U . -40.79 -38.97 6.99
CAY Y01 U . -41.94 -38.25 7.51
OAG Y01 U . -41.79 -37.16 8.01
CAM Y01 U . -43.32 -38.88 7.43
CAL Y01 U . -44.22 -38.26 8.48
CAX Y01 U . -45.64 -38.74 8.27
OAH Y01 U . -45.91 -39.67 7.37
OAF Y01 U . -46.56 -38.27 8.94
C1 98R V . -38.86 -19.66 2.72
C2 98R V . -37.82 -18.56 2.89
C3 98R V . -37.26 -18.69 4.29
C11 98R V . -36.27 -20.44 5.74
C12 98R V . -35.74 -19.49 6.80
C13 98R V . -34.23 -19.33 6.68
C14 98R V . -33.78 -18.22 7.62
C15 98R V . -32.32 -18.37 8.05
C16 98R V . -31.37 -17.68 7.08
C17 98R V . -30.33 -16.85 7.82
C18 98R V . -29.87 -17.53 9.10
C19 98R V . -28.68 -18.46 8.85
C31 98R V . -35.89 -17.65 1.80
C32 98R V . -34.56 -17.63 2.52
C33 98R V . -33.44 -17.71 1.50
C34 98R V . -32.12 -17.38 2.15
C35 98R V . -31.53 -18.58 2.86
C36 98R V . -30.67 -18.10 4.01
C37 98R V . -29.47 -17.29 3.53
C38 98R V . -28.33 -18.23 3.17
C39 98R V . -26.97 -17.66 3.55
C40 98R V . -25.96 -18.75 3.31
C41 98R V . -24.68 -18.48 3.13
C42 98R V . -23.70 -19.61 2.88
C43 98R V . -22.30 -19.11 3.12
C44 98R V . -21.74 -18.39 1.90
C45 98R V . -20.70 -19.26 1.20
C46 98R V . -19.50 -19.49 2.11
C47 98R V . -18.54 -20.50 1.51
C48 98R V . -17.26 -20.57 2.30
O11 98R V . -36.39 -21.63 5.99
O2 98R V . -36.78 -18.78 1.94
O3 98R V . -36.62 -19.96 4.42
O31 98R V . -36.21 -16.73 1.08
O3P 98R V . -39.71 -19.64 3.87
C20 98R V . -27.40 -17.67 8.86
C21 98R V . -26.23 -18.30 8.69
C22 98R V . -26.19 -19.78 8.48
C23 98R V . -24.85 -20.35 8.94
C24 98R V . -23.69 -19.79 8.13
C25 98R V . -23.38 -20.67 6.92
CA CA W . 21.81 10.60 13.90
CAA Y01 X . -34.64 9.80 15.05
CBA Y01 X . -34.84 10.20 13.59
CAB Y01 X . -33.49 10.38 12.90
CAN Y01 X . -35.68 11.46 13.49
CAJ Y01 X . -37.17 11.16 13.56
CAO Y01 X . -37.71 10.71 12.20
CBB Y01 X . -39.21 10.95 12.03
CAC Y01 X . -39.70 12.01 13.02
CBE Y01 X . -39.53 11.28 10.58
CAP Y01 X . -38.72 10.40 9.62
CAQ Y01 X . -39.63 10.05 8.45
CBG Y01 X . -40.81 10.99 8.63
CBI Y01 X . -40.98 11.13 10.13
CAE Y01 X . -41.54 9.84 10.73
CAU Y01 X . -41.93 12.28 10.39
CAS Y01 X . -43.28 11.99 9.72
CBF Y01 X . -43.13 11.74 8.23
CBD Y01 X . -42.12 10.63 7.94
CAK Y01 X . -41.91 10.42 6.44
CAI Y01 X . -42.98 11.10 5.62
CAZ Y01 X . -44.23 11.26 6.08
CAV Y01 X . -45.38 11.24 5.10
CBH Y01 X . -44.47 11.42 7.56
CAD Y01 X . -45.04 10.13 8.12
CAT Y01 X . -45.48 12.55 7.73
CAR Y01 X . -46.77 12.16 7.03
CBC Y01 X . -46.62 12.06 5.52
OAW Y01 X . -47.77 11.41 4.99
CAY Y01 X . -48.79 12.32 4.50
OAG Y01 X . -48.66 12.81 3.39
CAM Y01 X . -49.99 12.63 5.37
CAL Y01 X . -51.26 12.07 4.73
CAX Y01 X . -51.93 13.12 3.87
OAH Y01 X . -53.05 13.70 4.26
OAF Y01 X . -51.42 13.46 2.81
ZN ZN Y . -0.09 39.29 26.80
N W99 Z . -28.23 -1.49 14.28
C W99 Z . -29.51 2.34 9.99
O W99 Z . -30.54 1.35 10.22
C1 W99 Z . -30.15 0.52 11.22
C10 W99 Z . -23.43 -1.62 13.37
C11 W99 Z . -23.86 -1.44 10.98
C12 W99 Z . -24.26 -0.29 10.04
C13 W99 Z . -23.14 0.73 9.85
C14 W99 Z . -21.99 0.53 10.83
C15 W99 Z . -22.54 0.31 12.23
C16 W99 Z . -21.07 1.74 10.80
C17 W99 Z . -25.56 0.39 10.46
C2 W99 Z . -30.78 -0.58 11.79
C3 W99 Z . -30.09 -1.22 12.83
C4 W99 Z . -28.83 -0.80 13.26
C5 W99 Z . -28.19 0.30 12.70
C6 W99 Z . -28.84 0.95 11.68
C7 W99 Z . -27.00 -2.04 14.16
C8 W99 Z . -24.77 -2.15 13.76
C9 W99 Z . -24.99 -3.49 14.13
N1 W99 Z . -25.90 -1.35 13.79
N2 W99 Z . -23.29 -0.94 12.23
O1 W99 Z . -22.48 -1.82 14.12
O2 W99 Z . -28.47 2.04 10.94
S W99 Z . -26.66 -3.68 14.51
CAA Y01 AA . -30.50 -15.77 18.80
CBA Y01 AA . -29.66 -14.72 19.50
CAB Y01 AA . -29.28 -15.17 20.91
CAN Y01 AA . -30.37 -13.37 19.51
CAJ Y01 AA . -29.40 -12.29 19.98
CAO Y01 AA . -30.08 -10.93 20.19
CBB Y01 AA . -29.56 -10.32 21.48
CAC Y01 AA . -30.14 -11.13 22.63
CBE Y01 AA . -28.03 -10.24 21.42
CAP Y01 AA . -27.58 -9.28 20.32
CAQ Y01 AA . -26.28 -8.61 20.79
CBG Y01 AA . -25.90 -9.43 22.02
CBI Y01 AA . -27.22 -9.82 22.65
CAE Y01 AA . -27.84 -8.56 23.27
CAU Y01 AA . -26.95 -10.89 23.70
CAS Y01 AA . -25.92 -10.40 24.72
CBF Y01 AA . -24.63 -9.91 24.05
CBD Y01 AA . -24.96 -8.82 23.04
CAK Y01 AA . -23.72 -8.22 22.36
CAI Y01 AA . -22.45 -8.67 23.03
CAZ Y01 AA . -22.40 -8.92 24.36
CAV Y01 AA . -21.13 -8.65 25.13
CBH Y01 AA . -23.60 -9.47 25.08
CAD Y01 AA . -24.17 -8.39 25.99
CAT Y01 AA . -23.17 -10.66 25.91
CAR Y01 AA . -21.94 -10.33 26.77
CBC Y01 AA . -20.77 -9.93 25.88
OAW Y01 AA . -19.60 -9.72 26.67
CAY Y01 AA . -18.39 -10.14 25.96
OAG Y01 AA . -18.24 -9.82 24.80
CAM Y01 AA . -17.35 -10.96 26.68
CAL Y01 AA . -16.16 -10.08 27.04
CAX Y01 AA . -16.53 -9.18 28.20
OAH Y01 AA . -17.72 -9.27 28.77
OAF Y01 AA . -15.73 -8.36 28.63
CA CA BA . 36.90 17.06 18.43
CA CA CA . -28.21 7.38 27.55
N POV DA . -48.01 13.24 0.17
P POV DA . -44.10 14.87 -0.34
C1 POV DA . -41.72 15.91 -0.52
C2 POV DA . -41.09 16.85 -1.54
C3 POV DA . -42.18 17.63 -2.25
C210 POV DA . -32.03 12.17 -1.76
C310 POV DA . -33.98 22.83 -4.32
C11 POV DA . -45.66 12.79 -0.28
O11 POV DA . -42.74 15.14 -1.16
C211 POV DA . -30.99 11.22 -2.27
C311 POV DA . -32.77 23.71 -4.04
C12 POV DA . -47.03 12.99 -0.90
O12 POV DA . -44.72 13.55 -1.02
C212 POV DA . -30.46 10.38 -1.12
C312 POV DA . -33.04 25.18 -4.33
C13 POV DA . -47.40 14.07 1.24
O13 POV DA . -43.72 14.53 1.08
C213 POV DA . -29.57 9.27 -1.64
C313 POV DA . -31.81 26.03 -4.01
C14 POV DA . -49.16 13.97 -0.38
O14 POV DA . -45.05 16.01 -0.62
C214 POV DA . -28.83 8.57 -0.51
C15 POV DA . -48.45 11.96 0.73
C215 POV DA . -27.88 7.53 -1.07
C21 POV DA . -39.46 15.16 -1.81
O21 POV DA . -40.33 16.10 -2.49
C22 POV DA . -38.01 15.50 -1.59
O22 POV DA . -39.92 14.10 -1.44
C23 POV DA . -37.45 16.19 -2.83
C24 POV DA . -36.15 16.90 -2.53
C25 POV DA . -35.34 16.17 -1.46
C26 POV DA . -33.90 16.65 -1.43
C27 POV DA . -32.98 15.72 -2.22
C28 POV DA . -33.28 14.28 -1.82
C29 POV DA . -32.22 13.34 -2.35
C31 POV DA . -42.65 20.08 -2.38
O31 POV DA . -42.29 18.90 -1.60
C32 POV DA . -41.62 21.16 -2.57
O32 POV DA . -43.76 20.14 -2.89
C33 POV DA . -40.43 20.55 -3.30
C34 POV DA . -39.31 21.56 -3.51
C35 POV DA . -38.43 21.13 -4.66
C36 POV DA . -37.00 21.60 -4.52
C37 POV DA . -36.18 20.62 -3.68
C38 POV DA . -34.78 20.43 -4.25
C39 POV DA . -33.78 21.45 -3.71
CAA Y01 EA . -40.99 13.12 26.17
CBA Y01 EA . -40.32 13.09 24.81
CAB Y01 EA . -38.81 13.27 24.94
CAN Y01 EA . -40.90 14.14 23.87
CAJ Y01 EA . -42.42 13.99 23.77
CAO Y01 EA . -43.02 15.00 22.79
CBB Y01 EA . -44.54 14.90 22.77
CAC Y01 EA . -45.11 15.34 24.12
CBE Y01 EA . -45.16 15.67 21.62
CAP Y01 EA . -44.20 15.89 20.45
CAQ Y01 EA . -44.97 15.59 19.15
CBG Y01 EA . -46.41 15.50 19.60
CBI Y01 EA . -46.35 14.94 21.00
CAE Y01 EA . -46.03 13.45 20.98
CAU Y01 EA . -47.71 15.18 21.64
CAS Y01 EA . -48.77 14.42 20.84
CBF Y01 EA . -48.78 14.74 19.33
CBD Y01 EA . -47.38 14.72 18.72
CAK Y01 EA . -47.45 15.28 17.31
CAI Y01 EA . -48.52 14.55 16.53
CAZ Y01 EA . -49.57 13.95 17.09
CAV Y01 EA . -50.65 13.40 16.17
CBH Y01 EA . -49.70 13.77 18.59
CAD Y01 EA . -49.31 12.34 18.92
CAT Y01 EA . -51.13 14.03 19.02
CAR Y01 EA . -52.10 13.20 18.19
CBC Y01 EA . -52.05 13.63 16.73
OAW Y01 EA . -53.01 12.88 15.99
CAY Y01 EA . -53.60 13.62 14.87
OAG Y01 EA . -52.87 14.12 14.02
CAM Y01 EA . -55.09 13.75 14.76
CAL Y01 EA . -55.44 14.97 13.91
CAX Y01 EA . -56.93 15.00 13.65
OAH Y01 EA . -57.73 14.12 14.25
OAF Y01 EA . -57.41 15.82 12.89
C1 98R FA . -42.72 8.87 -0.53
C2 98R FA . -41.28 8.88 -0.99
C3 98R FA . -40.65 10.17 -0.48
C11 98R FA . -40.42 11.37 1.68
C12 98R FA . -39.36 12.34 1.20
C13 98R FA . -38.00 11.97 1.75
C14 98R FA . -36.94 12.85 1.08
C15 98R FA . -35.69 13.02 1.93
C16 98R FA . -34.67 11.91 1.68
C17 98R FA . -33.27 12.49 1.50
C18 98R FA . -33.01 13.65 2.45
C19 98R FA . -32.46 13.18 3.79
C31 98R FA . -39.31 7.50 -1.01
C32 98R FA . -38.05 7.99 -0.34
C33 98R FA . -37.27 6.78 0.14
C34 98R FA . -35.86 7.20 0.54
C35 98R FA . -35.83 7.77 1.94
C36 98R FA . -34.68 8.76 2.05
C37 98R FA . -33.33 8.10 1.84
C38 98R FA . -32.85 7.53 3.16
C39 98R FA . -31.34 7.69 3.33
C40 98R FA . -31.01 7.24 4.74
C41 98R FA . -29.79 6.85 5.07
C42 98R FA . -29.52 6.41 6.50
C43 98R FA . -28.03 6.41 6.73
C44 98R FA . -27.37 5.13 6.24
C45 98R FA . -26.98 4.25 7.41
C46 98R FA . -25.92 4.93 8.26
C47 98R FA . -25.65 4.15 9.53
C48 98R FA . -24.47 4.69 10.29
O11 98R FA . -41.06 11.60 2.68
O2 98R FA . -40.61 7.77 -0.42
O3 98R FA . -40.68 10.15 0.94
O31 98R FA . -39.26 6.87 -2.05
O3P 98R FA . -43.30 10.15 -0.83
C20 98R FA . -30.97 12.99 3.70
C21 98R FA . -30.27 12.60 4.77
C22 98R FA . -30.99 12.35 6.08
C23 98R FA . -30.02 12.55 7.25
C24 98R FA . -28.86 11.56 7.22
C25 98R FA . -29.18 10.30 8.00
CA CA GA . 25.92 10.21 2.30
CAA Y01 HA . -23.30 21.06 -23.16
CBA Y01 HA . -23.48 19.67 -23.75
CAB Y01 HA . -22.32 18.76 -23.35
CAN Y01 HA . -23.62 19.74 -25.27
CAJ Y01 HA . -25.05 20.07 -25.69
CAO Y01 HA . -25.92 18.81 -25.69
CBB Y01 HA . -27.13 18.92 -26.61
CAC Y01 HA . -26.91 19.99 -27.68
CBE Y01 HA . -27.44 17.55 -27.21
CAP Y01 HA . -27.31 16.44 -26.15
CAQ Y01 HA . -28.43 15.43 -26.40
CBG Y01 HA . -28.98 15.84 -27.76
CBI Y01 HA . -28.85 17.35 -27.79
CAE Y01 HA . -29.87 18.01 -26.86
CAU Y01 HA . -29.09 17.80 -29.23
CAS Y01 HA . -30.49 17.37 -29.67
CBF Y01 HA . -30.70 15.86 -29.53
CBD Y01 HA . -30.38 15.37 -28.13
CAK Y01 HA . -30.51 13.86 -27.99
CAI Y01 HA . -31.23 13.25 -29.18
CAZ Y01 HA . -32.18 13.93 -29.85
CAV Y01 HA . -33.32 13.16 -30.48
CBH Y01 HA . -32.10 15.42 -29.95
CAD Y01 HA . -33.13 16.04 -29.01
CAT Y01 HA . -32.41 15.81 -31.39
CAR Y01 HA . -33.81 15.33 -31.73
CBC Y01 HA . -33.94 13.81 -31.73
OAW Y01 HA . -35.33 13.46 -31.73
CAY Y01 HA . -35.85 13.19 -33.06
OAG Y01 HA . -35.65 12.09 -33.56
CAM Y01 HA . -36.62 14.26 -33.81
CAL Y01 HA . -38.07 13.83 -33.98
CAX Y01 HA . -38.27 13.13 -35.30
OAH Y01 HA . -38.92 13.72 -36.30
OAF Y01 HA . -37.82 12.00 -35.47
CA CA IA . 27.68 -1.94 3.34
CAA Y01 JA . -13.41 -18.21 -31.79
CBA Y01 JA . -14.31 -18.81 -30.72
CAB Y01 JA . -13.69 -18.64 -29.34
CAN Y01 JA . -14.61 -20.27 -31.02
CAJ Y01 JA . -15.76 -20.43 -32.01
CAO Y01 JA . -17.10 -20.32 -31.31
CBB Y01 JA . -18.23 -21.01 -32.07
CAC Y01 JA . -17.69 -22.07 -33.02
CBE Y01 JA . -19.25 -21.58 -31.06
CAP Y01 JA . -19.51 -20.59 -29.92
CAQ Y01 JA . -21.00 -20.67 -29.58
CBG Y01 JA . -21.47 -21.90 -30.35
CBI Y01 JA . -20.64 -21.91 -31.61
CAE Y01 JA . -21.08 -20.81 -32.56
CAU Y01 JA . -20.84 -23.27 -32.27
CAS Y01 JA . -22.32 -23.48 -32.59
CBF Y01 JA . -23.20 -23.36 -31.34
CBD Y01 JA . -22.96 -22.03 -30.62
CAK Y01 JA . -23.77 -21.92 -29.33
CAI Y01 JA . -24.86 -22.98 -29.26
CAZ Y01 JA . -25.45 -23.46 -30.37
CAV Y01 JA . -26.89 -23.91 -30.29
CBH Y01 JA . -24.67 -23.53 -31.66
CAD Y01 JA . -25.15 -22.41 -32.59
CAT Y01 JA . -24.96 -24.88 -32.29
CAR Y01 JA . -26.46 -24.99 -32.56
CBC Y01 JA . -27.30 -25.01 -31.28
OAW Y01 JA . -28.66 -24.79 -31.63
CAY Y01 JA . -29.43 -26.02 -31.77
OAG Y01 JA . -29.86 -26.56 -30.76
CAM Y01 JA . -29.70 -26.59 -33.14
CAL Y01 JA . -31.18 -26.52 -33.48
CAX Y01 JA . -31.87 -27.80 -33.07
OAH Y01 JA . -32.30 -28.65 -34.00
OAF Y01 JA . -32.05 -28.08 -31.90
ZN ZN KA . 22.38 27.45 -31.73
N W99 LA . -23.22 18.90 -10.34
C W99 LA . -23.11 15.00 -14.75
O W99 LA . -24.44 15.36 -14.33
C1 W99 LA . -24.36 16.27 -13.31
C10 W99 LA . -19.25 17.17 -8.07
C11 W99 LA . -19.86 14.88 -8.69
C12 W99 LA . -19.80 14.07 -9.98
C13 W99 LA . -18.36 13.72 -10.38
C14 W99 LA . -17.33 14.48 -9.56
C15 W99 LA . -17.71 15.95 -9.49
C16 W99 LA . -15.96 14.32 -10.19
C17 W99 LA . -20.54 14.73 -11.14
C2 W99 LA . -25.34 16.91 -12.59
C3 W99 LA . -24.91 17.79 -11.59
C4 W99 LA . -23.56 18.02 -11.32
C5 W99 LA . -22.54 17.39 -12.06
C6 W99 LA . -22.95 16.51 -13.04
C7 W99 LA . -22.43 18.56 -9.30
C8 W99 LA . -20.60 17.77 -8.20
C9 W99 LA . -21.38 18.13 -7.08
N1 W99 LA . -21.20 18.01 -9.41
N2 W99 LA . -18.96 16.04 -8.73
O1 W99 LA . -18.41 17.74 -7.39
O2 W99 LA . -22.21 15.74 -13.91
S W99 LA . -22.88 18.80 -7.65
CAA Y01 MA . -31.38 23.35 1.64
CBA Y01 MA . -30.04 23.92 1.17
CAB Y01 MA . -29.73 25.24 1.89
CAN Y01 MA . -30.01 24.10 -0.34
CAJ Y01 MA . -28.59 24.43 -0.79
CAO Y01 MA . -28.50 24.78 -2.27
CBB Y01 MA . -27.58 25.98 -2.44
CAC Y01 MA . -28.31 27.19 -1.87
CBE Y01 MA . -26.23 25.65 -1.79
CAP Y01 MA . -25.52 24.52 -2.55
CAQ Y01 MA . -24.02 24.79 -2.48
CBG Y01 MA . -23.91 25.90 -1.45
CBI Y01 MA . -25.15 26.74 -1.67
CAE Y01 MA . -25.00 27.49 -2.99
CAU Y01 MA . -25.28 27.70 -0.49
CAS Y01 MA . -24.01 28.55 -0.33
CBF Y01 MA . -22.76 27.67 -0.23
CBD Y01 MA . -22.65 26.76 -1.45
CAK Y01 MA . -21.39 25.89 -1.46
CAI Y01 MA . -20.41 26.33 -0.41
CAZ Y01 MA . -20.30 27.61 -0.03
CAV Y01 MA . -18.96 28.15 0.42
CBH Y01 MA . -21.50 28.52 -0.03
CAD Y01 MA . -21.36 29.54 -1.15
CAT Y01 MA . -21.58 29.24 1.31
CAR Y01 MA . -20.24 29.87 1.68
CBC Y01 MA . -19.16 28.81 1.78
OAW Y01 MA . -17.93 29.39 2.22
CAY Y01 MA . -17.18 28.47 3.08
OAG Y01 MA . -17.06 27.30 2.76
CAM Y01 MA . -16.57 28.97 4.37
CAL Y01 MA . -15.06 29.14 4.18
CAX Y01 MA . -14.79 30.38 3.34
OAH Y01 MA . -15.79 31.15 2.93
OAF Y01 MA . -13.64 30.68 3.04
CA CA NA . 42.73 12.22 4.13
CA CA OA . -17.12 32.20 -16.71
N POV PA . -35.32 8.82 -33.98
P POV PA . -31.23 7.68 -33.63
C1 POV PA . -28.70 7.11 -33.45
C2 POV PA . -27.85 6.02 -34.09
C3 POV PA . -28.51 5.53 -35.38
C210 POV PA . -22.25 4.13 -25.80
C310 POV PA . -19.21 2.23 -36.34
C11 POV PA . -33.57 7.95 -32.53
O11 POV PA . -30.04 6.65 -33.33
C211 POV PA . -21.87 3.41 -24.53
C311 POV PA . -17.70 2.32 -36.52
C12 POV PA . -34.75 7.59 -33.42
O12 POV PA . -32.48 7.07 -32.83
C212 POV PA . -21.65 4.44 -23.43
C312 POV PA . -17.27 2.11 -37.97
C13 POV PA . -34.26 9.77 -34.30
O13 POV PA . -30.87 9.00 -33.01
C213 POV PA . -21.47 3.73 -22.09
C313 POV PA . -15.76 2.24 -38.11
C14 POV PA . -36.06 8.49 -35.21
O14 POV PA . -31.56 7.60 -35.11
C214 POV PA . -21.01 4.71 -21.01
C15 POV PA . -36.25 9.40 -32.99
C215 POV PA . -20.75 3.95 -19.71
C21 POV PA . -27.28 5.44 -31.89
O21 POV PA . -27.67 4.95 -33.19
C22 POV PA . -25.82 5.41 -31.49
O22 POV PA . -28.13 5.86 -31.14
C23 POV PA . -25.18 4.11 -31.97
C24 POV PA . -23.66 4.21 -31.95
C25 POV PA . -23.17 5.09 -30.81
C26 POV PA . -21.68 4.88 -30.57
C27 POV PA . -21.44 3.93 -29.41
C28 POV PA . -22.33 4.34 -28.23
C29 POV PA . -21.94 3.60 -26.98
C31 POV PA . -27.78 5.56 -37.75
O31 POV PA . -27.92 6.22 -36.47
C32 POV PA . -26.40 5.22 -38.25
O32 POV PA . -28.78 5.25 -38.38
C33 POV PA . -25.75 4.28 -37.24
C34 POV PA . -24.32 3.91 -37.62
C35 POV PA . -23.93 2.60 -36.95
C36 POV PA . -22.43 2.52 -36.68
C37 POV PA . -22.08 3.17 -35.36
C38 POV PA . -21.04 2.37 -34.60
C39 POV PA . -19.62 2.76 -34.97
CAA Y01 QA . -25.68 33.20 -27.86
CBA Y01 QA . -25.29 31.74 -27.67
CAB Y01 QA . -23.88 31.62 -27.10
CAN Y01 QA . -25.43 30.95 -28.96
CAJ Y01 QA . -26.84 31.10 -29.54
CAO Y01 QA . -27.01 30.27 -30.81
CBB Y01 QA . -28.38 30.51 -31.43
CAC Y01 QA . -28.48 31.94 -31.94
CBE Y01 QA . -28.72 29.50 -32.52
CAP Y01 QA . -27.93 28.19 -32.38
CAQ Y01 QA . -28.92 27.04 -32.62
CBG Y01 QA . -30.16 27.73 -33.17
CBI Y01 QA . -30.18 29.08 -32.51
CAE Y01 QA . -30.62 28.97 -31.05
CAU Y01 QA . -31.16 29.95 -33.27
CAS Y01 QA . -32.55 29.33 -33.19
CBF Y01 QA . -32.62 27.86 -33.62
CBD Y01 QA . -31.50 27.01 -33.02
CAK Y01 QA . -31.49 25.65 -33.70
CAI Y01 QA . -32.87 25.03 -33.63
CAZ Y01 QA . -34.00 25.76 -33.54
CAV Y01 QA . -35.32 25.03 -33.66
CBH Y01 QA . -33.97 27.26 -33.28
CAD Y01 QA . -34.28 27.48 -31.80
CAT Y01 QA . -35.04 27.93 -34.13
CAR Y01 QA . -36.39 27.26 -33.94
CBC Y01 QA . -36.34 25.83 -34.46
OAW Y01 QA . -37.63 25.24 -34.33
CAY Y01 QA . -37.95 24.27 -35.36
OAG Y01 QA . -37.21 23.32 -35.55
CAM Y01 QA . -39.20 24.42 -36.19
CAL Y01 QA . -39.04 23.67 -37.50
CAX Y01 QA . -40.35 23.67 -38.25
OAH Y01 QA . -41.38 24.38 -37.80
OAF Y01 QA . -40.49 23.03 -39.28
C1 98R RA . -32.93 7.08 -27.74
C2 98R RA . -31.73 6.38 -27.13
C3 98R RA . -30.49 6.82 -27.92
C11 98R RA . -29.43 8.93 -28.64
C12 98R RA . -28.11 8.31 -29.05
C13 98R RA . -27.03 8.59 -28.03
C14 98R RA . -25.79 7.79 -28.38
C15 98R RA . -24.50 8.41 -27.85
C16 98R RA . -24.18 7.95 -26.44
C17 98R RA . -22.71 7.56 -26.31
C18 98R RA . -21.80 8.48 -27.11
C19 98R RA . -21.36 9.69 -26.29
C31 98R RA . -30.69 5.99 -25.00
C32 98R RA . -29.27 6.45 -24.78
C33 98R RA . -29.08 6.75 -23.31
C34 98R RA . -27.62 6.92 -22.97
C35 98R RA . -27.12 8.30 -23.30
C36 98R RA . -25.64 8.23 -23.64
C37 98R RA . -24.81 7.79 -22.45
C38 98R RA . -24.47 8.99 -21.58
C39 98R RA . -23.07 8.90 -21.00
C40 98R RA . -22.80 10.21 -20.31
C41 98R RA . -21.88 10.32 -19.36
C42 98R RA . -21.66 11.66 -18.70
C43 98R RA . -20.33 11.64 -17.97
C44 98R RA . -20.44 11.00 -16.60
C45 98R RA . -20.36 12.07 -15.52
C46 98R RA . -18.99 12.74 -15.53
C47 98R RA . -18.96 13.93 -14.58
C48 98R RA . -17.56 14.48 -14.44
O11 98R RA . -29.73 10.04 -29.04
O2 98R RA . -31.60 6.80 -25.78
O3 98R RA . -30.34 8.23 -27.76
O31 98R RA . -31.08 4.94 -24.53
O3P 98R RA . -32.86 6.94 -29.16
C20 98R RA . -20.17 9.33 -25.44
C21 98R RA . -19.60 10.26 -24.68
C22 98R RA . -20.16 11.67 -24.64
C23 98R RA . -19.06 12.65 -24.25
C24 98R RA . -18.53 12.40 -22.85
C25 98R RA . -19.30 13.19 -21.80
#